data_4JHM
#
_entry.id   4JHM
#
_cell.length_a   201.793
_cell.length_b   117.313
_cell.length_c   143.127
_cell.angle_alpha   90.000
_cell.angle_beta   99.770
_cell.angle_gamma   90.000
#
_symmetry.space_group_name_H-M   'C 1 2 1'
#
loop_
_entity.id
_entity.type
_entity.pdbx_description
1 polymer 'Mandelate racemase / muconate lactonizing enzyme, C-terminal domain protein'
2 water water
#
_entity_poly.entity_id   1
_entity_poly.type   'polypeptide(L)'
_entity_poly.pdbx_seq_one_letter_code
;(MSE)SLEDCRISRVELYALADENAPPIPWADNQEPLLYTNNIVRLFTEDGTEGLGAT(MSE)SYTENFFDRCIIESLRT
IVPGLIGKNPL(MSE)TQELNNWLGARCTWGGLPAKSPIDIAAWDIKGKKAG(MSE)PLY(MSE)LLGGARTKIKSYAST
P(MSE)FDTVEEYFPYIDDCIEHGFTAIKLHCYCVYDKDVALVEAVEAKYGTSGIRF(MSE)LDTAGFYTPEQA(MSE)K
(MSE)AKW(MSE)ERHNWEWLEAPVSDYDFKTYQRLVANTDLEISSHGNCLLTLQEVTHALSTG(MSE)WSDVRQDATVC
GGITQLNKCFAIAAGHSKNLEIQS(MSE)GYTLTQAANLHVALAHDNCNFFEQFYPYEAFELASKTQIRTDKEGYVHAPA
GNGLGVE(MSE)DWDAVKEASFASYVFEEGHHHHHH
;
_entity_poly.pdbx_strand_id   A,B,C,D,E,F,G,H
#
# COMPACT_ATOMS: atom_id res chain seq x y z
N GLU A 4 46.43 16.71 -14.47
CA GLU A 4 46.51 18.20 -14.40
C GLU A 4 47.66 18.63 -13.48
N ASP A 5 47.87 17.87 -12.40
CA ASP A 5 48.96 18.12 -11.46
C ASP A 5 48.66 19.29 -10.52
N CYS A 6 47.42 19.76 -10.52
CA CYS A 6 47.04 20.84 -9.62
C CYS A 6 46.96 20.27 -8.22
N ARG A 7 47.66 20.91 -7.28
CA ARG A 7 47.81 20.36 -5.95
C ARG A 7 47.49 21.40 -4.89
N ILE A 8 46.96 20.95 -3.75
CA ILE A 8 46.76 21.83 -2.60
C ILE A 8 48.11 22.17 -1.99
N SER A 9 48.44 23.45 -1.97
CA SER A 9 49.74 23.93 -1.50
C SER A 9 49.71 24.29 -0.02
N ARG A 10 48.56 24.78 0.44
CA ARG A 10 48.45 25.37 1.78
C ARG A 10 46.97 25.61 2.11
N VAL A 11 46.62 25.53 3.38
CA VAL A 11 45.25 25.84 3.81
C VAL A 11 45.24 26.70 5.07
N GLU A 12 44.29 27.64 5.14
CA GLU A 12 44.13 28.51 6.30
C GLU A 12 42.70 28.41 6.82
N LEU A 13 42.57 28.20 8.12
CA LEU A 13 41.25 28.13 8.74
C LEU A 13 40.99 29.37 9.57
N TYR A 14 39.78 29.91 9.48
CA TYR A 14 39.41 31.09 10.24
C TYR A 14 38.03 30.96 10.88
N ALA A 15 37.88 31.58 12.04
CA ALA A 15 36.61 31.68 12.71
C ALA A 15 36.48 33.10 13.25
N LEU A 16 35.64 33.89 12.59
CA LEU A 16 35.53 35.31 12.93
C LEU A 16 34.11 35.69 13.31
N ALA A 17 33.96 36.86 13.90
CA ALA A 17 32.67 37.37 14.38
C ALA A 17 32.79 38.86 14.69
N ASP A 18 31.67 39.48 15.06
CA ASP A 18 31.63 40.90 15.37
C ASP A 18 30.86 41.13 16.68
N GLU A 19 31.58 41.55 17.71
CA GLU A 19 30.97 41.80 19.01
C GLU A 19 29.85 42.84 18.91
N ASN A 20 30.02 43.81 18.02
CA ASN A 20 29.08 44.91 17.89
C ASN A 20 27.89 44.57 16.98
N ALA A 21 27.83 43.34 16.52
CA ALA A 21 26.76 42.91 15.61
C ALA A 21 25.50 42.57 16.39
N PRO A 22 24.34 43.03 15.89
CA PRO A 22 23.10 42.69 16.57
C PRO A 22 22.87 41.19 16.50
N PRO A 23 22.53 40.57 17.63
CA PRO A 23 22.25 39.14 17.66
C PRO A 23 20.86 38.84 17.09
N ILE A 24 20.68 37.68 16.46
CA ILE A 24 19.38 37.34 15.90
C ILE A 24 18.93 35.94 16.31
N PRO A 25 18.06 35.87 17.33
CA PRO A 25 17.44 34.62 17.75
C PRO A 25 16.08 34.43 17.08
N TRP A 26 15.82 33.23 16.58
CA TRP A 26 14.55 32.93 15.89
C TRP A 26 13.59 32.10 16.74
N ALA A 27 13.85 32.03 18.04
CA ALA A 27 12.94 31.37 18.97
C ALA A 27 12.58 32.34 20.09
N ASP A 28 11.38 32.19 20.66
CA ASP A 28 10.91 33.13 21.67
C ASP A 28 11.53 32.86 23.03
N ASN A 29 12.35 33.79 23.49
CA ASN A 29 12.98 33.73 24.81
C ASN A 29 14.06 32.64 24.93
N GLN A 30 14.50 32.10 23.79
CA GLN A 30 15.72 31.30 23.76
C GLN A 30 16.87 32.28 23.65
N GLU A 31 17.95 32.01 24.37
CA GLU A 31 19.06 32.95 24.49
C GLU A 31 19.53 33.49 23.14
N PRO A 32 20.07 34.72 23.12
CA PRO A 32 20.49 35.37 21.87
C PRO A 32 21.66 34.65 21.21
N LEU A 33 21.51 34.32 19.93
CA LEU A 33 22.54 33.57 19.22
C LEU A 33 23.69 34.46 18.78
N LEU A 34 24.91 34.00 19.08
CA LEU A 34 26.13 34.65 18.60
C LEU A 34 26.56 34.01 17.29
N TYR A 35 26.63 34.81 16.23
CA TYR A 35 26.95 34.31 14.91
C TYR A 35 28.45 34.30 14.63
N THR A 36 28.94 33.13 14.22
CA THR A 36 30.32 32.93 13.84
C THR A 36 30.37 32.47 12.39
N ASN A 37 31.38 32.95 11.66
CA ASN A 37 31.62 32.49 10.31
C ASN A 37 32.92 31.68 10.27
N ASN A 38 32.88 30.54 9.60
CA ASN A 38 34.06 29.69 9.45
C ASN A 38 34.55 29.70 8.02
N ILE A 39 35.77 30.16 7.80
CA ILE A 39 36.29 30.26 6.44
C ILE A 39 37.45 29.32 6.20
N VAL A 40 37.36 28.58 5.09
CA VAL A 40 38.45 27.75 4.60
C VAL A 40 39.04 28.38 3.37
N ARG A 41 40.33 28.73 3.42
CA ARG A 41 41.01 29.28 2.27
C ARG A 41 42.07 28.29 1.76
N LEU A 42 41.87 27.77 0.56
CA LEU A 42 42.78 26.80 -0.02
C LEU A 42 43.76 27.47 -0.97
N PHE A 43 45.02 27.05 -0.93
CA PHE A 43 46.04 27.53 -1.84
C PHE A 43 46.50 26.40 -2.76
N THR A 44 47.10 26.75 -3.89
CA THR A 44 47.58 25.76 -4.85
C THR A 44 49.04 26.02 -5.24
N GLU A 45 49.53 25.24 -6.21
CA GLU A 45 50.91 25.37 -6.67
C GLU A 45 51.13 26.65 -7.47
N ASP A 46 50.10 27.09 -8.19
CA ASP A 46 50.23 28.26 -9.06
C ASP A 46 49.64 29.53 -8.44
N GLY A 47 49.38 29.50 -7.13
CA GLY A 47 48.90 30.67 -6.41
C GLY A 47 47.40 30.84 -6.50
N THR A 48 46.72 29.93 -7.19
CA THR A 48 45.27 29.96 -7.26
C THR A 48 44.70 29.58 -5.90
N GLU A 49 43.80 30.41 -5.38
CA GLU A 49 43.23 30.17 -4.04
C GLU A 49 41.70 30.05 -4.05
N GLY A 50 41.19 29.15 -3.22
CA GLY A 50 39.75 28.87 -3.16
C GLY A 50 39.15 29.23 -1.82
N LEU A 51 37.95 29.78 -1.84
CA LEU A 51 37.27 30.19 -0.62
C LEU A 51 35.97 29.41 -0.41
N GLY A 52 35.78 28.95 0.82
CA GLY A 52 34.53 28.33 1.24
C GLY A 52 34.24 28.75 2.66
N ALA A 53 33.00 28.56 3.11
CA ALA A 53 32.60 29.04 4.42
C ALA A 53 31.33 28.37 4.90
N THR A 54 31.25 28.12 6.21
CA THR A 54 30.01 27.69 6.82
C THR A 54 29.79 28.44 8.13
N SER A 56 28.16 29.20 11.92
CA SER A 56 27.73 28.60 13.19
C SER A 56 26.90 29.61 13.95
N TYR A 57 25.99 29.12 14.79
CA TYR A 57 25.23 29.98 15.69
C TYR A 57 25.15 29.32 17.07
N THR A 58 25.85 29.91 18.03
CA THR A 58 25.99 29.34 19.36
C THR A 58 25.56 30.33 20.43
N GLU A 59 25.49 29.87 21.67
CA GLU A 59 25.20 30.75 22.80
C GLU A 59 26.46 31.00 23.63
N ASN A 60 26.39 31.98 24.54
CA ASN A 60 27.48 32.28 25.45
C ASN A 60 28.77 32.74 24.76
N PHE A 61 29.30 31.91 23.86
CA PHE A 61 30.55 32.24 23.19
C PHE A 61 30.45 32.00 21.69
N PHE A 62 31.31 32.67 20.92
CA PHE A 62 31.49 32.33 19.51
C PHE A 62 32.03 30.91 19.41
N ASP A 63 31.85 30.30 18.25
CA ASP A 63 32.01 28.86 18.09
C ASP A 63 33.38 28.45 17.56
N ARG A 64 34.04 27.56 18.29
CA ARG A 64 35.25 26.90 17.78
C ARG A 64 34.98 25.43 17.41
N CYS A 65 33.73 25.00 17.56
CA CYS A 65 33.33 23.62 17.24
C CYS A 65 33.65 23.24 15.80
N ILE A 66 33.20 24.07 14.86
CA ILE A 66 33.45 23.84 13.46
C ILE A 66 34.95 23.94 13.14
N ILE A 67 35.55 25.10 13.39
CA ILE A 67 36.96 25.29 13.04
C ILE A 67 37.85 24.16 13.60
N GLU A 68 37.45 23.60 14.73
CA GLU A 68 38.25 22.57 15.40
C GLU A 68 37.97 21.20 14.78
N SER A 69 36.80 21.06 14.18
CA SER A 69 36.46 19.88 13.39
C SER A 69 37.27 19.90 12.09
N LEU A 70 37.31 21.07 11.48
CA LEU A 70 38.07 21.28 10.25
C LEU A 70 39.56 21.01 10.47
N ARG A 71 40.05 21.34 11.66
CA ARG A 71 41.46 21.12 11.99
C ARG A 71 41.87 19.66 11.79
N THR A 72 40.99 18.73 12.15
CA THR A 72 41.31 17.32 12.13
C THR A 72 41.16 16.74 10.71
N ILE A 73 40.47 17.47 9.85
CA ILE A 73 40.17 17.00 8.50
C ILE A 73 41.23 17.41 7.49
N VAL A 74 41.63 18.68 7.53
CA VAL A 74 42.36 19.32 6.45
C VAL A 74 43.85 18.97 6.29
N PRO A 75 44.50 18.43 7.32
CA PRO A 75 45.91 18.10 7.12
C PRO A 75 46.13 17.16 5.93
N GLY A 76 45.15 16.29 5.67
CA GLY A 76 45.25 15.32 4.58
C GLY A 76 45.00 15.91 3.21
N LEU A 77 44.54 17.16 3.16
CA LEU A 77 44.27 17.83 1.89
C LEU A 77 45.57 18.08 1.12
N ILE A 78 46.60 18.52 1.82
CA ILE A 78 47.92 18.71 1.23
C ILE A 78 48.26 17.50 0.36
N GLY A 79 48.27 17.71 -0.95
CA GLY A 79 48.56 16.63 -1.91
C GLY A 79 47.43 16.39 -2.90
N LYS A 80 46.20 16.55 -2.46
CA LYS A 80 45.04 16.25 -3.30
C LYS A 80 44.87 17.29 -4.40
N ASN A 81 44.12 16.93 -5.45
CA ASN A 81 43.82 17.83 -6.55
C ASN A 81 42.43 18.41 -6.41
N PRO A 82 42.34 19.72 -6.13
CA PRO A 82 41.05 20.36 -5.84
C PRO A 82 40.09 20.39 -7.01
N LEU A 83 40.57 20.09 -8.21
CA LEU A 83 39.74 20.16 -9.41
C LEU A 83 38.87 18.91 -9.55
N THR A 85 36.52 17.45 -7.85
CA THR A 85 35.62 17.77 -6.74
C THR A 85 34.78 16.60 -6.23
N GLN A 86 34.54 15.60 -7.09
CA GLN A 86 33.74 14.45 -6.68
C GLN A 86 34.60 13.45 -5.93
N GLU A 87 35.85 13.30 -6.37
CA GLU A 87 36.79 12.41 -5.69
C GLU A 87 37.18 12.99 -4.33
N LEU A 88 37.25 14.32 -4.25
CA LEU A 88 37.51 15.01 -3.00
C LEU A 88 36.32 14.82 -2.05
N ASN A 89 35.13 15.09 -2.56
CA ASN A 89 33.90 14.83 -1.84
C ASN A 89 33.91 13.41 -1.31
N ASN A 90 34.21 12.47 -2.20
CA ASN A 90 34.36 11.08 -1.81
C ASN A 90 35.28 11.00 -0.61
N TRP A 91 36.48 11.54 -0.76
CA TRP A 91 37.48 11.55 0.29
C TRP A 91 36.96 12.17 1.60
N LEU A 92 36.19 13.25 1.48
CA LEU A 92 35.68 13.97 2.65
C LEU A 92 34.63 13.18 3.44
N GLY A 93 33.82 12.41 2.72
CA GLY A 93 32.79 11.58 3.35
C GLY A 93 33.35 10.40 4.14
N ALA A 94 34.65 10.18 4.05
CA ALA A 94 35.30 9.12 4.80
C ALA A 94 36.10 9.67 5.98
N ARG A 95 36.10 10.99 6.15
CA ARG A 95 36.76 11.63 7.29
C ARG A 95 35.88 11.58 8.53
N CYS A 96 36.34 10.88 9.57
CA CYS A 96 35.58 10.77 10.81
C CYS A 96 35.71 12.06 11.64
N THR A 97 34.57 12.68 11.94
CA THR A 97 34.51 13.89 12.77
C THR A 97 33.06 14.24 13.05
N TRP A 98 32.76 14.50 14.33
CA TRP A 98 31.38 14.84 14.73
C TRP A 98 30.89 16.16 14.15
N GLY A 99 31.77 16.90 13.49
CA GLY A 99 31.35 18.11 12.78
C GLY A 99 30.42 17.76 11.64
N GLY A 100 30.71 16.67 10.95
CA GLY A 100 29.87 16.18 9.87
C GLY A 100 29.94 17.00 8.59
N LEU A 101 28.81 17.02 7.87
CA LEU A 101 28.75 17.63 6.55
C LEU A 101 28.91 19.15 6.60
N PRO A 102 28.38 19.78 7.65
CA PRO A 102 28.58 21.22 7.83
C PRO A 102 30.06 21.61 7.87
N ALA A 103 30.85 20.82 8.58
CA ALA A 103 32.27 21.11 8.72
C ALA A 103 33.04 20.81 7.43
N LYS A 104 32.47 19.99 6.57
CA LYS A 104 33.14 19.58 5.33
C LYS A 104 32.69 20.40 4.12
N SER A 105 31.53 21.03 4.23
CA SER A 105 30.95 21.77 3.10
C SER A 105 31.87 22.87 2.56
N PRO A 106 32.55 23.61 3.45
CA PRO A 106 33.41 24.70 2.96
C PRO A 106 34.60 24.21 2.13
N ILE A 107 35.11 23.02 2.44
CA ILE A 107 36.27 22.49 1.71
C ILE A 107 35.85 22.12 0.30
N ASP A 108 34.75 21.41 0.16
CA ASP A 108 34.24 21.06 -1.17
C ASP A 108 33.98 22.35 -1.96
N ILE A 109 33.34 23.30 -1.30
CA ILE A 109 32.98 24.55 -1.95
C ILE A 109 34.21 25.29 -2.44
N ALA A 110 35.25 25.31 -1.61
CA ALA A 110 36.50 25.99 -1.93
C ALA A 110 37.17 25.37 -3.17
N ALA A 111 36.91 24.09 -3.41
CA ALA A 111 37.47 23.43 -4.58
C ALA A 111 36.76 23.91 -5.84
N TRP A 112 35.43 24.04 -5.76
CA TRP A 112 34.65 24.55 -6.88
C TRP A 112 35.04 25.99 -7.21
N ASP A 113 35.36 26.77 -6.18
CA ASP A 113 35.78 28.16 -6.37
C ASP A 113 37.06 28.24 -7.20
N ILE A 114 38.01 27.37 -6.88
CA ILE A 114 39.28 27.27 -7.59
C ILE A 114 39.06 26.84 -9.03
N LYS A 115 38.18 25.84 -9.22
CA LYS A 115 37.86 25.33 -10.55
C LYS A 115 37.22 26.40 -11.41
N GLY A 116 36.42 27.26 -10.79
CA GLY A 116 35.78 28.36 -11.51
C GLY A 116 36.80 29.40 -11.95
N LYS A 117 37.69 29.75 -11.03
CA LYS A 117 38.71 30.76 -11.29
C LYS A 117 39.67 30.30 -12.38
N LYS A 118 40.00 29.01 -12.38
CA LYS A 118 40.89 28.47 -13.41
C LYS A 118 40.14 28.30 -14.72
N ALA A 119 38.85 28.03 -14.63
CA ALA A 119 38.00 27.91 -15.80
C ALA A 119 37.73 29.28 -16.42
N GLY A 120 37.93 30.33 -15.63
CA GLY A 120 37.73 31.70 -16.10
C GLY A 120 36.28 32.07 -16.27
N PRO A 122 32.14 32.17 -14.04
CA PRO A 122 31.37 32.03 -12.81
C PRO A 122 30.91 30.60 -12.58
N LEU A 123 30.70 30.24 -11.31
CA LEU A 123 30.38 28.87 -10.98
C LEU A 123 29.06 28.43 -11.60
N TYR A 124 28.08 29.32 -11.62
CA TYR A 124 26.75 28.95 -12.11
C TYR A 124 26.84 28.49 -13.57
N LEU A 126 29.60 26.78 -14.85
CA LEU A 126 30.19 25.45 -14.79
C LEU A 126 29.15 24.36 -14.62
N LEU A 127 28.18 24.62 -13.73
CA LEU A 127 27.17 23.63 -13.39
C LEU A 127 26.06 23.61 -14.44
N GLY A 128 25.49 24.77 -14.72
CA GLY A 128 24.45 24.89 -15.73
C GLY A 128 24.44 26.27 -16.35
N GLY A 129 23.34 27.00 -16.15
CA GLY A 129 23.20 28.32 -16.71
C GLY A 129 21.78 28.52 -17.20
N ALA A 130 20.90 28.93 -16.30
CA ALA A 130 19.50 29.15 -16.61
C ALA A 130 19.15 30.62 -16.48
N ARG A 131 19.80 31.30 -15.55
CA ARG A 131 19.52 32.70 -15.27
C ARG A 131 20.75 33.34 -14.67
N THR A 132 20.86 34.66 -14.80
CA THR A 132 21.96 35.39 -14.21
C THR A 132 21.47 36.19 -13.01
N LYS A 133 20.17 36.11 -12.75
CA LYS A 133 19.55 36.78 -11.60
C LYS A 133 18.31 36.02 -11.13
N ILE A 134 17.81 36.37 -9.95
CA ILE A 134 16.64 35.67 -9.39
C ILE A 134 15.92 36.46 -8.30
N LYS A 135 14.60 36.29 -8.19
CA LYS A 135 13.81 36.93 -7.15
C LYS A 135 14.31 36.54 -5.77
N SER A 136 14.54 37.54 -4.91
CA SER A 136 14.91 37.28 -3.53
C SER A 136 13.74 37.57 -2.60
N TYR A 137 13.82 37.06 -1.36
CA TYR A 137 12.92 37.49 -0.31
C TYR A 137 13.72 37.98 0.89
N ALA A 138 13.21 38.99 1.57
CA ALA A 138 13.84 39.48 2.79
C ALA A 138 13.52 38.51 3.93
N SER A 139 14.55 37.92 4.50
CA SER A 139 14.37 36.99 5.62
C SER A 139 14.55 37.78 6.90
N THR A 140 13.46 37.99 7.63
CA THR A 140 13.41 39.03 8.67
C THR A 140 13.85 38.53 10.04
N PRO A 141 14.27 39.47 10.90
CA PRO A 141 14.52 39.15 12.30
C PRO A 141 13.22 39.09 13.08
N PHE A 143 10.89 40.47 16.05
CA PHE A 143 10.69 41.61 16.94
C PHE A 143 9.86 41.20 18.15
N ASP A 144 10.00 41.95 19.24
CA ASP A 144 9.31 41.63 20.50
C ASP A 144 7.81 41.88 20.42
N THR A 145 7.41 42.93 19.71
CA THR A 145 6.00 43.25 19.53
C THR A 145 5.61 43.24 18.05
N VAL A 146 4.34 42.89 17.80
CA VAL A 146 3.80 42.83 16.44
C VAL A 146 3.96 44.15 15.69
N GLU A 147 3.86 45.26 16.41
CA GLU A 147 3.86 46.59 15.80
C GLU A 147 5.22 46.96 15.23
N GLU A 148 6.28 46.38 15.78
CA GLU A 148 7.63 46.63 15.30
C GLU A 148 7.83 46.11 13.88
N TYR A 149 6.96 45.20 13.44
CA TYR A 149 7.09 44.56 12.14
C TYR A 149 6.70 45.48 10.98
N PHE A 150 5.80 46.42 11.22
CA PHE A 150 5.24 47.20 10.12
C PHE A 150 6.25 48.16 9.49
N PRO A 151 6.98 48.93 10.30
CA PRO A 151 8.02 49.77 9.72
C PRO A 151 9.01 48.95 8.89
N TYR A 152 9.50 47.86 9.47
CA TYR A 152 10.46 47.00 8.78
C TYR A 152 9.90 46.52 7.45
N ILE A 153 8.65 46.06 7.45
CA ILE A 153 8.04 45.60 6.22
C ILE A 153 7.88 46.74 5.23
N ASP A 154 7.66 47.95 5.73
CA ASP A 154 7.51 49.12 4.87
C ASP A 154 8.82 49.48 4.16
N ASP A 155 9.96 49.29 4.82
CA ASP A 155 11.25 49.41 4.16
C ASP A 155 11.38 48.34 3.08
N CYS A 156 11.22 47.09 3.48
CA CYS A 156 11.36 45.97 2.57
C CYS A 156 10.70 46.31 1.23
N ILE A 157 9.50 46.88 1.30
CA ILE A 157 8.71 47.14 0.10
C ILE A 157 9.26 48.32 -0.71
N GLU A 158 9.84 49.30 -0.04
CA GLU A 158 10.51 50.39 -0.76
C GLU A 158 11.82 49.90 -1.36
N HIS A 159 12.58 49.11 -0.61
CA HIS A 159 13.88 48.65 -1.07
C HIS A 159 13.73 47.84 -2.35
N GLY A 160 12.53 47.32 -2.59
CA GLY A 160 12.22 46.64 -3.85
C GLY A 160 11.84 45.18 -3.71
N PHE A 161 11.88 44.68 -2.48
CA PHE A 161 11.62 43.26 -2.21
C PHE A 161 10.23 42.85 -2.64
N THR A 162 10.14 41.65 -3.21
CA THR A 162 8.90 41.12 -3.77
C THR A 162 8.25 40.09 -2.85
N ALA A 163 8.99 39.71 -1.80
CA ALA A 163 8.54 38.65 -0.90
C ALA A 163 9.22 38.78 0.44
N ILE A 164 8.50 38.40 1.49
CA ILE A 164 9.05 38.48 2.84
C ILE A 164 8.77 37.18 3.61
N LYS A 165 9.83 36.56 4.11
CA LYS A 165 9.67 35.43 5.02
C LYS A 165 9.86 35.92 6.45
N LEU A 166 8.77 36.00 7.17
CA LEU A 166 8.80 36.44 8.55
C LEU A 166 9.40 35.36 9.44
N HIS A 167 10.38 35.73 10.27
CA HIS A 167 10.72 34.90 11.40
C HIS A 167 9.86 35.37 12.55
N CYS A 168 9.33 34.42 13.32
CA CYS A 168 8.31 34.73 14.30
C CYS A 168 8.66 34.20 15.68
N TYR A 169 7.70 34.30 16.59
CA TYR A 169 7.87 33.89 17.96
C TYR A 169 7.95 32.36 18.07
N CYS A 170 7.40 31.67 17.07
CA CYS A 170 7.34 30.22 17.09
C CYS A 170 6.49 29.73 18.26
N VAL A 171 5.50 30.56 18.60
CA VAL A 171 4.49 30.23 19.60
C VAL A 171 3.13 30.54 18.97
N TYR A 172 2.49 29.51 18.42
CA TYR A 172 1.22 29.65 17.73
C TYR A 172 0.41 30.88 18.15
N ASP A 173 0.18 31.04 19.44
CA ASP A 173 -0.68 32.13 19.94
C ASP A 173 -0.18 33.52 19.55
N LYS A 174 1.09 33.80 19.84
CA LYS A 174 1.69 35.08 19.47
C LYS A 174 1.84 35.21 17.95
N ASP A 175 2.22 34.11 17.30
CA ASP A 175 2.36 34.10 15.85
C ASP A 175 1.04 34.40 15.14
N VAL A 176 -0.08 34.03 15.77
CA VAL A 176 -1.39 34.27 15.18
C VAL A 176 -1.75 35.76 15.23
N ALA A 177 -1.36 36.42 16.32
CA ALA A 177 -1.60 37.85 16.47
C ALA A 177 -0.76 38.61 15.45
N LEU A 178 0.44 38.09 15.18
CA LEU A 178 1.31 38.67 14.18
C LEU A 178 0.75 38.43 12.79
N VAL A 179 0.67 37.16 12.43
CA VAL A 179 0.24 36.76 11.10
C VAL A 179 -1.04 37.46 10.62
N GLU A 180 -2.03 37.59 11.49
CA GLU A 180 -3.33 38.17 11.12
C GLU A 180 -3.26 39.69 10.95
N ALA A 181 -2.51 40.35 11.82
CA ALA A 181 -2.33 41.80 11.75
C ALA A 181 -1.59 42.20 10.48
N VAL A 182 -0.68 41.36 10.03
CA VAL A 182 0.07 41.62 8.80
C VAL A 182 -0.81 41.45 7.57
N GLU A 183 -1.66 40.43 7.57
CA GLU A 183 -2.53 40.17 6.43
C GLU A 183 -3.54 41.30 6.27
N ALA A 184 -4.01 41.83 7.40
CA ALA A 184 -4.94 42.95 7.39
C ALA A 184 -4.33 44.19 6.74
N LYS A 185 -3.06 44.45 7.04
CA LYS A 185 -2.37 45.63 6.50
C LYS A 185 -1.90 45.45 5.06
N TYR A 186 -1.29 44.30 4.75
CA TYR A 186 -0.64 44.11 3.46
C TYR A 186 -1.24 42.98 2.61
N GLY A 187 -2.52 42.69 2.82
CA GLY A 187 -3.19 41.61 2.11
C GLY A 187 -3.31 41.82 0.61
N THR A 188 -3.54 43.07 0.20
CA THR A 188 -3.67 43.38 -1.23
C THR A 188 -2.49 44.21 -1.73
N SER A 189 -1.29 43.83 -1.29
CA SER A 189 -0.07 44.57 -1.64
C SER A 189 0.60 43.95 -2.87
N GLY A 190 0.35 42.67 -3.08
CA GLY A 190 1.06 41.92 -4.10
C GLY A 190 2.32 41.29 -3.54
N ILE A 191 2.65 41.61 -2.29
CA ILE A 191 3.81 41.04 -1.61
C ILE A 191 3.53 39.61 -1.21
N ARG A 192 4.51 38.74 -1.44
CA ARG A 192 4.40 37.32 -1.08
C ARG A 192 4.97 37.08 0.32
N PHE A 193 4.18 36.46 1.19
CA PHE A 193 4.59 36.25 2.58
C PHE A 193 4.81 34.78 2.92
N LEU A 195 6.34 32.06 6.30
CA LEU A 195 6.45 31.96 7.74
C LEU A 195 7.36 30.80 8.12
N ASP A 196 8.34 31.07 8.98
CA ASP A 196 9.23 30.02 9.51
C ASP A 196 8.98 29.81 11.01
N THR A 197 8.45 28.65 11.39
CA THR A 197 8.15 28.36 12.79
C THR A 197 9.17 27.38 13.39
N ALA A 198 10.33 27.27 12.74
CA ALA A 198 11.48 26.55 13.30
C ALA A 198 11.15 25.23 13.98
N GLY A 199 10.10 24.56 13.51
CA GLY A 199 9.78 23.21 13.99
C GLY A 199 9.18 23.12 15.38
N PHE A 200 8.84 24.25 15.98
CA PHE A 200 8.38 24.22 17.38
C PHE A 200 6.87 24.12 17.59
N TYR A 201 6.08 24.16 16.54
CA TYR A 201 4.63 24.01 16.67
C TYR A 201 4.22 22.57 16.97
N THR A 202 2.96 22.41 17.36
CA THR A 202 2.37 21.09 17.54
C THR A 202 1.59 20.73 16.29
N PRO A 203 1.60 19.44 15.90
CA PRO A 203 0.86 19.00 14.73
C PRO A 203 -0.48 19.73 14.52
N GLU A 204 -1.26 19.85 15.59
CA GLU A 204 -2.57 20.51 15.55
C GLU A 204 -2.43 21.98 15.19
N GLN A 205 -1.47 22.64 15.83
CA GLN A 205 -1.18 24.04 15.55
C GLN A 205 -0.69 24.20 14.11
N ALA A 206 0.18 23.30 13.69
CA ALA A 206 0.74 23.35 12.35
C ALA A 206 -0.39 23.32 11.33
N LYS A 208 -3.49 24.05 11.81
CA LYS A 208 -4.36 25.21 11.95
C LYS A 208 -3.80 26.40 11.16
N ALA A 210 -1.60 26.34 8.73
CA ALA A 210 -1.47 26.04 7.31
C ALA A 210 -2.78 26.31 6.58
N LYS A 211 -3.87 25.81 7.16
CA LYS A 211 -5.21 26.07 6.63
C LYS A 211 -5.47 27.57 6.54
N TRP A 212 -5.04 28.31 7.55
CA TRP A 212 -5.18 29.75 7.53
C TRP A 212 -4.31 30.40 6.46
N GLU A 214 -3.28 29.02 3.93
CA GLU A 214 -3.83 28.53 2.67
C GLU A 214 -5.00 29.40 2.19
N ARG A 215 -5.84 29.87 3.11
CA ARG A 215 -6.97 30.72 2.76
C ARG A 215 -6.52 32.07 2.24
N HIS A 216 -5.45 32.58 2.82
CA HIS A 216 -4.98 33.92 2.48
C HIS A 216 -3.80 33.87 1.51
N ASN A 217 -3.66 32.76 0.82
CA ASN A 217 -2.72 32.61 -0.29
C ASN A 217 -1.26 32.97 0.03
N TRP A 218 -0.84 32.76 1.27
CA TRP A 218 0.57 32.94 1.61
C TRP A 218 1.41 31.93 0.88
N GLU A 219 2.71 32.18 0.83
CA GLU A 219 3.61 31.50 -0.10
C GLU A 219 4.00 30.10 0.39
N TRP A 220 4.61 30.03 1.57
CA TRP A 220 4.94 28.73 2.14
C TRP A 220 5.13 28.75 3.66
N LEU A 221 4.84 27.62 4.29
CA LEU A 221 5.08 27.40 5.70
C LEU A 221 6.34 26.57 5.85
N GLU A 222 7.37 27.16 6.44
CA GLU A 222 8.66 26.49 6.56
C GLU A 222 8.84 25.92 7.97
N ALA A 223 9.21 24.65 8.04
CA ALA A 223 9.53 24.02 9.33
C ALA A 223 8.37 24.10 10.30
N PRO A 224 7.23 23.50 9.95
CA PRO A 224 6.06 23.54 10.83
C PRO A 224 6.32 22.82 12.13
N VAL A 225 6.89 21.62 12.04
CA VAL A 225 7.24 20.81 13.22
C VAL A 225 8.62 20.18 13.04
N SER A 226 8.99 19.29 13.94
CA SER A 226 10.26 18.57 13.83
C SER A 226 10.35 17.89 12.49
N ASP A 227 11.47 18.08 11.81
CA ASP A 227 11.68 17.49 10.49
C ASP A 227 11.54 15.97 10.50
N TYR A 228 11.68 15.36 11.67
CA TYR A 228 11.68 13.90 11.76
C TYR A 228 10.28 13.34 11.96
N ASP A 229 9.31 14.22 12.14
CA ASP A 229 7.93 13.81 12.30
C ASP A 229 7.31 13.63 10.93
N PHE A 230 7.75 12.59 10.23
CA PHE A 230 7.38 12.39 8.85
C PHE A 230 5.87 12.41 8.63
N LYS A 231 5.15 11.56 9.36
CA LYS A 231 3.69 11.43 9.19
C LYS A 231 2.95 12.79 9.24
N THR A 232 3.40 13.70 10.12
CA THR A 232 2.76 15.00 10.23
C THR A 232 2.97 15.83 8.97
N TYR A 233 4.21 15.86 8.51
CA TYR A 233 4.53 16.52 7.24
C TYR A 233 3.68 15.95 6.11
N GLN A 234 3.58 14.63 6.05
CA GLN A 234 2.77 13.97 5.03
C GLN A 234 1.33 14.46 5.06
N ARG A 235 0.82 14.69 6.27
CA ARG A 235 -0.58 15.07 6.45
C ARG A 235 -0.81 16.55 6.12
N LEU A 236 0.15 17.40 6.46
CA LEU A 236 0.10 18.81 6.03
C LEU A 236 0.08 18.94 4.50
N VAL A 237 0.99 18.25 3.84
CA VAL A 237 1.07 18.26 2.38
C VAL A 237 -0.12 17.59 1.72
N ALA A 238 -0.72 16.62 2.41
CA ALA A 238 -1.79 15.85 1.81
C ALA A 238 -3.15 16.51 1.98
N ASN A 239 -3.26 17.42 2.95
CA ASN A 239 -4.55 18.01 3.27
C ASN A 239 -4.65 19.52 3.03
N THR A 240 -3.61 20.11 2.44
CA THR A 240 -3.65 21.51 2.01
C THR A 240 -2.91 21.67 0.69
N ASP A 241 -3.04 22.85 0.08
CA ASP A 241 -2.35 23.16 -1.15
C ASP A 241 -1.17 24.09 -0.89
N LEU A 242 -0.97 24.44 0.38
CA LEU A 242 0.09 25.32 0.79
C LEU A 242 1.44 24.61 0.68
N GLU A 243 2.43 25.29 0.10
CA GLU A 243 3.78 24.74 0.04
C GLU A 243 4.32 24.52 1.46
N ILE A 244 4.71 23.27 1.75
CA ILE A 244 5.27 22.93 3.06
C ILE A 244 6.75 22.58 2.90
N SER A 245 7.61 23.31 3.61
CA SER A 245 9.05 23.15 3.43
C SER A 245 9.73 22.68 4.72
N SER A 246 10.87 22.02 4.60
CA SER A 246 11.59 21.52 5.77
C SER A 246 12.38 22.64 6.43
N HIS A 247 13.01 22.34 7.57
CA HIS A 247 13.87 23.29 8.26
C HIS A 247 15.19 23.43 7.49
N GLY A 248 15.56 22.38 6.76
CA GLY A 248 16.65 22.44 5.80
C GLY A 248 18.02 22.13 6.35
N ASN A 249 18.08 21.74 7.63
CA ASN A 249 19.35 21.48 8.28
C ASN A 249 19.37 20.16 9.04
N CYS A 250 18.39 19.30 8.78
CA CYS A 250 18.30 18.04 9.49
C CYS A 250 18.47 16.84 8.55
N LEU A 251 17.65 16.78 7.50
CA LEU A 251 17.75 15.72 6.50
C LEU A 251 18.64 16.19 5.34
N LEU A 252 19.87 15.67 5.28
CA LEU A 252 20.90 16.22 4.42
C LEU A 252 21.40 15.28 3.30
N THR A 253 21.09 14.00 3.40
CA THR A 253 21.62 13.04 2.43
C THR A 253 20.75 12.97 1.17
N LEU A 254 21.37 12.63 0.06
CA LEU A 254 20.65 12.46 -1.20
C LEU A 254 19.54 11.42 -1.05
N GLN A 255 19.77 10.42 -0.20
CA GLN A 255 18.77 9.39 0.07
C GLN A 255 17.62 9.96 0.87
N GLU A 256 17.93 10.69 1.93
CA GLU A 256 16.89 11.28 2.78
C GLU A 256 15.97 12.18 1.99
N VAL A 257 16.56 13.06 1.18
CA VAL A 257 15.80 13.93 0.28
C VAL A 257 14.97 13.10 -0.68
N THR A 258 15.57 12.05 -1.22
CA THR A 258 14.91 11.21 -2.19
C THR A 258 13.67 10.57 -1.57
N HIS A 259 13.85 10.04 -0.37
CA HIS A 259 12.78 9.38 0.35
C HIS A 259 11.63 10.34 0.69
N ALA A 260 11.98 11.54 1.14
CA ALA A 260 10.99 12.54 1.54
C ALA A 260 10.07 12.90 0.39
N LEU A 261 10.65 13.21 -0.75
CA LEU A 261 9.86 13.52 -1.94
C LEU A 261 9.06 12.30 -2.36
N SER A 262 9.69 11.12 -2.32
CA SER A 262 9.04 9.87 -2.71
C SER A 262 7.82 9.52 -1.87
N THR A 263 7.79 9.98 -0.63
CA THR A 263 6.70 9.64 0.29
C THR A 263 5.79 10.82 0.57
N GLY A 264 6.00 11.94 -0.14
CA GLY A 264 5.12 13.10 -0.03
C GLY A 264 5.24 13.87 1.26
N TRP A 266 7.31 16.56 1.54
CA TRP A 266 7.63 17.95 1.20
C TRP A 266 6.97 18.43 -0.08
N SER A 267 6.69 19.73 -0.15
CA SER A 267 6.26 20.38 -1.39
C SER A 267 7.46 20.92 -2.16
N ASP A 268 8.59 21.02 -1.48
CA ASP A 268 9.86 21.39 -2.11
C ASP A 268 10.98 20.68 -1.38
N VAL A 269 12.22 21.05 -1.66
CA VAL A 269 13.33 20.59 -0.83
C VAL A 269 14.17 21.79 -0.49
N ARG A 270 14.66 21.82 0.74
CA ARG A 270 15.40 22.96 1.24
C ARG A 270 16.72 22.49 1.78
N GLN A 271 17.79 22.93 1.12
CA GLN A 271 19.14 22.55 1.50
C GLN A 271 20.00 23.78 1.48
N ASP A 272 21.14 23.68 2.14
CA ASP A 272 22.14 24.72 2.16
C ASP A 272 23.43 24.06 1.72
N ALA A 273 24.11 24.67 0.75
CA ALA A 273 25.34 24.11 0.24
C ALA A 273 26.38 24.01 1.35
N THR A 274 26.32 24.93 2.30
CA THR A 274 27.29 24.99 3.38
C THR A 274 26.95 24.03 4.52
N VAL A 275 25.97 23.16 4.30
CA VAL A 275 25.54 22.21 5.32
C VAL A 275 25.51 20.78 4.81
N CYS A 276 24.96 20.58 3.60
CA CYS A 276 24.71 19.23 3.10
C CYS A 276 25.92 18.58 2.42
N GLY A 277 27.07 19.25 2.43
CA GLY A 277 28.28 18.68 1.84
C GLY A 277 28.88 19.50 0.70
N GLY A 278 28.42 20.73 0.55
CA GLY A 278 28.99 21.64 -0.45
C GLY A 278 28.26 21.65 -1.78
N ILE A 279 28.81 22.41 -2.72
CA ILE A 279 28.26 22.56 -4.06
C ILE A 279 27.99 21.20 -4.69
N THR A 280 28.96 20.31 -4.61
CA THR A 280 28.86 18.97 -5.17
C THR A 280 27.53 18.29 -4.86
N GLN A 281 27.02 18.48 -3.64
CA GLN A 281 25.84 17.75 -3.19
C GLN A 281 24.57 18.55 -3.43
N LEU A 282 24.60 19.85 -3.13
CA LEU A 282 23.44 20.68 -3.34
C LEU A 282 23.00 20.48 -4.76
N ASN A 283 23.95 20.72 -5.66
CA ASN A 283 23.75 20.56 -7.09
C ASN A 283 22.93 19.33 -7.43
N LYS A 284 23.27 18.20 -6.82
CA LYS A 284 22.57 16.96 -7.08
C LYS A 284 21.13 17.00 -6.55
N CYS A 285 20.95 17.61 -5.38
CA CYS A 285 19.62 17.72 -4.78
C CYS A 285 18.65 18.47 -5.69
N PHE A 286 19.18 19.45 -6.42
CA PHE A 286 18.40 20.14 -7.45
C PHE A 286 17.93 19.14 -8.49
N ALA A 287 18.88 18.39 -9.04
CA ALA A 287 18.57 17.38 -10.04
C ALA A 287 17.54 16.40 -9.50
N ILE A 288 17.66 16.05 -8.23
CA ILE A 288 16.77 15.10 -7.60
C ILE A 288 15.35 15.67 -7.49
N ALA A 289 15.25 16.92 -7.05
CA ALA A 289 13.97 17.61 -7.00
C ALA A 289 13.36 17.67 -8.39
N ALA A 290 14.18 18.05 -9.37
CA ALA A 290 13.75 18.11 -10.76
C ALA A 290 12.96 16.85 -11.11
N GLY A 291 13.59 15.69 -10.91
CA GLY A 291 12.96 14.41 -11.23
C GLY A 291 11.67 14.16 -10.45
N HIS A 292 11.49 14.89 -9.36
CA HIS A 292 10.26 14.81 -8.58
C HIS A 292 9.33 15.99 -8.89
N SER A 293 9.67 16.77 -9.93
CA SER A 293 8.83 17.87 -10.38
C SER A 293 8.62 18.94 -9.31
N LYS A 294 9.67 19.23 -8.55
CA LYS A 294 9.58 20.23 -7.50
C LYS A 294 10.83 21.10 -7.45
N ASN A 295 10.72 22.21 -6.72
CA ASN A 295 11.81 23.16 -6.59
C ASN A 295 12.67 22.91 -5.37
N LEU A 296 13.89 23.47 -5.39
CA LEU A 296 14.78 23.44 -4.26
C LEU A 296 14.98 24.86 -3.79
N GLU A 297 14.24 25.29 -2.78
CA GLU A 297 14.37 26.64 -2.25
C GLU A 297 15.57 26.70 -1.32
N ILE A 298 16.63 27.37 -1.76
CA ILE A 298 17.89 27.40 -1.04
C ILE A 298 17.79 28.12 0.28
N GLN A 299 18.49 27.59 1.27
CA GLN A 299 18.71 28.29 2.51
C GLN A 299 20.01 29.06 2.37
N SER A 300 19.92 30.28 1.87
CA SER A 300 21.11 31.09 1.61
C SER A 300 21.30 32.16 2.67
N GLY A 302 22.95 33.83 5.56
CA GLY A 302 24.28 33.76 6.15
C GLY A 302 25.21 34.82 5.57
N TYR A 303 26.51 34.57 5.68
CA TYR A 303 27.52 35.50 5.21
C TYR A 303 27.69 35.37 3.71
N THR A 304 28.23 36.41 3.08
CA THR A 304 28.25 36.49 1.62
C THR A 304 28.76 35.22 0.94
N LEU A 305 29.76 34.59 1.53
CA LEU A 305 30.25 33.31 1.01
C LEU A 305 29.16 32.24 1.04
N THR A 306 28.48 32.13 2.17
CA THR A 306 27.33 31.24 2.28
C THR A 306 26.27 31.66 1.26
N GLN A 307 26.07 32.96 1.13
CA GLN A 307 25.06 33.48 0.20
C GLN A 307 25.41 33.10 -1.23
N ALA A 308 26.66 33.31 -1.61
CA ALA A 308 27.10 33.12 -3.00
C ALA A 308 27.05 31.66 -3.42
N ALA A 309 27.56 30.78 -2.56
CA ALA A 309 27.62 29.35 -2.84
C ALA A 309 26.27 28.81 -3.30
N ASN A 310 25.22 29.18 -2.56
CA ASN A 310 23.86 28.77 -2.88
C ASN A 310 23.33 29.51 -4.10
N LEU A 311 23.55 30.81 -4.15
CA LEU A 311 23.04 31.62 -5.25
C LEU A 311 23.50 31.05 -6.58
N HIS A 312 24.75 30.60 -6.64
CA HIS A 312 25.32 30.09 -7.87
C HIS A 312 24.61 28.85 -8.35
N VAL A 313 24.43 27.90 -7.45
CA VAL A 313 23.76 26.67 -7.78
C VAL A 313 22.34 26.97 -8.27
N ALA A 314 21.66 27.91 -7.62
CA ALA A 314 20.29 28.27 -7.98
C ALA A 314 20.23 28.93 -9.37
N LEU A 315 21.30 29.58 -9.77
CA LEU A 315 21.35 30.21 -11.09
C LEU A 315 21.62 29.18 -12.20
N ALA A 316 22.15 28.03 -11.82
CA ALA A 316 22.48 26.98 -12.78
C ALA A 316 21.26 26.13 -13.13
N HIS A 317 20.22 26.17 -12.30
CA HIS A 317 19.01 25.40 -12.54
C HIS A 317 17.78 26.32 -12.55
N ASP A 318 16.64 25.80 -12.96
CA ASP A 318 15.41 26.58 -13.01
C ASP A 318 14.51 26.31 -11.81
N ASN A 319 14.60 25.11 -11.25
CA ASN A 319 13.70 24.69 -10.17
C ASN A 319 14.09 25.29 -8.82
N CYS A 320 13.73 26.55 -8.64
CA CYS A 320 13.93 27.29 -7.38
C CYS A 320 13.43 28.70 -7.69
N ASN A 321 12.61 29.26 -6.82
CA ASN A 321 11.98 30.55 -7.07
C ASN A 321 12.67 31.73 -6.42
N PHE A 322 13.33 31.50 -5.28
CA PHE A 322 13.91 32.62 -4.53
C PHE A 322 15.33 32.42 -4.02
N PHE A 323 15.97 33.54 -3.69
CA PHE A 323 17.25 33.57 -3.00
C PHE A 323 16.99 34.23 -1.67
N GLU A 324 17.30 33.52 -0.58
CA GLU A 324 17.08 34.04 0.75
C GLU A 324 18.05 35.19 1.02
N GLN A 325 17.51 36.38 1.24
CA GLN A 325 18.32 37.55 1.54
C GLN A 325 17.93 38.13 2.89
N PHE A 326 18.78 37.91 3.88
CA PHE A 326 18.56 38.52 5.18
C PHE A 326 18.75 40.02 5.08
N TYR A 327 17.82 40.77 5.66
CA TYR A 327 17.81 42.23 5.57
C TYR A 327 17.62 42.75 7.00
N PRO A 328 18.50 43.65 7.46
CA PRO A 328 19.62 44.33 6.78
C PRO A 328 20.75 43.40 6.36
N TYR A 329 21.70 43.93 5.58
CA TYR A 329 22.79 43.13 5.04
C TYR A 329 24.05 43.23 5.89
N GLU A 330 24.36 44.45 6.31
CA GLU A 330 25.65 44.79 6.87
C GLU A 330 26.29 43.71 7.75
N ALA A 331 25.51 43.14 8.66
CA ALA A 331 26.06 42.17 9.61
C ALA A 331 26.78 41.04 8.88
N PHE A 332 26.14 40.49 7.86
CA PHE A 332 26.67 39.35 7.12
C PHE A 332 27.61 39.77 5.98
N GLU A 333 28.09 41.01 6.02
CA GLU A 333 29.04 41.45 5.01
C GLU A 333 30.44 41.63 5.62
N LEU A 334 30.70 40.93 6.73
CA LEU A 334 31.99 40.99 7.41
C LEU A 334 33.18 40.80 6.46
N ALA A 335 34.17 41.68 6.58
CA ALA A 335 35.44 41.54 5.87
C ALA A 335 35.27 41.16 4.40
N SER A 336 34.17 41.62 3.79
CA SER A 336 33.88 41.29 2.41
C SER A 336 33.97 42.51 1.51
N LYS A 337 34.71 42.36 0.41
CA LYS A 337 34.78 43.39 -0.61
C LYS A 337 33.66 43.21 -1.63
N THR A 338 32.80 42.22 -1.39
CA THR A 338 31.70 41.91 -2.29
C THR A 338 30.37 42.12 -1.58
N GLN A 339 29.36 42.60 -2.31
CA GLN A 339 28.04 42.81 -1.72
C GLN A 339 26.93 42.25 -2.61
N ILE A 340 26.34 41.14 -2.17
CA ILE A 340 25.19 40.57 -2.86
C ILE A 340 23.92 41.14 -2.25
N ARG A 341 23.50 42.29 -2.76
CA ARG A 341 22.30 42.96 -2.27
C ARG A 341 21.15 42.80 -3.26
N THR A 342 19.98 43.31 -2.88
CA THR A 342 18.78 43.14 -3.68
C THR A 342 18.44 44.45 -4.38
N ASP A 343 18.35 44.41 -5.71
CA ASP A 343 18.14 45.63 -6.49
C ASP A 343 16.70 46.14 -6.36
N LYS A 344 16.38 47.22 -7.06
CA LYS A 344 15.12 47.92 -6.90
C LYS A 344 13.93 47.15 -7.49
N GLU A 345 14.21 46.13 -8.30
CA GLU A 345 13.16 45.34 -8.94
C GLU A 345 12.86 44.05 -8.17
N GLY A 346 13.68 43.73 -7.18
CA GLY A 346 13.47 42.55 -6.34
C GLY A 346 14.40 41.40 -6.70
N TYR A 347 15.39 41.69 -7.55
CA TYR A 347 16.30 40.66 -8.05
C TYR A 347 17.68 40.74 -7.42
N VAL A 348 18.21 39.59 -7.03
CA VAL A 348 19.60 39.48 -6.64
C VAL A 348 20.41 39.02 -7.85
N HIS A 349 21.58 39.60 -8.05
CA HIS A 349 22.40 39.29 -9.23
C HIS A 349 23.63 38.46 -8.89
N ALA A 350 24.02 37.59 -9.82
CA ALA A 350 25.26 36.84 -9.69
C ALA A 350 26.41 37.83 -9.62
N PRO A 351 27.33 37.62 -8.66
CA PRO A 351 28.50 38.49 -8.51
C PRO A 351 29.36 38.56 -9.77
N ALA A 352 30.34 39.46 -9.75
CA ALA A 352 31.10 39.79 -10.96
C ALA A 352 32.17 38.76 -11.31
N GLY A 353 32.99 38.41 -10.33
CA GLY A 353 34.19 37.60 -10.59
C GLY A 353 33.92 36.22 -11.13
N ASN A 354 34.91 35.33 -11.02
CA ASN A 354 34.74 33.93 -11.36
C ASN A 354 34.60 33.10 -10.09
N GLY A 355 34.45 31.78 -10.27
CA GLY A 355 34.20 30.92 -9.13
C GLY A 355 32.97 31.44 -8.40
N LEU A 356 33.12 31.74 -7.12
CA LEU A 356 31.99 32.27 -6.36
C LEU A 356 31.85 33.77 -6.62
N GLY A 357 32.88 34.35 -7.23
CA GLY A 357 32.90 35.78 -7.46
C GLY A 357 32.90 36.54 -6.14
N VAL A 358 33.49 35.93 -5.12
CA VAL A 358 33.57 36.56 -3.81
C VAL A 358 35.01 36.95 -3.49
N GLU A 359 35.21 38.24 -3.26
CA GLU A 359 36.51 38.76 -2.89
C GLU A 359 36.44 39.17 -1.41
N ASP A 361 38.33 40.86 2.12
CA ASP A 361 39.38 41.68 2.72
C ASP A 361 40.06 40.84 3.79
N TRP A 362 41.31 40.47 3.54
CA TRP A 362 41.99 39.47 4.36
C TRP A 362 42.64 40.08 5.60
N ASP A 363 42.82 41.39 5.60
CA ASP A 363 43.27 42.08 6.80
C ASP A 363 42.09 42.27 7.74
N ALA A 364 40.89 42.27 7.17
CA ALA A 364 39.67 42.45 7.96
C ALA A 364 39.34 41.18 8.72
N VAL A 365 39.47 40.03 8.06
CA VAL A 365 39.19 38.76 8.71
C VAL A 365 40.21 38.50 9.82
N LYS A 366 41.50 38.65 9.50
CA LYS A 366 42.53 38.49 10.52
C LYS A 366 42.09 39.25 11.77
N GLU A 367 41.65 40.48 11.58
CA GLU A 367 41.20 41.35 12.67
C GLU A 367 40.01 40.78 13.46
N ALA A 368 39.08 40.12 12.78
CA ALA A 368 37.88 39.60 13.43
C ALA A 368 38.06 38.15 13.88
N SER A 369 39.19 37.54 13.51
CA SER A 369 39.39 36.12 13.72
C SER A 369 39.87 35.81 15.14
N PHE A 370 39.01 35.19 15.93
CA PHE A 370 39.35 34.78 17.30
C PHE A 370 40.04 33.41 17.32
N ALA A 371 40.12 32.76 16.15
CA ALA A 371 40.81 31.48 16.02
C ALA A 371 41.24 31.24 14.58
N SER A 372 42.46 30.73 14.39
CA SER A 372 42.94 30.41 13.06
C SER A 372 44.05 29.36 13.07
N TYR A 373 44.14 28.60 11.99
CA TYR A 373 45.22 27.64 11.81
C TYR A 373 45.85 27.83 10.43
N VAL A 374 46.99 27.19 10.22
CA VAL A 374 47.63 27.16 8.91
C VAL A 374 48.35 25.82 8.74
N PHE A 375 48.31 25.28 7.52
CA PHE A 375 48.98 24.01 7.21
C PHE A 375 49.71 24.13 5.88
N GLU A 376 50.92 23.57 5.81
CA GLU A 376 51.73 23.64 4.59
C GLU A 376 52.56 22.39 4.30
N GLU A 377 53.13 22.33 3.10
CA GLU A 377 54.00 21.23 2.70
C GLU A 377 55.37 21.35 3.37
N GLY A 378 55.80 22.57 3.63
CA GLY A 378 57.11 22.83 4.23
C GLY A 378 57.14 22.48 5.70
N GLU B 4 12.78 20.11 44.85
CA GLU B 4 14.15 20.24 45.42
CA GLU B 4 14.09 20.31 45.56
C GLU B 4 15.00 21.47 45.09
N ASP B 5 15.89 21.85 46.01
CA ASP B 5 16.83 22.93 45.75
C ASP B 5 18.05 22.45 45.00
N CYS B 6 18.11 21.17 44.67
CA CYS B 6 19.31 20.63 44.02
C CYS B 6 19.60 21.41 42.75
N ARG B 7 20.76 22.04 42.71
CA ARG B 7 21.18 22.76 41.53
C ARG B 7 22.67 22.57 41.27
N ILE B 8 23.02 22.61 40.00
CA ILE B 8 24.41 22.52 39.58
C ILE B 8 25.15 23.81 39.91
N SER B 9 26.25 23.68 40.65
CA SER B 9 27.04 24.83 41.08
C SER B 9 28.36 24.96 40.32
N ARG B 10 28.73 23.90 39.61
CA ARG B 10 30.01 23.85 38.93
C ARG B 10 29.98 22.75 37.86
N VAL B 11 30.68 22.97 36.74
CA VAL B 11 30.89 21.91 35.76
C VAL B 11 32.32 21.91 35.23
N GLU B 12 32.89 20.73 35.06
CA GLU B 12 34.23 20.58 34.54
C GLU B 12 34.18 19.78 33.25
N LEU B 13 34.92 20.23 32.24
CA LEU B 13 35.04 19.52 30.98
C LEU B 13 36.47 19.02 30.82
N TYR B 14 36.62 17.77 30.42
CA TYR B 14 37.93 17.20 30.12
C TYR B 14 37.92 16.50 28.77
N ALA B 15 38.96 16.72 28.00
CA ALA B 15 39.22 15.98 26.77
C ALA B 15 40.57 15.32 26.91
N LEU B 16 40.61 14.00 26.90
CA LEU B 16 41.84 13.26 27.19
C LEU B 16 42.07 12.11 26.23
N ALA B 17 43.33 11.70 26.13
CA ALA B 17 43.74 10.64 25.21
C ALA B 17 45.06 10.05 25.66
N ASP B 18 45.52 9.02 24.95
CA ASP B 18 46.79 8.38 25.26
C ASP B 18 47.68 8.38 24.02
N GLU B 19 48.84 9.01 24.14
CA GLU B 19 49.77 9.17 23.03
C GLU B 19 50.27 7.81 22.55
N ASN B 20 50.64 6.96 23.51
CA ASN B 20 51.29 5.69 23.19
C ASN B 20 50.30 4.59 22.81
N ALA B 21 49.09 4.64 23.35
CA ALA B 21 48.06 3.67 22.99
C ALA B 21 48.03 3.52 21.47
N PRO B 22 47.83 2.28 21.00
CA PRO B 22 47.89 1.97 19.56
C PRO B 22 46.63 2.39 18.79
N PRO B 23 46.79 3.23 17.76
CA PRO B 23 45.67 3.61 16.90
C PRO B 23 45.03 2.39 16.25
N ILE B 24 43.71 2.40 16.12
CA ILE B 24 43.00 1.25 15.53
C ILE B 24 41.79 1.68 14.68
N PRO B 25 41.90 1.50 13.35
CA PRO B 25 40.89 1.91 12.39
C PRO B 25 39.85 0.82 12.11
N TRP B 26 38.84 1.14 11.31
CA TRP B 26 37.83 0.16 10.93
C TRP B 26 38.07 -0.38 9.52
N ALA B 27 38.31 0.52 8.58
CA ALA B 27 38.40 0.16 7.17
C ALA B 27 39.78 -0.36 6.77
N ASP B 28 39.87 -0.86 5.55
CA ASP B 28 41.09 -1.51 5.08
C ASP B 28 42.22 -0.53 4.83
N ASN B 29 41.87 0.70 4.39
CA ASN B 29 42.90 1.69 4.11
C ASN B 29 42.51 3.14 4.44
N GLN B 30 41.54 3.32 5.33
CA GLN B 30 41.34 4.63 5.94
C GLN B 30 42.45 4.79 6.98
N GLU B 31 42.82 6.03 7.29
CA GLU B 31 44.01 6.29 8.09
C GLU B 31 43.81 5.92 9.56
N PRO B 32 44.91 5.75 10.30
CA PRO B 32 44.84 5.33 11.71
C PRO B 32 44.05 6.32 12.58
N LEU B 33 42.97 5.83 13.19
CA LEU B 33 42.14 6.66 14.05
C LEU B 33 42.75 6.88 15.42
N LEU B 34 42.83 8.14 15.85
CA LEU B 34 43.21 8.51 17.20
C LEU B 34 41.95 8.66 18.02
N TYR B 35 41.94 8.15 19.25
CA TYR B 35 40.73 8.19 20.08
C TYR B 35 40.81 9.21 21.22
N THR B 36 39.66 9.79 21.52
CA THR B 36 39.56 10.83 22.54
C THR B 36 38.36 10.56 23.43
N ASN B 37 38.49 10.90 24.71
CA ASN B 37 37.38 10.76 25.63
C ASN B 37 36.96 12.14 26.10
N ASN B 38 35.66 12.40 26.04
CA ASN B 38 35.14 13.70 26.43
C ASN B 38 34.31 13.58 27.69
N ILE B 39 34.85 14.11 28.80
CA ILE B 39 34.21 13.93 30.09
C ILE B 39 33.54 15.21 30.55
N VAL B 40 32.33 15.06 31.06
CA VAL B 40 31.62 16.13 31.71
C VAL B 40 31.53 15.77 33.19
N ARG B 41 32.01 16.66 34.06
CA ARG B 41 31.87 16.45 35.49
C ARG B 41 30.94 17.52 36.04
N LEU B 42 29.76 17.11 36.49
CA LEU B 42 28.80 18.03 37.09
C LEU B 42 28.88 17.95 38.61
N PHE B 43 28.86 19.12 39.25
CA PHE B 43 28.89 19.21 40.71
C PHE B 43 27.60 19.88 41.19
N THR B 44 27.04 19.39 42.29
CA THR B 44 25.89 20.05 42.92
C THR B 44 26.33 20.91 44.10
N GLU B 45 25.40 21.67 44.66
CA GLU B 45 25.72 22.54 45.78
C GLU B 45 26.17 21.75 46.99
N ASP B 46 25.47 20.65 47.29
CA ASP B 46 25.83 19.81 48.44
C ASP B 46 27.11 19.01 48.17
N GLY B 47 27.59 19.05 46.93
CA GLY B 47 28.86 18.44 46.58
C GLY B 47 28.75 17.07 45.92
N THR B 48 27.54 16.66 45.56
CA THR B 48 27.36 15.40 44.83
C THR B 48 27.93 15.51 43.43
N GLU B 49 28.70 14.49 43.03
CA GLU B 49 29.42 14.50 41.78
C GLU B 49 28.64 13.72 40.71
N GLY B 50 28.75 14.15 39.46
CA GLY B 50 28.05 13.50 38.35
C GLY B 50 28.94 13.39 37.12
N LEU B 51 29.04 12.17 36.60
CA LEU B 51 29.95 11.87 35.49
C LEU B 51 29.22 11.52 34.21
N GLY B 52 29.80 11.95 33.08
CA GLY B 52 29.30 11.58 31.76
C GLY B 52 30.42 11.72 30.75
N ALA B 53 30.35 10.96 29.67
CA ALA B 53 31.36 11.05 28.62
C ALA B 53 30.86 10.47 27.31
N THR B 54 31.37 11.02 26.21
CA THR B 54 31.18 10.47 24.88
C THR B 54 32.52 10.45 24.16
N SER B 56 35.32 10.41 20.94
CA SER B 56 35.65 10.98 19.65
C SER B 56 36.73 10.15 18.96
N TYR B 57 36.67 10.08 17.63
CA TYR B 57 37.71 9.42 16.85
C TYR B 57 37.99 10.24 15.61
N THR B 58 39.24 10.68 15.48
CA THR B 58 39.64 11.61 14.45
C THR B 58 41.03 11.26 13.95
N GLU B 59 41.40 11.80 12.79
CA GLU B 59 42.71 11.58 12.23
C GLU B 59 43.62 12.76 12.56
N ASN B 60 44.92 12.53 12.45
CA ASN B 60 45.93 13.59 12.62
C ASN B 60 46.12 14.01 14.08
N PHE B 61 45.07 14.59 14.66
CA PHE B 61 45.13 15.08 16.02
C PHE B 61 44.01 14.47 16.84
N PHE B 62 44.05 14.69 18.15
CA PHE B 62 42.94 14.34 19.02
C PHE B 62 41.89 15.44 18.88
N ASP B 63 40.66 15.10 19.21
CA ASP B 63 39.51 15.94 18.88
C ASP B 63 39.22 17.02 19.93
N ARG B 64 39.25 18.27 19.50
CA ARG B 64 38.83 19.39 20.35
C ARG B 64 37.43 19.87 19.94
N CYS B 65 36.75 19.09 19.13
CA CYS B 65 35.46 19.48 18.54
C CYS B 65 34.30 19.36 19.52
N ILE B 66 34.18 18.20 20.15
CA ILE B 66 33.13 17.97 21.14
C ILE B 66 33.31 18.85 22.39
N ILE B 67 34.54 18.96 22.90
CA ILE B 67 34.72 19.76 24.10
C ILE B 67 34.37 21.21 23.79
N GLU B 68 34.68 21.61 22.57
CA GLU B 68 34.41 22.97 22.15
C GLU B 68 32.90 23.19 22.01
N SER B 69 32.20 22.17 21.53
CA SER B 69 30.75 22.22 21.50
C SER B 69 30.20 22.31 22.93
N LEU B 70 30.72 21.48 23.83
CA LEU B 70 30.28 21.47 25.22
C LEU B 70 30.51 22.83 25.91
N ARG B 71 31.59 23.49 25.53
CA ARG B 71 31.89 24.80 26.06
C ARG B 71 30.74 25.78 25.85
N THR B 72 30.08 25.71 24.69
CA THR B 72 29.00 26.65 24.38
C THR B 72 27.70 26.25 25.07
N ILE B 73 27.51 24.96 25.30
CA ILE B 73 26.27 24.46 25.90
C ILE B 73 26.19 24.69 27.40
N VAL B 74 27.25 24.34 28.12
CA VAL B 74 27.17 24.16 29.58
C VAL B 74 26.97 25.41 30.46
N PRO B 75 27.44 26.59 30.02
CA PRO B 75 27.34 27.70 30.97
C PRO B 75 25.95 27.88 31.58
N GLY B 76 24.91 27.52 30.84
CA GLY B 76 23.54 27.65 31.34
C GLY B 76 23.11 26.50 32.24
N LEU B 77 24.00 25.56 32.51
CA LEU B 77 23.67 24.46 33.39
C LEU B 77 23.64 24.95 34.83
N ILE B 78 24.43 25.99 35.09
CA ILE B 78 24.54 26.52 36.45
C ILE B 78 23.19 26.99 36.94
N GLY B 79 22.70 26.38 38.01
CA GLY B 79 21.44 26.79 38.62
C GLY B 79 20.31 25.82 38.34
N LYS B 80 20.56 24.89 37.41
CA LYS B 80 19.54 23.95 37.00
C LYS B 80 19.53 22.71 37.90
N ASN B 81 18.36 22.10 38.01
CA ASN B 81 18.18 20.90 38.83
C ASN B 81 18.39 19.64 37.99
N PRO B 82 19.49 18.92 38.25
CA PRO B 82 19.84 17.76 37.45
C PRO B 82 18.96 16.57 37.74
N LEU B 83 18.11 16.67 38.75
CA LEU B 83 17.21 15.58 39.08
C LEU B 83 16.03 15.56 38.11
N THR B 85 15.44 15.35 35.05
CA THR B 85 16.26 14.98 33.91
C THR B 85 15.56 15.21 32.58
N GLN B 86 14.25 15.06 32.56
CA GLN B 86 13.50 15.22 31.31
C GLN B 86 13.47 16.68 30.87
N GLU B 87 13.19 17.59 31.79
CA GLU B 87 13.22 19.02 31.47
C GLU B 87 14.65 19.44 31.13
N LEU B 88 15.62 18.82 31.77
CA LEU B 88 17.02 19.08 31.41
C LEU B 88 17.26 18.65 29.97
N ASN B 89 16.88 17.41 29.67
CA ASN B 89 17.07 16.88 28.32
C ASN B 89 16.37 17.80 27.34
N ASN B 90 15.16 18.22 27.70
CA ASN B 90 14.40 19.16 26.91
C ASN B 90 15.20 20.43 26.69
N TRP B 91 15.78 20.96 27.76
CA TRP B 91 16.57 22.17 27.68
C TRP B 91 17.76 22.00 26.73
N LEU B 92 18.38 20.83 26.76
CA LEU B 92 19.54 20.55 25.89
C LEU B 92 19.15 20.50 24.42
N GLY B 93 17.96 19.97 24.12
CA GLY B 93 17.49 19.87 22.75
C GLY B 93 17.37 21.23 22.06
N ALA B 94 17.23 22.28 22.86
CA ALA B 94 17.04 23.62 22.33
C ALA B 94 18.33 24.41 22.17
N ARG B 95 19.46 23.81 22.54
CA ARG B 95 20.75 24.50 22.43
C ARG B 95 21.47 24.25 21.10
N CYS B 96 21.65 25.31 20.34
CA CYS B 96 22.27 25.25 19.02
C CYS B 96 23.77 24.95 19.09
N THR B 97 24.19 23.96 18.31
CA THR B 97 25.59 23.57 18.21
C THR B 97 25.71 22.40 17.25
N TRP B 98 26.59 22.52 16.28
CA TRP B 98 26.85 21.43 15.34
C TRP B 98 27.39 20.19 16.07
N GLY B 99 27.60 20.31 17.38
CA GLY B 99 28.00 19.16 18.18
C GLY B 99 26.91 18.12 18.20
N GLY B 100 25.67 18.59 18.15
CA GLY B 100 24.52 17.70 18.07
C GLY B 100 24.27 16.89 19.33
N LEU B 101 23.54 15.80 19.18
CA LEU B 101 23.16 14.94 20.31
C LEU B 101 24.37 14.30 21.00
N PRO B 102 25.42 13.95 20.25
CA PRO B 102 26.58 13.35 20.90
C PRO B 102 27.21 14.27 21.93
N ALA B 103 27.24 15.57 21.64
CA ALA B 103 27.87 16.53 22.53
C ALA B 103 27.02 16.79 23.76
N LYS B 104 25.72 16.54 23.66
CA LYS B 104 24.80 16.85 24.73
C LYS B 104 24.59 15.65 25.64
N SER B 105 24.88 14.46 25.11
CA SER B 105 24.56 13.22 25.79
C SER B 105 25.26 13.07 27.15
N PRO B 106 26.56 13.40 27.20
CA PRO B 106 27.28 13.21 28.47
C PRO B 106 26.65 13.99 29.62
N ILE B 107 26.14 15.18 29.31
CA ILE B 107 25.47 16.02 30.31
C ILE B 107 24.24 15.32 30.88
N ASP B 108 23.36 14.87 29.98
CA ASP B 108 22.20 14.11 30.39
C ASP B 108 22.63 12.95 31.24
N ILE B 109 23.64 12.22 30.78
CA ILE B 109 24.14 11.05 31.50
C ILE B 109 24.66 11.48 32.87
N ALA B 110 25.43 12.56 32.90
CA ALA B 110 25.95 13.07 34.16
C ALA B 110 24.83 13.30 35.15
N ALA B 111 23.75 13.91 34.69
CA ALA B 111 22.58 14.18 35.51
C ALA B 111 22.00 12.91 36.10
N TRP B 112 21.87 11.87 35.27
CA TRP B 112 21.33 10.61 35.72
C TRP B 112 22.25 9.95 36.74
N ASP B 113 23.56 10.18 36.60
CA ASP B 113 24.51 9.64 37.56
C ASP B 113 24.25 10.24 38.93
N ILE B 114 24.00 11.55 38.96
CA ILE B 114 23.73 12.27 40.20
C ILE B 114 22.45 11.77 40.83
N LYS B 115 21.40 11.63 40.02
CA LYS B 115 20.12 11.13 40.52
C LYS B 115 20.33 9.80 41.25
N GLY B 116 21.07 8.89 40.62
CA GLY B 116 21.33 7.60 41.23
C GLY B 116 22.06 7.72 42.55
N LYS B 117 23.13 8.51 42.56
CA LYS B 117 23.94 8.72 43.76
C LYS B 117 23.12 9.32 44.90
N LYS B 118 22.22 10.24 44.56
CA LYS B 118 21.32 10.83 45.55
C LYS B 118 20.17 9.91 45.93
N ALA B 119 19.98 8.85 45.16
CA ALA B 119 18.87 7.93 45.38
C ALA B 119 19.35 6.70 46.12
N GLY B 120 20.67 6.50 46.11
CA GLY B 120 21.27 5.38 46.81
C GLY B 120 21.25 4.09 46.03
N PRO B 122 21.83 1.93 41.97
CA PRO B 122 22.44 1.95 40.65
C PRO B 122 21.43 2.35 39.58
N LEU B 123 21.93 2.86 38.46
CA LEU B 123 21.07 3.42 37.44
C LEU B 123 20.07 2.40 36.86
N TYR B 124 20.50 1.16 36.66
CA TYR B 124 19.61 0.15 36.09
C TYR B 124 18.43 -0.06 37.03
N LEU B 126 16.90 2.39 38.94
CA LEU B 126 15.96 3.50 38.73
C LEU B 126 15.09 3.31 37.48
N LEU B 127 15.72 2.81 36.41
CA LEU B 127 15.05 2.66 35.12
C LEU B 127 14.12 1.45 35.08
N GLY B 128 14.46 0.41 35.84
CA GLY B 128 13.64 -0.79 35.89
C GLY B 128 14.29 -1.84 36.75
N GLY B 129 14.91 -2.84 36.12
CA GLY B 129 15.58 -3.90 36.84
C GLY B 129 15.16 -5.26 36.30
N ALA B 130 15.70 -5.62 35.14
CA ALA B 130 15.48 -6.93 34.56
C ALA B 130 16.51 -7.93 35.08
N ARG B 131 17.78 -7.52 35.04
CA ARG B 131 18.88 -8.40 35.42
C ARG B 131 19.98 -7.57 36.01
N THR B 132 20.98 -8.24 36.56
CA THR B 132 22.10 -7.54 37.17
C THR B 132 23.43 -7.91 36.51
N LYS B 133 23.36 -8.82 35.53
CA LYS B 133 24.47 -9.14 34.65
C LYS B 133 23.92 -9.41 33.27
N ILE B 134 24.80 -9.44 32.27
CA ILE B 134 24.35 -9.76 30.91
C ILE B 134 25.48 -10.36 30.08
N LYS B 135 25.13 -11.31 29.22
CA LYS B 135 26.09 -11.89 28.29
C LYS B 135 26.74 -10.78 27.50
N SER B 136 28.01 -10.95 27.17
CA SER B 136 28.72 -9.96 26.36
C SER B 136 29.36 -10.64 25.17
N TYR B 137 29.73 -9.82 24.20
CA TYR B 137 30.55 -10.28 23.09
C TYR B 137 31.79 -9.39 22.98
N ALA B 138 32.88 -9.98 22.52
CA ALA B 138 34.13 -9.25 22.37
C ALA B 138 34.18 -8.61 20.99
N SER B 139 34.36 -7.30 20.97
CA SER B 139 34.41 -6.52 19.75
C SER B 139 35.88 -6.40 19.33
N THR B 140 36.25 -6.96 18.18
CA THR B 140 37.67 -7.12 17.84
C THR B 140 38.30 -5.92 17.15
N PRO B 141 39.64 -5.93 17.05
CA PRO B 141 40.38 -5.00 16.20
C PRO B 141 40.37 -5.51 14.76
N PHE B 143 42.80 -6.77 11.94
CA PHE B 143 44.16 -7.22 11.69
C PHE B 143 44.50 -7.14 10.21
N ASP B 144 45.79 -7.13 9.89
CA ASP B 144 46.25 -6.98 8.51
C ASP B 144 46.08 -8.28 7.72
N THR B 145 46.21 -9.43 8.40
CA THR B 145 46.04 -10.72 7.74
C THR B 145 45.04 -11.61 8.47
N VAL B 146 44.37 -12.47 7.71
CA VAL B 146 43.30 -13.31 8.24
C VAL B 146 43.79 -14.23 9.35
N GLU B 147 45.01 -14.75 9.20
CA GLU B 147 45.58 -15.69 10.17
C GLU B 147 45.72 -15.06 11.56
N GLU B 148 45.97 -13.76 11.59
CA GLU B 148 46.19 -13.06 12.86
C GLU B 148 44.95 -13.03 13.76
N TYR B 149 43.78 -13.31 13.18
CA TYR B 149 42.53 -13.33 13.95
C TYR B 149 42.44 -14.56 14.84
N PHE B 150 43.23 -15.60 14.53
CA PHE B 150 43.05 -16.90 15.17
C PHE B 150 43.52 -16.93 16.63
N PRO B 151 44.75 -16.48 16.90
CA PRO B 151 45.17 -16.43 18.30
C PRO B 151 44.24 -15.54 19.12
N TYR B 152 43.81 -14.43 18.54
CA TYR B 152 42.93 -13.50 19.23
C TYR B 152 41.63 -14.20 19.64
N ILE B 153 41.06 -14.95 18.70
CA ILE B 153 39.80 -15.66 18.94
C ILE B 153 39.99 -16.80 19.94
N ASP B 154 41.13 -17.49 19.84
CA ASP B 154 41.44 -18.56 20.76
C ASP B 154 41.49 -18.01 22.18
N ASP B 155 42.13 -16.85 22.33
CA ASP B 155 42.23 -16.23 23.64
C ASP B 155 40.88 -15.68 24.09
N CYS B 156 40.09 -15.16 23.16
CA CYS B 156 38.74 -14.71 23.46
C CYS B 156 37.92 -15.85 24.03
N ILE B 157 38.07 -17.03 23.43
CA ILE B 157 37.37 -18.22 23.88
C ILE B 157 37.92 -18.72 25.22
N GLU B 158 39.23 -18.57 25.42
CA GLU B 158 39.84 -18.93 26.69
C GLU B 158 39.27 -18.08 27.83
N HIS B 159 39.15 -16.79 27.57
CA HIS B 159 38.69 -15.82 28.57
C HIS B 159 37.25 -16.05 29.01
N GLY B 160 36.39 -16.47 28.07
CA GLY B 160 35.01 -16.80 28.41
C GLY B 160 33.96 -16.12 27.53
N PHE B 161 34.40 -15.45 26.46
CA PHE B 161 33.47 -14.81 25.54
C PHE B 161 32.69 -15.86 24.74
N THR B 162 31.37 -15.79 24.84
CA THR B 162 30.51 -16.72 24.12
C THR B 162 30.20 -16.20 22.73
N ALA B 163 30.64 -14.99 22.44
CA ALA B 163 30.30 -14.34 21.20
C ALA B 163 31.37 -13.33 20.81
N ILE B 164 31.61 -13.22 19.51
CA ILE B 164 32.64 -12.31 19.00
C ILE B 164 32.12 -11.58 17.77
N LYS B 165 32.36 -10.27 17.70
CA LYS B 165 32.00 -9.49 16.52
C LYS B 165 33.26 -9.05 15.77
N LEU B 166 33.47 -9.66 14.61
CA LEU B 166 34.62 -9.33 13.78
C LEU B 166 34.50 -7.90 13.26
N HIS B 167 35.59 -7.14 13.38
CA HIS B 167 35.72 -5.90 12.66
C HIS B 167 36.63 -6.19 11.50
N CYS B 168 36.08 -6.12 10.29
CA CYS B 168 36.75 -6.63 9.12
C CYS B 168 37.30 -5.52 8.24
N TYR B 169 37.88 -5.92 7.11
CA TYR B 169 38.49 -4.99 6.19
C TYR B 169 37.44 -4.12 5.51
N CYS B 170 36.20 -4.59 5.50
CA CYS B 170 35.10 -3.83 4.91
C CYS B 170 35.29 -3.67 3.42
N VAL B 171 35.90 -4.68 2.80
CA VAL B 171 35.99 -4.76 1.36
C VAL B 171 35.66 -6.21 0.98
N TYR B 172 34.45 -6.40 0.43
CA TYR B 172 33.86 -7.73 0.27
C TYR B 172 34.88 -8.85 0.02
N ASP B 173 35.63 -8.75 -1.06
CA ASP B 173 36.55 -9.82 -1.46
C ASP B 173 37.40 -10.32 -0.29
N LYS B 174 38.04 -9.40 0.42
CA LYS B 174 38.89 -9.77 1.55
C LYS B 174 38.07 -10.37 2.68
N ASP B 175 36.96 -9.71 3.01
CA ASP B 175 36.09 -10.16 4.10
C ASP B 175 35.60 -11.59 3.90
N VAL B 176 35.39 -12.00 2.65
CA VAL B 176 34.94 -13.36 2.36
C VAL B 176 35.94 -14.39 2.87
N ALA B 177 37.21 -14.23 2.51
CA ALA B 177 38.24 -15.16 2.95
C ALA B 177 38.25 -15.27 4.46
N LEU B 178 38.00 -14.14 5.13
CA LEU B 178 38.02 -14.07 6.58
C LEU B 178 36.90 -14.88 7.22
N VAL B 179 35.68 -14.57 6.81
CA VAL B 179 34.49 -15.24 7.36
C VAL B 179 34.50 -16.73 7.05
N GLU B 180 34.85 -17.09 5.81
CA GLU B 180 34.92 -18.50 5.42
C GLU B 180 35.95 -19.23 6.27
N ALA B 181 37.08 -18.58 6.50
CA ALA B 181 38.15 -19.14 7.31
C ALA B 181 37.67 -19.36 8.74
N VAL B 182 37.06 -18.34 9.32
CA VAL B 182 36.61 -18.43 10.71
C VAL B 182 35.56 -19.52 10.87
N GLU B 183 34.63 -19.61 9.93
CA GLU B 183 33.58 -20.61 10.02
C GLU B 183 34.20 -21.99 9.89
N ALA B 184 35.18 -22.11 9.00
CA ALA B 184 35.86 -23.39 8.79
C ALA B 184 36.55 -23.86 10.07
N LYS B 185 37.08 -22.91 10.84
CA LYS B 185 37.91 -23.24 12.00
C LYS B 185 37.16 -23.17 13.33
N TYR B 186 36.03 -22.46 13.37
CA TYR B 186 35.29 -22.26 14.63
C TYR B 186 33.80 -22.54 14.50
N GLY B 187 33.38 -23.11 13.37
CA GLY B 187 31.96 -23.37 13.11
C GLY B 187 31.27 -24.21 14.17
N THR B 188 32.02 -25.12 14.78
CA THR B 188 31.48 -26.01 15.81
C THR B 188 31.84 -25.55 17.22
N SER B 189 32.41 -24.35 17.33
CA SER B 189 32.81 -23.79 18.63
C SER B 189 31.61 -23.48 19.53
N GLY B 190 30.45 -23.26 18.92
CA GLY B 190 29.28 -22.82 19.66
C GLY B 190 29.30 -21.31 19.86
N ILE B 191 30.44 -20.70 19.55
CA ILE B 191 30.61 -19.26 19.64
C ILE B 191 29.70 -18.56 18.64
N ARG B 192 28.98 -17.54 19.12
CA ARG B 192 28.15 -16.70 18.26
C ARG B 192 29.04 -15.67 17.56
N PHE B 193 29.01 -15.64 16.24
CA PHE B 193 29.79 -14.67 15.48
C PHE B 193 28.92 -13.58 14.85
N LEU B 195 29.23 -9.77 12.39
CA LEU B 195 30.08 -9.07 11.43
C LEU B 195 29.66 -7.63 11.24
N ASP B 196 30.63 -6.72 11.39
CA ASP B 196 30.40 -5.29 11.21
C ASP B 196 31.18 -4.81 9.99
N THR B 197 30.46 -4.35 8.96
CA THR B 197 31.11 -3.93 7.70
C THR B 197 31.06 -2.42 7.47
N ALA B 198 30.70 -1.68 8.52
CA ALA B 198 30.79 -0.21 8.52
C ALA B 198 30.15 0.49 7.32
N GLY B 199 29.15 -0.15 6.72
CA GLY B 199 28.39 0.46 5.62
C GLY B 199 29.19 0.79 4.37
N PHE B 200 30.19 -0.03 4.05
CA PHE B 200 31.01 0.22 2.87
C PHE B 200 30.80 -0.82 1.76
N TYR B 201 29.89 -1.76 1.97
CA TYR B 201 29.58 -2.74 0.93
C TYR B 201 28.65 -2.09 -0.08
N THR B 202 28.45 -2.79 -1.20
CA THR B 202 27.44 -2.43 -2.17
C THR B 202 26.21 -3.27 -1.82
N PRO B 203 25.03 -2.84 -2.27
CA PRO B 203 23.83 -3.61 -1.97
C PRO B 203 23.96 -5.08 -2.39
N GLU B 204 24.63 -5.32 -3.51
CA GLU B 204 24.79 -6.67 -4.03
C GLU B 204 25.72 -7.48 -3.12
N GLN B 205 26.86 -6.89 -2.77
CA GLN B 205 27.80 -7.54 -1.86
C GLN B 205 27.13 -7.85 -0.53
N ALA B 206 26.28 -6.93 -0.08
CA ALA B 206 25.59 -7.07 1.19
C ALA B 206 24.74 -8.34 1.25
N LYS B 208 24.91 -11.05 -0.64
CA LYS B 208 25.72 -12.26 -0.65
C LYS B 208 26.23 -12.58 0.75
N ALA B 210 25.07 -11.53 3.57
CA ALA B 210 23.96 -11.84 4.46
C ALA B 210 23.48 -13.26 4.22
N LYS B 211 23.22 -13.60 2.96
CA LYS B 211 22.77 -14.94 2.57
C LYS B 211 23.73 -15.99 3.09
N TRP B 212 25.02 -15.70 2.96
CA TRP B 212 26.06 -16.61 3.40
C TRP B 212 25.99 -16.82 4.91
N GLU B 214 23.50 -16.13 6.88
CA GLU B 214 22.23 -16.79 7.21
C GLU B 214 22.36 -18.30 7.10
N ARG B 215 22.95 -18.77 6.00
CA ARG B 215 23.09 -20.19 5.75
C ARG B 215 24.00 -20.87 6.78
N HIS B 216 24.87 -20.08 7.43
CA HIS B 216 25.78 -20.63 8.43
C HIS B 216 25.40 -20.22 9.85
N ASN B 217 24.22 -19.62 10.00
CA ASN B 217 23.69 -19.27 11.33
C ASN B 217 24.55 -18.31 12.16
N TRP B 218 25.16 -17.34 11.52
CA TRP B 218 25.85 -16.26 12.23
C TRP B 218 24.85 -15.34 12.95
N GLU B 219 25.31 -14.60 13.94
CA GLU B 219 24.43 -13.88 14.86
C GLU B 219 23.76 -12.66 14.23
N TRP B 220 24.56 -11.68 13.80
CA TRP B 220 24.03 -10.55 13.03
C TRP B 220 25.05 -9.87 12.12
N LEU B 221 24.52 -9.23 11.07
CA LEU B 221 25.30 -8.39 10.19
C LEU B 221 24.98 -6.94 10.50
N GLU B 222 26.03 -6.15 10.71
CA GLU B 222 25.89 -4.76 11.17
C GLU B 222 26.44 -3.79 10.13
N ALA B 223 25.64 -2.79 9.77
CA ALA B 223 26.06 -1.76 8.82
C ALA B 223 26.48 -2.37 7.50
N PRO B 224 25.56 -3.07 6.83
CA PRO B 224 25.85 -3.60 5.50
C PRO B 224 26.11 -2.48 4.51
N VAL B 225 25.33 -1.42 4.60
CA VAL B 225 25.48 -0.26 3.73
C VAL B 225 25.16 1.02 4.49
N SER B 226 25.18 2.15 3.79
CA SER B 226 24.82 3.43 4.39
C SER B 226 23.47 3.31 5.11
N ASP B 227 23.39 3.87 6.31
CA ASP B 227 22.16 3.79 7.10
C ASP B 227 21.00 4.44 6.35
N TYR B 228 21.33 5.22 5.34
CA TYR B 228 20.33 6.03 4.66
C TYR B 228 19.82 5.37 3.38
N ASP B 229 20.37 4.21 3.04
CA ASP B 229 19.87 3.39 1.95
C ASP B 229 18.73 2.53 2.51
N PHE B 230 17.62 3.19 2.82
CA PHE B 230 16.49 2.54 3.47
C PHE B 230 16.05 1.27 2.75
N LYS B 231 15.97 1.33 1.42
CA LYS B 231 15.40 0.22 0.64
C LYS B 231 16.29 -1.02 0.68
N THR B 232 17.60 -0.84 0.61
CA THR B 232 18.51 -1.97 0.68
C THR B 232 18.39 -2.66 2.02
N TYR B 233 18.18 -1.88 3.08
CA TYR B 233 17.95 -2.45 4.41
C TYR B 233 16.67 -3.27 4.40
N GLN B 234 15.57 -2.63 4.02
CA GLN B 234 14.28 -3.30 3.90
C GLN B 234 14.42 -4.63 3.17
N ARG B 235 15.16 -4.59 2.06
CA ARG B 235 15.33 -5.76 1.20
C ARG B 235 16.07 -6.87 1.93
N LEU B 236 17.13 -6.52 2.66
CA LEU B 236 17.90 -7.51 3.41
C LEU B 236 17.02 -8.21 4.45
N VAL B 237 16.26 -7.42 5.19
CA VAL B 237 15.39 -7.90 6.25
C VAL B 237 14.20 -8.71 5.70
N ALA B 238 13.80 -8.41 4.48
CA ALA B 238 12.63 -9.07 3.89
C ALA B 238 13.01 -10.41 3.27
N ASN B 239 14.27 -10.55 2.84
CA ASN B 239 14.70 -11.72 2.09
C ASN B 239 15.56 -12.71 2.86
N THR B 240 15.98 -12.35 4.06
CA THR B 240 16.80 -13.24 4.86
C THR B 240 16.34 -13.26 6.30
N ASP B 241 16.48 -14.40 6.96
CA ASP B 241 16.12 -14.53 8.36
C ASP B 241 17.24 -14.04 9.29
N LEU B 242 18.31 -13.52 8.69
CA LEU B 242 19.43 -12.96 9.42
C LEU B 242 19.08 -11.61 10.09
N GLU B 243 19.71 -11.36 11.23
CA GLU B 243 19.47 -10.13 11.97
C GLU B 243 20.27 -9.00 11.35
N ILE B 244 19.57 -8.04 10.77
CA ILE B 244 20.18 -6.87 10.14
C ILE B 244 20.10 -5.65 11.04
N SER B 245 21.26 -5.12 11.42
CA SER B 245 21.36 -4.02 12.36
C SER B 245 22.00 -2.82 11.67
N SER B 246 21.76 -1.63 12.22
CA SER B 246 22.27 -0.39 11.65
C SER B 246 23.68 -0.07 12.17
N HIS B 247 24.24 1.03 11.68
CA HIS B 247 25.57 1.47 12.08
C HIS B 247 25.52 1.95 13.53
N GLY B 248 24.42 2.59 13.91
CA GLY B 248 24.16 2.96 15.30
C GLY B 248 24.41 4.43 15.63
N ASN B 249 24.94 5.17 14.65
CA ASN B 249 25.31 6.56 14.88
C ASN B 249 24.70 7.55 13.88
N CYS B 250 23.69 7.12 13.13
CA CYS B 250 23.18 7.94 12.03
C CYS B 250 21.72 8.34 12.22
N LEU B 251 20.85 7.36 12.45
CA LEU B 251 19.44 7.65 12.70
C LEU B 251 19.20 7.67 14.22
N LEU B 252 19.29 8.85 14.81
CA LEU B 252 19.39 8.97 16.27
C LEU B 252 18.09 9.30 16.98
N THR B 253 17.17 9.95 16.26
CA THR B 253 15.95 10.44 16.89
C THR B 253 14.99 9.30 17.15
N LEU B 254 14.09 9.49 18.12
CA LEU B 254 13.05 8.51 18.42
C LEU B 254 12.15 8.32 17.21
N GLN B 255 11.94 9.40 16.47
CA GLN B 255 11.09 9.35 15.30
C GLN B 255 11.75 8.48 14.22
N GLU B 256 13.04 8.70 13.97
CA GLU B 256 13.76 7.92 12.95
C GLU B 256 13.74 6.44 13.29
N VAL B 257 13.88 6.12 14.57
CA VAL B 257 13.83 4.73 15.02
C VAL B 257 12.43 4.17 14.81
N THR B 258 11.42 4.94 15.21
CA THR B 258 10.03 4.51 15.08
C THR B 258 9.71 4.19 13.63
N HIS B 259 10.07 5.09 12.74
CA HIS B 259 9.83 4.91 11.31
C HIS B 259 10.52 3.65 10.79
N ALA B 260 11.78 3.48 11.17
CA ALA B 260 12.60 2.37 10.70
C ALA B 260 12.00 1.00 11.07
N LEU B 261 11.44 0.88 12.27
CA LEU B 261 10.83 -0.37 12.68
C LEU B 261 9.47 -0.56 12.02
N SER B 262 8.74 0.53 11.85
CA SER B 262 7.41 0.46 11.27
C SER B 262 7.47 -0.04 9.82
N THR B 263 8.59 0.17 9.15
CA THR B 263 8.72 -0.14 7.73
C THR B 263 9.71 -1.26 7.42
N GLY B 264 10.13 -2.01 8.43
CA GLY B 264 10.95 -3.18 8.22
C GLY B 264 12.34 -2.91 7.66
N TRP B 266 15.02 -2.62 9.92
CA TRP B 266 15.95 -3.26 10.85
C TRP B 266 15.34 -4.45 11.53
N SER B 267 16.20 -5.39 11.92
CA SER B 267 15.79 -6.56 12.68
C SER B 267 15.85 -6.23 14.14
N ASP B 268 16.57 -5.14 14.45
CA ASP B 268 16.77 -4.67 15.82
C ASP B 268 17.03 -3.17 15.76
N VAL B 269 17.17 -2.54 16.91
CA VAL B 269 17.69 -1.18 16.93
C VAL B 269 19.05 -1.19 17.62
N ARG B 270 19.99 -0.43 17.05
CA ARG B 270 21.31 -0.27 17.61
C ARG B 270 21.48 1.18 17.99
N GLN B 271 21.77 1.45 19.26
CA GLN B 271 21.83 2.81 19.75
C GLN B 271 22.88 2.93 20.84
N ASP B 272 23.37 4.14 21.05
CA ASP B 272 24.40 4.40 22.06
C ASP B 272 24.00 5.62 22.89
N ALA B 273 23.87 5.44 24.19
CA ALA B 273 23.47 6.51 25.09
C ALA B 273 24.33 7.76 24.95
N THR B 274 25.60 7.56 24.61
CA THR B 274 26.53 8.67 24.54
C THR B 274 26.44 9.40 23.22
N VAL B 275 25.54 8.93 22.35
CA VAL B 275 25.41 9.50 21.02
C VAL B 275 24.02 10.00 20.72
N CYS B 276 22.99 9.23 21.10
CA CYS B 276 21.62 9.54 20.72
C CYS B 276 20.95 10.56 21.64
N GLY B 277 21.66 11.01 22.67
CA GLY B 277 21.13 12.08 23.51
C GLY B 277 21.06 11.71 24.99
N GLY B 278 21.84 10.70 25.38
CA GLY B 278 21.96 10.33 26.77
C GLY B 278 21.05 9.20 27.21
N ILE B 279 21.03 8.98 28.52
CA ILE B 279 20.27 7.91 29.11
C ILE B 279 18.81 8.07 28.76
N THR B 280 18.37 9.33 28.73
CA THR B 280 16.95 9.67 28.62
C THR B 280 16.39 9.13 27.32
N GLN B 281 17.18 9.22 26.26
CA GLN B 281 16.73 8.88 24.91
C GLN B 281 16.89 7.40 24.59
N LEU B 282 18.00 6.81 25.02
CA LEU B 282 18.22 5.38 24.82
C LEU B 282 17.15 4.60 25.59
N ASN B 283 16.96 4.96 26.85
CA ASN B 283 15.97 4.29 27.66
C ASN B 283 14.64 4.25 26.95
N LYS B 284 14.33 5.31 26.22
CA LYS B 284 13.07 5.40 25.48
C LYS B 284 13.09 4.52 24.23
N CYS B 285 14.21 4.49 23.53
CA CYS B 285 14.35 3.62 22.35
C CYS B 285 14.16 2.16 22.73
N PHE B 286 14.55 1.78 23.94
CA PHE B 286 14.30 0.44 24.43
C PHE B 286 12.81 0.16 24.45
N ALA B 287 12.05 1.09 25.02
CA ALA B 287 10.61 0.93 25.11
C ALA B 287 9.99 0.81 23.73
N ILE B 288 10.45 1.64 22.79
CA ILE B 288 10.01 1.59 21.40
C ILE B 288 10.33 0.24 20.75
N ALA B 289 11.60 -0.15 20.79
CA ALA B 289 11.98 -1.45 20.26
C ALA B 289 11.00 -2.51 20.78
N ALA B 290 10.77 -2.52 22.09
CA ALA B 290 9.88 -3.51 22.70
C ALA B 290 8.51 -3.49 22.07
N GLY B 291 7.96 -2.30 21.86
CA GLY B 291 6.67 -2.14 21.20
C GLY B 291 6.60 -2.88 19.88
N HIS B 292 7.72 -2.89 19.15
CA HIS B 292 7.77 -3.59 17.87
C HIS B 292 8.21 -5.04 18.01
N SER B 293 8.31 -5.51 19.26
CA SER B 293 8.71 -6.88 19.55
C SER B 293 10.13 -7.12 19.09
N LYS B 294 11.03 -6.21 19.47
CA LYS B 294 12.42 -6.26 19.06
C LYS B 294 13.34 -5.94 20.22
N ASN B 295 14.64 -6.11 20.00
CA ASN B 295 15.65 -5.77 21.00
C ASN B 295 16.39 -4.53 20.55
N LEU B 296 16.94 -3.80 21.52
CA LEU B 296 17.91 -2.76 21.24
C LEU B 296 19.27 -3.31 21.61
N GLU B 297 20.12 -3.54 20.61
CA GLU B 297 21.47 -4.00 20.88
C GLU B 297 22.38 -2.79 21.10
N ILE B 298 22.64 -2.49 22.37
CA ILE B 298 23.40 -1.28 22.71
C ILE B 298 24.80 -1.28 22.10
N GLN B 299 25.17 -0.15 21.50
CA GLN B 299 26.53 0.04 21.04
C GLN B 299 27.30 0.61 22.22
N SER B 300 28.01 -0.24 22.94
CA SER B 300 28.65 0.18 24.18
C SER B 300 30.16 0.24 24.05
N GLY B 302 33.45 1.73 23.94
CA GLY B 302 33.97 3.04 24.33
C GLY B 302 34.80 2.95 25.60
N TYR B 303 35.04 4.10 26.24
CA TYR B 303 35.73 4.12 27.53
C TYR B 303 34.73 3.72 28.62
N THR B 304 35.25 3.46 29.82
CA THR B 304 34.44 2.91 30.90
C THR B 304 33.11 3.65 31.12
N LEU B 305 33.14 4.98 31.09
CA LEU B 305 31.92 5.77 31.29
C LEU B 305 30.89 5.52 30.18
N THR B 306 31.37 5.26 28.97
CA THR B 306 30.47 4.96 27.86
C THR B 306 29.87 3.58 28.04
N GLN B 307 30.72 2.63 28.40
CA GLN B 307 30.29 1.27 28.67
C GLN B 307 29.22 1.24 29.76
N ALA B 308 29.50 1.92 30.86
CA ALA B 308 28.61 1.90 32.02
C ALA B 308 27.24 2.50 31.68
N ALA B 309 27.25 3.62 30.95
CA ALA B 309 26.00 4.28 30.59
C ALA B 309 25.09 3.35 29.83
N ASN B 310 25.65 2.69 28.82
CA ASN B 310 24.87 1.77 28.00
C ASN B 310 24.50 0.50 28.75
N LEU B 311 25.44 -0.03 29.54
CA LEU B 311 25.20 -1.27 30.28
C LEU B 311 24.03 -1.14 31.26
N HIS B 312 23.98 -0.01 31.96
CA HIS B 312 22.96 0.18 32.99
C HIS B 312 21.55 0.20 32.40
N VAL B 313 21.39 0.81 31.24
CA VAL B 313 20.08 0.80 30.59
C VAL B 313 19.74 -0.60 30.13
N ALA B 314 20.68 -1.26 29.46
CA ALA B 314 20.47 -2.62 28.97
C ALA B 314 20.11 -3.57 30.10
N LEU B 315 20.68 -3.33 31.28
CA LEU B 315 20.39 -4.15 32.45
C LEU B 315 19.01 -3.86 33.05
N ALA B 316 18.42 -2.73 32.69
CA ALA B 316 17.12 -2.34 33.23
C ALA B 316 15.96 -2.92 32.42
N HIS B 317 16.24 -3.28 31.17
CA HIS B 317 15.22 -3.88 30.31
C HIS B 317 15.60 -5.30 29.92
N ASP B 318 14.61 -6.09 29.53
CA ASP B 318 14.82 -7.47 29.12
C ASP B 318 15.27 -7.56 27.67
N ASN B 319 14.86 -6.61 26.84
CA ASN B 319 14.99 -6.77 25.39
C ASN B 319 16.32 -6.28 24.82
N CYS B 320 17.39 -6.98 25.17
CA CYS B 320 18.71 -6.75 24.58
C CYS B 320 19.62 -7.91 24.92
N ASN B 321 20.21 -8.53 23.89
CA ASN B 321 20.94 -9.78 24.06
C ASN B 321 22.34 -9.63 24.67
N PHE B 322 23.10 -8.64 24.22
CA PHE B 322 24.52 -8.56 24.57
C PHE B 322 24.96 -7.18 25.05
N PHE B 323 26.02 -7.18 25.84
CA PHE B 323 26.82 -5.99 26.08
C PHE B 323 28.02 -6.08 25.16
N GLU B 324 28.42 -4.96 24.57
CA GLU B 324 29.57 -4.94 23.68
C GLU B 324 30.86 -4.69 24.48
N GLN B 325 31.74 -5.70 24.50
CA GLN B 325 33.04 -5.59 25.15
C GLN B 325 34.13 -5.46 24.09
N PHE B 326 34.74 -4.30 23.96
CA PHE B 326 35.95 -4.23 23.15
C PHE B 326 37.06 -4.98 23.90
N TYR B 327 37.79 -5.82 23.19
CA TYR B 327 38.81 -6.68 23.78
C TYR B 327 40.09 -6.64 22.95
N PRO B 328 41.25 -6.34 23.57
CA PRO B 328 41.51 -6.17 25.00
C PRO B 328 40.87 -4.93 25.64
N TYR B 329 40.94 -4.87 26.97
CA TYR B 329 40.26 -3.86 27.76
C TYR B 329 41.10 -2.60 27.92
N GLU B 330 42.40 -2.80 28.14
CA GLU B 330 43.27 -1.80 28.77
C GLU B 330 43.13 -0.35 28.25
N ALA B 331 43.13 -0.19 26.94
CA ALA B 331 43.13 1.15 26.34
C ALA B 331 41.92 1.96 26.79
N PHE B 332 40.76 1.32 26.80
CA PHE B 332 39.49 1.99 27.11
C PHE B 332 39.21 2.06 28.61
N GLU B 333 40.13 1.54 29.40
CA GLU B 333 40.06 1.66 30.86
C GLU B 333 40.87 2.87 31.33
N LEU B 334 41.27 3.71 30.39
CA LEU B 334 42.09 4.89 30.70
C LEU B 334 41.57 5.75 31.87
N ALA B 335 42.42 5.90 32.89
CA ALA B 335 42.18 6.81 33.99
C ALA B 335 40.99 6.43 34.87
N SER B 336 40.56 5.18 34.80
CA SER B 336 39.40 4.72 35.56
C SER B 336 39.81 3.76 36.67
N LYS B 337 39.25 3.97 37.86
CA LYS B 337 39.40 3.03 38.96
C LYS B 337 38.47 1.86 38.74
N THR B 338 37.32 2.14 38.12
CA THR B 338 36.34 1.11 37.82
C THR B 338 36.71 0.36 36.54
N GLN B 339 36.51 -0.95 36.54
CA GLN B 339 36.77 -1.75 35.35
C GLN B 339 35.65 -2.74 35.09
N ILE B 340 34.91 -2.55 34.01
CA ILE B 340 33.94 -3.53 33.56
C ILE B 340 34.67 -4.53 32.65
N ARG B 341 34.54 -5.82 32.99
CA ARG B 341 35.20 -6.88 32.23
C ARG B 341 34.35 -8.13 32.20
N THR B 342 34.54 -8.93 31.16
CA THR B 342 33.80 -10.18 31.00
C THR B 342 34.43 -11.26 31.87
N ASP B 343 33.58 -11.99 32.59
CA ASP B 343 34.04 -13.03 33.50
C ASP B 343 34.23 -14.35 32.75
N LYS B 344 34.32 -15.45 33.49
CA LYS B 344 34.63 -16.74 32.87
C LYS B 344 33.41 -17.38 32.21
N GLU B 345 32.21 -16.98 32.62
CA GLU B 345 31.00 -17.56 32.07
C GLU B 345 30.45 -16.73 30.90
N GLY B 346 31.18 -15.68 30.52
CA GLY B 346 30.82 -14.82 29.41
C GLY B 346 29.90 -13.68 29.78
N TYR B 347 29.85 -13.37 31.08
CA TYR B 347 28.95 -12.34 31.60
C TYR B 347 29.69 -11.06 31.97
N VAL B 348 29.02 -9.94 31.74
CA VAL B 348 29.46 -8.64 32.26
C VAL B 348 28.47 -8.21 33.35
N HIS B 349 29.00 -7.59 34.41
CA HIS B 349 28.20 -7.32 35.61
C HIS B 349 28.06 -5.84 35.88
N ALA B 350 26.95 -5.46 36.52
CA ALA B 350 26.77 -4.10 36.99
C ALA B 350 27.82 -3.78 38.03
N PRO B 351 28.57 -2.68 37.85
CA PRO B 351 29.57 -2.21 38.82
C PRO B 351 28.98 -1.98 40.20
N ALA B 352 29.84 -1.83 41.19
CA ALA B 352 29.41 -1.80 42.58
C ALA B 352 28.60 -0.56 42.91
N GLY B 353 29.17 0.61 42.69
CA GLY B 353 28.59 1.85 43.21
C GLY B 353 27.16 2.18 42.79
N ASN B 354 26.68 3.32 43.27
CA ASN B 354 25.40 3.87 42.84
C ASN B 354 25.62 4.76 41.63
N GLY B 355 24.54 5.11 40.95
CA GLY B 355 24.65 5.84 39.69
C GLY B 355 25.22 4.92 38.63
N LEU B 356 26.22 5.40 37.91
CA LEU B 356 26.90 4.59 36.90
C LEU B 356 27.80 3.54 37.55
N GLY B 357 28.15 3.76 38.81
CA GLY B 357 29.05 2.88 39.54
C GLY B 357 30.49 3.05 39.07
N VAL B 358 30.78 4.21 38.49
CA VAL B 358 32.09 4.48 37.93
C VAL B 358 32.81 5.60 38.67
N GLU B 359 34.00 5.28 39.16
CA GLU B 359 34.88 6.26 39.78
C GLU B 359 36.09 6.41 38.87
N ASP B 361 40.05 8.32 38.08
CA ASP B 361 41.26 8.77 38.76
C ASP B 361 41.61 10.16 38.26
N TRP B 362 41.23 11.16 39.02
CA TRP B 362 41.34 12.55 38.59
C TRP B 362 42.78 13.01 38.42
N ASP B 363 43.71 12.31 39.05
CA ASP B 363 45.11 12.56 38.80
C ASP B 363 45.44 12.15 37.37
N ALA B 364 44.83 11.04 36.94
CA ALA B 364 45.16 10.45 35.64
C ALA B 364 44.40 11.12 34.49
N VAL B 365 43.14 11.46 34.69
CA VAL B 365 42.40 12.19 33.67
C VAL B 365 43.03 13.56 33.47
N LYS B 366 43.43 14.19 34.57
CA LYS B 366 44.21 15.43 34.52
C LYS B 366 45.46 15.24 33.68
N GLU B 367 46.18 14.14 33.95
CA GLU B 367 47.45 13.88 33.32
C GLU B 367 47.31 13.49 31.85
N ALA B 368 46.19 12.86 31.50
CA ALA B 368 45.97 12.44 30.12
C ALA B 368 45.21 13.50 29.33
N SER B 369 44.80 14.57 30.01
CA SER B 369 44.04 15.65 29.39
C SER B 369 44.94 16.61 28.61
N PHE B 370 44.43 17.07 27.47
CA PHE B 370 45.10 18.10 26.68
C PHE B 370 44.16 19.31 26.51
N ALA B 371 43.01 19.26 27.18
CA ALA B 371 42.10 20.40 27.17
C ALA B 371 41.06 20.26 28.28
N SER B 372 40.78 21.36 28.96
CA SER B 372 39.84 21.36 30.06
C SER B 372 39.24 22.75 30.24
N TYR B 373 37.97 22.77 30.62
CA TYR B 373 37.33 24.01 31.01
C TYR B 373 36.66 23.85 32.36
N VAL B 374 36.39 24.96 33.01
CA VAL B 374 35.72 24.97 34.29
C VAL B 374 34.74 26.13 34.35
N PHE B 375 33.50 25.84 34.73
CA PHE B 375 32.46 26.87 34.86
C PHE B 375 31.89 26.79 36.26
N GLU B 376 31.58 27.95 36.85
CA GLU B 376 31.20 27.98 38.25
C GLU B 376 30.19 29.04 38.65
N GLU B 377 29.39 28.68 39.65
CA GLU B 377 28.44 29.58 40.30
C GLU B 377 29.18 30.78 40.88
N GLY B 378 28.62 31.97 40.71
CA GLY B 378 29.21 33.20 41.23
C GLY B 378 30.36 33.70 40.38
N GLU C 4 21.24 -6.83 45.98
CA GLU C 4 20.25 -6.37 46.99
C GLU C 4 19.52 -7.56 47.59
N ASP C 5 19.48 -7.61 48.91
CA ASP C 5 18.78 -8.67 49.62
C ASP C 5 17.31 -8.31 49.83
N CYS C 6 16.88 -7.16 49.28
CA CYS C 6 15.52 -6.68 49.49
C CYS C 6 14.52 -7.73 49.02
N ARG C 7 13.55 -8.05 49.88
CA ARG C 7 12.59 -9.10 49.61
C ARG C 7 11.22 -8.73 50.18
N ILE C 8 10.16 -9.21 49.52
CA ILE C 8 8.80 -9.02 50.01
C ILE C 8 8.51 -10.06 51.07
N SER C 9 8.17 -9.60 52.27
CA SER C 9 7.98 -10.49 53.42
C SER C 9 6.51 -10.82 53.61
N ARG C 10 5.64 -10.00 53.04
CA ARG C 10 4.21 -10.07 53.31
C ARG C 10 3.45 -9.24 52.29
N VAL C 11 2.26 -9.71 51.94
CA VAL C 11 1.39 -8.95 51.05
C VAL C 11 -0.03 -8.94 51.58
N GLU C 12 -0.67 -7.77 51.54
CA GLU C 12 -2.05 -7.63 51.96
C GLU C 12 -2.89 -7.25 50.76
N LEU C 13 -4.11 -7.79 50.72
CA LEU C 13 -5.08 -7.45 49.70
C LEU C 13 -6.34 -6.89 50.37
N TYR C 14 -6.88 -5.84 49.77
CA TYR C 14 -8.12 -5.24 50.28
C TYR C 14 -9.06 -4.96 49.12
N ALA C 15 -10.35 -5.14 49.35
CA ALA C 15 -11.37 -4.73 48.38
C ALA C 15 -12.41 -3.93 49.15
N LEU C 16 -12.39 -2.61 49.00
CA LEU C 16 -13.24 -1.75 49.81
C LEU C 16 -14.19 -0.88 48.98
N ALA C 17 -15.21 -0.35 49.64
CA ALA C 17 -16.23 0.46 49.00
C ALA C 17 -17.07 1.18 50.04
N ASP C 18 -17.79 2.20 49.59
CA ASP C 18 -18.67 2.97 50.46
C ASP C 18 -20.12 2.61 50.15
N GLU C 19 -20.77 1.92 51.07
CA GLU C 19 -22.13 1.45 50.86
C GLU C 19 -23.09 2.58 50.49
N ASN C 20 -22.89 3.75 51.09
CA ASN C 20 -23.80 4.87 50.91
C ASN C 20 -23.50 5.74 49.69
N ALA C 21 -22.22 5.89 49.37
CA ALA C 21 -21.79 6.72 48.24
C ALA C 21 -22.70 6.55 47.02
N PRO C 22 -22.85 7.62 46.22
CA PRO C 22 -23.73 7.61 45.05
C PRO C 22 -23.12 6.90 43.83
N PRO C 23 -23.92 6.08 43.12
CA PRO C 23 -23.47 5.41 41.92
C PRO C 23 -23.28 6.38 40.75
N ILE C 24 -22.30 6.11 39.89
CA ILE C 24 -21.97 7.00 38.78
C ILE C 24 -22.29 6.34 37.43
N PRO C 25 -23.53 6.54 36.95
CA PRO C 25 -23.98 5.92 35.69
C PRO C 25 -23.48 6.68 34.47
N TRP C 26 -22.65 6.02 33.66
CA TRP C 26 -22.12 6.64 32.44
C TRP C 26 -23.24 6.89 31.42
N ALA C 27 -23.63 5.86 30.68
CA ALA C 27 -24.65 6.00 29.65
C ALA C 27 -26.05 5.92 30.24
N ASP C 28 -27.05 6.25 29.42
CA ASP C 28 -28.45 6.12 29.84
C ASP C 28 -28.85 4.65 29.88
N ASN C 29 -29.84 4.34 30.71
CA ASN C 29 -30.32 2.98 30.88
C ASN C 29 -29.30 2.05 31.55
N GLN C 30 -28.03 2.46 31.58
CA GLN C 30 -27.00 1.69 32.27
C GLN C 30 -27.29 1.70 33.77
N GLU C 31 -27.40 0.52 34.36
CA GLU C 31 -27.77 0.38 35.76
C GLU C 31 -26.75 1.07 36.68
N PRO C 32 -27.22 1.57 37.84
CA PRO C 32 -26.31 2.21 38.79
C PRO C 32 -25.12 1.32 39.11
N LEU C 33 -23.91 1.86 38.94
CA LEU C 33 -22.69 1.08 39.15
C LEU C 33 -22.13 1.25 40.55
N LEU C 34 -21.70 0.14 41.13
CA LEU C 34 -21.08 0.12 42.45
C LEU C 34 -19.57 0.08 42.31
N TYR C 35 -18.90 1.15 42.76
CA TYR C 35 -17.45 1.27 42.62
C TYR C 35 -16.70 0.64 43.79
N THR C 36 -15.68 -0.14 43.45
CA THR C 36 -14.87 -0.86 44.41
C THR C 36 -13.40 -0.50 44.24
N ASN C 37 -12.68 -0.38 45.35
CA ASN C 37 -11.25 -0.10 45.28
C ASN C 37 -10.45 -1.33 45.69
N ASN C 38 -9.64 -1.85 44.77
CA ASN C 38 -8.84 -3.04 45.04
C ASN C 38 -7.40 -2.69 45.38
N ILE C 39 -7.11 -2.41 46.65
CA ILE C 39 -5.76 -2.05 47.08
C ILE C 39 -4.86 -3.28 47.29
N VAL C 40 -3.59 -3.11 46.94
CA VAL C 40 -2.57 -4.11 47.22
C VAL C 40 -1.46 -3.45 48.01
N ARG C 41 -1.25 -3.91 49.24
CA ARG C 41 -0.20 -3.39 50.09
C ARG C 41 0.95 -4.38 50.21
N LEU C 42 2.17 -3.90 49.99
CA LEU C 42 3.36 -4.73 50.13
C LEU C 42 4.23 -4.28 51.31
N PHE C 43 4.90 -5.25 51.94
CA PHE C 43 5.88 -4.96 52.97
C PHE C 43 7.19 -5.61 52.55
N THR C 44 8.31 -4.99 52.89
CA THR C 44 9.61 -5.64 52.67
C THR C 44 10.23 -6.01 54.02
N GLU C 45 11.32 -6.76 53.98
CA GLU C 45 11.96 -7.25 55.20
C GLU C 45 12.57 -6.15 56.05
N ASP C 46 12.90 -5.01 55.44
CA ASP C 46 13.50 -3.90 56.17
C ASP C 46 12.45 -2.85 56.59
N GLY C 47 11.19 -3.27 56.67
CA GLY C 47 10.11 -2.40 57.16
C GLY C 47 9.30 -1.71 56.06
N THR C 48 9.96 -1.39 54.95
CA THR C 48 9.37 -0.54 53.90
C THR C 48 8.05 -1.09 53.33
N GLU C 49 7.20 -0.15 52.90
CA GLU C 49 5.81 -0.45 52.57
C GLU C 49 5.46 0.10 51.17
N GLY C 50 4.84 -0.73 50.33
CA GLY C 50 4.48 -0.31 48.97
C GLY C 50 2.98 -0.37 48.72
N LEU C 51 2.43 0.72 48.19
CA LEU C 51 1.00 0.80 47.91
C LEU C 51 0.73 0.72 46.41
N GLY C 52 -0.49 0.32 46.07
CA GLY C 52 -0.90 0.18 44.67
C GLY C 52 -2.32 -0.35 44.56
N ALA C 53 -3.14 0.27 43.72
CA ALA C 53 -4.53 -0.11 43.59
C ALA C 53 -5.04 0.04 42.17
N THR C 54 -6.15 -0.66 41.88
CA THR C 54 -6.91 -0.50 40.65
C THR C 54 -8.38 -0.58 41.04
N SER C 56 -12.77 -1.07 40.24
CA SER C 56 -13.76 -1.95 39.62
C SER C 56 -15.11 -1.28 39.65
N TYR C 57 -15.93 -1.55 38.64
CA TYR C 57 -17.29 -1.01 38.59
C TYR C 57 -18.27 -2.08 38.14
N THR C 58 -19.22 -2.41 39.01
CA THR C 58 -20.12 -3.53 38.80
C THR C 58 -21.56 -3.19 39.14
N GLU C 59 -22.46 -4.10 38.79
CA GLU C 59 -23.86 -3.97 39.19
C GLU C 59 -24.18 -4.97 40.30
N ASN C 60 -25.28 -4.70 41.00
CA ASN C 60 -25.82 -5.62 42.00
C ASN C 60 -24.95 -5.75 43.25
N PHE C 61 -23.66 -6.08 43.07
CA PHE C 61 -22.74 -6.24 44.19
C PHE C 61 -21.41 -5.56 43.93
N PHE C 62 -20.78 -5.08 45.01
CA PHE C 62 -19.40 -4.63 44.92
C PHE C 62 -18.57 -5.79 44.41
N ASP C 63 -17.41 -5.48 43.83
CA ASP C 63 -16.66 -6.46 43.05
C ASP C 63 -15.62 -7.22 43.87
N ARG C 64 -15.64 -8.55 43.75
CA ARG C 64 -14.60 -9.40 44.31
C ARG C 64 -13.75 -10.05 43.20
N CYS C 65 -14.19 -9.90 41.95
CA CYS C 65 -13.50 -10.52 40.82
C CYS C 65 -12.01 -10.20 40.71
N ILE C 66 -11.65 -8.95 40.94
CA ILE C 66 -10.26 -8.55 40.88
C ILE C 66 -9.46 -9.13 42.04
N ILE C 67 -9.92 -8.89 43.27
CA ILE C 67 -9.20 -9.36 44.46
C ILE C 67 -9.02 -10.87 44.41
N GLU C 68 -9.97 -11.56 43.77
CA GLU C 68 -9.90 -13.00 43.66
C GLU C 68 -8.82 -13.41 42.67
N SER C 69 -8.66 -12.62 41.61
CA SER C 69 -7.56 -12.83 40.68
C SER C 69 -6.23 -12.61 41.39
N LEU C 70 -6.13 -11.47 42.08
CA LEU C 70 -4.92 -11.14 42.83
C LEU C 70 -4.50 -12.27 43.77
N ARG C 71 -5.50 -12.98 44.30
CA ARG C 71 -5.27 -14.07 45.23
C ARG C 71 -4.46 -15.20 44.60
N THR C 72 -4.80 -15.56 43.37
CA THR C 72 -4.13 -16.66 42.69
C THR C 72 -2.76 -16.23 42.18
N ILE C 73 -2.49 -14.92 42.22
CA ILE C 73 -1.21 -14.39 41.76
C ILE C 73 -0.21 -14.23 42.90
N VAL C 74 -0.63 -13.59 43.98
CA VAL C 74 0.31 -13.04 44.95
C VAL C 74 1.25 -14.02 45.67
N PRO C 75 0.79 -15.26 45.93
CA PRO C 75 1.64 -16.15 46.74
C PRO C 75 3.10 -16.20 46.30
N GLY C 76 3.35 -16.17 44.99
CA GLY C 76 4.71 -16.24 44.46
C GLY C 76 5.55 -14.99 44.67
N LEU C 77 4.93 -13.92 45.15
CA LEU C 77 5.64 -12.65 45.36
C LEU C 77 6.63 -12.75 46.51
N ILE C 78 6.28 -13.56 47.51
CA ILE C 78 7.10 -13.69 48.70
C ILE C 78 8.47 -14.24 48.35
N GLY C 79 9.50 -13.44 48.58
CA GLY C 79 10.86 -13.83 48.24
C GLY C 79 11.41 -13.07 47.04
N LYS C 80 10.52 -12.49 46.24
CA LYS C 80 10.95 -11.73 45.07
C LYS C 80 11.31 -10.30 45.43
N ASN C 81 12.24 -9.72 44.68
CA ASN C 81 12.73 -8.38 44.95
C ASN C 81 11.95 -7.31 44.16
N PRO C 82 11.19 -6.47 44.89
CA PRO C 82 10.32 -5.48 44.25
C PRO C 82 11.08 -4.34 43.60
N LEU C 83 12.37 -4.24 43.87
CA LEU C 83 13.19 -3.20 43.26
C LEU C 83 13.58 -3.57 41.83
N THR C 85 12.02 -4.17 39.10
CA THR C 85 10.60 -4.04 38.72
C THR C 85 10.28 -4.64 37.35
N GLN C 86 11.25 -4.65 36.45
CA GLN C 86 11.04 -5.23 35.13
C GLN C 86 10.94 -6.74 35.25
N GLU C 87 11.90 -7.35 35.95
CA GLU C 87 11.86 -8.78 36.23
C GLU C 87 10.50 -9.16 36.80
N LEU C 88 10.03 -8.39 37.78
CA LEU C 88 8.73 -8.66 38.38
C LEU C 88 7.61 -8.56 37.35
N ASN C 89 7.63 -7.49 36.55
CA ASN C 89 6.63 -7.33 35.49
C ASN C 89 6.69 -8.52 34.54
N ASN C 90 7.89 -8.90 34.14
CA ASN C 90 8.08 -10.06 33.30
C ASN C 90 7.39 -11.25 33.95
N TRP C 91 7.64 -11.43 35.25
CA TRP C 91 7.08 -12.53 36.03
C TRP C 91 5.55 -12.52 36.07
N LEU C 92 4.95 -11.33 36.17
CA LEU C 92 3.50 -11.20 36.23
C LEU C 92 2.81 -11.62 34.93
N GLY C 93 3.50 -11.45 33.80
CA GLY C 93 2.96 -11.84 32.50
C GLY C 93 2.66 -13.33 32.38
N ALA C 94 3.41 -14.14 33.11
CA ALA C 94 3.27 -15.59 33.05
C ALA C 94 2.22 -16.13 34.04
N ARG C 95 1.72 -15.27 34.92
CA ARG C 95 0.65 -15.67 35.85
C ARG C 95 -0.69 -15.76 35.13
N CYS C 96 -1.16 -16.98 34.91
CA CYS C 96 -2.42 -17.20 34.21
C CYS C 96 -3.59 -16.76 35.08
N THR C 97 -4.54 -16.07 34.47
CA THR C 97 -5.69 -15.57 35.22
C THR C 97 -6.56 -14.66 34.37
N TRP C 98 -7.86 -14.91 34.41
CA TRP C 98 -8.82 -14.11 33.66
C TRP C 98 -8.91 -12.67 34.16
N GLY C 99 -8.23 -12.39 35.27
CA GLY C 99 -8.11 -11.04 35.78
C GLY C 99 -7.18 -10.19 34.91
N GLY C 100 -6.34 -10.87 34.15
CA GLY C 100 -5.49 -10.21 33.15
C GLY C 100 -4.63 -9.08 33.66
N LEU C 101 -4.41 -8.09 32.80
CA LEU C 101 -3.47 -7.01 33.08
C LEU C 101 -3.89 -6.05 34.18
N PRO C 102 -5.21 -5.88 34.38
CA PRO C 102 -5.63 -4.94 35.41
C PRO C 102 -5.35 -5.47 36.80
N ALA C 103 -5.55 -6.77 37.01
CA ALA C 103 -5.33 -7.38 38.32
C ALA C 103 -3.86 -7.31 38.70
N LYS C 104 -2.98 -7.28 37.71
CA LYS C 104 -1.56 -7.36 37.95
C LYS C 104 -0.94 -5.99 38.18
N SER C 105 -1.56 -4.95 37.63
CA SER C 105 -1.02 -3.58 37.68
C SER C 105 -0.73 -3.08 39.11
N PRO C 106 -1.66 -3.30 40.06
CA PRO C 106 -1.46 -2.78 41.40
C PRO C 106 -0.15 -3.24 42.01
N ILE C 107 0.27 -4.43 41.62
CA ILE C 107 1.51 -5.03 42.12
C ILE C 107 2.71 -4.28 41.58
N ASP C 108 2.79 -4.18 40.27
CA ASP C 108 3.87 -3.45 39.63
C ASP C 108 3.97 -2.08 40.27
N ILE C 109 2.83 -1.40 40.38
CA ILE C 109 2.78 -0.08 40.98
C ILE C 109 3.41 -0.09 42.36
N ALA C 110 2.91 -0.96 43.23
CA ALA C 110 3.41 -1.05 44.60
C ALA C 110 4.92 -1.21 44.65
N ALA C 111 5.45 -2.10 43.81
CA ALA C 111 6.89 -2.27 43.70
C ALA C 111 7.57 -0.91 43.57
N TRP C 112 7.15 -0.13 42.59
CA TRP C 112 7.77 1.17 42.32
C TRP C 112 7.64 2.11 43.53
N ASP C 113 6.52 2.00 44.23
CA ASP C 113 6.27 2.83 45.40
C ASP C 113 7.34 2.58 46.45
N ILE C 114 7.70 1.31 46.63
CA ILE C 114 8.81 0.93 47.50
C ILE C 114 10.10 1.53 46.97
N LYS C 115 10.35 1.29 45.69
CA LYS C 115 11.53 1.84 45.02
C LYS C 115 11.69 3.34 45.28
N GLY C 116 10.60 4.08 45.21
CA GLY C 116 10.64 5.53 45.41
C GLY C 116 10.94 5.92 46.84
N LYS C 117 10.42 5.13 47.77
CA LYS C 117 10.62 5.41 49.19
C LYS C 117 12.05 5.08 49.60
N LYS C 118 12.58 3.99 49.07
CA LYS C 118 13.96 3.60 49.36
C LYS C 118 14.94 4.52 48.63
N ALA C 119 14.53 5.07 47.50
CA ALA C 119 15.35 6.07 46.83
C ALA C 119 15.29 7.37 47.61
N GLY C 120 14.16 7.61 48.25
CA GLY C 120 13.92 8.86 48.96
C GLY C 120 13.39 9.92 48.02
N PRO C 122 10.25 11.24 45.00
CA PRO C 122 8.95 11.06 44.38
C PRO C 122 9.09 10.26 43.11
N LEU C 123 8.06 9.50 42.77
CA LEU C 123 8.14 8.57 41.64
C LEU C 123 8.48 9.23 40.30
N TYR C 124 8.01 10.46 40.09
CA TYR C 124 8.20 11.14 38.80
C TYR C 124 9.68 11.51 38.59
N LEU C 126 12.07 9.47 39.52
CA LEU C 126 12.69 8.22 39.13
C LEU C 126 12.57 7.97 37.63
N LEU C 127 11.40 8.25 37.09
CA LEU C 127 11.13 7.98 35.69
C LEU C 127 11.73 9.06 34.80
N GLY C 128 11.83 10.27 35.33
CA GLY C 128 12.34 11.40 34.57
C GLY C 128 12.36 12.68 35.39
N GLY C 129 11.44 13.60 35.08
CA GLY C 129 11.36 14.87 35.77
C GLY C 129 11.14 16.01 34.79
N ALA C 130 9.90 16.20 34.37
CA ALA C 130 9.57 17.26 33.43
C ALA C 130 8.92 18.43 34.13
N ARG C 131 8.03 18.13 35.08
CA ARG C 131 7.25 19.17 35.71
C ARG C 131 6.80 18.70 37.07
N THR C 132 6.37 19.67 37.86
CA THR C 132 5.93 19.40 39.22
C THR C 132 4.41 19.40 39.29
N LYS C 133 3.79 20.08 38.33
CA LYS C 133 2.34 20.19 38.29
C LYS C 133 1.85 20.09 36.85
N ILE C 134 0.58 19.75 36.69
CA ILE C 134 -0.01 19.65 35.37
C ILE C 134 -1.42 20.21 35.38
N LYS C 135 -1.84 20.83 34.28
CA LYS C 135 -3.23 21.24 34.12
C LYS C 135 -4.08 20.00 34.25
N SER C 136 -5.26 20.14 34.83
CA SER C 136 -6.19 19.04 34.95
C SER C 136 -7.50 19.38 34.29
N TYR C 137 -8.28 18.37 33.92
CA TYR C 137 -9.64 18.58 33.49
C TYR C 137 -10.64 17.89 34.40
N ALA C 138 -11.82 18.49 34.53
CA ALA C 138 -12.88 17.95 35.37
C ALA C 138 -13.67 16.88 34.61
N SER C 139 -13.71 15.69 35.19
CA SER C 139 -14.43 14.57 34.59
C SER C 139 -15.78 14.48 35.28
N THR C 140 -16.85 14.77 34.54
CA THR C 140 -18.15 15.05 35.16
C THR C 140 -19.01 13.82 35.43
N PRO C 141 -20.03 13.98 36.28
CA PRO C 141 -21.04 12.93 36.40
C PRO C 141 -21.97 12.92 35.20
N PHE C 143 -25.99 13.78 34.44
CA PHE C 143 -27.19 14.33 35.04
C PHE C 143 -28.45 14.05 34.21
N ASP C 144 -29.51 13.62 34.89
CA ASP C 144 -30.76 13.25 34.23
C ASP C 144 -31.14 14.24 33.12
N THR C 145 -31.01 15.52 33.40
CA THR C 145 -31.38 16.57 32.44
C THR C 145 -30.16 17.39 32.04
N VAL C 146 -30.27 18.08 30.91
CA VAL C 146 -29.20 18.94 30.40
C VAL C 146 -28.98 20.16 31.30
N GLU C 147 -30.07 20.69 31.86
CA GLU C 147 -29.99 21.90 32.67
C GLU C 147 -29.10 21.71 33.89
N GLU C 148 -29.16 20.50 34.47
CA GLU C 148 -28.38 20.19 35.68
C GLU C 148 -26.88 20.31 35.48
N TYR C 149 -26.43 20.38 34.22
CA TYR C 149 -25.02 20.52 33.92
C TYR C 149 -24.50 21.95 34.11
N PHE C 150 -25.39 22.94 33.93
CA PHE C 150 -24.97 24.34 33.93
C PHE C 150 -24.37 24.81 35.26
N PRO C 151 -25.03 24.49 36.38
CA PRO C 151 -24.45 24.88 37.68
C PRO C 151 -23.17 24.14 38.00
N TYR C 152 -23.11 22.85 37.64
CA TYR C 152 -21.89 22.05 37.84
C TYR C 152 -20.72 22.68 37.09
N ILE C 153 -20.98 23.08 35.85
CA ILE C 153 -19.97 23.75 35.05
C ILE C 153 -19.59 25.09 35.66
N ASP C 154 -20.59 25.85 36.10
CA ASP C 154 -20.37 27.11 36.82
C ASP C 154 -19.45 26.88 38.02
N ASP C 155 -19.69 25.78 38.73
CA ASP C 155 -18.88 25.43 39.89
C ASP C 155 -17.45 25.08 39.50
N CYS C 156 -17.30 24.31 38.43
CA CYS C 156 -15.98 23.92 37.94
C CYS C 156 -15.15 25.15 37.58
N ILE C 157 -15.77 26.07 36.83
CA ILE C 157 -15.07 27.25 36.37
C ILE C 157 -14.63 28.11 37.55
N GLU C 158 -15.49 28.25 38.54
CA GLU C 158 -15.17 29.02 39.73
C GLU C 158 -14.05 28.34 40.51
N HIS C 159 -14.04 27.01 40.50
CA HIS C 159 -13.07 26.24 41.26
C HIS C 159 -11.65 26.41 40.70
N GLY C 160 -11.53 26.60 39.39
CA GLY C 160 -10.23 26.79 38.74
C GLY C 160 -9.93 25.88 37.55
N PHE C 161 -10.80 24.92 37.28
CA PHE C 161 -10.61 24.04 36.12
C PHE C 161 -10.59 24.84 34.82
N THR C 162 -9.62 24.57 33.94
CA THR C 162 -9.58 25.22 32.64
C THR C 162 -10.02 24.27 31.53
N ALA C 163 -10.41 23.06 31.93
CA ALA C 163 -10.90 22.06 31.00
C ALA C 163 -11.87 21.16 31.72
N ILE C 164 -12.90 20.72 31.01
CA ILE C 164 -13.89 19.84 31.60
C ILE C 164 -14.35 18.83 30.55
N LYS C 165 -14.46 17.58 30.97
CA LYS C 165 -14.80 16.49 30.06
C LYS C 165 -16.16 15.93 30.44
N LEU C 166 -17.10 16.06 29.52
CA LEU C 166 -18.49 15.68 29.78
C LEU C 166 -18.71 14.18 29.63
N HIS C 167 -19.27 13.57 30.65
CA HIS C 167 -19.81 12.23 30.52
C HIS C 167 -21.29 12.37 30.22
N CYS C 168 -21.70 11.86 29.06
CA CYS C 168 -23.02 12.12 28.54
C CYS C 168 -23.90 10.89 28.58
N TYR C 169 -25.04 10.99 27.92
CA TYR C 169 -26.02 9.91 27.88
C TYR C 169 -25.54 8.79 26.96
N CYS C 170 -24.58 9.11 26.09
CA CYS C 170 -24.09 8.16 25.10
C CYS C 170 -25.26 7.68 24.24
N VAL C 171 -26.04 8.65 23.78
CA VAL C 171 -27.12 8.39 22.82
C VAL C 171 -27.18 9.62 21.92
N TYR C 172 -26.64 9.49 20.72
CA TYR C 172 -26.45 10.61 19.82
C TYR C 172 -27.45 11.76 20.04
N ASP C 173 -28.74 11.45 19.98
CA ASP C 173 -29.77 12.49 19.92
C ASP C 173 -30.00 13.23 21.24
N LYS C 174 -29.63 12.63 22.36
CA LYS C 174 -29.72 13.30 23.65
C LYS C 174 -28.41 14.02 23.97
N ASP C 175 -27.35 13.71 23.22
CA ASP C 175 -26.06 14.37 23.41
C ASP C 175 -25.96 15.62 22.55
N VAL C 176 -26.75 15.68 21.48
CA VAL C 176 -26.74 16.83 20.58
C VAL C 176 -27.21 18.11 21.29
N ALA C 177 -28.26 18.00 22.10
CA ALA C 177 -28.76 19.15 22.85
C ALA C 177 -27.79 19.50 23.97
N LEU C 178 -27.16 18.47 24.54
CA LEU C 178 -26.21 18.65 25.62
C LEU C 178 -25.01 19.46 25.14
N VAL C 179 -24.46 19.04 24.01
CA VAL C 179 -23.29 19.68 23.43
C VAL C 179 -23.61 21.07 22.87
N GLU C 180 -24.71 21.18 22.12
CA GLU C 180 -25.09 22.47 21.54
C GLU C 180 -25.42 23.49 22.62
N ALA C 181 -26.06 23.03 23.69
CA ALA C 181 -26.41 23.90 24.82
C ALA C 181 -25.15 24.42 25.51
N VAL C 182 -24.24 23.51 25.81
CA VAL C 182 -23.01 23.87 26.51
C VAL C 182 -22.19 24.84 25.68
N GLU C 183 -22.15 24.61 24.36
CA GLU C 183 -21.37 25.47 23.47
C GLU C 183 -21.96 26.86 23.39
N ALA C 184 -23.29 26.94 23.25
CA ALA C 184 -23.96 28.23 23.19
C ALA C 184 -23.49 29.16 24.30
N LYS C 185 -23.55 28.66 25.54
CA LYS C 185 -23.17 29.45 26.72
C LYS C 185 -21.65 29.58 26.87
N TYR C 186 -20.98 28.47 27.13
CA TYR C 186 -19.57 28.50 27.52
C TYR C 186 -18.61 28.44 26.33
N GLY C 187 -19.14 28.36 25.12
CA GLY C 187 -18.32 28.24 23.92
C GLY C 187 -17.24 29.31 23.83
N THR C 188 -17.48 30.47 24.43
CA THR C 188 -16.55 31.58 24.36
C THR C 188 -15.82 31.81 25.67
N SER C 189 -16.06 30.95 26.66
CA SER C 189 -15.53 31.17 28.01
C SER C 189 -14.00 31.02 28.07
N GLY C 190 -13.45 30.10 27.29
CA GLY C 190 -12.02 29.79 27.33
C GLY C 190 -11.79 28.36 27.78
N ILE C 191 -12.84 27.74 28.31
CA ILE C 191 -12.78 26.37 28.82
C ILE C 191 -12.71 25.34 27.68
N ARG C 192 -11.71 24.46 27.75
CA ARG C 192 -11.58 23.37 26.77
C ARG C 192 -12.51 22.24 27.16
N PHE C 193 -13.45 21.90 26.27
CA PHE C 193 -14.39 20.82 26.53
C PHE C 193 -13.99 19.53 25.86
N LEU C 195 -15.42 15.14 25.39
CA LEU C 195 -16.62 14.31 25.36
C LEU C 195 -16.27 12.82 25.36
N ASP C 196 -16.89 12.07 26.27
CA ASP C 196 -16.71 10.63 26.33
C ASP C 196 -18.03 9.96 25.99
N THR C 197 -18.01 9.13 24.94
CA THR C 197 -19.22 8.48 24.43
C THR C 197 -19.20 7.00 24.74
N ALA C 198 -18.16 6.55 25.44
CA ALA C 198 -18.08 5.17 25.93
C ALA C 198 -18.28 4.12 24.85
N GLY C 199 -17.91 4.47 23.61
CA GLY C 199 -17.97 3.55 22.48
C GLY C 199 -19.35 3.04 22.14
N PHE C 200 -20.35 3.92 22.24
CA PHE C 200 -21.74 3.52 22.09
C PHE C 200 -22.34 3.93 20.75
N TYR C 201 -21.69 4.86 20.06
CA TYR C 201 -22.26 5.42 18.83
C TYR C 201 -22.08 4.47 17.66
N THR C 202 -22.84 4.74 16.60
CA THR C 202 -22.61 4.11 15.31
C THR C 202 -21.56 4.94 14.58
N PRO C 203 -20.83 4.32 13.64
CA PRO C 203 -19.85 5.07 12.85
C PRO C 203 -20.41 6.37 12.25
N GLU C 204 -21.68 6.35 11.83
CA GLU C 204 -22.30 7.53 11.20
C GLU C 204 -22.41 8.68 12.19
N GLN C 205 -22.76 8.35 13.43
CA GLN C 205 -22.98 9.35 14.46
C GLN C 205 -21.67 9.96 14.96
N ALA C 206 -20.68 9.10 15.19
CA ALA C 206 -19.34 9.55 15.57
C ALA C 206 -18.80 10.61 14.61
N LYS C 208 -20.52 12.60 12.48
CA LYS C 208 -21.29 13.82 12.65
C LYS C 208 -20.77 14.57 13.86
N ALA C 210 -18.11 14.29 15.59
CA ALA C 210 -16.73 14.71 15.45
C ALA C 210 -16.64 15.99 14.64
N LYS C 211 -17.29 16.00 13.49
CA LYS C 211 -17.29 17.17 12.61
C LYS C 211 -17.77 18.39 13.38
N TRP C 212 -18.89 18.20 14.08
CA TRP C 212 -19.46 19.27 14.88
C TRP C 212 -18.44 19.83 15.85
N GLU C 214 -15.13 19.50 15.87
CA GLU C 214 -14.05 20.12 15.13
C GLU C 214 -14.38 21.58 14.87
N ARG C 215 -15.59 21.82 14.37
CA ARG C 215 -16.02 23.18 14.00
C ARG C 215 -16.07 24.14 15.20
N HIS C 216 -16.24 23.60 16.40
CA HIS C 216 -16.30 24.43 17.60
C HIS C 216 -15.01 24.44 18.42
N ASN C 217 -14.05 23.61 18.04
CA ASN C 217 -12.77 23.55 18.75
C ASN C 217 -12.92 22.98 20.15
N TRP C 218 -13.61 21.86 20.25
CA TRP C 218 -13.58 21.06 21.46
C TRP C 218 -12.25 20.33 21.49
N GLU C 219 -11.85 19.85 22.66
CA GLU C 219 -10.48 19.36 22.86
C GLU C 219 -10.26 17.95 22.31
N TRP C 220 -11.13 17.01 22.65
CA TRP C 220 -11.08 15.68 22.04
C TRP C 220 -12.35 14.88 22.21
N LEU C 221 -12.55 13.92 21.31
CA LEU C 221 -13.66 12.98 21.36
C LEU C 221 -13.09 11.62 21.74
N GLU C 222 -13.61 11.05 22.82
CA GLU C 222 -13.06 9.84 23.40
C GLU C 222 -14.04 8.69 23.25
N ALA C 223 -13.52 7.50 22.93
CA ALA C 223 -14.33 6.30 22.83
C ALA C 223 -15.52 6.53 21.91
N PRO C 224 -15.26 7.00 20.69
CA PRO C 224 -16.34 7.25 19.76
C PRO C 224 -17.13 5.98 19.46
N VAL C 225 -16.42 4.90 19.14
CA VAL C 225 -17.06 3.60 18.90
C VAL C 225 -16.23 2.51 19.58
N SER C 226 -16.65 1.26 19.41
CA SER C 226 -15.87 0.15 19.93
C SER C 226 -14.41 0.31 19.56
N ASP C 227 -13.54 0.18 20.55
CA ASP C 227 -12.11 0.32 20.32
C ASP C 227 -11.59 -0.68 19.30
N TYR C 228 -12.43 -1.65 18.95
CA TYR C 228 -12.03 -2.70 18.05
C TYR C 228 -12.43 -2.42 16.60
N ASP C 229 -13.27 -1.41 16.39
CA ASP C 229 -13.58 -0.94 15.05
C ASP C 229 -12.42 -0.08 14.57
N PHE C 230 -11.40 -0.73 14.03
CA PHE C 230 -10.17 -0.05 13.64
C PHE C 230 -10.37 0.93 12.49
N LYS C 231 -11.20 0.58 11.51
CA LYS C 231 -11.33 1.43 10.33
C LYS C 231 -12.09 2.73 10.59
N THR C 232 -13.07 2.68 11.49
CA THR C 232 -13.85 3.88 11.80
C THR C 232 -12.95 4.88 12.52
N TYR C 233 -12.06 4.36 13.38
CA TYR C 233 -11.11 5.23 14.07
C TYR C 233 -10.19 5.85 13.05
N GLN C 234 -9.71 5.02 12.13
CA GLN C 234 -8.81 5.48 11.10
C GLN C 234 -9.46 6.61 10.32
N ARG C 235 -10.74 6.42 10.02
CA ARG C 235 -11.53 7.36 9.22
C ARG C 235 -11.73 8.68 9.94
N LEU C 236 -12.15 8.59 11.21
CA LEU C 236 -12.28 9.76 12.04
C LEU C 236 -10.99 10.56 12.05
N VAL C 237 -9.85 9.88 12.25
CA VAL C 237 -8.56 10.57 12.33
C VAL C 237 -8.14 11.14 10.98
N ALA C 238 -8.54 10.48 9.89
CA ALA C 238 -8.13 10.92 8.56
C ALA C 238 -8.94 12.10 8.04
N ASN C 239 -10.19 12.24 8.47
CA ASN C 239 -11.11 13.25 7.91
C ASN C 239 -11.49 14.37 8.87
N THR C 240 -10.83 14.42 10.02
CA THR C 240 -11.05 15.52 10.94
C THR C 240 -9.73 15.86 11.61
N ASP C 241 -9.58 17.12 11.98
CA ASP C 241 -8.40 17.58 12.68
C ASP C 241 -8.66 17.53 14.19
N LEU C 242 -9.80 16.96 14.56
CA LEU C 242 -10.15 16.78 15.96
C LEU C 242 -9.27 15.67 16.55
N GLU C 243 -9.04 15.74 17.85
CA GLU C 243 -8.26 14.74 18.54
C GLU C 243 -9.15 13.54 18.84
N ILE C 244 -8.78 12.38 18.28
CA ILE C 244 -9.52 11.15 18.50
C ILE C 244 -8.74 10.21 19.43
N SER C 245 -9.28 10.00 20.62
CA SER C 245 -8.64 9.14 21.62
C SER C 245 -9.49 7.89 21.73
N SER C 246 -8.93 6.81 22.29
CA SER C 246 -9.67 5.55 22.44
C SER C 246 -10.39 5.52 23.79
N HIS C 247 -11.02 4.39 24.11
CA HIS C 247 -11.67 4.21 25.40
C HIS C 247 -10.64 3.99 26.50
N GLY C 248 -9.51 3.40 26.12
CA GLY C 248 -8.35 3.32 27.02
C GLY C 248 -8.24 2.09 27.91
N ASN C 249 -9.12 1.13 27.71
CA ASN C 249 -9.13 -0.09 28.52
C ASN C 249 -9.27 -1.36 27.72
N CYS C 250 -8.99 -1.29 26.42
CA CYS C 250 -9.20 -2.42 25.54
C CYS C 250 -7.91 -2.85 24.86
N LEU C 251 -7.28 -1.93 24.13
CA LEU C 251 -5.99 -2.21 23.51
C LEU C 251 -4.87 -1.81 24.48
N LEU C 252 -4.45 -2.74 25.33
CA LEU C 252 -3.54 -2.43 26.45
C LEU C 252 -2.06 -2.68 26.15
N THR C 253 -1.78 -3.66 25.31
CA THR C 253 -0.39 -4.08 25.07
C THR C 253 0.41 -3.01 24.34
N LEU C 254 1.72 -3.03 24.54
CA LEU C 254 2.62 -2.16 23.81
C LEU C 254 2.46 -2.37 22.30
N GLN C 255 2.31 -3.63 21.90
CA GLN C 255 2.22 -3.96 20.48
C GLN C 255 0.94 -3.38 19.86
N GLU C 256 -0.17 -3.57 20.55
CA GLU C 256 -1.44 -3.02 20.09
C GLU C 256 -1.30 -1.50 19.93
N VAL C 257 -0.61 -0.88 20.87
CA VAL C 257 -0.38 0.57 20.82
C VAL C 257 0.51 0.94 19.63
N THR C 258 1.63 0.24 19.47
CA THR C 258 2.57 0.54 18.40
C THR C 258 1.85 0.43 17.06
N HIS C 259 0.93 -0.52 16.99
CA HIS C 259 0.15 -0.75 15.78
C HIS C 259 -0.92 0.34 15.59
N ALA C 260 -1.55 0.74 16.68
CA ALA C 260 -2.63 1.72 16.62
C ALA C 260 -2.13 3.03 16.03
N LEU C 261 -1.00 3.52 16.53
CA LEU C 261 -0.42 4.76 16.03
C LEU C 261 0.18 4.52 14.66
N SER C 262 0.82 3.38 14.46
CA SER C 262 1.44 3.07 13.18
C SER C 262 0.46 3.15 12.00
N THR C 263 -0.80 2.84 12.24
CA THR C 263 -1.78 2.79 11.16
C THR C 263 -2.79 3.96 11.18
N GLY C 264 -2.64 4.88 12.11
CA GLY C 264 -3.44 6.09 12.12
C GLY C 264 -4.80 5.97 12.79
N TRP C 266 -5.35 6.46 16.01
CA TRP C 266 -5.44 7.32 17.17
C TRP C 266 -4.71 8.67 16.99
N SER C 267 -5.27 9.69 17.63
CA SER C 267 -4.66 11.02 17.70
C SER C 267 -3.74 11.07 18.91
N ASP C 268 -3.90 10.09 19.80
CA ASP C 268 -3.18 10.02 21.07
C ASP C 268 -3.27 8.61 21.66
N VAL C 269 -2.60 8.37 22.77
CA VAL C 269 -2.78 7.10 23.46
C VAL C 269 -3.41 7.31 24.84
N ARG C 270 -4.50 6.60 25.10
CA ARG C 270 -5.21 6.69 26.37
C ARG C 270 -4.97 5.44 27.18
N GLN C 271 -4.19 5.58 28.24
CA GLN C 271 -3.79 4.44 29.02
C GLN C 271 -3.92 4.74 30.52
N ASP C 272 -3.96 3.67 31.31
CA ASP C 272 -4.05 3.80 32.74
C ASP C 272 -3.12 2.77 33.38
N ALA C 273 -2.13 3.27 34.13
CA ALA C 273 -1.15 2.40 34.77
C ALA C 273 -1.81 1.28 35.57
N THR C 274 -2.99 1.55 36.11
CA THR C 274 -3.69 0.57 36.92
C THR C 274 -4.42 -0.48 36.08
N VAL C 275 -4.23 -0.42 34.76
CA VAL C 275 -4.96 -1.29 33.84
C VAL C 275 -4.05 -1.95 32.78
N CYS C 276 -3.11 -1.19 32.25
CA CYS C 276 -2.26 -1.69 31.18
C CYS C 276 -1.01 -2.40 31.66
N GLY C 277 -0.94 -2.68 32.96
CA GLY C 277 0.15 -3.50 33.50
C GLY C 277 1.07 -2.78 34.47
N GLY C 278 0.68 -1.60 34.94
CA GLY C 278 1.46 -0.86 35.92
C GLY C 278 2.31 0.28 35.37
N ILE C 279 3.11 0.87 36.25
CA ILE C 279 3.99 1.97 35.90
C ILE C 279 4.95 1.56 34.82
N THR C 280 5.48 0.34 34.95
CA THR C 280 6.43 -0.20 34.00
C THR C 280 5.90 -0.06 32.58
N GLN C 281 4.62 -0.43 32.39
CA GLN C 281 4.00 -0.42 31.06
C GLN C 281 3.58 0.97 30.60
N LEU C 282 2.93 1.74 31.46
CA LEU C 282 2.53 3.10 31.10
C LEU C 282 3.77 3.90 30.71
N ASN C 283 4.81 3.84 31.55
CA ASN C 283 6.03 4.57 31.29
C ASN C 283 6.56 4.26 29.90
N LYS C 284 6.37 3.01 29.46
CA LYS C 284 6.85 2.61 28.15
C LYS C 284 6.01 3.25 27.03
N CYS C 285 4.70 3.17 27.17
CA CYS C 285 3.78 3.73 26.17
C CYS C 285 4.00 5.23 25.97
N PHE C 286 4.46 5.92 27.01
CA PHE C 286 4.80 7.33 26.88
C PHE C 286 5.89 7.53 25.83
N ALA C 287 6.92 6.70 25.88
CA ALA C 287 8.05 6.85 24.95
C ALA C 287 7.63 6.40 23.58
N ILE C 288 6.76 5.41 23.51
CA ILE C 288 6.21 4.97 22.23
C ILE C 288 5.42 6.12 21.60
N ALA C 289 4.57 6.74 22.41
CA ALA C 289 3.79 7.88 21.97
C ALA C 289 4.72 8.97 21.44
N ALA C 290 5.75 9.31 22.21
CA ALA C 290 6.74 10.30 21.78
C ALA C 290 7.32 9.90 20.42
N GLY C 291 7.71 8.64 20.30
CA GLY C 291 8.29 8.14 19.07
C GLY C 291 7.41 8.41 17.86
N HIS C 292 6.10 8.35 18.07
CA HIS C 292 5.14 8.66 17.01
C HIS C 292 4.73 10.14 17.03
N SER C 293 5.44 10.95 17.82
CA SER C 293 5.17 12.39 17.91
C SER C 293 3.77 12.69 18.41
N LYS C 294 3.32 11.92 19.41
CA LYS C 294 2.01 12.10 19.99
C LYS C 294 2.08 12.19 21.52
N ASN C 295 0.94 12.49 22.13
CA ASN C 295 0.83 12.53 23.57
C ASN C 295 0.15 11.28 24.08
N LEU C 296 0.43 10.92 25.33
CA LEU C 296 -0.38 9.93 26.04
C LEU C 296 -1.23 10.68 27.04
N GLU C 297 -2.54 10.46 27.00
CA GLU C 297 -3.43 11.13 27.93
C GLU C 297 -3.84 10.15 29.01
N ILE C 298 -3.26 10.33 30.20
CA ILE C 298 -3.49 9.43 31.32
C ILE C 298 -4.98 9.33 31.65
N GLN C 299 -5.49 8.11 31.62
CA GLN C 299 -6.81 7.82 32.17
C GLN C 299 -6.68 7.66 33.68
N SER C 300 -6.76 8.76 34.41
CA SER C 300 -6.42 8.77 35.82
C SER C 300 -7.65 8.83 36.73
N GLY C 302 -10.23 7.59 39.08
CA GLY C 302 -10.20 6.49 40.04
C GLY C 302 -9.96 7.04 41.44
N TYR C 303 -9.66 6.14 42.37
CA TYR C 303 -9.33 6.54 43.74
C TYR C 303 -7.93 7.15 43.79
N THR C 304 -7.57 7.69 44.96
CA THR C 304 -6.35 8.48 45.08
C THR C 304 -5.13 7.74 44.54
N LEU C 305 -4.95 6.48 44.90
CA LEU C 305 -3.81 5.71 44.45
C LEU C 305 -3.78 5.62 42.93
N THR C 306 -4.92 5.36 42.32
CA THR C 306 -4.98 5.33 40.86
C THR C 306 -4.47 6.65 40.31
N GLN C 307 -4.93 7.75 40.89
CA GLN C 307 -4.54 9.08 40.46
C GLN C 307 -3.02 9.23 40.51
N ALA C 308 -2.45 8.96 41.69
CA ALA C 308 -1.02 9.14 41.92
C ALA C 308 -0.16 8.36 40.92
N ALA C 309 -0.53 7.09 40.68
CA ALA C 309 0.26 6.25 39.79
C ALA C 309 0.39 6.88 38.41
N ASN C 310 -0.74 7.38 37.91
CA ASN C 310 -0.77 8.00 36.60
C ASN C 310 -0.13 9.40 36.59
N LEU C 311 -0.37 10.18 37.63
CA LEU C 311 0.16 11.54 37.71
C LEU C 311 1.69 11.55 37.70
N HIS C 312 2.29 10.59 38.40
CA HIS C 312 3.75 10.55 38.52
C HIS C 312 4.42 10.25 37.18
N VAL C 313 3.83 9.35 36.41
CA VAL C 313 4.35 9.05 35.10
C VAL C 313 4.15 10.27 34.21
N ALA C 314 2.99 10.91 34.32
CA ALA C 314 2.69 12.08 33.48
C ALA C 314 3.63 13.25 33.74
N LEU C 315 4.03 13.44 35.00
CA LEU C 315 4.95 14.52 35.37
C LEU C 315 6.38 14.18 34.98
N ALA C 316 6.65 12.90 34.73
CA ALA C 316 7.97 12.45 34.31
C ALA C 316 8.27 12.79 32.85
N HIS C 317 7.21 12.97 32.06
CA HIS C 317 7.34 13.21 30.63
C HIS C 317 6.65 14.52 30.20
N ASP C 318 7.01 15.04 29.03
CA ASP C 318 6.39 16.26 28.51
C ASP C 318 5.10 15.97 27.78
N ASN C 319 5.04 14.84 27.07
CA ASN C 319 3.95 14.58 26.13
C ASN C 319 2.67 14.08 26.79
N CYS C 320 2.09 14.93 27.62
CA CYS C 320 0.76 14.72 28.16
C CYS C 320 0.19 16.07 28.53
N ASN C 321 -1.01 16.38 28.06
CA ASN C 321 -1.60 17.69 28.29
C ASN C 321 -2.29 17.82 29.65
N PHE C 322 -3.10 16.84 30.05
CA PHE C 322 -3.88 16.96 31.28
C PHE C 322 -3.76 15.79 32.24
N PHE C 323 -4.25 16.00 33.45
CA PHE C 323 -4.55 14.95 34.43
C PHE C 323 -6.06 14.90 34.62
N GLU C 324 -6.61 13.69 34.69
CA GLU C 324 -8.06 13.53 34.82
C GLU C 324 -8.50 13.64 36.28
N GLN C 325 -9.38 14.60 36.54
CA GLN C 325 -9.92 14.83 37.87
C GLN C 325 -11.41 14.59 37.87
N PHE C 326 -11.87 13.51 38.48
CA PHE C 326 -13.30 13.40 38.70
C PHE C 326 -13.66 14.43 39.75
N TYR C 327 -14.84 15.03 39.60
CA TYR C 327 -15.25 16.14 40.45
C TYR C 327 -16.76 16.04 40.65
N PRO C 328 -17.23 16.04 41.91
CA PRO C 328 -16.51 16.29 43.16
C PRO C 328 -15.56 15.16 43.58
N TYR C 329 -14.56 15.52 44.38
CA TYR C 329 -13.48 14.61 44.74
C TYR C 329 -13.94 13.53 45.72
N GLU C 330 -14.67 13.98 46.73
CA GLU C 330 -14.90 13.22 47.97
C GLU C 330 -14.96 11.70 47.83
N ALA C 331 -15.90 11.18 47.05
CA ALA C 331 -16.08 9.74 46.93
C ALA C 331 -14.77 9.00 46.70
N PHE C 332 -13.92 9.54 45.84
CA PHE C 332 -12.67 8.88 45.45
C PHE C 332 -11.49 9.10 46.43
N GLU C 333 -11.75 9.76 47.55
CA GLU C 333 -10.75 9.93 48.59
C GLU C 333 -11.03 9.00 49.76
N LEU C 334 -11.71 7.89 49.47
CA LEU C 334 -12.10 6.94 50.50
C LEU C 334 -10.90 6.34 51.22
N ALA C 335 -10.70 6.74 52.47
CA ALA C 335 -9.67 6.14 53.34
C ALA C 335 -8.26 6.58 52.97
N SER C 336 -8.11 7.84 52.57
CA SER C 336 -6.82 8.34 52.14
C SER C 336 -6.38 9.57 52.93
N LYS C 337 -5.29 9.44 53.69
CA LYS C 337 -4.70 10.60 54.35
C LYS C 337 -4.20 11.62 53.33
N THR C 338 -4.18 11.24 52.05
CA THR C 338 -3.71 12.12 50.98
C THR C 338 -4.84 12.50 50.02
N GLN C 339 -4.87 13.77 49.61
CA GLN C 339 -5.87 14.25 48.66
C GLN C 339 -5.21 14.92 47.46
N ILE C 340 -5.55 14.48 46.26
CA ILE C 340 -5.09 15.15 45.06
C ILE C 340 -6.24 16.01 44.55
N ARG C 341 -5.98 17.30 44.39
CA ARG C 341 -7.02 18.26 44.02
C ARG C 341 -6.47 19.38 43.17
N THR C 342 -7.39 20.16 42.59
CA THR C 342 -7.03 21.18 41.60
C THR C 342 -7.08 22.58 42.19
N ASP C 343 -5.99 23.33 42.01
CA ASP C 343 -5.86 24.65 42.61
C ASP C 343 -6.57 25.73 41.79
N LYS C 344 -6.54 26.95 42.29
CA LYS C 344 -7.32 28.02 41.70
C LYS C 344 -6.88 28.36 40.28
N GLU C 345 -5.69 27.93 39.90
CA GLU C 345 -5.18 28.15 38.55
C GLU C 345 -5.39 26.94 37.65
N GLY C 346 -5.94 25.86 38.21
CA GLY C 346 -6.28 24.67 37.43
C GLY C 346 -5.21 23.61 37.34
N TYR C 347 -4.27 23.63 38.28
CA TYR C 347 -3.18 22.64 38.35
C TYR C 347 -3.39 21.64 39.47
N VAL C 348 -2.98 20.39 39.24
CA VAL C 348 -2.72 19.47 40.32
C VAL C 348 -1.20 19.38 40.46
N HIS C 349 -0.72 19.02 41.64
CA HIS C 349 0.71 18.97 41.91
C HIS C 349 1.07 17.59 42.38
N ALA C 350 2.35 17.26 42.28
CA ALA C 350 2.85 16.00 42.80
C ALA C 350 2.65 15.99 44.30
N PRO C 351 1.94 14.98 44.83
CA PRO C 351 1.82 14.90 46.27
C PRO C 351 3.18 14.96 46.92
N ALA C 352 3.28 15.68 48.03
CA ALA C 352 4.50 15.68 48.81
C ALA C 352 4.75 14.27 49.32
N GLY C 353 6.01 13.87 49.31
CA GLY C 353 6.37 12.54 49.77
C GLY C 353 6.97 11.74 48.64
N ASN C 354 7.62 10.65 49.01
CA ASN C 354 8.32 9.82 48.04
C ASN C 354 7.43 8.67 47.58
N GLY C 355 7.85 8.00 46.52
CA GLY C 355 7.01 7.01 45.87
C GLY C 355 5.77 7.71 45.35
N LEU C 356 4.64 7.02 45.36
CA LEU C 356 3.38 7.62 44.94
C LEU C 356 3.08 8.90 45.71
N GLY C 357 3.61 9.02 46.92
CA GLY C 357 3.39 10.19 47.77
C GLY C 357 2.05 10.12 48.47
N VAL C 358 1.51 8.90 48.54
CA VAL C 358 0.18 8.66 49.07
C VAL C 358 0.25 7.87 50.35
N GLU C 359 -0.52 8.29 51.35
CA GLU C 359 -0.69 7.55 52.59
C GLU C 359 -2.17 7.20 52.77
N ASP C 361 -5.32 5.69 55.43
CA ASP C 361 -5.74 5.46 56.80
C ASP C 361 -6.18 4.00 56.91
N TRP C 362 -5.34 3.18 57.52
CA TRP C 362 -5.52 1.74 57.49
C TRP C 362 -6.64 1.24 58.39
N ASP C 363 -7.01 2.04 59.39
CA ASP C 363 -8.23 1.78 60.13
C ASP C 363 -9.40 1.90 59.16
N ALA C 364 -9.45 3.03 58.47
CA ALA C 364 -10.57 3.38 57.59
C ALA C 364 -10.75 2.40 56.44
N VAL C 365 -9.65 1.87 55.90
CA VAL C 365 -9.75 0.91 54.81
C VAL C 365 -10.36 -0.38 55.32
N LYS C 366 -9.85 -0.88 56.45
CA LYS C 366 -10.37 -2.10 57.05
C LYS C 366 -11.84 -1.93 57.43
N GLU C 367 -12.20 -0.74 57.88
CA GLU C 367 -13.58 -0.47 58.27
C GLU C 367 -14.52 -0.68 57.09
N ALA C 368 -14.06 -0.29 55.90
CA ALA C 368 -14.87 -0.42 54.69
C ALA C 368 -14.35 -1.52 53.77
N SER C 369 -13.60 -2.47 54.33
CA SER C 369 -13.07 -3.58 53.55
C SER C 369 -13.96 -4.80 53.64
N PHE C 370 -14.72 -5.06 52.58
CA PHE C 370 -15.62 -6.21 52.56
C PHE C 370 -14.91 -7.49 52.09
N ALA C 371 -13.60 -7.43 51.92
CA ALA C 371 -12.83 -8.59 51.51
C ALA C 371 -11.33 -8.31 51.64
N SER C 372 -10.62 -9.22 52.32
CA SER C 372 -9.19 -9.06 52.50
C SER C 372 -8.48 -10.41 52.61
N TYR C 373 -7.20 -10.42 52.26
CA TYR C 373 -6.36 -11.60 52.36
C TYR C 373 -4.99 -11.21 52.87
N VAL C 374 -4.37 -12.12 53.61
CA VAL C 374 -3.03 -11.89 54.13
C VAL C 374 -2.11 -13.03 53.69
N PHE C 375 -0.92 -12.69 53.19
CA PHE C 375 0.02 -13.70 52.75
C PHE C 375 1.41 -13.41 53.29
N GLU C 376 2.00 -14.42 53.91
CA GLU C 376 3.33 -14.28 54.49
C GLU C 376 4.01 -15.63 54.45
N GLU C 377 5.34 -15.63 54.51
CA GLU C 377 6.12 -16.87 54.61
C GLU C 377 7.57 -16.62 54.22
N GLU D 4 -44.95 -18.04 22.98
CA GLU D 4 -43.90 -18.46 23.96
C GLU D 4 -42.95 -17.31 24.31
N ASP D 5 -43.30 -16.58 25.36
CA ASP D 5 -42.42 -15.57 25.93
C ASP D 5 -41.68 -16.18 27.11
N CYS D 6 -40.94 -17.26 26.82
CA CYS D 6 -40.18 -18.00 27.84
C CYS D 6 -39.51 -17.08 28.84
N ARG D 7 -39.33 -17.55 30.07
CA ARG D 7 -38.81 -16.72 31.15
C ARG D 7 -37.66 -17.39 31.90
N ILE D 8 -36.77 -16.58 32.49
CA ILE D 8 -35.71 -17.10 33.36
C ILE D 8 -36.12 -16.94 34.82
N SER D 9 -36.09 -18.04 35.57
CA SER D 9 -36.58 -18.05 36.94
C SER D 9 -35.49 -18.35 37.97
N ARG D 10 -34.50 -19.14 37.57
CA ARG D 10 -33.44 -19.54 38.50
C ARG D 10 -32.10 -19.69 37.79
N VAL D 11 -31.03 -19.35 38.50
CA VAL D 11 -29.68 -19.59 38.02
C VAL D 11 -28.85 -20.17 39.15
N GLU D 12 -27.96 -21.08 38.82
CA GLU D 12 -27.06 -21.68 39.80
C GLU D 12 -25.63 -21.63 39.29
N LEU D 13 -24.73 -21.09 40.11
CA LEU D 13 -23.34 -20.97 39.72
C LEU D 13 -22.49 -21.96 40.51
N TYR D 14 -21.56 -22.62 39.81
CA TYR D 14 -20.73 -23.64 40.43
C TYR D 14 -19.27 -23.51 40.01
N ALA D 15 -18.38 -23.46 41.00
CA ALA D 15 -16.95 -23.55 40.75
C ALA D 15 -16.44 -24.82 41.42
N LEU D 16 -15.96 -25.76 40.62
CA LEU D 16 -15.53 -27.05 41.13
C LEU D 16 -14.18 -27.46 40.56
N ALA D 17 -13.61 -28.50 41.14
CA ALA D 17 -12.35 -29.05 40.68
C ALA D 17 -12.12 -30.40 41.35
N ASP D 18 -10.90 -30.91 41.28
CA ASP D 18 -10.54 -32.19 41.86
C ASP D 18 -9.16 -32.07 42.50
N GLU D 19 -9.10 -32.31 43.81
CA GLU D 19 -7.84 -32.23 44.53
C GLU D 19 -6.85 -33.28 44.03
N ASN D 20 -7.38 -34.44 43.63
CA ASN D 20 -6.56 -35.59 43.29
C ASN D 20 -6.20 -35.67 41.81
N ALA D 21 -6.80 -34.77 41.01
CA ALA D 21 -6.50 -34.72 39.58
C ALA D 21 -5.10 -34.14 39.37
N PRO D 22 -4.46 -34.50 38.25
CA PRO D 22 -3.11 -34.03 37.98
C PRO D 22 -3.08 -32.61 37.44
N PRO D 23 -2.29 -31.72 38.08
CA PRO D 23 -2.05 -30.42 37.46
C PRO D 23 -1.24 -30.60 36.18
N ILE D 24 -1.42 -29.70 35.22
CA ILE D 24 -0.74 -29.86 33.94
C ILE D 24 -0.30 -28.52 33.36
N PRO D 25 0.96 -28.14 33.65
CA PRO D 25 1.56 -26.93 33.10
C PRO D 25 2.17 -27.19 31.73
N TRP D 26 1.58 -26.59 30.69
CA TRP D 26 2.07 -26.80 29.32
C TRP D 26 3.14 -25.78 28.94
N ALA D 27 4.08 -25.55 29.87
CA ALA D 27 5.19 -24.64 29.64
C ALA D 27 6.33 -24.93 30.62
N ASP D 28 7.55 -25.03 30.10
CA ASP D 28 8.72 -25.35 30.90
C ASP D 28 8.91 -24.35 32.04
N ASN D 29 9.53 -24.81 33.13
CA ASN D 29 9.68 -23.99 34.34
C ASN D 29 8.50 -23.03 34.51
N GLN D 30 7.35 -23.61 34.82
CA GLN D 30 6.14 -22.82 35.05
C GLN D 30 5.30 -23.53 36.08
N GLU D 31 4.94 -22.81 37.15
CA GLU D 31 4.25 -23.41 38.28
C GLU D 31 3.04 -24.23 37.81
N PRO D 32 2.82 -25.39 38.44
CA PRO D 32 1.77 -26.32 38.01
C PRO D 32 0.37 -25.70 38.09
N LEU D 33 -0.36 -25.73 36.98
CA LEU D 33 -1.67 -25.08 36.90
C LEU D 33 -2.76 -25.91 37.55
N LEU D 34 -3.66 -25.22 38.25
CA LEU D 34 -4.82 -25.86 38.86
C LEU D 34 -6.07 -25.53 38.06
N TYR D 35 -6.76 -26.57 37.61
CA TYR D 35 -7.91 -26.41 36.74
C TYR D 35 -9.20 -26.34 37.54
N THR D 36 -10.17 -25.62 37.00
CA THR D 36 -11.41 -25.31 37.72
C THR D 36 -12.53 -25.13 36.71
N ASN D 37 -13.65 -25.83 36.89
CA ASN D 37 -14.77 -25.69 35.97
C ASN D 37 -15.84 -24.75 36.53
N ASN D 38 -16.05 -23.63 35.84
CA ASN D 38 -17.09 -22.68 36.21
C ASN D 38 -18.38 -23.00 35.45
N ILE D 39 -19.44 -23.34 36.18
CA ILE D 39 -20.68 -23.80 35.55
C ILE D 39 -21.86 -22.84 35.78
N VAL D 40 -22.61 -22.60 34.71
CA VAL D 40 -23.83 -21.77 34.77
C VAL D 40 -25.05 -22.62 34.40
N ARG D 41 -25.92 -22.84 35.38
CA ARG D 41 -27.11 -23.65 35.19
C ARG D 41 -28.34 -22.75 35.19
N LEU D 42 -29.14 -22.85 34.13
CA LEU D 42 -30.32 -22.01 33.98
C LEU D 42 -31.61 -22.83 34.10
N PHE D 43 -32.60 -22.28 34.81
CA PHE D 43 -33.91 -22.89 34.93
C PHE D 43 -34.94 -21.98 34.28
N THR D 44 -35.98 -22.57 33.70
CA THR D 44 -37.11 -21.79 33.21
C THR D 44 -38.37 -22.15 34.00
N GLU D 45 -39.42 -21.34 33.85
CA GLU D 45 -40.64 -21.55 34.62
C GLU D 45 -41.41 -22.80 34.16
N ASP D 46 -41.06 -23.32 32.99
CA ASP D 46 -41.64 -24.56 32.50
C ASP D 46 -40.83 -25.79 32.91
N GLY D 47 -39.71 -25.56 33.62
CA GLY D 47 -38.92 -26.65 34.18
C GLY D 47 -37.64 -26.98 33.42
N THR D 48 -37.52 -26.50 32.18
CA THR D 48 -36.40 -26.86 31.32
C THR D 48 -35.09 -26.18 31.76
N GLU D 49 -34.04 -26.98 31.94
CA GLU D 49 -32.76 -26.49 32.42
C GLU D 49 -31.69 -26.57 31.34
N GLY D 50 -30.86 -25.52 31.25
CA GLY D 50 -29.81 -25.45 30.23
C GLY D 50 -28.45 -25.18 30.85
N LEU D 51 -27.42 -25.83 30.32
CA LEU D 51 -26.10 -25.79 30.94
C LEU D 51 -25.06 -25.07 30.09
N GLY D 52 -24.17 -24.36 30.77
CA GLY D 52 -23.05 -23.68 30.12
C GLY D 52 -21.84 -23.73 31.03
N ALA D 53 -20.64 -23.75 30.45
CA ALA D 53 -19.43 -23.86 31.25
C ALA D 53 -18.20 -23.38 30.51
N THR D 54 -17.25 -22.86 31.27
CA THR D 54 -15.95 -22.42 30.79
C THR D 54 -14.95 -22.61 31.93
N SER D 56 -10.99 -22.80 33.98
CA SER D 56 -9.97 -21.87 34.44
C SER D 56 -8.71 -22.62 34.86
N TYR D 57 -7.58 -21.93 34.75
CA TYR D 57 -6.28 -22.50 35.13
C TYR D 57 -5.46 -21.44 35.85
N THR D 58 -5.12 -21.73 37.10
CA THR D 58 -4.38 -20.78 37.93
C THR D 58 -3.33 -21.52 38.75
N GLU D 59 -2.47 -20.77 39.42
CA GLU D 59 -1.47 -21.34 40.31
C GLU D 59 -1.92 -21.22 41.75
N ASN D 60 -1.39 -22.09 42.62
CA ASN D 60 -1.59 -21.97 44.06
C ASN D 60 -2.97 -22.41 44.55
N PHE D 61 -4.02 -21.82 43.98
CA PHE D 61 -5.39 -22.14 44.38
C PHE D 61 -6.28 -22.35 43.17
N PHE D 62 -7.51 -22.81 43.41
CA PHE D 62 -8.50 -22.94 42.36
C PHE D 62 -9.12 -21.58 42.08
N ASP D 63 -9.51 -21.35 40.83
CA ASP D 63 -9.95 -20.04 40.40
C ASP D 63 -11.33 -19.68 40.93
N ARG D 64 -11.43 -18.53 41.57
CA ARG D 64 -12.71 -18.00 42.01
C ARG D 64 -13.02 -16.72 41.21
N CYS D 65 -12.10 -16.32 40.35
CA CYS D 65 -12.26 -15.10 39.56
C CYS D 65 -13.54 -15.08 38.71
N ILE D 66 -13.67 -16.07 37.84
CA ILE D 66 -14.84 -16.18 36.96
C ILE D 66 -16.14 -16.25 37.74
N ILE D 67 -16.24 -17.20 38.68
CA ILE D 67 -17.49 -17.38 39.44
C ILE D 67 -17.93 -16.09 40.11
N GLU D 68 -16.96 -15.34 40.64
CA GLU D 68 -17.24 -14.14 41.41
C GLU D 68 -17.53 -12.96 40.47
N SER D 69 -17.22 -13.15 39.19
CA SER D 69 -17.59 -12.18 38.16
C SER D 69 -19.00 -12.51 37.67
N LEU D 70 -19.25 -13.78 37.40
CA LEU D 70 -20.60 -14.26 37.07
C LEU D 70 -21.60 -13.77 38.11
N ARG D 71 -21.17 -13.78 39.37
CA ARG D 71 -22.00 -13.28 40.47
C ARG D 71 -22.56 -11.91 40.14
N THR D 72 -21.68 -11.00 39.70
CA THR D 72 -22.08 -9.62 39.45
C THR D 72 -22.86 -9.44 38.14
N ILE D 73 -22.99 -10.52 37.37
CA ILE D 73 -23.66 -10.45 36.08
C ILE D 73 -25.08 -11.02 36.09
N VAL D 74 -25.30 -12.09 36.84
CA VAL D 74 -26.49 -12.92 36.66
C VAL D 74 -27.80 -12.40 37.25
N PRO D 75 -27.74 -11.53 38.27
CA PRO D 75 -29.00 -11.06 38.88
C PRO D 75 -30.03 -10.55 37.87
N GLY D 76 -29.56 -9.90 36.81
CA GLY D 76 -30.45 -9.36 35.78
C GLY D 76 -31.03 -10.42 34.87
N LEU D 77 -30.40 -11.60 34.84
CA LEU D 77 -30.89 -12.70 34.00
C LEU D 77 -32.31 -13.08 34.37
N ILE D 78 -32.69 -12.83 35.63
CA ILE D 78 -34.01 -13.18 36.11
C ILE D 78 -35.10 -12.51 35.28
N GLY D 79 -35.99 -13.32 34.70
CA GLY D 79 -37.12 -12.80 33.94
C GLY D 79 -36.80 -12.49 32.49
N LYS D 80 -35.59 -12.85 32.05
CA LYS D 80 -35.20 -12.65 30.65
C LYS D 80 -35.46 -13.92 29.86
N ASN D 81 -35.42 -13.82 28.54
CA ASN D 81 -35.75 -14.94 27.67
C ASN D 81 -34.51 -15.55 27.05
N PRO D 82 -34.20 -16.81 27.37
CA PRO D 82 -32.99 -17.48 26.92
C PRO D 82 -33.04 -17.88 25.44
N LEU D 83 -34.25 -17.99 24.89
CA LEU D 83 -34.40 -18.37 23.48
C LEU D 83 -33.98 -17.24 22.57
N THR D 85 -31.41 -15.50 21.96
CA THR D 85 -29.99 -15.60 22.32
C THR D 85 -29.13 -14.45 21.81
N GLN D 86 -29.64 -13.67 20.87
CA GLN D 86 -28.89 -12.54 20.33
C GLN D 86 -28.98 -11.33 21.26
N GLU D 87 -30.20 -10.93 21.60
CA GLU D 87 -30.40 -9.78 22.47
C GLU D 87 -29.86 -10.11 23.86
N LEU D 88 -29.79 -11.40 24.17
CA LEU D 88 -29.13 -11.86 25.39
C LEU D 88 -27.63 -11.57 25.28
N ASN D 89 -27.01 -12.05 24.22
CA ASN D 89 -25.59 -11.82 24.00
C ASN D 89 -25.31 -10.34 24.06
N ASN D 90 -26.15 -9.57 23.37
CA ASN D 90 -26.02 -8.12 23.34
C ASN D 90 -26.03 -7.54 24.76
N TRP D 91 -27.01 -7.98 25.54
CA TRP D 91 -27.17 -7.54 26.92
C TRP D 91 -25.93 -7.86 27.77
N LEU D 92 -25.30 -9.01 27.52
CA LEU D 92 -24.10 -9.41 28.24
C LEU D 92 -22.91 -8.49 27.91
N GLY D 93 -22.85 -8.02 26.68
CA GLY D 93 -21.79 -7.11 26.26
C GLY D 93 -21.83 -5.81 27.06
N ALA D 94 -22.99 -5.49 27.59
CA ALA D 94 -23.17 -4.26 28.36
C ALA D 94 -22.69 -4.42 29.80
N ARG D 95 -22.95 -5.58 30.40
CA ARG D 95 -22.58 -5.83 31.81
C ARG D 95 -21.08 -5.65 32.06
N CYS D 96 -20.75 -4.71 32.95
CA CYS D 96 -19.37 -4.33 33.21
C CYS D 96 -18.68 -5.20 34.24
N THR D 97 -17.58 -5.83 33.84
CA THR D 97 -16.74 -6.64 34.72
C THR D 97 -15.35 -6.72 34.13
N TRP D 98 -14.41 -7.26 34.90
CA TRP D 98 -13.08 -7.54 34.39
C TRP D 98 -12.97 -9.01 33.97
N GLY D 99 -14.07 -9.74 34.09
CA GLY D 99 -14.15 -11.12 33.63
C GLY D 99 -14.27 -11.20 32.11
N GLY D 100 -14.73 -10.12 31.51
CA GLY D 100 -14.85 -10.03 30.06
C GLY D 100 -15.66 -11.15 29.44
N LEU D 101 -15.33 -11.48 28.20
CA LEU D 101 -16.11 -12.42 27.38
C LEU D 101 -16.14 -13.86 27.90
N PRO D 102 -15.03 -14.31 28.53
CA PRO D 102 -14.98 -15.68 29.03
C PRO D 102 -16.01 -15.96 30.13
N ALA D 103 -16.22 -14.98 31.00
CA ALA D 103 -17.15 -15.12 32.11
C ALA D 103 -18.60 -15.04 31.64
N LYS D 104 -18.80 -14.56 30.42
CA LYS D 104 -20.15 -14.44 29.87
C LYS D 104 -20.52 -15.67 29.04
N SER D 105 -19.55 -16.21 28.32
CA SER D 105 -19.79 -17.32 27.39
C SER D 105 -20.77 -18.40 27.92
N PRO D 106 -20.51 -18.89 29.14
CA PRO D 106 -21.40 -19.90 29.69
C PRO D 106 -22.87 -19.55 29.56
N ILE D 107 -23.21 -18.32 29.96
CA ILE D 107 -24.60 -17.90 29.95
C ILE D 107 -25.17 -18.08 28.54
N ASP D 108 -24.46 -17.54 27.55
CA ASP D 108 -24.88 -17.66 26.16
C ASP D 108 -25.03 -19.13 25.77
N ILE D 109 -23.97 -19.91 26.02
CA ILE D 109 -23.98 -21.33 25.72
C ILE D 109 -25.15 -22.06 26.38
N ALA D 110 -25.39 -21.72 27.65
CA ALA D 110 -26.44 -22.38 28.44
C ALA D 110 -27.83 -22.09 27.89
N ALA D 111 -28.00 -20.91 27.30
CA ALA D 111 -29.26 -20.55 26.65
C ALA D 111 -29.43 -21.35 25.36
N TRP D 112 -28.38 -21.38 24.54
CA TRP D 112 -28.41 -22.17 23.32
C TRP D 112 -28.72 -23.63 23.64
N ASP D 113 -28.30 -24.10 24.82
CA ASP D 113 -28.65 -25.44 25.26
C ASP D 113 -30.16 -25.58 25.40
N ILE D 114 -30.80 -24.54 25.96
CA ILE D 114 -32.25 -24.54 26.16
C ILE D 114 -33.00 -24.61 24.82
N LYS D 115 -32.60 -23.76 23.87
CA LYS D 115 -33.21 -23.78 22.54
C LYS D 115 -33.15 -25.16 21.93
N GLY D 116 -31.96 -25.77 21.97
CA GLY D 116 -31.75 -27.10 21.40
C GLY D 116 -32.72 -28.11 21.99
N LYS D 117 -33.05 -27.94 23.26
CA LYS D 117 -33.90 -28.88 23.96
C LYS D 117 -35.37 -28.65 23.65
N LYS D 118 -35.83 -27.40 23.73
CA LYS D 118 -37.22 -27.08 23.44
C LYS D 118 -37.53 -27.30 21.96
N ALA D 119 -36.47 -27.32 21.14
CA ALA D 119 -36.62 -27.65 19.72
C ALA D 119 -36.69 -29.16 19.54
N GLY D 120 -36.01 -29.88 20.42
CA GLY D 120 -35.98 -31.34 20.38
C GLY D 120 -34.95 -31.87 19.40
N PRO D 122 -30.34 -31.72 18.46
CA PRO D 122 -29.03 -31.29 18.89
C PRO D 122 -28.70 -29.90 18.36
N LEU D 123 -27.60 -29.32 18.84
CA LEU D 123 -27.27 -27.94 18.53
C LEU D 123 -26.71 -27.76 17.12
N TYR D 124 -26.01 -28.78 16.61
CA TYR D 124 -25.38 -28.68 15.30
C TYR D 124 -26.42 -28.57 14.20
N LEU D 126 -29.48 -26.74 14.57
CA LEU D 126 -30.04 -25.40 14.63
C LEU D 126 -29.14 -24.40 13.89
N LEU D 127 -27.84 -24.62 14.00
CA LEU D 127 -26.88 -23.75 13.33
C LEU D 127 -26.73 -24.19 11.87
N GLY D 128 -27.02 -25.47 11.61
CA GLY D 128 -27.01 -26.01 10.26
C GLY D 128 -26.09 -27.21 10.13
N GLY D 129 -26.68 -28.40 10.14
CA GLY D 129 -25.89 -29.63 10.12
C GLY D 129 -25.02 -29.80 8.90
N ALA D 130 -23.72 -29.94 9.11
CA ALA D 130 -22.78 -30.27 8.03
C ALA D 130 -22.35 -31.73 8.13
N ARG D 131 -22.08 -32.18 9.35
CA ARG D 131 -21.80 -33.60 9.60
C ARG D 131 -22.28 -33.97 10.99
N THR D 132 -22.12 -35.26 11.33
CA THR D 132 -22.53 -35.77 12.63
C THR D 132 -21.31 -36.25 13.45
N LYS D 133 -20.18 -36.43 12.79
CA LYS D 133 -18.93 -36.73 13.47
C LYS D 133 -17.81 -35.89 12.86
N ILE D 134 -16.61 -36.02 13.41
CA ILE D 134 -15.44 -35.29 12.90
C ILE D 134 -14.14 -35.88 13.43
N LYS D 135 -13.10 -35.83 12.60
CA LYS D 135 -11.79 -36.30 12.99
C LYS D 135 -11.26 -35.45 14.14
N SER D 136 -10.59 -36.09 15.09
CA SER D 136 -10.01 -35.37 16.21
C SER D 136 -8.52 -35.60 16.27
N TYR D 137 -7.84 -34.75 17.03
CA TYR D 137 -6.44 -34.95 17.35
C TYR D 137 -6.30 -34.90 18.86
N ALA D 138 -5.19 -35.42 19.37
CA ALA D 138 -4.97 -35.49 20.81
C ALA D 138 -4.03 -34.37 21.27
N SER D 139 -4.52 -33.56 22.21
CA SER D 139 -3.69 -32.58 22.91
C SER D 139 -3.01 -33.26 24.07
N THR D 140 -1.69 -33.13 24.16
CA THR D 140 -0.91 -33.89 25.14
C THR D 140 -0.52 -33.05 26.35
N PRO D 141 -0.20 -33.72 27.46
CA PRO D 141 0.47 -33.06 28.58
C PRO D 141 1.95 -32.87 28.29
N PHE D 143 5.65 -33.73 29.27
CA PHE D 143 6.53 -34.64 30.00
C PHE D 143 7.92 -34.03 30.18
N ASP D 144 8.61 -34.45 31.22
CA ASP D 144 9.92 -33.88 31.56
C ASP D 144 11.03 -34.35 30.62
N THR D 145 10.99 -35.62 30.24
CA THR D 145 11.94 -36.17 29.28
C THR D 145 11.28 -36.40 27.94
N VAL D 146 12.09 -36.61 26.90
CA VAL D 146 11.55 -36.82 25.56
C VAL D 146 10.98 -38.23 25.38
N GLU D 147 11.72 -39.24 25.82
CA GLU D 147 11.28 -40.63 25.67
C GLU D 147 9.89 -40.87 26.25
N GLU D 148 9.50 -40.06 27.23
CA GLU D 148 8.18 -40.18 27.86
C GLU D 148 7.02 -40.01 26.87
N TYR D 149 7.28 -39.33 25.76
CA TYR D 149 6.23 -39.10 24.76
C TYR D 149 5.90 -40.37 23.96
N PHE D 150 6.89 -41.23 23.75
CA PHE D 150 6.71 -42.38 22.86
C PHE D 150 5.66 -43.38 23.37
N PRO D 151 5.72 -43.73 24.66
CA PRO D 151 4.70 -44.62 25.23
C PRO D 151 3.29 -44.03 25.11
N TYR D 152 3.18 -42.73 25.33
CA TYR D 152 1.89 -42.03 25.21
C TYR D 152 1.44 -42.04 23.75
N ILE D 153 2.32 -41.58 22.86
CA ILE D 153 2.00 -41.51 21.44
C ILE D 153 1.55 -42.86 20.90
N ASP D 154 2.22 -43.93 21.32
CA ASP D 154 1.86 -45.27 20.89
C ASP D 154 0.47 -45.62 21.37
N ASP D 155 0.14 -45.15 22.57
CA ASP D 155 -1.16 -45.38 23.18
C ASP D 155 -2.25 -44.55 22.48
N CYS D 156 -1.83 -43.43 21.90
CA CYS D 156 -2.74 -42.60 21.09
C CYS D 156 -3.04 -43.28 19.75
N ILE D 157 -2.00 -43.81 19.11
CA ILE D 157 -2.17 -44.56 17.87
C ILE D 157 -3.00 -45.81 18.07
N GLU D 158 -2.79 -46.49 19.20
CA GLU D 158 -3.59 -47.67 19.53
C GLU D 158 -5.06 -47.30 19.63
N HIS D 159 -5.32 -46.17 20.29
CA HIS D 159 -6.69 -45.78 20.61
C HIS D 159 -7.49 -45.44 19.36
N GLY D 160 -6.81 -44.94 18.32
CA GLY D 160 -7.48 -44.64 17.05
C GLY D 160 -7.19 -43.26 16.50
N PHE D 161 -6.61 -42.39 17.32
CA PHE D 161 -6.34 -41.02 16.91
C PHE D 161 -5.58 -41.00 15.59
N THR D 162 -5.88 -39.99 14.77
CA THR D 162 -5.30 -39.88 13.44
C THR D 162 -4.31 -38.71 13.38
N ALA D 163 -4.20 -37.99 14.49
CA ALA D 163 -3.37 -36.80 14.57
C ALA D 163 -3.08 -36.47 16.03
N ILE D 164 -1.91 -35.89 16.29
CA ILE D 164 -1.52 -35.55 17.66
C ILE D 164 -0.86 -34.16 17.75
N LYS D 165 -1.37 -33.33 18.64
CA LYS D 165 -0.83 -32.00 18.86
C LYS D 165 0.00 -32.00 20.13
N LEU D 166 1.30 -31.77 19.98
CA LEU D 166 2.22 -31.82 21.11
C LEU D 166 2.17 -30.54 21.90
N HIS D 167 2.01 -30.65 23.21
CA HIS D 167 2.33 -29.56 24.12
C HIS D 167 3.75 -29.82 24.59
N CYS D 168 4.57 -28.78 24.56
CA CYS D 168 5.99 -28.95 24.75
C CYS D 168 6.53 -28.00 25.81
N TYR D 169 7.85 -27.90 25.86
CA TYR D 169 8.52 -27.11 26.88
C TYR D 169 8.41 -25.63 26.55
N CYS D 170 8.23 -25.32 25.27
CA CYS D 170 8.18 -23.94 24.82
C CYS D 170 9.54 -23.29 25.03
N VAL D 171 10.59 -24.08 24.80
CA VAL D 171 11.95 -23.58 24.79
C VAL D 171 12.66 -24.20 23.59
N TYR D 172 12.67 -23.47 22.48
CA TYR D 172 13.22 -23.93 21.21
C TYR D 172 14.17 -25.15 21.33
N ASP D 173 15.34 -24.97 21.91
CA ASP D 173 16.35 -26.03 21.95
C ASP D 173 15.80 -27.34 22.50
N LYS D 174 15.01 -27.27 23.57
CA LYS D 174 14.37 -28.45 24.14
C LYS D 174 13.36 -29.06 23.17
N ASP D 175 12.54 -28.21 22.54
CA ASP D 175 11.51 -28.66 21.60
C ASP D 175 12.12 -29.24 20.31
N VAL D 176 13.29 -28.77 19.93
CA VAL D 176 13.96 -29.28 18.73
C VAL D 176 14.29 -30.77 18.86
N ALA D 177 14.77 -31.18 20.02
CA ALA D 177 15.07 -32.59 20.24
C ALA D 177 13.77 -33.38 20.24
N LEU D 178 12.77 -32.86 20.96
CA LEU D 178 11.45 -33.48 21.03
C LEU D 178 10.88 -33.70 19.63
N VAL D 179 10.84 -32.62 18.86
CA VAL D 179 10.27 -32.63 17.52
C VAL D 179 11.04 -33.53 16.55
N GLU D 180 12.35 -33.36 16.47
CA GLU D 180 13.17 -34.13 15.52
C GLU D 180 13.11 -35.62 15.83
N ALA D 181 13.16 -35.96 17.12
CA ALA D 181 13.12 -37.35 17.54
C ALA D 181 11.76 -38.00 17.22
N VAL D 182 10.70 -37.22 17.32
CA VAL D 182 9.37 -37.72 16.95
C VAL D 182 9.31 -37.97 15.44
N GLU D 183 9.73 -36.99 14.65
CA GLU D 183 9.76 -37.16 13.20
C GLU D 183 10.45 -38.46 12.83
N ALA D 184 11.68 -38.62 13.30
CA ALA D 184 12.51 -39.76 12.94
C ALA D 184 11.82 -41.09 13.24
N LYS D 185 10.99 -41.13 14.28
CA LYS D 185 10.36 -42.38 14.71
C LYS D 185 8.98 -42.59 14.10
N TYR D 186 8.19 -41.54 14.02
CA TYR D 186 6.81 -41.66 13.56
C TYR D 186 6.56 -40.95 12.22
N GLY D 187 7.64 -40.63 11.52
CA GLY D 187 7.57 -39.86 10.27
C GLY D 187 6.71 -40.51 9.21
N THR D 188 6.76 -41.83 9.13
CA THR D 188 6.01 -42.57 8.12
C THR D 188 4.81 -43.29 8.75
N SER D 189 4.19 -42.66 9.73
CA SER D 189 3.05 -43.24 10.45
C SER D 189 1.74 -42.93 9.74
N GLY D 190 1.66 -41.74 9.17
CA GLY D 190 0.40 -41.23 8.62
C GLY D 190 -0.20 -40.22 9.56
N ILE D 191 0.16 -40.34 10.84
CA ILE D 191 -0.34 -39.46 11.89
C ILE D 191 0.10 -38.02 11.67
N ARG D 192 -0.87 -37.10 11.63
CA ARG D 192 -0.59 -35.69 11.47
C ARG D 192 -0.17 -35.10 12.82
N PHE D 193 0.96 -34.40 12.84
CA PHE D 193 1.47 -33.82 14.09
C PHE D 193 1.34 -32.31 14.12
N LEU D 195 2.04 -28.68 16.79
CA LEU D 195 2.96 -28.19 17.82
C LEU D 195 2.47 -26.86 18.41
N ASP D 196 2.28 -26.84 19.72
CA ASP D 196 1.83 -25.65 20.44
C ASP D 196 3.01 -25.11 21.26
N THR D 197 3.47 -23.90 20.93
CA THR D 197 4.60 -23.29 21.62
C THR D 197 4.16 -22.13 22.50
N ALA D 198 2.87 -22.11 22.83
CA ALA D 198 2.32 -21.16 23.80
C ALA D 198 2.84 -19.73 23.69
N GLY D 199 3.31 -19.34 22.52
CA GLY D 199 3.70 -17.96 22.26
C GLY D 199 4.97 -17.47 22.95
N PHE D 200 5.85 -18.39 23.35
CA PHE D 200 7.05 -17.99 24.08
C PHE D 200 8.32 -17.97 23.24
N TYR D 201 8.24 -18.43 22.00
CA TYR D 201 9.42 -18.42 21.12
C TYR D 201 9.80 -16.98 20.78
N THR D 202 11.07 -16.79 20.41
CA THR D 202 11.47 -15.54 19.75
C THR D 202 11.10 -15.68 18.28
N PRO D 203 10.90 -14.56 17.61
CA PRO D 203 10.55 -14.61 16.19
C PRO D 203 11.50 -15.48 15.35
N GLU D 204 12.80 -15.39 15.61
CA GLU D 204 13.78 -16.17 14.84
C GLU D 204 13.60 -17.66 15.12
N GLN D 205 13.31 -17.99 16.37
CA GLN D 205 13.03 -19.36 16.75
C GLN D 205 11.71 -19.85 16.12
N ALA D 206 10.73 -18.97 16.07
CA ALA D 206 9.46 -19.31 15.43
C ALA D 206 9.68 -19.68 13.96
N LYS D 208 12.48 -20.60 12.36
CA LYS D 208 13.30 -21.81 12.22
C LYS D 208 12.46 -23.05 12.41
N ALA D 210 9.21 -23.23 12.14
CA ALA D 210 8.17 -23.28 11.11
C ALA D 210 8.72 -23.77 9.78
N LYS D 211 9.95 -23.39 9.46
CA LYS D 211 10.63 -23.90 8.28
C LYS D 211 10.79 -25.41 8.39
N TRP D 212 11.35 -25.85 9.51
CA TRP D 212 11.60 -27.27 9.74
C TRP D 212 10.30 -28.07 9.59
N GLU D 214 7.61 -27.34 8.13
CA GLU D 214 7.03 -27.26 6.79
C GLU D 214 7.67 -28.27 5.86
N ARG D 215 8.99 -28.41 5.95
CA ARG D 215 9.74 -29.36 5.13
C ARG D 215 9.34 -30.79 5.42
N HIS D 216 8.87 -31.04 6.64
CA HIS D 216 8.47 -32.38 7.09
C HIS D 216 6.96 -32.54 7.08
N ASN D 217 6.26 -31.54 6.55
CA ASN D 217 4.83 -31.64 6.29
C ASN D 217 3.94 -31.76 7.52
N TRP D 218 4.42 -31.26 8.66
CA TRP D 218 3.62 -31.21 9.87
C TRP D 218 2.37 -30.35 9.67
N GLU D 219 1.36 -30.56 10.51
CA GLU D 219 0.03 -30.00 10.30
C GLU D 219 -0.05 -28.50 10.57
N TRP D 220 0.22 -28.07 11.80
CA TRP D 220 0.23 -26.63 12.10
C TRP D 220 1.03 -26.25 13.34
N LEU D 221 1.54 -25.01 13.32
CA LEU D 221 2.24 -24.43 14.46
C LEU D 221 1.30 -23.47 15.18
N GLU D 222 0.95 -23.80 16.42
CA GLU D 222 0.02 -22.99 17.19
C GLU D 222 0.77 -22.06 18.14
N ALA D 223 0.39 -20.79 18.13
CA ALA D 223 0.98 -19.82 19.06
C ALA D 223 2.50 -19.76 18.99
N PRO D 224 3.06 -19.31 17.86
CA PRO D 224 4.52 -19.17 17.76
C PRO D 224 5.09 -18.09 18.67
N VAL D 225 4.45 -16.92 18.68
CA VAL D 225 4.88 -15.79 19.51
C VAL D 225 3.67 -15.09 20.12
N SER D 226 3.89 -13.95 20.77
CA SER D 226 2.78 -13.19 21.35
C SER D 226 1.72 -12.94 20.28
N ASP D 227 0.46 -13.14 20.63
CA ASP D 227 -0.63 -12.94 19.68
C ASP D 227 -0.67 -11.51 19.18
N TYR D 228 -0.02 -10.62 19.91
CA TYR D 228 -0.05 -9.20 19.56
C TYR D 228 1.19 -8.77 18.77
N ASP D 229 2.06 -9.72 18.44
CA ASP D 229 3.14 -9.46 17.50
C ASP D 229 2.61 -9.73 16.09
N PHE D 230 1.80 -8.80 15.60
CA PHE D 230 1.10 -8.97 14.32
C PHE D 230 2.07 -9.24 13.17
N LYS D 231 3.14 -8.46 13.08
CA LYS D 231 4.07 -8.58 11.96
C LYS D 231 4.75 -9.95 11.88
N THR D 232 5.22 -10.47 13.02
CA THR D 232 5.88 -11.76 13.01
C THR D 232 4.90 -12.83 12.49
N TYR D 233 3.64 -12.71 12.88
CA TYR D 233 2.63 -13.61 12.35
C TYR D 233 2.51 -13.45 10.83
N GLN D 234 2.41 -12.20 10.36
CA GLN D 234 2.33 -11.96 8.91
C GLN D 234 3.53 -12.53 8.17
N ARG D 235 4.70 -12.43 8.80
CA ARG D 235 5.94 -12.87 8.18
C ARG D 235 6.01 -14.38 8.05
N LEU D 236 5.47 -15.08 9.04
CA LEU D 236 5.46 -16.52 9.07
C LEU D 236 4.53 -17.10 8.01
N VAL D 237 3.37 -16.47 7.85
CA VAL D 237 2.39 -16.88 6.86
C VAL D 237 2.87 -16.52 5.46
N ALA D 238 3.65 -15.44 5.37
CA ALA D 238 4.11 -14.96 4.08
C ALA D 238 5.27 -15.78 3.55
N ASN D 239 6.09 -16.32 4.44
CA ASN D 239 7.32 -17.00 4.01
C ASN D 239 7.29 -18.53 4.11
N THR D 240 6.15 -19.09 4.49
CA THR D 240 6.03 -20.54 4.62
C THR D 240 4.62 -20.99 4.26
N ASP D 241 4.50 -22.20 3.73
CA ASP D 241 3.20 -22.79 3.40
C ASP D 241 2.57 -23.49 4.62
N LEU D 242 3.23 -23.42 5.76
CA LEU D 242 2.74 -24.08 6.98
C LEU D 242 1.63 -23.28 7.66
N GLU D 243 0.59 -23.99 8.07
CA GLU D 243 -0.55 -23.40 8.77
C GLU D 243 -0.14 -22.82 10.13
N ILE D 244 -0.18 -21.48 10.22
CA ILE D 244 0.11 -20.79 11.47
C ILE D 244 -1.18 -20.43 12.17
N SER D 245 -1.24 -20.65 13.48
CA SER D 245 -2.47 -20.44 14.25
C SER D 245 -2.22 -19.65 15.55
N SER D 246 -3.18 -18.82 15.92
CA SER D 246 -3.06 -17.99 17.13
C SER D 246 -3.19 -18.83 18.40
N HIS D 247 -2.92 -18.20 19.55
CA HIS D 247 -3.06 -18.90 20.82
C HIS D 247 -4.53 -19.21 21.10
N GLY D 248 -5.43 -18.36 20.61
CA GLY D 248 -6.87 -18.66 20.64
C GLY D 248 -7.65 -18.05 21.78
N ASN D 249 -6.97 -17.29 22.64
CA ASN D 249 -7.60 -16.68 23.81
C ASN D 249 -7.17 -15.23 24.01
N CYS D 250 -6.73 -14.57 22.94
CA CYS D 250 -6.24 -13.21 23.03
C CYS D 250 -7.03 -12.26 22.13
N LEU D 251 -7.12 -12.58 20.84
CA LEU D 251 -7.90 -11.78 19.90
C LEU D 251 -9.28 -12.38 19.73
N LEU D 252 -10.23 -11.84 20.48
CA LEU D 252 -11.50 -12.52 20.73
C LEU D 252 -12.66 -11.99 19.90
N THR D 253 -12.61 -10.71 19.57
CA THR D 253 -13.71 -10.04 18.88
C THR D 253 -13.81 -10.42 17.40
N LEU D 254 -15.01 -10.27 16.86
CA LEU D 254 -15.27 -10.54 15.45
C LEU D 254 -14.43 -9.60 14.59
N GLN D 255 -14.21 -8.39 15.11
CA GLN D 255 -13.44 -7.39 14.40
C GLN D 255 -11.97 -7.76 14.32
N GLU D 256 -11.40 -8.21 15.44
CA GLU D 256 -9.98 -8.58 15.47
C GLU D 256 -9.74 -9.77 14.55
N VAL D 257 -10.68 -10.73 14.59
CA VAL D 257 -10.65 -11.85 13.66
C VAL D 257 -10.68 -11.34 12.22
N THR D 258 -11.68 -10.52 11.90
CA THR D 258 -11.78 -9.90 10.59
C THR D 258 -10.45 -9.26 10.19
N HIS D 259 -9.92 -8.43 11.07
CA HIS D 259 -8.68 -7.70 10.81
C HIS D 259 -7.52 -8.67 10.60
N ALA D 260 -7.48 -9.73 11.41
CA ALA D 260 -6.38 -10.67 11.37
C ALA D 260 -6.33 -11.38 10.02
N LEU D 261 -7.49 -11.83 9.56
CA LEU D 261 -7.56 -12.58 8.33
C LEU D 261 -7.32 -11.65 7.16
N SER D 262 -7.85 -10.44 7.26
CA SER D 262 -7.69 -9.46 6.20
C SER D 262 -6.23 -9.10 5.96
N THR D 263 -5.41 -9.12 7.00
CA THR D 263 -4.03 -8.67 6.88
C THR D 263 -3.03 -9.83 6.80
N GLY D 264 -3.54 -11.06 6.70
CA GLY D 264 -2.68 -12.23 6.52
C GLY D 264 -1.87 -12.58 7.76
N TRP D 266 -3.02 -14.91 10.09
CA TRP D 266 -3.30 -16.30 10.46
C TRP D 266 -3.56 -17.16 9.23
N SER D 267 -3.17 -18.44 9.32
CA SER D 267 -3.53 -19.40 8.28
C SER D 267 -4.96 -19.88 8.50
N ASP D 268 -5.45 -19.68 9.72
CA ASP D 268 -6.77 -20.15 10.13
C ASP D 268 -7.24 -19.26 11.28
N VAL D 269 -8.30 -19.65 11.96
CA VAL D 269 -8.74 -18.91 13.14
C VAL D 269 -8.98 -19.87 14.30
N ARG D 270 -8.39 -19.55 15.46
CA ARG D 270 -8.52 -20.40 16.64
C ARG D 270 -9.39 -19.71 17.66
N GLN D 271 -10.50 -20.34 18.02
CA GLN D 271 -11.49 -19.70 18.85
C GLN D 271 -12.24 -20.72 19.70
N ASP D 272 -12.64 -20.29 20.89
CA ASP D 272 -13.26 -21.17 21.86
C ASP D 272 -14.57 -20.53 22.28
N ALA D 273 -15.67 -21.26 22.10
CA ALA D 273 -17.01 -20.74 22.41
C ALA D 273 -17.11 -20.32 23.86
N THR D 274 -16.33 -20.98 24.71
CA THR D 274 -16.36 -20.72 26.15
C THR D 274 -15.54 -19.49 26.56
N VAL D 275 -14.92 -18.83 25.58
CA VAL D 275 -14.03 -17.70 25.87
C VAL D 275 -14.43 -16.45 25.08
N CYS D 276 -14.84 -16.63 23.83
CA CYS D 276 -15.06 -15.50 22.93
C CYS D 276 -16.47 -14.92 22.98
N GLY D 277 -17.33 -15.49 23.81
CA GLY D 277 -18.70 -14.98 23.98
C GLY D 277 -19.78 -16.05 23.85
N GLY D 278 -19.37 -17.31 23.70
CA GLY D 278 -20.31 -18.41 23.58
C GLY D 278 -20.58 -18.81 22.15
N ILE D 279 -21.52 -19.72 21.97
CA ILE D 279 -21.95 -20.16 20.65
C ILE D 279 -22.20 -18.98 19.71
N THR D 280 -23.03 -18.04 20.16
CA THR D 280 -23.40 -16.89 19.33
C THR D 280 -22.21 -16.38 18.54
N GLN D 281 -21.13 -16.05 19.26
CA GLN D 281 -19.96 -15.41 18.66
C GLN D 281 -19.10 -16.40 17.90
N LEU D 282 -18.92 -17.59 18.46
CA LEU D 282 -18.13 -18.61 17.79
C LEU D 282 -18.72 -18.89 16.41
N ASN D 283 -20.01 -19.17 16.39
CA ASN D 283 -20.75 -19.47 15.15
C ASN D 283 -20.53 -18.38 14.10
N LYS D 284 -20.44 -17.14 14.56
CA LYS D 284 -20.20 -16.01 13.69
C LYS D 284 -18.79 -16.05 13.10
N CYS D 285 -17.82 -16.47 13.89
CA CYS D 285 -16.44 -16.51 13.42
C CYS D 285 -16.24 -17.58 12.36
N PHE D 286 -17.01 -18.66 12.43
CA PHE D 286 -16.98 -19.67 11.38
C PHE D 286 -17.31 -19.02 10.04
N ALA D 287 -18.43 -18.31 9.99
CA ALA D 287 -18.85 -17.63 8.77
C ALA D 287 -17.77 -16.66 8.28
N ILE D 288 -17.24 -15.88 9.22
CA ILE D 288 -16.18 -14.93 8.90
C ILE D 288 -14.99 -15.65 8.28
N ALA D 289 -14.55 -16.75 8.90
CA ALA D 289 -13.43 -17.50 8.38
C ALA D 289 -13.72 -18.04 6.98
N ALA D 290 -14.95 -18.52 6.77
CA ALA D 290 -15.40 -18.96 5.45
C ALA D 290 -15.24 -17.83 4.44
N GLY D 291 -15.71 -16.65 4.81
CA GLY D 291 -15.56 -15.48 3.96
C GLY D 291 -14.15 -15.33 3.45
N HIS D 292 -13.17 -15.67 4.29
CA HIS D 292 -11.77 -15.52 3.91
C HIS D 292 -11.20 -16.80 3.35
N SER D 293 -12.09 -17.76 3.08
CA SER D 293 -11.71 -19.04 2.47
C SER D 293 -10.82 -19.86 3.39
N LYS D 294 -11.13 -19.86 4.68
CA LYS D 294 -10.32 -20.56 5.66
C LYS D 294 -11.16 -21.26 6.71
N ASN D 295 -10.47 -22.01 7.58
CA ASN D 295 -11.13 -22.84 8.58
C ASN D 295 -11.07 -22.21 9.96
N LEU D 296 -12.01 -22.60 10.81
CA LEU D 296 -11.93 -22.25 12.23
C LEU D 296 -11.62 -23.50 13.02
N GLU D 297 -10.34 -23.67 13.36
CA GLU D 297 -9.91 -24.80 14.15
C GLU D 297 -10.25 -24.53 15.60
N ILE D 298 -11.29 -25.19 16.08
CA ILE D 298 -11.84 -24.90 17.40
C ILE D 298 -10.89 -25.30 18.52
N GLN D 299 -10.95 -24.56 19.61
CA GLN D 299 -10.22 -24.92 20.82
C GLN D 299 -11.21 -25.48 21.83
N SER D 300 -11.29 -26.80 21.90
CA SER D 300 -12.31 -27.46 22.70
C SER D 300 -11.72 -28.19 23.90
N GLY D 302 -10.89 -28.88 27.48
CA GLY D 302 -11.60 -28.47 28.68
C GLY D 302 -12.57 -29.53 29.16
N TYR D 303 -13.38 -29.19 30.17
CA TYR D 303 -14.37 -30.12 30.70
C TYR D 303 -15.44 -30.37 29.64
N THR D 304 -16.23 -31.42 29.83
CA THR D 304 -17.14 -31.91 28.78
C THR D 304 -18.14 -30.87 28.25
N LEU D 305 -18.49 -29.87 29.07
CA LEU D 305 -19.35 -28.79 28.61
C LEU D 305 -18.59 -27.83 27.70
N THR D 306 -17.30 -27.70 27.98
CA THR D 306 -16.44 -26.82 27.20
C THR D 306 -16.25 -27.43 25.80
N GLN D 307 -16.10 -28.74 25.74
CA GLN D 307 -15.88 -29.43 24.47
C GLN D 307 -17.20 -29.60 23.71
N ALA D 308 -18.27 -29.92 24.44
CA ALA D 308 -19.59 -30.09 23.84
C ALA D 308 -20.01 -28.84 23.07
N ALA D 309 -19.90 -27.70 23.75
CA ALA D 309 -20.25 -26.42 23.14
C ALA D 309 -19.50 -26.19 21.84
N ASN D 310 -18.19 -26.44 21.84
CA ASN D 310 -17.38 -26.23 20.64
C ASN D 310 -17.67 -27.25 19.55
N LEU D 311 -17.88 -28.50 19.95
CA LEU D 311 -18.12 -29.57 18.99
C LEU D 311 -19.32 -29.21 18.11
N HIS D 312 -20.48 -29.07 18.72
CA HIS D 312 -21.71 -28.80 17.99
C HIS D 312 -21.56 -27.75 16.90
N VAL D 313 -20.86 -26.66 17.21
CA VAL D 313 -20.67 -25.59 16.23
C VAL D 313 -19.79 -26.05 15.08
N ALA D 314 -18.74 -26.81 15.39
CA ALA D 314 -17.85 -27.32 14.35
C ALA D 314 -18.61 -28.26 13.41
N LEU D 315 -19.43 -29.12 13.99
CA LEU D 315 -20.24 -30.06 13.23
C LEU D 315 -21.22 -29.33 12.30
N ALA D 316 -21.63 -28.14 12.70
CA ALA D 316 -22.62 -27.38 11.95
C ALA D 316 -22.06 -26.80 10.66
N HIS D 317 -20.75 -26.64 10.59
CA HIS D 317 -20.09 -26.07 9.41
C HIS D 317 -19.10 -27.05 8.79
N ASP D 318 -18.53 -26.69 7.65
CA ASP D 318 -17.56 -27.54 6.97
C ASP D 318 -16.13 -27.08 7.21
N ASN D 319 -15.95 -25.77 7.33
CA ASN D 319 -14.61 -25.18 7.45
C ASN D 319 -13.94 -25.38 8.82
N CYS D 320 -13.72 -26.63 9.19
CA CYS D 320 -12.98 -26.96 10.41
C CYS D 320 -12.51 -28.41 10.31
N ASN D 321 -11.20 -28.61 10.40
CA ASN D 321 -10.62 -29.94 10.18
C ASN D 321 -10.68 -30.87 11.37
N PHE D 322 -10.57 -30.33 12.58
CA PHE D 322 -10.41 -31.16 13.78
C PHE D 322 -11.17 -30.68 15.02
N PHE D 323 -11.33 -31.61 15.97
CA PHE D 323 -11.85 -31.34 17.31
C PHE D 323 -10.76 -31.71 18.32
N GLU D 324 -10.53 -30.84 19.29
CA GLU D 324 -9.42 -31.02 20.23
C GLU D 324 -9.79 -32.02 21.33
N GLN D 325 -9.00 -33.09 21.43
CA GLN D 325 -9.19 -34.12 22.45
C GLN D 325 -8.03 -34.16 23.42
N PHE D 326 -8.28 -33.77 24.67
CA PHE D 326 -7.27 -33.97 25.69
C PHE D 326 -7.33 -35.43 26.15
N TYR D 327 -6.30 -36.18 25.80
CA TYR D 327 -6.16 -37.58 26.20
C TYR D 327 -5.10 -37.62 27.29
N PRO D 328 -5.37 -38.32 28.40
CA PRO D 328 -6.56 -39.13 28.68
C PRO D 328 -7.79 -38.30 29.07
N TYR D 329 -8.96 -38.93 29.05
CA TYR D 329 -10.21 -38.23 29.30
C TYR D 329 -10.44 -37.97 30.79
N GLU D 330 -10.76 -39.03 31.52
CA GLU D 330 -11.20 -38.97 32.93
C GLU D 330 -11.14 -37.57 33.56
N ALA D 331 -9.93 -37.04 33.71
CA ALA D 331 -9.73 -35.74 34.34
C ALA D 331 -10.87 -34.76 34.04
N PHE D 332 -11.18 -34.59 32.74
CA PHE D 332 -12.18 -33.62 32.30
C PHE D 332 -13.57 -34.21 32.11
N GLU D 333 -13.87 -35.29 32.82
CA GLU D 333 -15.22 -35.85 32.81
C GLU D 333 -15.85 -35.67 34.19
N LEU D 334 -15.18 -34.86 35.00
CA LEU D 334 -15.58 -34.64 36.39
C LEU D 334 -17.08 -34.41 36.53
N ALA D 335 -17.75 -35.29 37.28
CA ALA D 335 -19.18 -35.17 37.56
C ALA D 335 -20.04 -35.16 36.28
N SER D 336 -19.59 -35.89 35.26
CA SER D 336 -20.32 -35.94 33.99
C SER D 336 -20.89 -37.32 33.71
N LYS D 337 -22.20 -37.37 33.45
CA LYS D 337 -22.82 -38.58 32.94
C LYS D 337 -22.47 -38.72 31.47
N THR D 338 -22.30 -37.58 30.80
CA THR D 338 -21.94 -37.55 29.39
C THR D 338 -20.43 -37.63 29.23
N GLN D 339 -19.98 -38.38 28.22
CA GLN D 339 -18.56 -38.54 27.93
C GLN D 339 -18.32 -38.45 26.44
N ILE D 340 -17.54 -37.46 26.02
CA ILE D 340 -17.19 -37.32 24.63
C ILE D 340 -15.81 -37.93 24.41
N ARG D 341 -15.75 -38.96 23.57
CA ARG D 341 -14.51 -39.70 23.33
C ARG D 341 -14.36 -40.05 21.85
N THR D 342 -13.24 -40.69 21.53
CA THR D 342 -12.87 -40.95 20.15
C THR D 342 -12.82 -42.45 19.88
N ASP D 343 -13.28 -42.85 18.70
CA ASP D 343 -13.34 -44.27 18.34
C ASP D 343 -12.05 -44.74 17.65
N LYS D 344 -12.03 -46.01 17.24
CA LYS D 344 -10.86 -46.59 16.59
C LYS D 344 -10.64 -46.00 15.19
N GLU D 345 -11.70 -45.45 14.62
CA GLU D 345 -11.64 -44.82 13.29
C GLU D 345 -10.94 -43.45 13.35
N GLY D 346 -10.92 -42.86 14.53
CA GLY D 346 -10.30 -41.55 14.73
C GLY D 346 -11.32 -40.42 14.73
N TYR D 347 -12.59 -40.79 14.64
CA TYR D 347 -13.70 -39.82 14.62
C TYR D 347 -14.26 -39.62 16.02
N VAL D 348 -14.85 -38.44 16.24
CA VAL D 348 -15.62 -38.20 17.46
C VAL D 348 -17.01 -37.67 17.07
N HIS D 349 -18.04 -38.21 17.70
CA HIS D 349 -19.41 -37.96 17.27
C HIS D 349 -20.14 -37.00 18.20
N ALA D 350 -21.26 -36.49 17.70
CA ALA D 350 -22.13 -35.66 18.53
C ALA D 350 -22.83 -36.58 19.52
N PRO D 351 -23.16 -36.07 20.70
CA PRO D 351 -23.90 -36.84 21.69
C PRO D 351 -25.31 -37.19 21.19
N ALA D 352 -25.89 -38.22 21.78
CA ALA D 352 -27.22 -38.68 21.38
C ALA D 352 -28.30 -37.68 21.78
N GLY D 353 -28.05 -36.92 22.85
CA GLY D 353 -29.04 -36.00 23.38
C GLY D 353 -29.31 -34.77 22.52
N ASN D 354 -30.35 -34.02 22.89
CA ASN D 354 -30.70 -32.77 22.22
C ASN D 354 -30.18 -31.57 23.01
N GLY D 355 -30.05 -30.43 22.35
CA GLY D 355 -29.37 -29.29 22.93
C GLY D 355 -27.87 -29.50 22.78
N LEU D 356 -27.11 -29.29 23.85
CA LEU D 356 -25.68 -29.57 23.82
C LEU D 356 -25.45 -31.07 23.92
N GLY D 357 -26.47 -31.79 24.36
CA GLY D 357 -26.37 -33.24 24.57
C GLY D 357 -25.44 -33.59 25.71
N VAL D 358 -25.62 -32.93 26.85
CA VAL D 358 -24.76 -33.15 28.01
C VAL D 358 -25.54 -33.18 29.32
N GLU D 359 -25.91 -34.38 29.76
CA GLU D 359 -26.53 -34.59 31.07
C GLU D 359 -25.41 -34.68 32.12
N ASP D 361 -24.28 -34.94 36.69
CA ASP D 361 -24.62 -35.39 38.03
C ASP D 361 -24.40 -34.25 39.02
N TRP D 362 -25.51 -33.75 39.58
CA TRP D 362 -25.47 -32.56 40.42
C TRP D 362 -25.17 -32.84 41.89
N ASP D 363 -25.18 -34.12 42.26
CA ASP D 363 -24.66 -34.50 43.56
C ASP D 363 -23.14 -34.36 43.51
N ALA D 364 -22.54 -34.87 42.43
CA ALA D 364 -21.09 -34.89 42.30
C ALA D 364 -20.49 -33.49 42.17
N VAL D 365 -21.13 -32.63 41.37
CA VAL D 365 -20.68 -31.24 41.23
C VAL D 365 -20.96 -30.45 42.51
N LYS D 366 -22.09 -30.73 43.17
CA LYS D 366 -22.40 -30.08 44.44
C LYS D 366 -21.25 -30.29 45.43
N GLU D 367 -20.75 -31.52 45.49
CA GLU D 367 -19.65 -31.86 46.39
C GLU D 367 -18.28 -31.40 45.88
N ALA D 368 -18.12 -31.40 44.56
CA ALA D 368 -16.84 -31.02 43.95
C ALA D 368 -16.61 -29.52 44.00
N SER D 369 -17.69 -28.75 44.11
CA SER D 369 -17.58 -27.29 44.08
C SER D 369 -17.24 -26.70 45.45
N PHE D 370 -16.24 -25.83 45.46
CA PHE D 370 -15.79 -25.16 46.66
C PHE D 370 -16.45 -23.77 46.77
N ALA D 371 -17.15 -23.37 45.72
CA ALA D 371 -17.88 -22.10 45.70
C ALA D 371 -19.16 -22.25 44.90
N SER D 372 -20.23 -21.61 45.37
CA SER D 372 -21.52 -21.75 44.74
C SER D 372 -22.41 -20.53 45.01
N TYR D 373 -23.48 -20.40 44.24
CA TYR D 373 -24.43 -19.33 44.41
C TYR D 373 -25.80 -19.72 43.88
N VAL D 374 -26.82 -18.99 44.31
CA VAL D 374 -28.18 -19.22 43.84
C VAL D 374 -28.92 -17.89 43.73
N PHE D 375 -29.71 -17.74 42.67
CA PHE D 375 -30.55 -16.56 42.49
C PHE D 375 -31.94 -16.98 41.99
N GLU D 376 -32.97 -16.60 42.73
CA GLU D 376 -34.33 -17.07 42.45
C GLU D 376 -35.35 -15.92 42.42
N GLU D 377 -36.58 -16.26 42.08
CA GLU D 377 -37.67 -15.30 41.96
C GLU D 377 -37.94 -14.58 43.29
N GLY D 378 -38.26 -15.37 44.31
CA GLY D 378 -38.53 -14.82 45.64
C GLY D 378 -37.26 -14.32 46.32
N GLU E 4 -30.69 -39.65 13.10
N GLU E 4 -30.69 -38.25 13.11
CA GLU E 4 -31.88 -38.79 12.88
CA GLU E 4 -32.10 -38.65 12.90
C GLU E 4 -32.33 -38.90 11.43
C GLU E 4 -32.39 -38.87 11.40
N ASP E 5 -32.74 -40.10 11.04
CA ASP E 5 -33.10 -40.41 9.66
C ASP E 5 -34.35 -39.64 9.18
N CYS E 6 -34.11 -38.52 8.50
CA CYS E 6 -35.19 -37.70 7.95
C CYS E 6 -34.96 -37.57 6.45
N ARG E 7 -35.94 -38.03 5.66
CA ARG E 7 -35.79 -38.06 4.20
C ARG E 7 -36.69 -37.03 3.52
N ILE E 8 -36.34 -36.71 2.27
CA ILE E 8 -37.22 -35.95 1.40
C ILE E 8 -37.97 -36.96 0.54
N SER E 9 -39.30 -36.89 0.55
CA SER E 9 -40.13 -37.88 -0.13
C SER E 9 -40.53 -37.43 -1.53
N ARG E 10 -40.61 -36.11 -1.71
CA ARG E 10 -41.18 -35.55 -2.92
C ARG E 10 -40.90 -34.05 -2.97
N VAL E 11 -40.73 -33.52 -4.18
CA VAL E 11 -40.64 -32.09 -4.38
C VAL E 11 -41.62 -31.65 -5.45
N GLU E 12 -42.23 -30.49 -5.23
CA GLU E 12 -43.08 -29.87 -6.25
C GLU E 12 -42.46 -28.53 -6.68
N LEU E 13 -42.58 -28.23 -7.97
CA LEU E 13 -42.07 -26.99 -8.53
C LEU E 13 -43.20 -26.23 -9.21
N TYR E 14 -43.34 -24.95 -8.88
CA TYR E 14 -44.36 -24.09 -9.46
C TYR E 14 -43.74 -22.81 -10.00
N ALA E 15 -44.20 -22.40 -11.19
CA ALA E 15 -43.86 -21.09 -11.74
C ALA E 15 -45.18 -20.38 -12.06
N LEU E 16 -45.53 -19.41 -11.22
CA LEU E 16 -46.85 -18.77 -11.30
C LEU E 16 -46.74 -17.26 -11.40
N ALA E 17 -47.83 -16.62 -11.83
CA ALA E 17 -47.87 -15.17 -12.02
C ALA E 17 -49.32 -14.72 -12.19
N ASP E 18 -49.52 -13.54 -12.77
CA ASP E 18 -50.85 -12.99 -12.95
C ASP E 18 -50.95 -12.17 -14.24
N GLU E 19 -51.87 -12.55 -15.11
CA GLU E 19 -52.09 -11.82 -16.36
C GLU E 19 -52.49 -10.37 -16.09
N ASN E 20 -53.42 -10.17 -15.15
CA ASN E 20 -53.94 -8.84 -14.83
C ASN E 20 -53.13 -8.14 -13.73
N ALA E 21 -51.84 -7.99 -13.96
CA ALA E 21 -50.95 -7.34 -12.98
C ALA E 21 -50.15 -6.23 -13.64
N PRO E 22 -49.94 -5.13 -12.91
CA PRO E 22 -49.23 -3.97 -13.45
C PRO E 22 -47.72 -4.21 -13.57
N PRO E 23 -47.21 -4.30 -14.81
CA PRO E 23 -45.77 -4.46 -15.01
C PRO E 23 -44.96 -3.39 -14.27
N ILE E 24 -43.85 -3.79 -13.66
CA ILE E 24 -43.07 -2.88 -12.81
C ILE E 24 -41.67 -2.64 -13.37
N PRO E 25 -41.55 -1.78 -14.39
CA PRO E 25 -40.23 -1.41 -14.88
C PRO E 25 -39.60 -0.34 -14.00
N TRP E 26 -38.40 -0.60 -13.48
CA TRP E 26 -37.69 0.38 -12.67
C TRP E 26 -36.55 1.08 -13.43
N ALA E 27 -36.57 0.94 -14.76
CA ALA E 27 -35.63 1.65 -15.62
C ALA E 27 -36.40 2.41 -16.70
N ASP E 28 -35.79 3.49 -17.21
CA ASP E 28 -36.45 4.37 -18.16
C ASP E 28 -36.53 3.75 -19.55
N ASN E 29 -37.76 3.64 -20.05
CA ASN E 29 -38.06 3.10 -21.38
C ASN E 29 -37.67 1.63 -21.61
N GLN E 30 -37.23 0.95 -20.55
CA GLN E 30 -36.99 -0.50 -20.62
CA GLN E 30 -37.00 -0.49 -20.65
C GLN E 30 -38.34 -1.20 -20.54
N GLU E 31 -38.65 -2.02 -21.53
CA GLU E 31 -39.96 -2.67 -21.62
C GLU E 31 -40.48 -3.17 -20.28
N PRO E 32 -41.80 -3.05 -20.04
CA PRO E 32 -42.44 -3.46 -18.79
C PRO E 32 -42.10 -4.89 -18.36
N LEU E 33 -41.55 -5.04 -17.16
CA LEU E 33 -41.14 -6.35 -16.65
C LEU E 33 -42.31 -7.17 -16.11
N LEU E 34 -42.42 -8.41 -16.57
CA LEU E 34 -43.40 -9.35 -16.07
C LEU E 34 -42.80 -10.14 -14.91
N TYR E 35 -43.55 -10.29 -13.82
CA TYR E 35 -43.03 -10.94 -12.63
C TYR E 35 -43.50 -12.38 -12.48
N THR E 36 -42.69 -13.18 -11.80
CA THR E 36 -42.95 -14.60 -11.63
C THR E 36 -42.41 -15.06 -10.28
N ASN E 37 -43.19 -15.88 -9.59
CA ASN E 37 -42.73 -16.47 -8.33
C ASN E 37 -42.41 -17.93 -8.56
N ASN E 38 -41.12 -18.28 -8.45
CA ASN E 38 -40.70 -19.66 -8.64
C ASN E 38 -40.65 -20.36 -7.29
N ILE E 39 -41.59 -21.28 -7.08
CA ILE E 39 -41.78 -21.90 -5.76
C ILE E 39 -41.25 -23.33 -5.73
N VAL E 40 -40.81 -23.75 -4.55
CA VAL E 40 -40.37 -25.12 -4.32
C VAL E 40 -40.99 -25.65 -3.02
N ARG E 41 -41.74 -26.75 -3.13
CA ARG E 41 -42.36 -27.35 -1.95
C ARG E 41 -41.73 -28.71 -1.64
N LEU E 42 -41.14 -28.83 -0.46
CA LEU E 42 -40.53 -30.08 -0.03
C LEU E 42 -41.46 -30.88 0.88
N PHE E 43 -41.40 -32.20 0.75
CA PHE E 43 -42.15 -33.11 1.59
C PHE E 43 -41.19 -34.06 2.29
N THR E 44 -41.27 -34.13 3.61
CA THR E 44 -40.53 -35.17 4.34
C THR E 44 -41.42 -36.41 4.43
N GLU E 45 -40.86 -37.51 4.94
CA GLU E 45 -41.60 -38.77 5.03
C GLU E 45 -42.66 -38.75 6.12
N ASP E 46 -42.64 -37.71 6.96
CA ASP E 46 -43.63 -37.57 8.03
C ASP E 46 -44.67 -36.50 7.70
N GLY E 47 -44.81 -36.18 6.41
CA GLY E 47 -45.83 -35.24 5.96
C GLY E 47 -45.50 -33.77 6.19
N THR E 48 -44.37 -33.48 6.82
CA THR E 48 -43.97 -32.10 7.09
C THR E 48 -43.55 -31.39 5.81
N GLU E 49 -44.11 -30.20 5.59
CA GLU E 49 -43.91 -29.49 4.33
C GLU E 49 -42.89 -28.36 4.42
N GLY E 50 -42.01 -28.30 3.43
CA GLY E 50 -41.03 -27.23 3.31
C GLY E 50 -41.45 -26.24 2.24
N LEU E 51 -41.28 -24.95 2.52
CA LEU E 51 -41.70 -23.90 1.60
C LEU E 51 -40.53 -22.99 1.26
N GLY E 52 -40.20 -22.90 -0.02
CA GLY E 52 -39.13 -22.01 -0.49
C GLY E 52 -39.47 -21.40 -1.84
N ALA E 53 -39.04 -20.16 -2.05
CA ALA E 53 -39.32 -19.46 -3.30
C ALA E 53 -38.31 -18.37 -3.63
N THR E 54 -38.16 -18.11 -4.93
CA THR E 54 -37.38 -16.99 -5.45
C THR E 54 -38.11 -16.45 -6.68
N SER E 56 -38.64 -13.89 -10.36
CA SER E 56 -38.02 -13.55 -11.64
C SER E 56 -38.68 -12.30 -12.19
N TYR E 57 -37.88 -11.44 -12.82
CA TYR E 57 -38.43 -10.30 -13.55
C TYR E 57 -37.96 -10.39 -15.01
N THR E 58 -38.92 -10.47 -15.92
CA THR E 58 -38.63 -10.66 -17.33
C THR E 58 -39.54 -9.82 -18.20
N GLU E 59 -39.22 -9.77 -19.49
CA GLU E 59 -40.02 -9.04 -20.45
C GLU E 59 -40.71 -10.02 -21.38
N ASN E 60 -41.69 -9.52 -22.13
CA ASN E 60 -42.36 -10.29 -23.17
C ASN E 60 -43.22 -11.43 -22.63
N PHE E 61 -42.62 -12.31 -21.84
CA PHE E 61 -43.32 -13.46 -21.26
C PHE E 61 -42.93 -13.67 -19.81
N PHE E 62 -43.68 -14.54 -19.13
CA PHE E 62 -43.34 -14.93 -17.77
C PHE E 62 -42.18 -15.92 -17.82
N ASP E 63 -41.28 -15.83 -16.83
CA ASP E 63 -40.02 -16.56 -16.87
C ASP E 63 -40.22 -18.04 -16.54
N ARG E 64 -39.62 -18.91 -17.36
CA ARG E 64 -39.54 -20.33 -17.04
C ARG E 64 -38.09 -20.75 -16.81
N CYS E 65 -37.18 -19.82 -17.08
CA CYS E 65 -35.74 -20.04 -16.93
C CYS E 65 -35.36 -20.67 -15.57
N ILE E 66 -35.93 -20.16 -14.49
CA ILE E 66 -35.57 -20.63 -13.16
C ILE E 66 -36.14 -22.01 -12.81
N ILE E 67 -37.45 -22.21 -13.03
CA ILE E 67 -38.06 -23.48 -12.70
C ILE E 67 -37.46 -24.60 -13.55
N GLU E 68 -37.06 -24.27 -14.77
CA GLU E 68 -36.48 -25.26 -15.67
C GLU E 68 -35.07 -25.60 -15.20
N SER E 69 -34.40 -24.63 -14.59
CA SER E 69 -33.12 -24.87 -13.93
C SER E 69 -33.32 -25.77 -12.72
N LEU E 70 -34.32 -25.44 -11.92
CA LEU E 70 -34.67 -26.24 -10.74
C LEU E 70 -34.91 -27.69 -11.11
N ARG E 71 -35.57 -27.91 -12.24
CA ARG E 71 -35.82 -29.25 -12.75
C ARG E 71 -34.53 -30.08 -12.77
N THR E 72 -33.49 -29.52 -13.38
CA THR E 72 -32.20 -30.20 -13.46
C THR E 72 -31.66 -30.57 -12.07
N ILE E 73 -31.96 -29.75 -11.07
CA ILE E 73 -31.33 -29.87 -9.75
C ILE E 73 -32.04 -30.80 -8.76
N VAL E 74 -33.38 -30.74 -8.71
CA VAL E 74 -34.13 -31.34 -7.61
C VAL E 74 -34.16 -32.88 -7.55
N PRO E 75 -34.08 -33.56 -8.70
CA PRO E 75 -34.19 -35.02 -8.62
C PRO E 75 -33.32 -35.65 -7.53
N GLY E 76 -32.12 -35.12 -7.34
CA GLY E 76 -31.19 -35.66 -6.35
C GLY E 76 -31.61 -35.43 -4.90
N LEU E 77 -32.57 -34.54 -4.68
CA LEU E 77 -33.02 -34.22 -3.32
C LEU E 77 -33.64 -35.42 -2.61
N ILE E 78 -34.35 -36.24 -3.36
CA ILE E 78 -35.01 -37.42 -2.80
C ILE E 78 -34.00 -38.29 -2.06
N GLY E 79 -34.29 -38.62 -0.82
CA GLY E 79 -33.40 -39.43 -0.01
C GLY E 79 -32.27 -38.60 0.59
N LYS E 80 -32.50 -37.30 0.71
CA LYS E 80 -31.59 -36.43 1.41
C LYS E 80 -32.25 -35.92 2.68
N ASN E 81 -31.43 -35.52 3.64
CA ASN E 81 -31.94 -35.00 4.91
C ASN E 81 -31.91 -33.47 4.93
N PRO E 82 -33.09 -32.84 4.95
CA PRO E 82 -33.22 -31.39 4.86
C PRO E 82 -32.83 -30.67 6.15
N LEU E 83 -32.61 -31.44 7.21
CA LEU E 83 -32.23 -30.88 8.50
C LEU E 83 -30.73 -30.57 8.52
N THR E 85 -28.93 -28.75 6.78
CA THR E 85 -29.05 -27.67 5.80
C THR E 85 -27.72 -27.35 5.14
N GLN E 86 -26.63 -27.52 5.90
CA GLN E 86 -25.32 -27.08 5.44
C GLN E 86 -24.75 -28.04 4.40
N GLU E 87 -24.89 -29.35 4.65
CA GLU E 87 -24.45 -30.35 3.68
C GLU E 87 -25.34 -30.28 2.45
N LEU E 88 -26.57 -29.80 2.63
CA LEU E 88 -27.48 -29.57 1.51
C LEU E 88 -26.99 -28.40 0.67
N ASN E 89 -26.68 -27.30 1.33
CA ASN E 89 -26.13 -26.12 0.65
C ASN E 89 -24.85 -26.47 -0.08
N ASN E 90 -24.04 -27.30 0.55
CA ASN E 90 -22.80 -27.78 -0.03
C ASN E 90 -23.08 -28.59 -1.28
N TRP E 91 -24.03 -29.50 -1.16
CA TRP E 91 -24.45 -30.32 -2.29
C TRP E 91 -24.87 -29.45 -3.47
N LEU E 92 -25.76 -28.50 -3.19
CA LEU E 92 -26.25 -27.57 -4.21
C LEU E 92 -25.11 -26.83 -4.90
N GLY E 93 -24.09 -26.48 -4.12
CA GLY E 93 -22.94 -25.77 -4.66
C GLY E 93 -22.36 -26.43 -5.89
N ALA E 94 -22.19 -27.75 -5.84
CA ALA E 94 -21.52 -28.47 -6.91
C ALA E 94 -22.52 -29.08 -7.89
N ARG E 95 -23.55 -28.32 -8.23
CA ARG E 95 -24.54 -28.75 -9.21
C ARG E 95 -24.62 -27.73 -10.35
N CYS E 96 -24.49 -28.20 -11.59
CA CYS E 96 -24.27 -27.31 -12.73
C CYS E 96 -25.56 -26.77 -13.37
N THR E 97 -25.75 -25.46 -13.26
CA THR E 97 -26.82 -24.77 -13.97
C THR E 97 -26.41 -23.33 -14.17
N TRP E 98 -26.70 -22.78 -15.34
CA TRP E 98 -26.50 -21.36 -15.57
C TRP E 98 -27.50 -20.56 -14.74
N GLY E 99 -28.46 -21.26 -14.12
CA GLY E 99 -29.41 -20.66 -13.18
C GLY E 99 -28.71 -20.10 -11.95
N GLY E 100 -27.52 -20.61 -11.65
CA GLY E 100 -26.68 -20.05 -10.61
C GLY E 100 -27.29 -20.15 -9.21
N LEU E 101 -26.83 -19.29 -8.32
CA LEU E 101 -27.23 -19.34 -6.91
C LEU E 101 -28.70 -18.98 -6.69
N PRO E 102 -29.23 -18.06 -7.50
CA PRO E 102 -30.64 -17.71 -7.33
C PRO E 102 -31.55 -18.91 -7.51
N ALA E 103 -31.16 -19.79 -8.44
CA ALA E 103 -31.92 -20.99 -8.75
C ALA E 103 -31.83 -22.03 -7.63
N LYS E 104 -30.77 -21.94 -6.83
CA LYS E 104 -30.55 -22.90 -5.75
C LYS E 104 -31.16 -22.42 -4.43
N SER E 105 -31.16 -21.11 -4.22
CA SER E 105 -31.57 -20.53 -2.94
C SER E 105 -32.87 -21.13 -2.38
N PRO E 106 -33.94 -21.19 -3.20
CA PRO E 106 -35.25 -21.61 -2.70
C PRO E 106 -35.23 -22.94 -1.96
N ILE E 107 -34.39 -23.87 -2.41
CA ILE E 107 -34.34 -25.19 -1.82
C ILE E 107 -33.77 -25.12 -0.42
N ASP E 108 -32.69 -24.36 -0.26
CA ASP E 108 -32.07 -24.18 1.05
C ASP E 108 -33.08 -23.58 2.02
N ILE E 109 -33.88 -22.62 1.53
CA ILE E 109 -34.89 -21.99 2.35
C ILE E 109 -35.89 -23.04 2.82
N ALA E 110 -36.48 -23.76 1.87
CA ALA E 110 -37.47 -24.78 2.19
C ALA E 110 -36.91 -25.71 3.25
N ALA E 111 -35.65 -26.10 3.10
CA ALA E 111 -35.00 -26.99 4.06
C ALA E 111 -35.02 -26.36 5.46
N TRP E 112 -34.83 -25.05 5.52
CA TRP E 112 -34.82 -24.36 6.80
C TRP E 112 -36.22 -24.25 7.36
N ASP E 113 -37.21 -24.11 6.47
CA ASP E 113 -38.60 -24.03 6.90
C ASP E 113 -39.04 -25.34 7.55
N ILE E 114 -38.64 -26.46 6.95
CA ILE E 114 -38.90 -27.77 7.53
C ILE E 114 -38.24 -27.89 8.89
N LYS E 115 -36.97 -27.50 8.97
CA LYS E 115 -36.22 -27.58 10.23
C LYS E 115 -36.91 -26.79 11.34
N GLY E 116 -37.33 -25.57 11.02
CA GLY E 116 -38.03 -24.73 11.97
C GLY E 116 -39.40 -25.25 12.35
N LYS E 117 -39.96 -26.09 11.49
CA LYS E 117 -41.28 -26.66 11.75
C LYS E 117 -41.20 -27.87 12.68
N LYS E 118 -40.20 -28.72 12.47
CA LYS E 118 -40.02 -29.89 13.34
C LYS E 118 -39.53 -29.49 14.73
N ALA E 119 -39.06 -28.25 14.86
CA ALA E 119 -38.60 -27.74 16.14
C ALA E 119 -39.67 -26.87 16.80
N GLY E 120 -40.79 -26.71 16.10
CA GLY E 120 -41.86 -25.84 16.59
C GLY E 120 -41.33 -24.47 16.94
N PRO E 122 -40.19 -20.40 15.08
CA PRO E 122 -39.94 -19.52 13.95
C PRO E 122 -38.44 -19.41 13.69
N LEU E 123 -38.08 -19.15 12.44
CA LEU E 123 -36.69 -19.24 12.01
C LEU E 123 -35.76 -18.27 12.72
N TYR E 124 -36.28 -17.10 13.09
CA TYR E 124 -35.45 -16.06 13.72
C TYR E 124 -34.96 -16.51 15.09
N LEU E 126 -34.15 -19.87 15.74
CA LEU E 126 -33.09 -20.87 15.48
C LEU E 126 -31.77 -20.20 15.18
N LEU E 127 -31.82 -19.16 14.34
CA LEU E 127 -30.61 -18.49 13.90
C LEU E 127 -30.00 -17.67 15.03
N GLY E 128 -30.85 -16.96 15.75
CA GLY E 128 -30.40 -16.15 16.88
C GLY E 128 -31.56 -15.73 17.75
N GLY E 129 -32.17 -14.61 17.41
CA GLY E 129 -33.29 -14.06 18.17
C GLY E 129 -32.90 -12.72 18.76
N ALA E 130 -32.97 -11.69 17.93
CA ALA E 130 -32.59 -10.34 18.34
C ALA E 130 -33.84 -9.52 18.62
N ARG E 131 -34.71 -9.44 17.62
CA ARG E 131 -35.97 -8.72 17.76
C ARG E 131 -37.13 -9.60 17.32
N THR E 132 -38.34 -9.14 17.61
CA THR E 132 -39.55 -9.78 17.15
C THR E 132 -40.20 -8.90 16.07
N LYS E 133 -39.65 -7.69 15.89
CA LYS E 133 -40.16 -6.72 14.93
C LYS E 133 -39.06 -5.76 14.48
N ILE E 134 -39.12 -5.32 13.24
CA ILE E 134 -38.15 -4.37 12.70
C ILE E 134 -38.84 -3.31 11.84
N LYS E 135 -38.35 -2.08 11.89
CA LYS E 135 -38.91 -1.00 11.07
C LYS E 135 -38.82 -1.40 9.62
N SER E 136 -39.74 -0.88 8.81
CA SER E 136 -39.78 -1.19 7.38
C SER E 136 -39.80 0.09 6.55
N TYR E 137 -39.42 -0.04 5.27
CA TYR E 137 -39.51 1.06 4.32
C TYR E 137 -40.24 0.63 3.05
N ALA E 138 -41.08 1.51 2.53
CA ALA E 138 -41.81 1.25 1.30
C ALA E 138 -40.92 1.42 0.09
N SER E 139 -40.70 0.33 -0.65
CA SER E 139 -40.06 0.41 -1.96
C SER E 139 -41.10 0.82 -3.01
N THR E 140 -40.83 1.91 -3.71
CA THR E 140 -41.82 2.52 -4.59
C THR E 140 -41.79 1.97 -6.00
N PRO E 141 -42.89 2.16 -6.75
CA PRO E 141 -42.90 1.95 -8.18
C PRO E 141 -42.28 3.13 -8.91
N PHE E 143 -43.16 6.14 -11.46
CA PHE E 143 -44.23 6.89 -12.10
C PHE E 143 -43.69 7.72 -13.26
N ASP E 144 -44.47 7.78 -14.34
CA ASP E 144 -44.05 8.48 -15.56
C ASP E 144 -43.75 9.95 -15.29
N THR E 145 -44.59 10.59 -14.48
CA THR E 145 -44.39 11.99 -14.09
C THR E 145 -43.93 12.09 -12.64
N VAL E 146 -43.32 13.22 -12.29
CA VAL E 146 -42.83 13.46 -10.93
C VAL E 146 -43.97 13.68 -9.94
N GLU E 147 -45.03 14.37 -10.40
CA GLU E 147 -46.15 14.71 -9.54
C GLU E 147 -46.81 13.49 -8.89
N GLU E 148 -46.75 12.35 -9.56
CA GLU E 148 -47.41 11.14 -9.07
C GLU E 148 -46.81 10.59 -7.78
N TYR E 149 -45.58 10.99 -7.47
CA TYR E 149 -44.90 10.49 -6.27
C TYR E 149 -45.49 11.09 -5.01
N PHE E 150 -46.05 12.29 -5.12
CA PHE E 150 -46.50 13.04 -3.94
C PHE E 150 -47.72 12.41 -3.27
N PRO E 151 -48.72 11.99 -4.05
CA PRO E 151 -49.87 11.30 -3.47
C PRO E 151 -49.48 9.96 -2.84
N TYR E 152 -48.61 9.24 -3.52
CA TYR E 152 -48.14 7.93 -3.07
C TYR E 152 -47.42 8.05 -1.73
N ILE E 153 -46.55 9.03 -1.62
CA ILE E 153 -45.73 9.22 -0.42
C ILE E 153 -46.60 9.56 0.79
N ASP E 154 -47.61 10.39 0.57
CA ASP E 154 -48.55 10.76 1.61
C ASP E 154 -49.27 9.51 2.12
N ASP E 155 -49.64 8.64 1.19
CA ASP E 155 -50.33 7.41 1.52
C ASP E 155 -49.44 6.55 2.42
N CYS E 156 -48.16 6.48 2.07
CA CYS E 156 -47.18 5.76 2.88
C CYS E 156 -47.08 6.36 4.29
N ILE E 157 -46.98 7.69 4.35
CA ILE E 157 -46.93 8.41 5.62
C ILE E 157 -48.25 8.23 6.40
N GLU E 158 -49.37 8.30 5.69
CA GLU E 158 -50.66 8.05 6.31
C GLU E 158 -50.70 6.61 6.82
N HIS E 159 -50.07 5.70 6.09
CA HIS E 159 -50.13 4.27 6.39
C HIS E 159 -49.31 3.90 7.62
N GLY E 160 -48.16 4.55 7.80
CA GLY E 160 -47.33 4.32 8.99
C GLY E 160 -45.84 4.21 8.71
N PHE E 161 -45.46 4.13 7.44
CA PHE E 161 -44.05 4.02 7.06
C PHE E 161 -43.27 5.22 7.56
N THR E 162 -42.02 4.97 7.97
CA THR E 162 -41.13 6.04 8.43
C THR E 162 -39.98 6.25 7.45
N ALA E 163 -39.89 5.38 6.44
CA ALA E 163 -38.86 5.50 5.42
C ALA E 163 -39.41 4.98 4.11
N ILE E 164 -38.96 5.56 2.99
CA ILE E 164 -39.35 5.06 1.67
C ILE E 164 -38.15 5.08 0.72
N LYS E 165 -38.00 4.01 -0.06
CA LYS E 165 -36.95 3.95 -1.07
C LYS E 165 -37.52 4.24 -2.44
N LEU E 166 -37.22 5.42 -2.96
CA LEU E 166 -37.70 5.82 -4.27
C LEU E 166 -37.00 5.02 -5.36
N HIS E 167 -37.78 4.38 -6.22
CA HIS E 167 -37.28 3.92 -7.51
C HIS E 167 -37.52 5.04 -8.49
N CYS E 168 -36.52 5.33 -9.32
CA CYS E 168 -36.57 6.49 -10.18
C CYS E 168 -36.40 6.11 -11.65
N TYR E 169 -36.07 7.11 -12.46
CA TYR E 169 -35.90 6.92 -13.90
C TYR E 169 -34.51 6.37 -14.23
N CYS E 170 -33.60 6.45 -13.25
CA CYS E 170 -32.23 6.01 -13.45
C CYS E 170 -31.57 6.77 -14.59
N VAL E 171 -31.92 8.05 -14.69
CA VAL E 171 -31.29 8.96 -15.63
C VAL E 171 -31.02 10.22 -14.85
N TYR E 172 -29.74 10.52 -14.64
CA TYR E 172 -29.36 11.60 -13.75
C TYR E 172 -30.26 12.84 -13.89
N ASP E 173 -30.37 13.37 -15.11
CA ASP E 173 -31.04 14.65 -15.30
C ASP E 173 -32.49 14.66 -14.80
N LYS E 174 -33.22 13.58 -15.08
CA LYS E 174 -34.62 13.45 -14.63
C LYS E 174 -34.70 13.13 -13.14
N ASP E 175 -33.75 12.33 -12.66
CA ASP E 175 -33.71 11.97 -11.24
C ASP E 175 -33.52 13.22 -10.37
N VAL E 176 -32.70 14.15 -10.83
CA VAL E 176 -32.49 15.40 -10.11
C VAL E 176 -33.81 16.11 -9.90
N ALA E 177 -34.66 16.08 -10.93
CA ALA E 177 -35.96 16.71 -10.86
C ALA E 177 -36.79 16.07 -9.77
N LEU E 178 -36.61 14.76 -9.60
CA LEU E 178 -37.36 14.00 -8.60
C LEU E 178 -36.87 14.30 -7.19
N VAL E 179 -35.62 13.92 -6.92
CA VAL E 179 -35.02 14.08 -5.62
C VAL E 179 -35.21 15.51 -5.07
N GLU E 180 -34.93 16.50 -5.91
CA GLU E 180 -35.03 17.90 -5.50
C GLU E 180 -36.47 18.30 -5.19
N ALA E 181 -37.42 17.84 -6.00
CA ALA E 181 -38.82 18.16 -5.78
C ALA E 181 -39.34 17.50 -4.51
N VAL E 182 -38.89 16.27 -4.25
CA VAL E 182 -39.32 15.53 -3.08
C VAL E 182 -38.79 16.16 -1.81
N GLU E 183 -37.48 16.37 -1.77
CA GLU E 183 -36.83 17.00 -0.62
C GLU E 183 -37.53 18.31 -0.28
N ALA E 184 -37.96 19.04 -1.30
CA ALA E 184 -38.67 20.31 -1.09
C ALA E 184 -39.97 20.09 -0.32
N LYS E 185 -40.69 19.03 -0.64
CA LYS E 185 -41.97 18.74 0.00
C LYS E 185 -41.83 18.08 1.38
N TYR E 186 -40.95 17.10 1.48
CA TYR E 186 -40.92 16.22 2.64
C TYR E 186 -39.61 16.29 3.43
N GLY E 187 -38.83 17.33 3.19
CA GLY E 187 -37.50 17.47 3.79
C GLY E 187 -37.48 17.50 5.30
N THR E 188 -38.42 18.20 5.91
CA THR E 188 -38.44 18.36 7.37
C THR E 188 -39.29 17.28 8.07
N SER E 189 -39.89 16.40 7.27
CA SER E 189 -40.84 15.40 7.75
C SER E 189 -40.33 14.48 8.86
N GLY E 190 -39.05 14.10 8.78
CA GLY E 190 -38.51 13.07 9.66
C GLY E 190 -38.52 11.70 8.98
N ILE E 191 -39.18 11.64 7.82
CA ILE E 191 -39.16 10.44 7.00
C ILE E 191 -37.76 10.25 6.43
N ARG E 192 -37.30 9.00 6.37
CA ARG E 192 -36.00 8.70 5.80
C ARG E 192 -36.14 8.28 4.34
N PHE E 193 -35.50 9.02 3.44
CA PHE E 193 -35.59 8.71 2.02
C PHE E 193 -34.34 8.01 1.51
N LEU E 195 -32.62 6.23 -2.28
CA LEU E 195 -32.73 6.29 -3.73
C LEU E 195 -32.02 5.10 -4.38
N ASP E 196 -32.73 4.41 -5.27
CA ASP E 196 -32.16 3.30 -6.02
C ASP E 196 -32.02 3.71 -7.48
N THR E 197 -30.79 3.68 -8.00
CA THR E 197 -30.54 4.10 -9.38
C THR E 197 -30.08 2.93 -10.26
N ALA E 198 -30.32 1.71 -9.79
CA ALA E 198 -30.09 0.49 -10.58
C ALA E 198 -28.76 0.45 -11.34
N GLY E 199 -27.81 1.26 -10.90
CA GLY E 199 -26.45 1.23 -11.43
C GLY E 199 -26.29 1.67 -12.88
N PHE E 200 -27.09 2.64 -13.32
CA PHE E 200 -26.98 3.12 -14.70
C PHE E 200 -26.33 4.49 -14.80
N TYR E 201 -26.04 5.09 -13.65
CA TYR E 201 -25.38 6.40 -13.63
C TYR E 201 -23.94 6.26 -14.06
N THR E 202 -23.39 7.31 -14.68
CA THR E 202 -21.95 7.42 -14.85
C THR E 202 -21.35 7.73 -13.48
N PRO E 203 -20.04 7.55 -13.33
CA PRO E 203 -19.40 7.86 -12.05
C PRO E 203 -19.59 9.34 -11.64
N GLU E 204 -19.31 10.25 -12.58
CA GLU E 204 -19.46 11.68 -12.31
C GLU E 204 -20.87 11.99 -11.79
N GLN E 205 -21.87 11.34 -12.37
CA GLN E 205 -23.26 11.55 -12.00
C GLN E 205 -23.55 11.11 -10.57
N ALA E 206 -23.08 9.92 -10.21
CA ALA E 206 -23.33 9.34 -8.89
C ALA E 206 -22.73 10.19 -7.78
N LYS E 208 -22.13 13.44 -7.82
CA LYS E 208 -22.97 14.62 -7.69
C LYS E 208 -24.23 14.35 -6.90
N ALA E 210 -24.64 11.91 -4.72
CA ALA E 210 -24.28 11.56 -3.35
C ALA E 210 -23.98 12.79 -2.51
N LYS E 211 -23.19 13.71 -3.04
CA LYS E 211 -22.89 14.95 -2.33
C LYS E 211 -24.21 15.60 -1.93
N TRP E 212 -25.16 15.58 -2.86
CA TRP E 212 -26.48 16.17 -2.65
C TRP E 212 -27.22 15.48 -1.52
N GLU E 214 -26.07 13.62 0.76
CA GLU E 214 -25.31 13.80 1.99
C GLU E 214 -25.70 15.10 2.68
N ARG E 215 -25.71 16.19 1.90
CA ARG E 215 -26.12 17.48 2.41
C ARG E 215 -27.48 17.38 3.10
N HIS E 216 -28.44 16.75 2.42
CA HIS E 216 -29.82 16.72 2.89
C HIS E 216 -30.13 15.48 3.73
N ASN E 217 -29.09 14.82 4.22
CA ASN E 217 -29.23 13.74 5.21
C ASN E 217 -30.13 12.59 4.78
N TRP E 218 -30.09 12.22 3.51
CA TRP E 218 -30.82 11.06 3.03
C TRP E 218 -30.17 9.77 3.56
N GLU E 219 -30.98 8.71 3.67
CA GLU E 219 -30.52 7.48 4.32
C GLU E 219 -29.40 6.78 3.54
N TRP E 220 -29.70 6.32 2.33
CA TRP E 220 -28.67 5.69 1.51
C TRP E 220 -28.93 5.74 0.00
N LEU E 221 -27.86 5.64 -0.77
CA LEU E 221 -27.90 5.54 -2.22
C LEU E 221 -27.64 4.10 -2.63
N GLU E 222 -28.48 3.56 -3.49
CA GLU E 222 -28.39 2.15 -3.86
C GLU E 222 -28.06 1.99 -5.35
N ALA E 223 -27.05 1.17 -5.64
CA ALA E 223 -26.64 0.90 -7.02
C ALA E 223 -26.41 2.19 -7.78
N PRO E 224 -25.39 2.96 -7.37
CA PRO E 224 -25.03 4.17 -8.11
C PRO E 224 -24.46 3.84 -9.49
N VAL E 225 -23.63 2.81 -9.56
CA VAL E 225 -23.00 2.40 -10.80
C VAL E 225 -22.89 0.87 -10.87
N SER E 226 -22.27 0.37 -11.93
CA SER E 226 -22.03 -1.05 -12.06
C SER E 226 -21.37 -1.60 -10.80
N ASP E 227 -21.94 -2.67 -10.24
CA ASP E 227 -21.38 -3.26 -9.02
C ASP E 227 -19.94 -3.71 -9.24
N TYR E 228 -19.52 -3.77 -10.49
CA TYR E 228 -18.18 -4.26 -10.81
C TYR E 228 -17.16 -3.14 -10.95
N ASP E 229 -17.64 -1.90 -11.05
CA ASP E 229 -16.77 -0.74 -11.01
C ASP E 229 -16.40 -0.52 -9.55
N PHE E 230 -15.37 -1.23 -9.09
CA PHE E 230 -15.00 -1.18 -7.68
C PHE E 230 -14.52 0.20 -7.30
N LYS E 231 -13.63 0.76 -8.10
CA LYS E 231 -12.98 2.02 -7.74
C LYS E 231 -13.97 3.16 -7.50
N THR E 232 -15.01 3.25 -8.34
CA THR E 232 -16.03 4.27 -8.11
C THR E 232 -16.65 4.11 -6.74
N TYR E 233 -17.07 2.90 -6.41
CA TYR E 233 -17.65 2.62 -5.11
C TYR E 233 -16.68 3.08 -4.02
N GLN E 234 -15.44 2.60 -4.09
CA GLN E 234 -14.42 3.03 -3.14
C GLN E 234 -14.38 4.56 -3.03
N ARG E 235 -14.41 5.23 -4.17
CA ARG E 235 -14.34 6.70 -4.21
C ARG E 235 -15.55 7.37 -3.55
N LEU E 236 -16.74 6.85 -3.80
CA LEU E 236 -17.95 7.37 -3.18
C LEU E 236 -17.91 7.23 -1.66
N VAL E 237 -17.47 6.07 -1.17
CA VAL E 237 -17.39 5.82 0.28
C VAL E 237 -16.24 6.59 0.92
N ALA E 238 -15.16 6.81 0.16
CA ALA E 238 -14.01 7.53 0.68
C ALA E 238 -14.31 9.02 0.79
N ASN E 239 -15.21 9.53 -0.06
CA ASN E 239 -15.38 10.97 -0.17
C ASN E 239 -16.73 11.52 0.29
N THR E 240 -17.61 10.65 0.78
CA THR E 240 -18.86 11.13 1.39
C THR E 240 -19.24 10.27 2.60
N ASP E 241 -19.97 10.87 3.53
CA ASP E 241 -20.45 10.14 4.71
C ASP E 241 -21.77 9.43 4.44
N LEU E 242 -22.12 9.30 3.16
CA LEU E 242 -23.40 8.70 2.76
C LEU E 242 -23.29 7.18 2.67
N GLU E 243 -24.32 6.49 3.11
CA GLU E 243 -24.35 5.04 3.07
C GLU E 243 -24.50 4.55 1.63
N ILE E 244 -23.41 4.06 1.06
CA ILE E 244 -23.42 3.54 -0.32
C ILE E 244 -23.71 2.04 -0.34
N SER E 245 -24.70 1.64 -1.13
CA SER E 245 -25.09 0.24 -1.17
C SER E 245 -24.96 -0.35 -2.57
N SER E 246 -24.74 -1.66 -2.63
CA SER E 246 -24.64 -2.35 -3.92
C SER E 246 -26.03 -2.61 -4.47
N HIS E 247 -26.09 -3.12 -5.70
CA HIS E 247 -27.35 -3.48 -6.33
C HIS E 247 -27.94 -4.69 -5.60
N GLY E 248 -27.05 -5.55 -5.11
CA GLY E 248 -27.43 -6.68 -4.26
C GLY E 248 -27.65 -7.99 -4.99
N ASN E 249 -27.39 -8.00 -6.30
CA ASN E 249 -27.67 -9.16 -7.13
C ASN E 249 -26.51 -9.57 -8.02
N CYS E 250 -25.31 -9.11 -7.68
CA CYS E 250 -24.15 -9.35 -8.54
C CYS E 250 -22.99 -10.01 -7.79
N LEU E 251 -22.62 -9.44 -6.63
CA LEU E 251 -21.59 -10.04 -5.79
C LEU E 251 -22.26 -10.85 -4.68
N LEU E 252 -22.35 -12.16 -4.89
CA LEU E 252 -23.17 -13.02 -4.04
C LEU E 252 -22.33 -13.94 -3.15
N THR E 253 -21.09 -14.19 -3.53
CA THR E 253 -20.25 -15.12 -2.79
C THR E 253 -19.82 -14.52 -1.46
N LEU E 254 -19.67 -15.37 -0.46
CA LEU E 254 -19.14 -14.94 0.84
C LEU E 254 -17.79 -14.24 0.68
N GLN E 255 -16.99 -14.69 -0.29
CA GLN E 255 -15.67 -14.10 -0.51
C GLN E 255 -15.78 -12.73 -1.16
N GLU E 256 -16.76 -12.54 -2.02
CA GLU E 256 -16.91 -11.24 -2.68
C GLU E 256 -17.41 -10.20 -1.70
N VAL E 257 -18.32 -10.61 -0.82
CA VAL E 257 -18.77 -9.74 0.25
C VAL E 257 -17.58 -9.34 1.09
N THR E 258 -16.79 -10.32 1.51
CA THR E 258 -15.65 -10.09 2.39
C THR E 258 -14.64 -9.17 1.74
N HIS E 259 -14.37 -9.39 0.46
CA HIS E 259 -13.43 -8.55 -0.25
C HIS E 259 -13.92 -7.11 -0.28
N ALA E 260 -15.18 -6.91 -0.63
CA ALA E 260 -15.72 -5.57 -0.80
C ALA E 260 -15.63 -4.78 0.50
N LEU E 261 -16.06 -5.40 1.60
CA LEU E 261 -16.03 -4.73 2.88
C LEU E 261 -14.60 -4.44 3.31
N SER E 262 -13.66 -5.29 2.89
CA SER E 262 -12.25 -5.11 3.22
C SER E 262 -11.56 -4.02 2.40
N THR E 263 -12.12 -3.69 1.24
CA THR E 263 -11.50 -2.70 0.35
C THR E 263 -12.25 -1.36 0.33
N GLY E 264 -13.24 -1.22 1.20
CA GLY E 264 -13.92 0.05 1.39
C GLY E 264 -14.97 0.34 0.33
N TRP E 266 -18.25 -0.76 0.06
CA TRP E 266 -19.64 -0.60 0.50
C TRP E 266 -19.73 -0.07 1.92
N SER E 267 -20.73 0.79 2.17
CA SER E 267 -21.00 1.26 3.53
C SER E 267 -21.84 0.22 4.28
N ASP E 268 -22.47 -0.68 3.53
CA ASP E 268 -23.28 -1.75 4.10
C ASP E 268 -23.21 -2.97 3.18
N VAL E 269 -24.00 -3.99 3.47
CA VAL E 269 -24.08 -5.12 2.56
C VAL E 269 -25.54 -5.40 2.20
N ARG E 270 -25.80 -5.45 0.89
CA ARG E 270 -27.14 -5.71 0.36
C ARG E 270 -27.16 -7.11 -0.23
N GLN E 271 -27.99 -7.97 0.34
CA GLN E 271 -28.01 -9.37 -0.05
C GLN E 271 -29.42 -9.93 0.11
N ASP E 272 -29.78 -10.87 -0.77
CA ASP E 272 -31.10 -11.47 -0.76
C ASP E 272 -30.99 -12.98 -0.57
N ALA E 273 -31.67 -13.49 0.46
CA ALA E 273 -31.59 -14.90 0.79
C ALA E 273 -32.06 -15.77 -0.37
N THR E 274 -32.89 -15.21 -1.25
CA THR E 274 -33.43 -15.96 -2.38
C THR E 274 -32.56 -15.79 -3.63
N VAL E 275 -31.34 -15.32 -3.43
CA VAL E 275 -30.43 -15.05 -4.55
C VAL E 275 -28.99 -15.50 -4.25
N CYS E 276 -28.52 -15.27 -3.04
CA CYS E 276 -27.13 -15.57 -2.72
C CYS E 276 -26.93 -17.01 -2.25
N GLY E 277 -27.99 -17.81 -2.31
CA GLY E 277 -27.91 -19.24 -2.01
C GLY E 277 -28.65 -19.67 -0.76
N GLY E 278 -29.72 -18.97 -0.42
CA GLY E 278 -30.60 -19.40 0.65
C GLY E 278 -30.27 -18.82 2.01
N ILE E 279 -31.05 -19.22 3.01
CA ILE E 279 -30.87 -18.76 4.38
C ILE E 279 -29.44 -19.04 4.86
N THR E 280 -28.94 -20.22 4.51
CA THR E 280 -27.62 -20.65 4.96
C THR E 280 -26.60 -19.55 4.72
N GLN E 281 -26.61 -18.98 3.51
CA GLN E 281 -25.61 -18.00 3.11
C GLN E 281 -25.88 -16.64 3.73
N LEU E 282 -27.07 -16.11 3.52
CA LEU E 282 -27.42 -14.81 4.09
C LEU E 282 -26.98 -14.76 5.56
N ASN E 283 -27.45 -15.71 6.33
CA ASN E 283 -27.09 -15.84 7.74
C ASN E 283 -25.59 -15.58 7.95
N LYS E 284 -24.79 -16.16 7.08
CA LYS E 284 -23.34 -16.01 7.14
C LYS E 284 -22.86 -14.62 6.75
N CYS E 285 -23.57 -13.97 5.83
CA CYS E 285 -23.21 -12.60 5.43
C CYS E 285 -23.55 -11.57 6.51
N PHE E 286 -24.50 -11.89 7.38
CA PHE E 286 -24.78 -11.06 8.54
C PHE E 286 -23.58 -11.03 9.47
N ALA E 287 -23.02 -12.21 9.74
CA ALA E 287 -21.87 -12.31 10.63
C ALA E 287 -20.69 -11.56 10.04
N ILE E 288 -20.36 -11.85 8.78
CA ILE E 288 -19.25 -11.20 8.10
C ILE E 288 -19.36 -9.67 8.23
N ALA E 289 -20.58 -9.17 8.04
CA ALA E 289 -20.85 -7.74 8.16
C ALA E 289 -20.61 -7.22 9.57
N ALA E 290 -21.08 -7.96 10.57
CA ALA E 290 -20.87 -7.57 11.97
C ALA E 290 -19.39 -7.46 12.29
N GLY E 291 -18.59 -8.34 11.70
CA GLY E 291 -17.13 -8.31 11.88
C GLY E 291 -16.48 -7.09 11.23
N HIS E 292 -17.17 -6.50 10.27
CA HIS E 292 -16.70 -5.26 9.66
C HIS E 292 -17.39 -4.03 10.25
N SER E 293 -18.13 -4.25 11.34
CA SER E 293 -18.85 -3.16 12.02
C SER E 293 -19.78 -2.47 11.05
N LYS E 294 -20.57 -3.28 10.33
CA LYS E 294 -21.53 -2.76 9.37
C LYS E 294 -22.78 -3.61 9.38
N ASN E 295 -23.85 -3.11 8.75
CA ASN E 295 -25.13 -3.81 8.74
C ASN E 295 -25.37 -4.50 7.42
N LEU E 296 -26.20 -5.54 7.46
CA LEU E 296 -26.69 -6.16 6.24
C LEU E 296 -28.12 -5.71 6.05
N GLU E 297 -28.32 -4.79 5.12
CA GLU E 297 -29.64 -4.30 4.81
C GLU E 297 -30.25 -5.22 3.77
N ILE E 298 -31.21 -6.03 4.20
CA ILE E 298 -31.77 -7.10 3.39
C ILE E 298 -32.55 -6.62 2.18
N GLN E 299 -32.54 -7.43 1.13
CA GLN E 299 -33.40 -7.22 -0.01
C GLN E 299 -34.57 -8.20 0.06
N SER E 300 -35.75 -7.68 0.38
CA SER E 300 -36.94 -8.51 0.57
C SER E 300 -38.04 -8.09 -0.40
N GLY E 302 -40.22 -8.65 -3.00
CA GLY E 302 -40.74 -9.82 -3.71
C GLY E 302 -41.95 -10.44 -3.03
N TYR E 303 -42.31 -11.65 -3.46
CA TYR E 303 -43.50 -12.32 -2.93
C TYR E 303 -43.34 -12.73 -1.48
N THR E 304 -44.47 -12.98 -0.82
CA THR E 304 -44.51 -13.31 0.61
C THR E 304 -43.42 -14.27 1.07
N LEU E 305 -43.13 -15.29 0.27
CA LEU E 305 -42.12 -16.28 0.64
C LEU E 305 -40.70 -15.68 0.67
N THR E 306 -40.43 -14.78 -0.26
CA THR E 306 -39.15 -14.07 -0.26
C THR E 306 -39.12 -13.12 0.93
N GLN E 307 -40.24 -12.46 1.19
CA GLN E 307 -40.33 -11.54 2.32
C GLN E 307 -39.99 -12.26 3.61
N ALA E 308 -40.63 -13.40 3.85
CA ALA E 308 -40.47 -14.14 5.10
C ALA E 308 -39.04 -14.60 5.32
N ALA E 309 -38.42 -15.15 4.27
CA ALA E 309 -37.05 -15.64 4.35
C ALA E 309 -36.11 -14.56 4.89
N ASN E 310 -36.10 -13.42 4.21
CA ASN E 310 -35.22 -12.32 4.58
C ASN E 310 -35.59 -11.70 5.92
N LEU E 311 -36.87 -11.64 6.23
CA LEU E 311 -37.33 -11.04 7.48
C LEU E 311 -36.83 -11.83 8.68
N HIS E 312 -36.89 -13.16 8.59
CA HIS E 312 -36.47 -14.01 9.69
C HIS E 312 -35.00 -13.78 10.01
N VAL E 313 -34.17 -13.78 8.98
CA VAL E 313 -32.73 -13.62 9.16
C VAL E 313 -32.42 -12.25 9.75
N ALA E 314 -33.15 -11.23 9.31
CA ALA E 314 -32.94 -9.87 9.79
C ALA E 314 -33.34 -9.75 11.26
N LEU E 315 -34.43 -10.41 11.62
CA LEU E 315 -34.86 -10.47 13.01
C LEU E 315 -33.86 -11.24 13.88
N ALA E 316 -33.21 -12.23 13.28
CA ALA E 316 -32.29 -13.09 14.00
C ALA E 316 -31.13 -12.30 14.60
N HIS E 317 -30.62 -11.32 13.84
CA HIS E 317 -29.44 -10.56 14.26
C HIS E 317 -29.76 -9.11 14.64
N ASP E 318 -28.74 -8.37 15.06
CA ASP E 318 -28.91 -6.95 15.42
C ASP E 318 -28.62 -6.03 14.25
N ASN E 319 -27.53 -6.28 13.55
CA ASN E 319 -27.04 -5.38 12.51
C ASN E 319 -27.90 -5.39 11.24
N CYS E 320 -29.06 -4.73 11.34
CA CYS E 320 -29.89 -4.45 10.18
C CYS E 320 -30.99 -3.48 10.58
N ASN E 321 -31.00 -2.31 9.93
CA ASN E 321 -31.96 -1.28 10.28
C ASN E 321 -33.36 -1.51 9.73
N PHE E 322 -33.46 -2.02 8.51
CA PHE E 322 -34.74 -2.01 7.80
C PHE E 322 -35.10 -3.32 7.08
N PHE E 323 -36.40 -3.52 6.92
CA PHE E 323 -36.96 -4.56 6.07
C PHE E 323 -37.63 -3.86 4.88
N GLU E 324 -37.44 -4.42 3.69
CA GLU E 324 -37.95 -3.81 2.46
C GLU E 324 -39.39 -4.25 2.18
N GLN E 325 -40.33 -3.31 2.28
CA GLN E 325 -41.74 -3.54 1.97
C GLN E 325 -42.12 -2.83 0.67
N PHE E 326 -42.39 -3.60 -0.38
CA PHE E 326 -42.92 -3.01 -1.60
C PHE E 326 -44.38 -2.63 -1.35
N TYR E 327 -44.73 -1.39 -1.67
CA TYR E 327 -46.09 -0.87 -1.43
C TYR E 327 -46.73 -0.44 -2.76
N PRO E 328 -47.97 -0.89 -3.02
CA PRO E 328 -48.88 -1.61 -2.13
C PRO E 328 -48.61 -3.11 -2.06
N TYR E 329 -49.26 -3.78 -1.12
CA TYR E 329 -49.00 -5.20 -0.84
C TYR E 329 -49.59 -6.13 -1.89
N GLU E 330 -50.91 -6.15 -1.99
CA GLU E 330 -51.65 -7.13 -2.81
C GLU E 330 -50.80 -7.89 -3.83
N ALA E 331 -50.41 -7.22 -4.91
CA ALA E 331 -49.64 -7.86 -5.99
C ALA E 331 -48.77 -9.03 -5.52
N PHE E 332 -47.92 -8.79 -4.53
CA PHE E 332 -46.93 -9.79 -4.09
C PHE E 332 -47.46 -10.76 -3.02
N GLU E 333 -48.71 -10.59 -2.62
CA GLU E 333 -49.35 -11.55 -1.72
C GLU E 333 -50.06 -12.64 -2.53
N LEU E 334 -49.75 -12.69 -3.83
CA LEU E 334 -50.37 -13.65 -4.74
C LEU E 334 -50.32 -15.07 -4.21
N ALA E 335 -51.50 -15.69 -4.06
CA ALA E 335 -51.62 -17.10 -3.74
C ALA E 335 -51.19 -17.45 -2.31
N SER E 336 -51.25 -16.47 -1.42
CA SER E 336 -50.79 -16.66 -0.05
C SER E 336 -51.88 -16.35 0.96
N LYS E 337 -51.87 -17.10 2.08
CA LYS E 337 -52.79 -16.82 3.19
C LYS E 337 -52.10 -15.94 4.24
N THR E 338 -50.78 -16.02 4.28
CA THR E 338 -49.98 -15.21 5.19
C THR E 338 -49.80 -13.80 4.61
N GLN E 339 -49.85 -12.80 5.47
CA GLN E 339 -49.72 -11.40 5.03
C GLN E 339 -48.81 -10.57 5.94
N ILE E 340 -47.61 -10.28 5.46
CA ILE E 340 -46.69 -9.41 6.15
C ILE E 340 -47.00 -7.96 5.76
N ARG E 341 -47.34 -7.13 6.75
CA ARG E 341 -47.70 -5.74 6.47
C ARG E 341 -47.24 -4.78 7.56
N THR E 342 -46.92 -3.55 7.15
CA THR E 342 -46.43 -2.53 8.06
C THR E 342 -47.58 -1.93 8.86
N ASP E 343 -47.41 -1.87 10.18
CA ASP E 343 -48.46 -1.38 11.07
C ASP E 343 -48.49 0.14 11.11
N LYS E 344 -49.37 0.69 11.94
CA LYS E 344 -49.57 2.14 12.04
C LYS E 344 -48.33 2.86 12.59
N GLU E 345 -47.39 2.12 13.18
CA GLU E 345 -46.16 2.72 13.70
C GLU E 345 -44.92 2.40 12.86
N GLY E 346 -45.14 1.90 11.66
CA GLY E 346 -44.05 1.65 10.71
C GLY E 346 -43.25 0.37 10.94
N TYR E 347 -43.78 -0.52 11.78
CA TYR E 347 -43.12 -1.78 12.11
C TYR E 347 -43.72 -2.93 11.35
N VAL E 348 -42.87 -3.86 10.91
CA VAL E 348 -43.32 -5.13 10.36
C VAL E 348 -42.93 -6.24 11.33
N HIS E 349 -43.83 -7.20 11.54
CA HIS E 349 -43.62 -8.23 12.55
C HIS E 349 -43.41 -9.60 11.92
N ALA E 350 -42.96 -10.55 12.73
CA ALA E 350 -42.77 -11.91 12.26
C ALA E 350 -44.10 -12.67 12.31
N PRO E 351 -44.38 -13.49 11.29
CA PRO E 351 -45.60 -14.30 11.31
C PRO E 351 -45.64 -15.22 12.53
N ALA E 352 -46.85 -15.49 13.03
CA ALA E 352 -47.02 -16.30 14.22
C ALA E 352 -46.62 -17.76 13.97
N GLY E 353 -46.74 -18.19 12.72
CA GLY E 353 -46.41 -19.57 12.35
C GLY E 353 -44.94 -19.91 12.51
N ASN E 354 -44.66 -21.19 12.73
CA ASN E 354 -43.29 -21.67 12.85
C ASN E 354 -42.66 -21.90 11.47
N GLY E 355 -41.34 -22.10 11.46
CA GLY E 355 -40.59 -22.10 10.23
C GLY E 355 -40.55 -20.67 9.70
N LEU E 356 -40.95 -20.50 8.44
CA LEU E 356 -41.10 -19.18 7.86
C LEU E 356 -42.42 -18.57 8.32
N GLY E 357 -43.34 -19.43 8.74
CA GLY E 357 -44.66 -19.00 9.17
C GLY E 357 -45.53 -18.61 7.99
N VAL E 358 -45.19 -19.12 6.81
CA VAL E 358 -45.90 -18.80 5.58
C VAL E 358 -46.83 -19.94 5.20
N GLU E 359 -48.09 -19.58 4.94
CA GLU E 359 -49.11 -20.51 4.52
C GLU E 359 -49.55 -20.10 3.12
N ASP E 361 -52.04 -20.76 -0.34
CA ASP E 361 -53.29 -21.35 -0.82
C ASP E 361 -52.98 -22.26 -2.01
N TRP E 362 -52.88 -23.55 -1.72
CA TRP E 362 -52.41 -24.52 -2.72
C TRP E 362 -53.37 -24.68 -3.90
N ASP E 363 -54.62 -24.26 -3.71
CA ASP E 363 -55.57 -24.21 -4.81
C ASP E 363 -55.19 -23.06 -5.74
N ALA E 364 -54.95 -21.89 -5.16
CA ALA E 364 -54.67 -20.68 -5.93
C ALA E 364 -53.35 -20.77 -6.69
N VAL E 365 -52.34 -21.40 -6.09
CA VAL E 365 -51.04 -21.55 -6.76
C VAL E 365 -51.15 -22.42 -8.01
N LYS E 366 -51.85 -23.54 -7.90
CA LYS E 366 -52.05 -24.42 -9.06
C LYS E 366 -52.81 -23.67 -10.16
N GLU E 367 -53.72 -22.79 -9.76
CA GLU E 367 -54.48 -21.97 -10.71
C GLU E 367 -53.55 -20.99 -11.42
N ALA E 368 -52.80 -20.22 -10.62
CA ALA E 368 -51.91 -19.19 -11.16
C ALA E 368 -50.65 -19.77 -11.79
N SER E 369 -50.42 -21.07 -11.56
CA SER E 369 -49.25 -21.74 -12.13
C SER E 369 -49.43 -22.02 -13.62
N PHE E 370 -48.43 -21.64 -14.40
CA PHE E 370 -48.42 -21.91 -15.84
C PHE E 370 -47.34 -22.92 -16.20
N ALA E 371 -46.59 -23.38 -15.19
CA ALA E 371 -45.58 -24.39 -15.40
C ALA E 371 -45.29 -25.07 -14.07
N SER E 372 -45.29 -26.40 -14.07
CA SER E 372 -45.10 -27.14 -12.83
C SER E 372 -44.43 -28.49 -13.07
N TYR E 373 -43.67 -28.95 -12.09
CA TYR E 373 -43.09 -30.28 -12.12
C TYR E 373 -43.25 -30.95 -10.77
N VAL E 374 -43.27 -32.28 -10.78
CA VAL E 374 -43.36 -33.05 -9.55
C VAL E 374 -42.39 -34.22 -9.64
N PHE E 375 -41.67 -34.47 -8.56
CA PHE E 375 -40.71 -35.58 -8.50
C PHE E 375 -40.97 -36.40 -7.24
N GLU E 376 -40.77 -37.71 -7.33
CA GLU E 376 -41.08 -38.57 -6.19
C GLU E 376 -40.36 -39.91 -6.21
N GLU E 377 -40.26 -40.52 -5.03
CA GLU E 377 -39.76 -41.88 -4.88
C GLU E 377 -40.74 -42.87 -5.48
N GLU F 4 -27.72 1.69 -43.16
N GLU F 4 -27.37 1.28 -42.39
CA GLU F 4 -28.05 0.25 -43.38
CA GLU F 4 -28.14 0.55 -43.44
C GLU F 4 -29.45 -0.09 -42.88
C GLU F 4 -29.49 0.06 -42.90
N ASP F 5 -30.34 -0.37 -43.83
CA ASP F 5 -31.70 -0.78 -43.49
C ASP F 5 -31.72 -2.20 -42.93
N CYS F 6 -30.54 -2.79 -42.78
CA CYS F 6 -30.41 -4.18 -42.33
C CYS F 6 -31.10 -4.35 -40.98
N ARG F 7 -32.18 -5.11 -40.98
CA ARG F 7 -32.95 -5.35 -39.77
C ARG F 7 -33.10 -6.84 -39.51
N ILE F 8 -33.40 -7.19 -38.26
CA ILE F 8 -33.69 -8.58 -37.92
C ILE F 8 -35.12 -8.89 -38.32
N SER F 9 -35.28 -9.91 -39.17
CA SER F 9 -36.59 -10.30 -39.67
C SER F 9 -37.18 -11.45 -38.86
N ARG F 10 -36.29 -12.32 -38.37
CA ARG F 10 -36.70 -13.57 -37.74
C ARG F 10 -35.57 -14.17 -36.91
N VAL F 11 -35.94 -14.83 -35.82
CA VAL F 11 -34.95 -15.58 -35.03
C VAL F 11 -35.52 -16.94 -34.65
N GLU F 12 -34.65 -17.94 -34.63
CA GLU F 12 -35.02 -19.27 -34.21
C GLU F 12 -34.13 -19.71 -33.05
N LEU F 13 -34.73 -20.38 -32.08
CA LEU F 13 -33.99 -20.92 -30.96
C LEU F 13 -34.05 -22.45 -30.99
N TYR F 14 -32.97 -23.07 -30.54
CA TYR F 14 -32.90 -24.52 -30.52
C TYR F 14 -32.14 -25.01 -29.30
N ALA F 15 -32.66 -26.05 -28.66
CA ALA F 15 -31.93 -26.81 -27.64
C ALA F 15 -31.83 -28.24 -28.15
N LEU F 16 -30.62 -28.70 -28.41
CA LEU F 16 -30.42 -30.01 -29.03
C LEU F 16 -29.36 -30.83 -28.30
N ALA F 17 -29.37 -32.15 -28.53
CA ALA F 17 -28.50 -33.07 -27.82
C ALA F 17 -28.45 -34.43 -28.52
N ASP F 18 -27.73 -35.37 -27.89
CA ASP F 18 -27.65 -36.75 -28.39
C ASP F 18 -27.74 -37.72 -27.21
N GLU F 19 -28.64 -38.70 -27.31
CA GLU F 19 -28.77 -39.71 -26.27
C GLU F 19 -27.56 -40.63 -26.20
N ASN F 20 -27.06 -41.05 -27.36
CA ASN F 20 -26.02 -42.07 -27.42
C ASN F 20 -24.60 -41.53 -27.28
N ALA F 21 -24.46 -40.21 -27.27
CA ALA F 21 -23.15 -39.60 -27.02
C ALA F 21 -22.70 -39.94 -25.61
N PRO F 22 -21.40 -40.13 -25.41
CA PRO F 22 -20.88 -40.45 -24.08
C PRO F 22 -20.85 -39.22 -23.17
N PRO F 23 -21.41 -39.36 -21.95
CA PRO F 23 -21.39 -38.25 -20.99
C PRO F 23 -19.97 -37.97 -20.50
N ILE F 24 -19.63 -36.69 -20.37
CA ILE F 24 -18.28 -36.29 -19.97
C ILE F 24 -18.31 -35.49 -18.66
N PRO F 25 -18.10 -36.18 -17.53
CA PRO F 25 -17.99 -35.54 -16.23
C PRO F 25 -16.54 -35.23 -15.88
N TRP F 26 -16.24 -33.98 -15.54
CA TRP F 26 -14.87 -33.60 -15.18
C TRP F 26 -14.68 -33.52 -13.67
N ALA F 27 -15.75 -33.75 -12.91
CA ALA F 27 -15.69 -33.74 -11.45
C ALA F 27 -15.83 -35.17 -10.93
N ASP F 28 -15.42 -35.40 -9.69
CA ASP F 28 -15.45 -36.75 -9.11
C ASP F 28 -16.76 -37.04 -8.39
N ASN F 29 -17.42 -38.13 -8.79
CA ASN F 29 -18.68 -38.59 -8.20
C ASN F 29 -19.91 -37.79 -8.66
N GLN F 30 -19.70 -36.57 -9.14
CA GLN F 30 -20.81 -35.79 -9.68
C GLN F 30 -21.45 -36.58 -10.80
N GLU F 31 -22.77 -36.75 -10.71
CA GLU F 31 -23.50 -37.56 -11.68
C GLU F 31 -23.13 -37.13 -13.09
N PRO F 32 -22.98 -38.09 -14.01
CA PRO F 32 -22.52 -37.77 -15.36
C PRO F 32 -23.26 -36.56 -15.95
N LEU F 33 -22.52 -35.64 -16.53
CA LEU F 33 -23.10 -34.41 -17.07
C LEU F 33 -23.62 -34.63 -18.48
N LEU F 34 -24.85 -34.25 -18.72
CA LEU F 34 -25.43 -34.26 -20.06
C LEU F 34 -25.20 -32.91 -20.72
N TYR F 35 -24.80 -32.94 -21.98
CA TYR F 35 -24.37 -31.73 -22.68
C TYR F 35 -25.39 -31.22 -23.70
N THR F 36 -25.97 -30.06 -23.41
CA THR F 36 -26.94 -29.43 -24.29
C THR F 36 -26.27 -28.36 -25.14
N ASN F 37 -26.77 -28.16 -26.35
CA ASN F 37 -26.30 -27.08 -27.21
C ASN F 37 -27.42 -26.10 -27.52
N ASN F 38 -27.27 -24.86 -27.06
CA ASN F 38 -28.29 -23.83 -27.23
C ASN F 38 -27.94 -22.90 -28.39
N ILE F 39 -28.75 -22.95 -29.45
CA ILE F 39 -28.45 -22.23 -30.70
C ILE F 39 -29.40 -21.07 -30.99
N VAL F 40 -28.84 -20.02 -31.61
CA VAL F 40 -29.61 -18.88 -32.05
C VAL F 40 -29.36 -18.70 -33.54
N ARG F 41 -30.44 -18.57 -34.32
CA ARG F 41 -30.30 -18.27 -35.74
C ARG F 41 -31.01 -16.97 -36.09
N LEU F 42 -30.23 -15.92 -36.35
CA LEU F 42 -30.78 -14.65 -36.77
C LEU F 42 -30.93 -14.62 -38.29
N PHE F 43 -32.07 -14.09 -38.76
CA PHE F 43 -32.31 -13.87 -40.18
C PHE F 43 -32.45 -12.39 -40.45
N THR F 44 -31.82 -11.89 -41.52
CA THR F 44 -32.00 -10.50 -41.95
C THR F 44 -33.03 -10.41 -43.10
N GLU F 45 -33.46 -9.19 -43.43
CA GLU F 45 -34.44 -8.99 -44.48
C GLU F 45 -33.88 -9.40 -45.85
N ASP F 46 -32.62 -9.07 -46.11
CA ASP F 46 -31.97 -9.42 -47.37
C ASP F 46 -31.66 -10.91 -47.49
N GLY F 47 -31.96 -11.67 -46.44
CA GLY F 47 -31.80 -13.13 -46.47
C GLY F 47 -30.56 -13.66 -45.74
N THR F 48 -29.68 -12.78 -45.30
CA THR F 48 -28.44 -13.22 -44.66
C THR F 48 -28.74 -13.96 -43.36
N GLU F 49 -27.97 -15.02 -43.12
CA GLU F 49 -28.19 -15.91 -41.98
C GLU F 49 -27.14 -15.65 -40.91
N GLY F 50 -27.54 -15.74 -39.64
CA GLY F 50 -26.63 -15.51 -38.51
C GLY F 50 -26.65 -16.64 -37.50
N LEU F 51 -25.47 -17.15 -37.15
CA LEU F 51 -25.35 -18.33 -36.30
C LEU F 51 -24.50 -18.09 -35.04
N GLY F 52 -25.06 -18.41 -33.88
CA GLY F 52 -24.31 -18.37 -32.62
C GLY F 52 -24.78 -19.42 -31.64
N ALA F 53 -23.91 -19.85 -30.74
CA ALA F 53 -24.27 -20.87 -29.76
C ALA F 53 -23.47 -20.77 -28.47
N THR F 54 -24.04 -21.37 -27.42
CA THR F 54 -23.40 -21.53 -26.12
C THR F 54 -23.93 -22.82 -25.50
N SER F 56 -24.39 -26.11 -22.57
CA SER F 56 -24.83 -26.29 -21.21
C SER F 56 -24.50 -27.69 -20.72
N TYR F 57 -24.26 -27.81 -19.42
CA TYR F 57 -23.99 -29.09 -18.80
C TYR F 57 -24.84 -29.24 -17.55
N THR F 58 -25.64 -30.29 -17.52
CA THR F 58 -26.59 -30.52 -16.44
C THR F 58 -26.66 -31.99 -16.09
N GLU F 59 -27.22 -32.28 -14.92
CA GLU F 59 -27.48 -33.65 -14.52
C GLU F 59 -28.94 -33.97 -14.82
N ASN F 60 -29.32 -35.23 -14.67
CA ASN F 60 -30.71 -35.65 -14.82
C ASN F 60 -31.26 -35.49 -16.25
N PHE F 61 -31.44 -34.25 -16.68
CA PHE F 61 -32.04 -33.98 -17.99
C PHE F 61 -31.22 -33.00 -18.80
N PHE F 62 -31.57 -32.84 -20.08
CA PHE F 62 -30.96 -31.81 -20.91
C PHE F 62 -31.53 -30.45 -20.50
N ASP F 63 -30.73 -29.41 -20.70
CA ASP F 63 -31.02 -28.10 -20.14
C ASP F 63 -31.96 -27.31 -21.04
N ARG F 64 -32.97 -26.69 -20.42
CA ARG F 64 -33.83 -25.73 -21.13
C ARG F 64 -33.70 -24.35 -20.49
N CYS F 65 -32.88 -24.26 -19.45
CA CYS F 65 -32.64 -23.01 -18.75
C CYS F 65 -32.25 -21.88 -19.70
N ILE F 66 -31.32 -22.16 -20.61
CA ILE F 66 -30.81 -21.16 -21.54
C ILE F 66 -31.82 -20.80 -22.63
N ILE F 67 -32.46 -21.81 -23.22
CA ILE F 67 -33.44 -21.58 -24.28
C ILE F 67 -34.59 -20.72 -23.76
N GLU F 68 -34.92 -20.93 -22.49
CA GLU F 68 -36.03 -20.24 -21.85
C GLU F 68 -35.65 -18.81 -21.52
N SER F 69 -34.42 -18.62 -21.02
CA SER F 69 -33.86 -17.30 -20.84
C SER F 69 -33.90 -16.54 -22.16
N LEU F 70 -33.37 -17.17 -23.21
CA LEU F 70 -33.32 -16.57 -24.53
C LEU F 70 -34.71 -16.26 -25.06
N ARG F 71 -35.71 -17.01 -24.60
CA ARG F 71 -37.08 -16.80 -25.02
C ARG F 71 -37.62 -15.45 -24.57
N THR F 72 -37.11 -14.96 -23.45
CA THR F 72 -37.56 -13.69 -22.89
C THR F 72 -36.76 -12.53 -23.44
N ILE F 73 -35.61 -12.82 -24.03
CA ILE F 73 -34.71 -11.78 -24.49
C ILE F 73 -34.95 -11.41 -25.95
N VAL F 74 -35.12 -12.42 -26.80
CA VAL F 74 -35.03 -12.24 -28.25
C VAL F 74 -36.23 -11.57 -28.94
N PRO F 75 -37.42 -11.63 -28.34
CA PRO F 75 -38.56 -11.00 -29.02
C PRO F 75 -38.29 -9.55 -29.42
N GLY F 76 -37.57 -8.81 -28.59
CA GLY F 76 -37.22 -7.42 -28.89
C GLY F 76 -36.15 -7.25 -29.96
N LEU F 77 -35.62 -8.37 -30.48
CA LEU F 77 -34.59 -8.33 -31.52
C LEU F 77 -35.15 -7.86 -32.85
N ILE F 78 -36.40 -8.23 -33.11
CA ILE F 78 -37.06 -7.91 -34.38
C ILE F 78 -37.00 -6.41 -34.66
N GLY F 79 -36.35 -6.04 -35.75
CA GLY F 79 -36.26 -4.65 -36.15
C GLY F 79 -34.86 -4.09 -35.98
N LYS F 80 -34.15 -4.54 -34.96
CA LYS F 80 -32.81 -4.03 -34.66
C LYS F 80 -31.82 -4.42 -35.75
N ASN F 81 -30.71 -3.68 -35.82
CA ASN F 81 -29.69 -3.90 -36.82
C ASN F 81 -28.47 -4.60 -36.22
N PRO F 82 -28.16 -5.82 -36.72
CA PRO F 82 -27.03 -6.59 -36.19
C PRO F 82 -25.67 -5.96 -36.50
N LEU F 83 -25.56 -5.32 -37.66
CA LEU F 83 -24.31 -4.67 -38.08
C LEU F 83 -23.83 -3.69 -37.02
N THR F 85 -23.24 -4.00 -33.83
CA THR F 85 -23.07 -5.04 -32.82
C THR F 85 -22.84 -4.45 -31.44
N GLN F 86 -22.25 -3.26 -31.39
CA GLN F 86 -21.94 -2.63 -30.13
C GLN F 86 -23.20 -2.12 -29.44
N GLU F 87 -24.04 -1.39 -30.20
CA GLU F 87 -25.30 -0.90 -29.65
C GLU F 87 -26.20 -2.07 -29.32
N LEU F 88 -26.04 -3.16 -30.08
CA LEU F 88 -26.75 -4.40 -29.81
C LEU F 88 -26.30 -5.00 -28.48
N ASN F 89 -24.99 -5.17 -28.32
CA ASN F 89 -24.45 -5.72 -27.08
C ASN F 89 -24.87 -4.85 -25.91
N ASN F 90 -24.87 -3.54 -26.13
CA ASN F 90 -25.35 -2.59 -25.14
C ASN F 90 -26.82 -2.84 -24.83
N TRP F 91 -27.60 -3.15 -25.86
CA TRP F 91 -29.02 -3.49 -25.68
C TRP F 91 -29.16 -4.76 -24.83
N LEU F 92 -28.34 -5.75 -25.13
CA LEU F 92 -28.38 -7.04 -24.44
C LEU F 92 -28.04 -6.93 -22.95
N GLY F 93 -27.13 -6.02 -22.63
CA GLY F 93 -26.74 -5.80 -21.24
C GLY F 93 -27.91 -5.40 -20.35
N ALA F 94 -28.93 -4.79 -20.94
CA ALA F 94 -30.05 -4.25 -20.19
C ALA F 94 -31.32 -5.12 -20.26
N ARG F 95 -31.18 -6.38 -20.63
CA ARG F 95 -32.31 -7.31 -20.60
C ARG F 95 -32.25 -8.18 -19.33
N CYS F 96 -33.32 -8.14 -18.53
CA CYS F 96 -33.38 -8.88 -17.27
C CYS F 96 -33.60 -10.39 -17.44
N THR F 97 -32.58 -11.17 -17.15
CA THR F 97 -32.72 -12.63 -17.05
C THR F 97 -31.69 -13.16 -16.07
N TRP F 98 -32.07 -14.17 -15.31
CA TRP F 98 -31.13 -14.90 -14.48
C TRP F 98 -30.20 -15.77 -15.33
N GLY F 99 -30.49 -15.84 -16.63
CA GLY F 99 -29.62 -16.53 -17.58
C GLY F 99 -28.33 -15.77 -17.84
N GLY F 100 -28.37 -14.45 -17.68
CA GLY F 100 -27.17 -13.62 -17.72
C GLY F 100 -26.41 -13.57 -19.05
N LEU F 101 -25.11 -13.25 -18.95
CA LEU F 101 -24.24 -13.10 -20.11
C LEU F 101 -24.10 -14.38 -20.95
N PRO F 102 -24.14 -15.56 -20.32
CA PRO F 102 -24.08 -16.80 -21.09
C PRO F 102 -25.27 -16.96 -22.03
N ALA F 103 -26.44 -16.49 -21.62
CA ALA F 103 -27.65 -16.57 -22.45
C ALA F 103 -27.64 -15.49 -23.53
N LYS F 104 -26.98 -14.37 -23.25
CA LYS F 104 -26.92 -13.25 -24.18
C LYS F 104 -25.76 -13.39 -25.15
N SER F 105 -24.82 -14.26 -24.84
CA SER F 105 -23.58 -14.38 -25.59
C SER F 105 -23.78 -14.77 -27.06
N PRO F 106 -24.63 -15.78 -27.31
CA PRO F 106 -24.73 -16.29 -28.67
C PRO F 106 -25.42 -15.31 -29.62
N ILE F 107 -26.19 -14.38 -29.07
CA ILE F 107 -26.89 -13.39 -29.89
C ILE F 107 -25.88 -12.43 -30.49
N ASP F 108 -24.98 -11.93 -29.64
CA ASP F 108 -23.90 -11.05 -30.08
C ASP F 108 -23.01 -11.73 -31.10
N ILE F 109 -22.80 -13.04 -30.94
CA ILE F 109 -22.00 -13.82 -31.89
C ILE F 109 -22.71 -13.95 -33.23
N ALA F 110 -24.02 -14.16 -33.19
CA ALA F 110 -24.82 -14.27 -34.40
C ALA F 110 -24.72 -13.00 -35.25
N ALA F 111 -24.72 -11.85 -34.58
CA ALA F 111 -24.65 -10.57 -35.28
C ALA F 111 -23.32 -10.41 -36.02
N TRP F 112 -22.23 -10.77 -35.35
CA TRP F 112 -20.90 -10.67 -35.93
C TRP F 112 -20.75 -11.59 -37.14
N ASP F 113 -21.42 -12.73 -37.09
CA ASP F 113 -21.40 -13.67 -38.20
C ASP F 113 -22.05 -13.04 -39.43
N ILE F 114 -23.22 -12.41 -39.23
CA ILE F 114 -23.95 -11.74 -40.30
C ILE F 114 -23.14 -10.59 -40.90
N LYS F 115 -22.33 -9.94 -40.07
CA LYS F 115 -21.41 -8.91 -40.54
C LYS F 115 -20.32 -9.53 -41.40
N GLY F 116 -19.68 -10.56 -40.87
CA GLY F 116 -18.58 -11.22 -41.57
C GLY F 116 -19.02 -11.71 -42.93
N LYS F 117 -20.23 -12.24 -43.00
CA LYS F 117 -20.77 -12.77 -44.25
C LYS F 117 -21.11 -11.64 -45.22
N LYS F 118 -21.69 -10.55 -44.72
CA LYS F 118 -21.98 -9.40 -45.56
C LYS F 118 -20.68 -8.76 -46.04
N ALA F 119 -19.67 -8.77 -45.17
CA ALA F 119 -18.35 -8.24 -45.52
C ALA F 119 -17.59 -9.19 -46.44
N GLY F 120 -18.06 -10.43 -46.53
CA GLY F 120 -17.38 -11.46 -47.30
C GLY F 120 -16.02 -11.76 -46.73
N PRO F 122 -13.58 -13.49 -43.20
CA PRO F 122 -13.50 -14.29 -41.98
C PRO F 122 -13.47 -13.37 -40.78
N LEU F 123 -14.20 -13.73 -39.73
CA LEU F 123 -14.34 -12.88 -38.56
C LEU F 123 -12.99 -12.40 -38.01
N TYR F 124 -11.97 -13.25 -38.14
CA TYR F 124 -10.66 -12.93 -37.60
C TYR F 124 -10.05 -11.75 -38.36
N LEU F 126 -11.95 -9.22 -39.50
CA LEU F 126 -12.69 -8.02 -39.11
C LEU F 126 -12.13 -7.44 -37.81
N LEU F 127 -11.45 -8.28 -37.04
CA LEU F 127 -10.99 -7.90 -35.71
C LEU F 127 -9.50 -7.58 -35.69
N GLY F 128 -8.76 -8.18 -36.61
CA GLY F 128 -7.32 -7.92 -36.72
C GLY F 128 -6.68 -8.75 -37.83
N GLY F 129 -6.11 -9.88 -37.46
CA GLY F 129 -5.42 -10.74 -38.41
C GLY F 129 -3.96 -10.89 -38.00
N ALA F 130 -3.74 -11.59 -36.90
CA ALA F 130 -2.38 -11.90 -36.46
C ALA F 130 -1.84 -13.05 -37.28
N ARG F 131 -2.69 -14.04 -37.50
CA ARG F 131 -2.34 -15.21 -38.31
C ARG F 131 -3.57 -16.08 -38.54
N THR F 132 -3.45 -17.11 -39.36
CA THR F 132 -4.61 -17.89 -39.77
C THR F 132 -4.66 -19.29 -39.15
N LYS F 133 -3.60 -19.67 -38.44
CA LYS F 133 -3.60 -20.93 -37.70
C LYS F 133 -2.97 -20.75 -36.33
N ILE F 134 -3.41 -21.56 -35.37
CA ILE F 134 -2.88 -21.52 -34.01
C ILE F 134 -2.63 -22.93 -33.50
N LYS F 135 -1.62 -23.10 -32.66
CA LYS F 135 -1.40 -24.37 -31.99
C LYS F 135 -2.63 -24.72 -31.16
N SER F 136 -2.88 -26.01 -31.00
CA SER F 136 -4.02 -26.47 -30.22
C SER F 136 -3.58 -27.52 -29.22
N TYR F 137 -4.28 -27.59 -28.11
CA TYR F 137 -4.06 -28.63 -27.12
C TYR F 137 -5.35 -29.43 -26.94
N ALA F 138 -5.22 -30.68 -26.52
CA ALA F 138 -6.37 -31.55 -26.36
C ALA F 138 -6.88 -31.54 -24.93
N SER F 139 -8.14 -31.14 -24.75
CA SER F 139 -8.81 -31.26 -23.46
C SER F 139 -9.27 -32.70 -23.31
N THR F 140 -8.82 -33.39 -22.26
CA THR F 140 -9.10 -34.81 -22.13
C THR F 140 -10.40 -35.05 -21.37
N PRO F 141 -11.02 -36.20 -21.62
CA PRO F 141 -12.09 -36.67 -20.75
C PRO F 141 -11.55 -37.05 -19.38
N PHE F 143 -11.00 -40.30 -16.86
CA PHE F 143 -11.02 -41.75 -16.79
C PHE F 143 -11.01 -42.22 -15.34
N ASP F 144 -11.78 -43.25 -15.05
CA ASP F 144 -11.86 -43.81 -13.72
C ASP F 144 -10.49 -44.20 -13.22
N THR F 145 -9.65 -44.66 -14.15
CA THR F 145 -8.33 -45.19 -13.81
C THR F 145 -7.20 -44.45 -14.53
N VAL F 146 -6.09 -44.28 -13.83
CA VAL F 146 -4.93 -43.58 -14.37
C VAL F 146 -4.35 -44.28 -15.60
N GLU F 147 -4.40 -45.61 -15.59
CA GLU F 147 -3.89 -46.41 -16.71
C GLU F 147 -4.56 -46.00 -18.02
N GLU F 148 -5.86 -45.70 -17.95
CA GLU F 148 -6.64 -45.39 -19.14
C GLU F 148 -6.14 -44.12 -19.83
N TYR F 149 -5.51 -43.22 -19.09
CA TYR F 149 -4.99 -41.99 -19.69
C TYR F 149 -3.90 -42.29 -20.71
N PHE F 150 -3.16 -43.38 -20.51
CA PHE F 150 -1.99 -43.66 -21.33
C PHE F 150 -2.31 -43.89 -22.81
N PRO F 151 -3.28 -44.76 -23.12
CA PRO F 151 -3.63 -44.94 -24.53
C PRO F 151 -4.25 -43.69 -25.16
N TYR F 152 -4.94 -42.90 -24.36
CA TYR F 152 -5.52 -41.64 -24.83
C TYR F 152 -4.42 -40.68 -25.24
N ILE F 153 -3.45 -40.49 -24.35
CA ILE F 153 -2.32 -39.60 -24.59
C ILE F 153 -1.52 -40.04 -25.81
N ASP F 154 -1.14 -41.31 -25.84
CA ASP F 154 -0.40 -41.87 -26.98
C ASP F 154 -1.11 -41.63 -28.30
N ASP F 155 -2.44 -41.62 -28.28
CA ASP F 155 -3.21 -41.32 -29.48
C ASP F 155 -3.05 -39.85 -29.84
N CYS F 156 -3.19 -38.97 -28.84
CA CYS F 156 -3.05 -37.53 -29.06
C CYS F 156 -1.69 -37.20 -29.68
N ILE F 157 -0.65 -37.87 -29.20
CA ILE F 157 0.70 -37.63 -29.70
C ILE F 157 0.84 -38.14 -31.13
N GLU F 158 0.11 -39.20 -31.47
CA GLU F 158 0.09 -39.70 -32.84
C GLU F 158 -0.71 -38.76 -33.74
N HIS F 159 -1.81 -38.22 -33.20
CA HIS F 159 -2.70 -37.37 -33.99
C HIS F 159 -2.00 -36.06 -34.37
N GLY F 160 -1.14 -35.56 -33.48
CA GLY F 160 -0.36 -34.36 -33.76
C GLY F 160 -0.49 -33.25 -32.73
N PHE F 161 -1.08 -33.55 -31.58
CA PHE F 161 -1.22 -32.56 -30.52
C PHE F 161 0.13 -32.29 -29.85
N THR F 162 0.47 -31.02 -29.67
CA THR F 162 1.73 -30.64 -29.03
C THR F 162 1.55 -30.37 -27.54
N ALA F 163 0.30 -30.29 -27.10
CA ALA F 163 -0.02 -30.10 -25.69
C ALA F 163 -1.34 -30.78 -25.38
N ILE F 164 -1.56 -31.10 -24.11
CA ILE F 164 -2.82 -31.73 -23.68
C ILE F 164 -3.20 -31.31 -22.26
N LYS F 165 -4.42 -30.83 -22.10
CA LYS F 165 -4.91 -30.41 -20.79
C LYS F 165 -5.68 -31.54 -20.12
N LEU F 166 -5.12 -32.07 -19.04
CA LEU F 166 -5.71 -33.20 -18.32
C LEU F 166 -6.87 -32.76 -17.44
N HIS F 167 -8.01 -33.39 -17.60
CA HIS F 167 -9.11 -33.23 -16.67
C HIS F 167 -9.03 -34.34 -15.64
N CYS F 168 -8.61 -33.97 -14.43
CA CYS F 168 -8.34 -34.94 -13.40
C CYS F 168 -9.60 -35.27 -12.59
N TYR F 169 -9.37 -35.79 -11.39
CA TYR F 169 -10.45 -36.13 -10.47
C TYR F 169 -10.82 -34.95 -9.57
N CYS F 170 -9.94 -33.95 -9.51
CA CYS F 170 -10.12 -32.81 -8.61
C CYS F 170 -10.12 -33.26 -7.16
N VAL F 171 -9.34 -34.30 -6.88
CA VAL F 171 -9.08 -34.76 -5.52
C VAL F 171 -7.58 -34.88 -5.37
N TYR F 172 -6.98 -33.94 -4.66
CA TYR F 172 -5.53 -33.81 -4.64
C TYR F 172 -4.82 -35.16 -4.68
N ASP F 173 -5.10 -36.04 -3.73
CA ASP F 173 -4.38 -37.32 -3.63
C ASP F 173 -4.45 -38.15 -4.90
N LYS F 174 -5.65 -38.27 -5.47
CA LYS F 174 -5.85 -39.03 -6.71
C LYS F 174 -5.18 -38.35 -7.90
N ASP F 175 -5.14 -37.02 -7.87
CA ASP F 175 -4.53 -36.25 -8.94
C ASP F 175 -2.99 -36.30 -8.91
N VAL F 176 -2.44 -36.67 -7.77
CA VAL F 176 -0.99 -36.78 -7.62
C VAL F 176 -0.50 -38.06 -8.28
N ALA F 177 -1.25 -39.14 -8.11
CA ALA F 177 -0.92 -40.41 -8.76
C ALA F 177 -1.02 -40.27 -10.27
N LEU F 178 -1.92 -39.39 -10.72
CA LEU F 178 -2.14 -39.15 -12.14
C LEU F 178 -1.01 -38.35 -12.74
N VAL F 179 -0.75 -37.20 -12.13
CA VAL F 179 0.26 -36.27 -12.61
C VAL F 179 1.65 -36.87 -12.57
N GLU F 180 2.05 -37.40 -11.42
CA GLU F 180 3.37 -38.03 -11.28
C GLU F 180 3.57 -39.14 -12.31
N ALA F 181 2.50 -39.86 -12.62
CA ALA F 181 2.56 -40.96 -13.57
C ALA F 181 2.76 -40.48 -15.00
N VAL F 182 2.06 -39.42 -15.38
CA VAL F 182 2.16 -38.88 -16.73
C VAL F 182 3.55 -38.29 -16.96
N GLU F 183 4.10 -37.67 -15.94
CA GLU F 183 5.44 -37.10 -16.01
C GLU F 183 6.47 -38.18 -16.28
N ALA F 184 6.23 -39.36 -15.73
CA ALA F 184 7.16 -40.48 -15.89
C ALA F 184 7.24 -40.95 -17.34
N LYS F 185 6.10 -41.37 -17.90
CA LYS F 185 6.08 -41.93 -19.25
C LYS F 185 6.21 -40.84 -20.33
N TYR F 186 5.90 -39.60 -19.97
CA TYR F 186 5.84 -38.50 -20.96
C TYR F 186 6.70 -37.28 -20.61
N GLY F 187 7.45 -37.35 -19.51
CA GLY F 187 8.29 -36.23 -19.08
C GLY F 187 9.28 -35.76 -20.12
N THR F 188 9.68 -36.64 -21.02
CA THR F 188 10.65 -36.30 -22.06
C THR F 188 10.03 -36.42 -23.45
N SER F 189 8.84 -35.87 -23.62
CA SER F 189 8.11 -35.95 -24.89
C SER F 189 8.25 -34.68 -25.72
N GLY F 190 8.36 -33.54 -25.05
CA GLY F 190 8.28 -32.25 -25.71
C GLY F 190 6.84 -31.76 -25.67
N ILE F 191 5.95 -32.63 -25.21
CA ILE F 191 4.54 -32.31 -25.06
C ILE F 191 4.34 -31.42 -23.85
N ARG F 192 3.56 -30.37 -24.00
CA ARG F 192 3.24 -29.45 -22.91
C ARG F 192 1.98 -29.95 -22.19
N PHE F 193 2.08 -30.14 -20.87
CA PHE F 193 0.95 -30.64 -20.09
C PHE F 193 0.36 -29.56 -19.18
N LEU F 195 -3.21 -28.71 -16.44
CA LEU F 195 -4.13 -29.40 -15.53
C LEU F 195 -5.28 -28.50 -15.11
N ASP F 196 -6.48 -29.05 -15.15
CA ASP F 196 -7.70 -28.34 -14.75
C ASP F 196 -8.30 -29.01 -13.52
N THR F 197 -8.39 -28.29 -12.41
CA THR F 197 -8.93 -28.86 -11.17
C THR F 197 -10.25 -28.23 -10.74
N ALA F 198 -10.81 -27.37 -11.58
CA ALA F 198 -12.15 -26.83 -11.39
C ALA F 198 -12.43 -26.32 -9.97
N GLY F 199 -11.48 -25.58 -9.43
CA GLY F 199 -11.65 -24.88 -8.15
C GLY F 199 -12.12 -25.73 -6.98
N PHE F 200 -11.56 -26.93 -6.84
CA PHE F 200 -11.97 -27.82 -5.75
C PHE F 200 -10.86 -28.12 -4.76
N TYR F 201 -9.62 -27.77 -5.08
CA TYR F 201 -8.52 -27.97 -4.15
C TYR F 201 -8.62 -26.99 -2.99
N THR F 202 -8.09 -27.39 -1.85
CA THR F 202 -7.86 -26.45 -0.78
C THR F 202 -6.68 -25.59 -1.21
N PRO F 203 -6.58 -24.35 -0.69
CA PRO F 203 -5.43 -23.52 -1.04
C PRO F 203 -4.09 -24.19 -0.70
N GLU F 204 -4.07 -25.02 0.33
CA GLU F 204 -2.84 -25.70 0.75
C GLU F 204 -2.39 -26.68 -0.33
N GLN F 205 -3.34 -27.47 -0.82
CA GLN F 205 -3.11 -28.43 -1.88
C GLN F 205 -2.74 -27.72 -3.19
N ALA F 206 -3.42 -26.62 -3.46
CA ALA F 206 -3.13 -25.82 -4.64
C ALA F 206 -1.65 -25.44 -4.70
N LYS F 208 0.88 -26.80 -3.16
CA LYS F 208 1.68 -28.00 -3.35
C LYS F 208 1.66 -28.51 -4.80
N ALA F 210 0.96 -26.69 -7.50
CA ALA F 210 1.58 -25.68 -8.34
C ALA F 210 3.10 -25.79 -8.30
N LYS F 211 3.62 -26.08 -7.10
CA LYS F 211 5.07 -26.16 -6.92
C LYS F 211 5.62 -27.39 -7.60
N TRP F 212 4.88 -28.49 -7.55
CA TRP F 212 5.27 -29.70 -8.24
C TRP F 212 5.27 -29.44 -9.75
N GLU F 214 5.55 -26.47 -11.28
CA GLU F 214 6.59 -25.51 -11.62
C GLU F 214 7.90 -26.24 -11.83
N ARG F 215 8.22 -27.15 -10.90
CA ARG F 215 9.40 -28.00 -10.98
C ARG F 215 9.61 -28.58 -12.36
N HIS F 216 8.57 -29.22 -12.89
CA HIS F 216 8.67 -30.01 -14.12
C HIS F 216 8.33 -29.26 -15.40
N ASN F 217 8.09 -27.95 -15.30
CA ASN F 217 7.79 -27.13 -16.48
C ASN F 217 6.52 -27.51 -17.22
N TRP F 218 5.46 -27.81 -16.47
CA TRP F 218 4.12 -27.94 -17.04
C TRP F 218 3.64 -26.54 -17.43
N GLU F 219 2.87 -26.45 -18.51
CA GLU F 219 2.48 -25.15 -19.07
C GLU F 219 1.58 -24.33 -18.15
N TRP F 220 0.48 -24.90 -17.65
CA TRP F 220 -0.35 -24.19 -16.67
C TRP F 220 -1.30 -25.00 -15.79
N LEU F 221 -1.74 -24.35 -14.71
CA LEU F 221 -2.68 -24.94 -13.76
C LEU F 221 -3.94 -24.10 -13.75
N GLU F 222 -5.07 -24.74 -14.02
CA GLU F 222 -6.31 -24.02 -14.27
C GLU F 222 -7.28 -24.24 -13.12
N ALA F 223 -7.89 -23.16 -12.65
CA ALA F 223 -8.88 -23.22 -11.59
C ALA F 223 -8.41 -24.02 -10.38
N PRO F 224 -7.28 -23.62 -9.78
CA PRO F 224 -6.79 -24.34 -8.60
C PRO F 224 -7.82 -24.31 -7.47
N VAL F 225 -8.40 -23.14 -7.23
CA VAL F 225 -9.40 -22.97 -6.18
C VAL F 225 -10.49 -22.02 -6.69
N SER F 226 -11.54 -21.86 -5.90
CA SER F 226 -12.65 -20.98 -6.23
C SER F 226 -12.10 -19.68 -6.84
N ASP F 227 -12.69 -19.26 -7.96
CA ASP F 227 -12.27 -18.05 -8.67
C ASP F 227 -12.40 -16.80 -7.80
N TYR F 228 -13.10 -16.94 -6.68
CA TYR F 228 -13.43 -15.81 -5.82
C TYR F 228 -12.54 -15.73 -4.59
N ASP F 229 -11.70 -16.74 -4.39
CA ASP F 229 -10.66 -16.71 -3.36
C ASP F 229 -9.48 -15.96 -3.96
N PHE F 230 -9.56 -14.64 -3.94
CA PHE F 230 -8.59 -13.79 -4.62
C PHE F 230 -7.20 -13.92 -4.04
N LYS F 231 -7.10 -14.06 -2.74
CA LYS F 231 -5.80 -14.05 -2.08
C LYS F 231 -4.96 -15.28 -2.43
N THR F 232 -5.59 -16.45 -2.51
CA THR F 232 -4.90 -17.67 -2.89
C THR F 232 -4.35 -17.55 -4.32
N TYR F 233 -5.11 -16.89 -5.19
CA TYR F 233 -4.67 -16.67 -6.56
C TYR F 233 -3.46 -15.77 -6.54
N GLN F 234 -3.55 -14.67 -5.80
CA GLN F 234 -2.44 -13.75 -5.66
C GLN F 234 -1.24 -14.46 -5.04
N ARG F 235 -1.50 -15.34 -4.09
CA ARG F 235 -0.42 -16.05 -3.41
C ARG F 235 0.31 -17.01 -4.35
N LEU F 236 -0.45 -17.71 -5.19
CA LEU F 236 0.12 -18.63 -6.17
C LEU F 236 0.95 -17.89 -7.21
N VAL F 237 0.37 -16.84 -7.79
CA VAL F 237 1.04 -16.04 -8.82
C VAL F 237 2.31 -15.38 -8.31
N ALA F 238 2.34 -15.09 -7.01
CA ALA F 238 3.47 -14.37 -6.42
C ALA F 238 4.59 -15.31 -5.98
N ASN F 239 4.27 -16.57 -5.73
CA ASN F 239 5.28 -17.50 -5.20
C ASN F 239 5.61 -18.64 -6.15
N THR F 240 5.31 -18.48 -7.42
CA THR F 240 5.68 -19.46 -8.44
C THR F 240 5.70 -18.79 -9.79
N ASP F 241 6.42 -19.38 -10.72
CA ASP F 241 6.51 -18.88 -12.08
C ASP F 241 5.63 -19.71 -13.00
N LEU F 242 4.76 -20.52 -12.38
CA LEU F 242 3.81 -21.34 -13.11
C LEU F 242 2.60 -20.50 -13.48
N GLU F 243 2.05 -20.76 -14.66
CA GLU F 243 0.90 -20.04 -15.15
C GLU F 243 -0.36 -20.43 -14.40
N ILE F 244 -0.87 -19.51 -13.57
CA ILE F 244 -2.11 -19.75 -12.85
C ILE F 244 -3.26 -19.13 -13.62
N SER F 245 -4.17 -19.96 -14.12
CA SER F 245 -5.33 -19.47 -14.85
C SER F 245 -6.58 -19.70 -14.03
N SER F 246 -7.62 -18.92 -14.30
CA SER F 246 -8.90 -19.07 -13.60
C SER F 246 -9.78 -20.13 -14.26
N HIS F 247 -10.95 -20.37 -13.66
CA HIS F 247 -11.91 -21.32 -14.19
C HIS F 247 -12.58 -20.77 -15.47
N GLY F 248 -12.58 -19.45 -15.62
CA GLY F 248 -13.07 -18.82 -16.86
C GLY F 248 -14.58 -18.65 -17.01
N ASN F 249 -15.33 -19.02 -15.97
CA ASN F 249 -16.79 -18.96 -16.05
C ASN F 249 -17.44 -18.25 -14.87
N CYS F 250 -16.67 -17.42 -14.17
CA CYS F 250 -17.15 -16.81 -12.95
C CYS F 250 -16.99 -15.29 -12.99
N LEU F 251 -15.77 -14.84 -13.21
CA LEU F 251 -15.49 -13.41 -13.32
C LEU F 251 -15.51 -12.99 -14.79
N LEU F 252 -16.65 -12.49 -15.25
CA LEU F 252 -16.89 -12.33 -16.69
C LEU F 252 -16.78 -10.91 -17.21
N THR F 253 -17.02 -9.93 -16.34
CA THR F 253 -17.11 -8.53 -16.77
C THR F 253 -15.73 -7.97 -17.07
N LEU F 254 -15.70 -6.91 -17.86
CA LEU F 254 -14.44 -6.23 -18.19
C LEU F 254 -13.78 -5.70 -16.93
N GLN F 255 -14.60 -5.16 -16.02
CA GLN F 255 -14.13 -4.63 -14.74
C GLN F 255 -13.43 -5.70 -13.91
N GLU F 256 -14.06 -6.86 -13.79
CA GLU F 256 -13.48 -7.96 -13.01
C GLU F 256 -12.16 -8.41 -13.60
N VAL F 257 -12.07 -8.40 -14.92
CA VAL F 257 -10.85 -8.82 -15.60
C VAL F 257 -9.74 -7.79 -15.35
N THR F 258 -10.12 -6.52 -15.48
CA THR F 258 -9.21 -5.41 -15.23
C THR F 258 -8.64 -5.48 -13.81
N HIS F 259 -9.48 -5.88 -12.86
CA HIS F 259 -9.12 -5.88 -11.44
C HIS F 259 -8.17 -7.03 -11.12
N ALA F 260 -8.48 -8.19 -11.67
CA ALA F 260 -7.74 -9.41 -11.39
C ALA F 260 -6.29 -9.25 -11.84
N LEU F 261 -6.11 -8.69 -13.05
CA LEU F 261 -4.77 -8.46 -13.56
C LEU F 261 -4.09 -7.35 -12.79
N SER F 262 -4.85 -6.33 -12.42
CA SER F 262 -4.31 -5.22 -11.64
C SER F 262 -3.77 -5.66 -10.29
N THR F 263 -4.41 -6.65 -9.67
CA THR F 263 -4.02 -7.06 -8.32
C THR F 263 -3.29 -8.40 -8.35
N GLY F 264 -2.84 -8.79 -9.53
CA GLY F 264 -1.97 -9.96 -9.68
C GLY F 264 -2.58 -11.28 -9.25
N TRP F 266 -4.00 -13.40 -11.71
CA TRP F 266 -3.83 -14.32 -12.83
C TRP F 266 -2.54 -14.10 -13.61
N SER F 267 -2.05 -15.17 -14.23
CA SER F 267 -0.90 -15.09 -15.13
C SER F 267 -1.40 -15.00 -16.56
N ASP F 268 -2.72 -15.11 -16.72
CA ASP F 268 -3.37 -15.06 -18.01
C ASP F 268 -4.84 -14.73 -17.76
N VAL F 269 -5.61 -14.52 -18.82
CA VAL F 269 -7.05 -14.42 -18.65
C VAL F 269 -7.72 -15.51 -19.48
N ARG F 270 -8.63 -16.24 -18.84
CA ARG F 270 -9.37 -17.30 -19.48
C ARG F 270 -10.82 -16.88 -19.63
N GLN F 271 -11.28 -16.79 -20.87
CA GLN F 271 -12.62 -16.28 -21.13
C GLN F 271 -13.22 -16.99 -22.34
N ASP F 272 -14.52 -17.28 -22.28
CA ASP F 272 -15.21 -17.92 -23.39
C ASP F 272 -16.23 -16.95 -24.02
N ALA F 273 -16.14 -16.79 -25.34
CA ALA F 273 -17.01 -15.86 -26.05
C ALA F 273 -18.48 -16.17 -25.83
N THR F 274 -18.80 -17.43 -25.52
CA THR F 274 -20.18 -17.85 -25.39
C THR F 274 -20.68 -17.76 -23.94
N VAL F 275 -19.88 -17.14 -23.07
CA VAL F 275 -20.23 -17.01 -21.66
C VAL F 275 -20.16 -15.56 -21.16
N CYS F 276 -19.14 -14.83 -21.59
CA CYS F 276 -18.92 -13.48 -21.10
C CYS F 276 -19.66 -12.41 -21.90
N GLY F 277 -20.38 -12.82 -22.94
CA GLY F 277 -21.25 -11.90 -23.67
C GLY F 277 -20.86 -11.66 -25.11
N GLY F 278 -20.51 -12.72 -25.82
CA GLY F 278 -20.25 -12.64 -27.25
C GLY F 278 -18.84 -12.20 -27.62
N ILE F 279 -18.60 -12.11 -28.92
CA ILE F 279 -17.32 -11.65 -29.46
C ILE F 279 -17.02 -10.25 -28.94
N THR F 280 -18.03 -9.39 -29.00
CA THR F 280 -17.89 -8.01 -28.57
C THR F 280 -17.05 -7.91 -27.30
N GLN F 281 -17.35 -8.77 -26.34
CA GLN F 281 -16.74 -8.71 -25.01
C GLN F 281 -15.40 -9.43 -24.95
N LEU F 282 -15.33 -10.61 -25.58
CA LEU F 282 -14.07 -11.35 -25.63
C LEU F 282 -13.01 -10.52 -26.33
N ASN F 283 -13.39 -9.87 -27.43
CA ASN F 283 -12.44 -9.09 -28.21
C ASN F 283 -11.79 -8.02 -27.34
N LYS F 284 -12.60 -7.35 -26.53
CA LYS F 284 -12.11 -6.30 -25.65
C LYS F 284 -11.15 -6.85 -24.59
N CYS F 285 -11.46 -8.04 -24.08
CA CYS F 285 -10.63 -8.65 -23.05
C CYS F 285 -9.23 -8.97 -23.56
N PHE F 286 -9.12 -9.31 -24.84
CA PHE F 286 -7.82 -9.52 -25.44
C PHE F 286 -7.01 -8.23 -25.35
N ALA F 287 -7.67 -7.13 -25.69
CA ALA F 287 -7.01 -5.82 -25.68
C ALA F 287 -6.59 -5.44 -24.27
N ILE F 288 -7.45 -5.75 -23.30
CA ILE F 288 -7.15 -5.49 -21.90
C ILE F 288 -5.92 -6.29 -21.47
N ALA F 289 -5.95 -7.59 -21.73
CA ALA F 289 -4.85 -8.47 -21.36
C ALA F 289 -3.52 -8.00 -21.96
N ALA F 290 -3.56 -7.55 -23.22
CA ALA F 290 -2.36 -7.01 -23.86
C ALA F 290 -1.82 -5.82 -23.09
N GLY F 291 -2.74 -4.95 -22.65
CA GLY F 291 -2.39 -3.79 -21.84
C GLY F 291 -1.61 -4.18 -20.60
N HIS F 292 -1.85 -5.41 -20.12
CA HIS F 292 -1.13 -5.94 -18.96
C HIS F 292 -0.05 -6.95 -19.38
N SER F 293 0.27 -6.98 -20.67
CA SER F 293 1.34 -7.83 -21.20
C SER F 293 1.10 -9.32 -20.95
N LYS F 294 -0.15 -9.68 -20.67
CA LYS F 294 -0.55 -11.07 -20.49
C LYS F 294 -1.27 -11.57 -21.74
N ASN F 295 -1.61 -12.87 -21.73
CA ASN F 295 -2.34 -13.51 -22.82
C ASN F 295 -3.75 -13.91 -22.40
N LEU F 296 -4.66 -13.92 -23.36
CA LEU F 296 -6.00 -14.45 -23.11
C LEU F 296 -6.08 -15.85 -23.70
N GLU F 297 -6.00 -16.85 -22.85
CA GLU F 297 -6.09 -18.24 -23.27
C GLU F 297 -7.55 -18.63 -23.34
N ILE F 298 -8.04 -18.81 -24.57
CA ILE F 298 -9.46 -18.99 -24.80
C ILE F 298 -9.98 -20.31 -24.25
N GLN F 299 -11.21 -20.28 -23.77
CA GLN F 299 -11.95 -21.50 -23.45
C GLN F 299 -12.86 -21.81 -24.65
N SER F 300 -12.44 -22.77 -25.46
CA SER F 300 -13.12 -23.07 -26.71
C SER F 300 -13.78 -24.46 -26.72
N GLY F 302 -16.40 -27.03 -26.70
CA GLY F 302 -17.84 -26.97 -26.98
C GLY F 302 -18.13 -27.40 -28.39
N TYR F 303 -19.36 -27.16 -28.85
CA TYR F 303 -19.75 -27.54 -30.21
C TYR F 303 -19.14 -26.60 -31.23
N THR F 304 -19.12 -27.05 -32.47
CA THR F 304 -18.42 -26.36 -33.55
C THR F 304 -18.63 -24.84 -33.51
N LEU F 305 -19.82 -24.41 -33.13
CA LEU F 305 -20.13 -22.98 -33.04
C LEU F 305 -19.41 -22.29 -31.88
N THR F 306 -19.42 -22.93 -30.71
CA THR F 306 -18.72 -22.38 -29.55
C THR F 306 -17.21 -22.33 -29.87
N GLN F 307 -16.71 -23.38 -30.52
CA GLN F 307 -15.31 -23.44 -30.92
C GLN F 307 -14.96 -22.33 -31.91
N ALA F 308 -15.78 -22.20 -32.95
CA ALA F 308 -15.50 -21.25 -34.02
C ALA F 308 -15.45 -19.81 -33.53
N ALA F 309 -16.38 -19.43 -32.66
CA ALA F 309 -16.44 -18.06 -32.17
C ALA F 309 -15.12 -17.68 -31.50
N ASN F 310 -14.71 -18.48 -30.52
CA ASN F 310 -13.49 -18.22 -29.76
C ASN F 310 -12.25 -18.22 -30.64
N LEU F 311 -12.21 -19.15 -31.58
CA LEU F 311 -11.07 -19.30 -32.46
C LEU F 311 -10.75 -18.01 -33.21
N HIS F 312 -11.75 -17.45 -33.88
CA HIS F 312 -11.54 -16.26 -34.69
C HIS F 312 -10.91 -15.15 -33.87
N VAL F 313 -11.50 -14.88 -32.72
CA VAL F 313 -10.99 -13.82 -31.87
C VAL F 313 -9.50 -14.03 -31.62
N ALA F 314 -9.13 -15.26 -31.29
CA ALA F 314 -7.74 -15.58 -30.92
C ALA F 314 -6.80 -15.53 -32.12
N LEU F 315 -7.32 -15.80 -33.31
CA LEU F 315 -6.56 -15.69 -34.55
C LEU F 315 -6.37 -14.23 -34.94
N ALA F 316 -7.21 -13.36 -34.37
CA ALA F 316 -7.19 -11.94 -34.70
C ALA F 316 -6.16 -11.18 -33.87
N HIS F 317 -5.74 -11.75 -32.75
CA HIS F 317 -4.76 -11.12 -31.89
C HIS F 317 -3.55 -12.03 -31.69
N ASP F 318 -2.49 -11.49 -31.10
CA ASP F 318 -1.26 -12.24 -30.90
C ASP F 318 -1.21 -12.95 -29.54
N ASN F 319 -1.73 -12.30 -28.51
CA ASN F 319 -1.60 -12.79 -27.15
C ASN F 319 -2.58 -13.92 -26.82
N CYS F 320 -2.26 -15.11 -27.31
CA CYS F 320 -3.01 -16.32 -27.00
C CYS F 320 -2.28 -17.49 -27.62
N ASN F 321 -1.76 -18.38 -26.77
CA ASN F 321 -0.90 -19.46 -27.22
C ASN F 321 -1.65 -20.62 -27.87
N PHE F 322 -2.80 -21.01 -27.32
CA PHE F 322 -3.47 -22.23 -27.76
C PHE F 322 -4.98 -22.11 -28.05
N PHE F 323 -5.46 -23.03 -28.88
CA PHE F 323 -6.90 -23.27 -29.06
C PHE F 323 -7.27 -24.53 -28.33
N GLU F 324 -8.39 -24.51 -27.62
CA GLU F 324 -8.84 -25.69 -26.86
C GLU F 324 -9.67 -26.63 -27.71
N GLN F 325 -9.05 -27.72 -28.15
CA GLN F 325 -9.72 -28.83 -28.81
C GLN F 325 -10.07 -29.88 -27.78
N PHE F 326 -11.35 -30.16 -27.58
CA PHE F 326 -11.70 -31.36 -26.86
C PHE F 326 -11.58 -32.50 -27.86
N TYR F 327 -11.07 -33.64 -27.39
CA TYR F 327 -10.78 -34.78 -28.25
C TYR F 327 -11.21 -36.05 -27.53
N PRO F 328 -11.89 -36.97 -28.24
CA PRO F 328 -12.26 -36.93 -29.66
C PRO F 328 -13.30 -35.87 -30.01
N TYR F 329 -13.40 -35.56 -31.30
CA TYR F 329 -14.24 -34.47 -31.78
C TYR F 329 -15.71 -34.87 -31.89
N GLU F 330 -15.94 -36.00 -32.53
CA GLU F 330 -17.26 -36.39 -33.06
C GLU F 330 -18.45 -35.80 -32.29
N ALA F 331 -18.49 -36.03 -30.98
CA ALA F 331 -19.62 -35.62 -30.17
C ALA F 331 -20.01 -34.16 -30.42
N PHE F 332 -19.02 -33.28 -30.49
CA PHE F 332 -19.27 -31.83 -30.56
C PHE F 332 -19.46 -31.29 -31.99
N GLU F 333 -19.30 -32.16 -32.98
CA GLU F 333 -19.55 -31.78 -34.37
C GLU F 333 -21.03 -31.97 -34.69
N LEU F 334 -21.81 -32.32 -33.68
CA LEU F 334 -23.23 -32.60 -33.83
C LEU F 334 -23.92 -31.66 -34.82
N ALA F 335 -24.44 -32.23 -35.90
CA ALA F 335 -25.29 -31.53 -36.85
C ALA F 335 -24.55 -30.44 -37.64
N SER F 336 -23.23 -30.51 -37.66
CA SER F 336 -22.43 -29.49 -38.32
C SER F 336 -21.83 -29.99 -39.63
N LYS F 337 -21.90 -29.13 -40.65
CA LYS F 337 -21.28 -29.41 -41.93
C LYS F 337 -19.81 -29.03 -41.88
N THR F 338 -19.43 -28.33 -40.82
CA THR F 338 -18.06 -27.86 -40.67
C THR F 338 -17.39 -28.58 -39.49
N GLN F 339 -16.08 -28.76 -39.59
CA GLN F 339 -15.34 -29.51 -38.58
C GLN F 339 -13.97 -28.89 -38.34
N ILE F 340 -13.78 -28.32 -37.16
CA ILE F 340 -12.46 -27.84 -36.79
C ILE F 340 -11.68 -28.99 -36.15
N ARG F 341 -10.49 -29.25 -36.69
CA ARG F 341 -9.69 -30.40 -36.28
C ARG F 341 -8.21 -30.07 -36.36
N THR F 342 -7.40 -30.84 -35.66
CA THR F 342 -5.98 -30.54 -35.54
C THR F 342 -5.18 -31.35 -36.56
N ASP F 343 -4.57 -30.66 -37.52
CA ASP F 343 -3.79 -31.31 -38.55
C ASP F 343 -2.60 -32.04 -37.92
N LYS F 344 -1.86 -32.78 -38.74
CA LYS F 344 -0.75 -33.59 -38.25
C LYS F 344 0.29 -32.79 -37.45
N GLU F 345 0.38 -31.49 -37.69
CA GLU F 345 1.44 -30.66 -37.10
C GLU F 345 1.02 -29.92 -35.83
N GLY F 346 -0.18 -30.22 -35.34
CA GLY F 346 -0.64 -29.66 -34.08
C GLY F 346 -1.27 -28.27 -34.19
N TYR F 347 -1.46 -27.81 -35.41
CA TYR F 347 -2.14 -26.53 -35.65
C TYR F 347 -3.60 -26.77 -35.98
N VAL F 348 -4.44 -25.79 -35.64
CA VAL F 348 -5.82 -25.76 -36.07
C VAL F 348 -6.01 -24.50 -36.91
N HIS F 349 -6.72 -24.63 -38.02
CA HIS F 349 -6.90 -23.53 -38.97
C HIS F 349 -8.31 -22.96 -38.90
N ALA F 350 -8.48 -21.79 -39.50
CA ALA F 350 -9.79 -21.15 -39.55
C ALA F 350 -10.64 -21.74 -40.67
N PRO F 351 -11.94 -21.94 -40.41
CA PRO F 351 -12.88 -22.38 -41.45
C PRO F 351 -12.82 -21.50 -42.69
N ALA F 352 -13.11 -22.09 -43.84
CA ALA F 352 -12.94 -21.40 -45.11
C ALA F 352 -13.99 -20.31 -45.33
N GLY F 353 -15.16 -20.49 -44.73
CA GLY F 353 -16.28 -19.59 -44.96
C GLY F 353 -16.05 -18.17 -44.49
N ASN F 354 -17.07 -17.33 -44.60
CA ASN F 354 -17.04 -15.97 -44.08
C ASN F 354 -17.84 -15.92 -42.78
N GLY F 355 -17.68 -14.84 -42.03
CA GLY F 355 -18.20 -14.79 -40.68
C GLY F 355 -17.46 -15.84 -39.86
N LEU F 356 -18.22 -16.68 -39.16
CA LEU F 356 -17.64 -17.74 -38.35
C LEU F 356 -17.06 -18.85 -39.22
N GLY F 357 -17.53 -18.94 -40.47
CA GLY F 357 -17.09 -19.97 -41.40
C GLY F 357 -17.74 -21.32 -41.14
N VAL F 358 -18.75 -21.32 -40.26
CA VAL F 358 -19.43 -22.54 -39.83
C VAL F 358 -20.77 -22.73 -40.53
N GLU F 359 -20.91 -23.86 -41.23
CA GLU F 359 -22.17 -24.24 -41.87
C GLU F 359 -22.81 -25.33 -41.02
N ASP F 361 -26.18 -28.23 -40.43
CA ASP F 361 -27.15 -29.10 -41.10
C ASP F 361 -28.48 -28.98 -40.37
N TRP F 362 -29.39 -28.19 -40.94
CA TRP F 362 -30.61 -27.79 -40.24
C TRP F 362 -31.57 -28.94 -40.00
N ASP F 363 -31.65 -29.86 -40.96
CA ASP F 363 -32.41 -31.08 -40.77
C ASP F 363 -31.99 -31.73 -39.46
N ALA F 364 -30.68 -31.90 -39.28
CA ALA F 364 -30.15 -32.54 -38.09
C ALA F 364 -30.41 -31.75 -36.80
N VAL F 365 -30.43 -30.42 -36.88
CA VAL F 365 -30.65 -29.62 -35.67
C VAL F 365 -32.12 -29.73 -35.25
N LYS F 366 -33.04 -29.55 -36.20
CA LYS F 366 -34.45 -29.69 -35.90
C LYS F 366 -34.71 -31.14 -35.49
N GLU F 367 -33.91 -32.05 -36.03
CA GLU F 367 -34.03 -33.47 -35.74
C GLU F 367 -33.54 -33.81 -34.34
N ALA F 368 -32.58 -33.05 -33.83
CA ALA F 368 -32.03 -33.28 -32.50
C ALA F 368 -32.62 -32.31 -31.48
N SER F 369 -33.14 -31.18 -31.94
CA SER F 369 -33.68 -30.15 -31.05
C SER F 369 -34.88 -30.67 -30.28
N PHE F 370 -34.70 -30.90 -28.98
CA PHE F 370 -35.79 -31.39 -28.13
C PHE F 370 -36.68 -30.24 -27.63
N ALA F 371 -36.34 -29.01 -28.01
CA ALA F 371 -37.16 -27.85 -27.66
C ALA F 371 -36.82 -26.67 -28.58
N SER F 372 -37.84 -26.10 -29.22
CA SER F 372 -37.61 -25.03 -30.18
C SER F 372 -38.53 -23.83 -29.95
N TYR F 373 -38.15 -22.70 -30.55
CA TYR F 373 -38.99 -21.51 -30.60
C TYR F 373 -38.75 -20.76 -31.90
N VAL F 374 -39.77 -20.07 -32.37
CA VAL F 374 -39.69 -19.29 -33.60
C VAL F 374 -40.31 -17.91 -33.37
N PHE F 375 -39.65 -16.89 -33.90
CA PHE F 375 -40.11 -15.51 -33.72
C PHE F 375 -40.00 -14.72 -35.02
N GLU F 376 -41.02 -13.93 -35.32
CA GLU F 376 -41.08 -13.22 -36.59
C GLU F 376 -41.97 -11.98 -36.51
N GLU F 377 -42.03 -11.23 -37.60
CA GLU F 377 -42.86 -10.03 -37.68
C GLU F 377 -44.19 -10.34 -38.36
N GLY F 378 -45.29 -9.92 -37.73
CA GLY F 378 -46.62 -10.09 -38.29
C GLY F 378 -46.85 -11.45 -38.93
N GLU G 4 -6.67 -14.79 -48.10
CA GLU G 4 -6.57 -13.88 -49.28
C GLU G 4 -5.14 -13.77 -49.83
N ASP G 5 -5.06 -13.57 -51.14
CA ASP G 5 -3.78 -13.41 -51.83
C ASP G 5 -3.43 -11.93 -51.90
N CYS G 6 -4.11 -11.13 -51.07
CA CYS G 6 -4.02 -9.67 -51.14
C CYS G 6 -2.61 -9.21 -50.77
N ARG G 7 -2.00 -8.43 -51.66
CA ARG G 7 -0.62 -8.01 -51.50
C ARG G 7 -0.46 -6.54 -51.88
N ILE G 8 0.52 -5.88 -51.26
CA ILE G 8 0.78 -4.48 -51.53
C ILE G 8 1.66 -4.30 -52.78
N SER G 9 1.11 -3.63 -53.79
CA SER G 9 1.78 -3.46 -55.09
C SER G 9 2.67 -2.22 -55.14
N ARG G 10 2.32 -1.23 -54.33
CA ARG G 10 2.90 0.11 -54.44
C ARG G 10 2.54 0.97 -53.24
N VAL G 11 3.47 1.81 -52.81
CA VAL G 11 3.21 2.77 -51.74
C VAL G 11 3.61 4.17 -52.16
N GLU G 12 2.77 5.15 -51.82
CA GLU G 12 3.09 6.56 -52.07
C GLU G 12 3.21 7.30 -50.73
N LEU G 13 4.24 8.13 -50.60
CA LEU G 13 4.43 8.96 -49.42
C LEU G 13 4.29 10.43 -49.81
N TYR G 14 3.61 11.20 -48.99
CA TYR G 14 3.46 12.62 -49.26
C TYR G 14 3.67 13.44 -47.99
N ALA G 15 4.21 14.65 -48.18
CA ALA G 15 4.32 15.64 -47.13
C ALA G 15 3.91 16.96 -47.77
N LEU G 16 2.81 17.53 -47.30
CA LEU G 16 2.24 18.73 -47.90
C LEU G 16 1.89 19.78 -46.85
N ALA G 17 1.84 21.03 -47.29
CA ALA G 17 1.48 22.14 -46.42
C ALA G 17 0.71 23.18 -47.22
N ASP G 18 0.28 24.24 -46.54
CA ASP G 18 -0.36 25.37 -47.19
C ASP G 18 0.36 26.66 -46.80
N GLU G 19 1.12 27.20 -47.75
CA GLU G 19 1.82 28.46 -47.55
C GLU G 19 0.90 29.49 -46.89
N ASN G 20 -0.35 29.51 -47.33
CA ASN G 20 -1.30 30.57 -46.93
C ASN G 20 -2.03 30.31 -45.62
N ALA G 21 -2.31 29.05 -45.33
CA ALA G 21 -2.97 28.68 -44.07
C ALA G 21 -2.44 29.53 -42.93
N PRO G 22 -3.33 30.24 -42.23
CA PRO G 22 -2.91 31.01 -41.06
C PRO G 22 -2.30 30.10 -39.99
N PRO G 23 -1.16 30.51 -39.39
CA PRO G 23 -0.53 29.73 -38.32
C PRO G 23 -1.40 29.62 -37.06
N ILE G 24 -1.01 28.74 -36.14
CA ILE G 24 -1.77 28.56 -34.91
C ILE G 24 -0.96 27.87 -33.82
N PRO G 25 -0.51 28.64 -32.82
CA PRO G 25 0.15 28.12 -31.63
C PRO G 25 -0.80 27.97 -30.44
N TRP G 26 -0.33 27.31 -29.38
CA TRP G 26 -1.09 27.18 -28.15
C TRP G 26 -0.34 27.81 -26.99
N ALA G 27 0.98 27.79 -27.06
CA ALA G 27 1.83 28.45 -26.07
C ALA G 27 1.82 29.95 -26.31
N ASP G 28 2.16 30.71 -25.28
CA ASP G 28 2.07 32.17 -25.35
C ASP G 28 3.17 32.76 -26.22
N ASN G 29 2.78 33.29 -27.38
CA ASN G 29 3.70 33.93 -28.31
C ASN G 29 4.83 33.02 -28.79
N GLN G 30 4.63 31.71 -28.69
CA GLN G 30 5.56 30.75 -29.27
C GLN G 30 5.57 30.93 -30.77
N GLU G 31 6.75 30.81 -31.37
CA GLU G 31 6.88 30.96 -32.82
C GLU G 31 5.72 30.21 -33.46
N PRO G 32 4.95 30.89 -34.34
CA PRO G 32 3.80 30.24 -34.96
C PRO G 32 4.16 28.87 -35.54
N LEU G 33 3.36 27.86 -35.21
CA LEU G 33 3.63 26.50 -35.67
C LEU G 33 3.11 26.31 -37.09
N LEU G 34 3.97 25.73 -37.93
CA LEU G 34 3.63 25.44 -39.33
C LEU G 34 3.19 23.98 -39.44
N TYR G 35 2.02 23.76 -40.01
CA TYR G 35 1.41 22.44 -40.02
C TYR G 35 1.63 21.66 -41.31
N THR G 36 1.95 20.38 -41.15
CA THR G 36 2.28 19.51 -42.26
C THR G 36 1.49 18.22 -42.16
N ASN G 37 0.95 17.77 -43.28
CA ASN G 37 0.23 16.51 -43.32
C ASN G 37 1.04 15.47 -44.08
N ASN G 38 1.44 14.39 -43.42
CA ASN G 38 2.18 13.30 -44.06
C ASN G 38 1.20 12.18 -44.43
N ILE G 39 1.05 11.94 -45.73
CA ILE G 39 0.06 10.97 -46.21
C ILE G 39 0.69 9.69 -46.76
N VAL G 40 0.15 8.56 -46.32
CA VAL G 40 0.54 7.25 -46.84
C VAL G 40 -0.59 6.68 -47.69
N ARG G 41 -0.29 6.40 -48.96
CA ARG G 41 -1.26 5.78 -49.87
C ARG G 41 -0.78 4.38 -50.28
N LEU G 42 -1.62 3.38 -50.05
CA LEU G 42 -1.29 1.99 -50.38
C LEU G 42 -2.16 1.46 -51.53
N PHE G 43 -1.52 0.74 -52.45
CA PHE G 43 -2.20 0.10 -53.59
C PHE G 43 -2.07 -1.40 -53.52
N THR G 44 -3.17 -2.13 -53.68
CA THR G 44 -3.12 -3.59 -53.72
C THR G 44 -3.42 -4.10 -55.13
N GLU G 45 -2.81 -5.23 -55.47
CA GLU G 45 -2.88 -5.79 -56.83
C GLU G 45 -4.26 -5.69 -57.49
N ASP G 46 -5.33 -5.72 -56.70
CA ASP G 46 -6.68 -5.64 -57.24
C ASP G 46 -7.21 -4.20 -57.32
N GLY G 47 -6.30 -3.24 -57.42
CA GLY G 47 -6.64 -1.83 -57.56
C GLY G 47 -7.11 -1.14 -56.28
N THR G 48 -7.28 -1.90 -55.21
CA THR G 48 -7.83 -1.35 -53.98
C THR G 48 -6.85 -0.36 -53.33
N GLU G 49 -7.37 0.83 -53.04
CA GLU G 49 -6.56 1.94 -52.59
C GLU G 49 -6.77 2.18 -51.09
N GLY G 50 -5.68 2.44 -50.36
CA GLY G 50 -5.75 2.64 -48.91
C GLY G 50 -5.09 3.92 -48.44
N LEU G 51 -5.80 4.68 -47.62
CA LEU G 51 -5.28 5.97 -47.13
C LEU G 51 -5.05 5.96 -45.63
N GLY G 52 -4.20 6.87 -45.19
CA GLY G 52 -3.90 7.07 -43.78
C GLY G 52 -2.95 8.25 -43.65
N ALA G 53 -2.91 8.87 -42.47
CA ALA G 53 -2.10 10.07 -42.30
C ALA G 53 -1.96 10.51 -40.85
N THR G 54 -0.81 11.10 -40.54
CA THR G 54 -0.54 11.72 -39.24
C THR G 54 -0.04 13.13 -39.54
N SER G 56 1.83 17.01 -38.50
CA SER G 56 3.01 17.54 -37.83
C SER G 56 2.83 19.03 -37.51
N TYR G 57 3.67 19.52 -36.60
CA TYR G 57 3.71 20.95 -36.28
C TYR G 57 5.15 21.37 -35.96
N THR G 58 5.69 22.29 -36.76
CA THR G 58 7.09 22.67 -36.64
C THR G 58 7.28 24.18 -36.73
N GLU G 59 8.49 24.64 -36.41
CA GLU G 59 8.85 26.03 -36.56
C GLU G 59 9.76 26.22 -37.77
N ASN G 60 9.75 27.44 -38.31
CA ASN G 60 10.67 27.82 -39.39
C ASN G 60 10.24 27.25 -40.75
N PHE G 61 10.26 25.93 -40.87
CA PHE G 61 9.87 25.26 -42.10
C PHE G 61 8.78 24.23 -41.84
N PHE G 62 8.31 23.62 -42.92
CA PHE G 62 7.38 22.51 -42.82
C PHE G 62 8.15 21.22 -42.62
N ASP G 63 7.44 20.16 -42.30
CA ASP G 63 8.07 18.96 -41.76
C ASP G 63 8.45 17.93 -42.83
N ARG G 64 9.70 17.47 -42.77
CA ARG G 64 10.16 16.34 -43.58
C ARG G 64 10.75 15.26 -42.65
N CYS G 65 10.56 15.43 -41.36
CA CYS G 65 11.07 14.48 -40.37
C CYS G 65 10.23 13.21 -40.33
N ILE G 66 8.94 13.33 -40.61
CA ILE G 66 8.05 12.18 -40.62
C ILE G 66 8.16 11.37 -41.91
N ILE G 67 7.96 12.02 -43.05
CA ILE G 67 8.06 11.31 -44.33
C ILE G 67 9.40 10.58 -44.41
N GLU G 68 10.45 11.22 -43.91
CA GLU G 68 11.80 10.66 -43.99
C GLU G 68 11.92 9.39 -43.14
N SER G 69 11.11 9.30 -42.10
CA SER G 69 10.99 8.06 -41.33
C SER G 69 10.22 7.02 -42.14
N LEU G 70 9.04 7.40 -42.62
CA LEU G 70 8.24 6.54 -43.48
C LEU G 70 9.10 5.94 -44.58
N ARG G 71 10.13 6.68 -44.99
CA ARG G 71 11.03 6.23 -46.04
C ARG G 71 11.69 4.90 -45.70
N THR G 72 12.27 4.80 -44.51
CA THR G 72 13.05 3.61 -44.15
C THR G 72 12.16 2.46 -43.69
N ILE G 73 10.87 2.73 -43.51
CA ILE G 73 9.93 1.72 -43.04
C ILE G 73 9.23 1.01 -44.19
N VAL G 74 8.72 1.78 -45.14
CA VAL G 74 7.76 1.26 -46.13
C VAL G 74 8.32 0.34 -47.23
N PRO G 75 9.61 0.47 -47.58
CA PRO G 75 10.11 -0.39 -48.66
C PRO G 75 9.78 -1.88 -48.46
N GLY G 76 9.78 -2.33 -47.22
CA GLY G 76 9.50 -3.73 -46.90
C GLY G 76 8.03 -4.05 -46.78
N LEU G 77 7.16 -3.09 -47.11
CA LEU G 77 5.72 -3.33 -47.14
C LEU G 77 5.37 -4.09 -48.41
N ILE G 78 6.18 -3.92 -49.45
CA ILE G 78 5.95 -4.56 -50.72
C ILE G 78 5.91 -6.06 -50.57
N GLY G 79 4.73 -6.64 -50.75
CA GLY G 79 4.56 -8.09 -50.67
C GLY G 79 3.71 -8.52 -49.48
N LYS G 80 3.48 -7.60 -48.56
CA LYS G 80 2.73 -7.91 -47.35
C LYS G 80 1.22 -7.78 -47.53
N ASN G 81 0.48 -8.57 -46.77
CA ASN G 81 -0.97 -8.53 -46.80
C ASN G 81 -1.50 -7.51 -45.81
N PRO G 82 -2.14 -6.44 -46.31
CA PRO G 82 -2.62 -5.35 -45.47
C PRO G 82 -3.85 -5.71 -44.64
N LEU G 83 -4.58 -6.73 -45.05
CA LEU G 83 -5.79 -7.15 -44.34
C LEU G 83 -5.43 -7.81 -43.01
N THR G 85 -4.03 -6.82 -40.48
CA THR G 85 -3.63 -5.64 -39.74
C THR G 85 -2.76 -5.98 -38.52
N GLN G 86 -3.14 -6.99 -37.76
CA GLN G 86 -2.47 -7.30 -36.49
C GLN G 86 -1.04 -7.84 -36.68
N GLU G 87 -0.81 -8.57 -37.76
CA GLU G 87 0.55 -9.04 -38.06
C GLU G 87 1.37 -7.91 -38.69
N LEU G 88 0.69 -6.97 -39.35
CA LEU G 88 1.33 -5.79 -39.90
C LEU G 88 1.75 -4.83 -38.78
N ASN G 89 0.77 -4.43 -37.98
CA ASN G 89 1.02 -3.59 -36.81
C ASN G 89 2.21 -4.13 -36.03
N ASN G 90 2.14 -5.42 -35.73
CA ASN G 90 3.22 -6.14 -35.06
C ASN G 90 4.55 -5.97 -35.82
N TRP G 91 4.49 -6.17 -37.13
CA TRP G 91 5.68 -6.02 -37.96
C TRP G 91 6.25 -4.61 -37.85
N LEU G 92 5.36 -3.63 -37.71
CA LEU G 92 5.77 -2.22 -37.61
C LEU G 92 6.51 -1.93 -36.31
N GLY G 93 6.05 -2.54 -35.22
CA GLY G 93 6.68 -2.33 -33.91
C GLY G 93 8.16 -2.68 -33.93
N ALA G 94 8.55 -3.59 -34.81
CA ALA G 94 9.92 -4.09 -34.87
C ALA G 94 10.75 -3.39 -35.95
N ARG G 95 10.24 -2.28 -36.47
CA ARG G 95 11.00 -1.49 -37.43
C ARG G 95 11.65 -0.30 -36.73
N CYS G 96 12.95 -0.13 -36.95
CA CYS G 96 13.74 0.85 -36.23
C CYS G 96 13.69 2.23 -36.88
N THR G 97 13.34 3.24 -36.09
CA THR G 97 13.28 4.62 -36.56
C THR G 97 12.95 5.54 -35.40
N TRP G 98 13.48 6.75 -35.41
CA TRP G 98 13.17 7.74 -34.38
C TRP G 98 11.85 8.48 -34.67
N GLY G 99 11.10 8.01 -35.66
CA GLY G 99 9.79 8.56 -35.93
C GLY G 99 8.73 7.94 -35.05
N GLY G 100 9.04 6.76 -34.53
CA GLY G 100 8.21 6.08 -33.53
C GLY G 100 6.81 5.74 -34.01
N LEU G 101 5.88 5.73 -33.06
CA LEU G 101 4.51 5.30 -33.32
C LEU G 101 3.74 6.28 -34.22
N PRO G 102 3.98 7.58 -34.06
CA PRO G 102 3.29 8.55 -34.91
C PRO G 102 3.59 8.31 -36.38
N ALA G 103 4.82 7.92 -36.67
CA ALA G 103 5.26 7.69 -38.05
C ALA G 103 4.68 6.41 -38.63
N LYS G 104 4.32 5.48 -37.77
CA LYS G 104 3.82 4.18 -38.21
C LYS G 104 2.29 4.14 -38.22
N SER G 105 1.66 5.05 -37.50
CA SER G 105 0.20 5.10 -37.41
C SER G 105 -0.49 5.09 -38.78
N PRO G 106 -0.02 5.94 -39.71
CA PRO G 106 -0.70 6.04 -41.01
C PRO G 106 -0.74 4.72 -41.78
N ILE G 107 0.35 3.96 -41.73
CA ILE G 107 0.42 2.70 -42.44
C ILE G 107 -0.65 1.75 -41.92
N ASP G 108 -0.72 1.64 -40.60
CA ASP G 108 -1.73 0.80 -39.95
C ASP G 108 -3.14 1.26 -40.33
N ILE G 109 -3.36 2.57 -40.32
CA ILE G 109 -4.66 3.14 -40.66
C ILE G 109 -5.05 2.79 -42.10
N ALA G 110 -4.08 2.88 -43.00
CA ALA G 110 -4.31 2.63 -44.42
C ALA G 110 -4.69 1.18 -44.65
N ALA G 111 -4.06 0.28 -43.92
CA ALA G 111 -4.39 -1.13 -43.99
C ALA G 111 -5.86 -1.34 -43.60
N TRP G 112 -6.34 -0.54 -42.65
CA TRP G 112 -7.74 -0.61 -42.23
C TRP G 112 -8.67 0.05 -43.26
N ASP G 113 -8.20 1.08 -43.95
CA ASP G 113 -9.00 1.74 -44.99
C ASP G 113 -9.30 0.74 -46.12
N ILE G 114 -8.32 -0.09 -46.44
CA ILE G 114 -8.45 -1.09 -47.48
C ILE G 114 -9.44 -2.18 -47.08
N LYS G 115 -9.44 -2.55 -45.82
CA LYS G 115 -10.39 -3.54 -45.32
C LYS G 115 -11.82 -3.07 -45.55
N GLY G 116 -12.15 -1.90 -45.04
CA GLY G 116 -13.50 -1.35 -45.14
C GLY G 116 -13.99 -1.28 -46.57
N LYS G 117 -13.06 -1.05 -47.50
CA LYS G 117 -13.40 -0.94 -48.90
C LYS G 117 -13.69 -2.31 -49.50
N LYS G 118 -12.81 -3.27 -49.23
CA LYS G 118 -13.00 -4.64 -49.70
C LYS G 118 -14.20 -5.29 -49.01
N ALA G 119 -14.44 -4.91 -47.78
CA ALA G 119 -15.59 -5.41 -47.04
C ALA G 119 -16.84 -4.66 -47.44
N GLY G 120 -16.64 -3.49 -48.04
CA GLY G 120 -17.77 -2.63 -48.40
C GLY G 120 -18.52 -2.19 -47.16
N PRO G 122 -18.27 0.82 -43.62
CA PRO G 122 -17.56 1.84 -42.86
C PRO G 122 -16.81 1.24 -41.65
N LEU G 123 -15.61 1.76 -41.41
CA LEU G 123 -14.72 1.25 -40.36
C LEU G 123 -15.44 0.99 -39.04
N TYR G 124 -16.26 1.95 -38.59
CA TYR G 124 -16.93 1.83 -37.30
C TYR G 124 -17.77 0.56 -37.19
N LEU G 126 -16.83 -2.34 -38.80
CA LEU G 126 -15.86 -3.43 -38.66
C LEU G 126 -15.43 -3.60 -37.21
N LEU G 127 -15.33 -2.49 -36.49
CA LEU G 127 -14.78 -2.50 -35.15
C LEU G 127 -15.86 -2.70 -34.08
N GLY G 128 -17.04 -2.14 -34.31
CA GLY G 128 -18.15 -2.29 -33.39
C GLY G 128 -19.47 -1.91 -34.01
N GLY G 129 -19.90 -0.68 -33.75
CA GLY G 129 -21.18 -0.18 -34.25
C GLY G 129 -22.05 0.30 -33.11
N ALA G 130 -21.68 1.43 -32.51
CA ALA G 130 -22.38 1.99 -31.37
C ALA G 130 -23.32 3.12 -31.79
N ARG G 131 -22.82 3.99 -32.66
CA ARG G 131 -23.62 5.09 -33.17
C ARG G 131 -23.13 5.50 -34.53
N THR G 132 -23.94 6.30 -35.22
CA THR G 132 -23.61 6.79 -36.53
C THR G 132 -23.22 8.27 -36.49
N LYS G 133 -23.39 8.88 -35.31
CA LYS G 133 -22.98 10.27 -35.08
C LYS G 133 -22.57 10.47 -33.63
N ILE G 134 -21.91 11.58 -33.34
CA ILE G 134 -21.48 11.89 -31.98
C ILE G 134 -21.37 13.40 -31.78
N LYS G 135 -21.78 13.88 -30.61
CA LYS G 135 -21.59 15.30 -30.31
C LYS G 135 -20.14 15.69 -30.58
N SER G 136 -19.92 16.94 -30.93
CA SER G 136 -18.56 17.45 -31.07
C SER G 136 -18.36 18.75 -30.31
N TYR G 137 -17.11 19.04 -29.97
CA TYR G 137 -16.76 20.35 -29.44
C TYR G 137 -15.79 21.06 -30.40
N ALA G 138 -15.64 22.37 -30.22
CA ALA G 138 -14.79 23.18 -31.08
C ALA G 138 -13.46 23.49 -30.41
N SER G 139 -12.38 22.99 -31.00
CA SER G 139 -11.03 23.33 -30.55
C SER G 139 -10.63 24.67 -31.11
N THR G 140 -10.55 25.68 -30.24
CA THR G 140 -10.37 27.06 -30.66
C THR G 140 -8.91 27.41 -30.93
N PRO G 141 -8.67 28.44 -31.75
CA PRO G 141 -7.33 28.97 -31.86
C PRO G 141 -7.02 29.83 -30.64
N PHE G 143 -6.18 33.48 -29.27
CA PHE G 143 -6.21 34.90 -29.58
C PHE G 143 -5.28 35.66 -28.65
N ASP G 144 -4.95 36.89 -29.01
CA ASP G 144 -4.04 37.71 -28.22
C ASP G 144 -4.77 38.40 -27.07
N THR G 145 -6.04 38.72 -27.27
CA THR G 145 -6.83 39.35 -26.22
C THR G 145 -8.04 38.48 -25.88
N VAL G 146 -8.63 38.74 -24.73
CA VAL G 146 -9.78 37.98 -24.25
C VAL G 146 -11.03 38.34 -25.04
N GLU G 147 -11.11 39.59 -25.49
CA GLU G 147 -12.23 40.08 -26.27
C GLU G 147 -12.48 39.21 -27.50
N GLU G 148 -11.41 38.93 -28.23
CA GLU G 148 -11.48 38.26 -29.53
C GLU G 148 -12.11 36.88 -29.46
N TYR G 149 -12.13 36.27 -28.29
CA TYR G 149 -12.79 34.99 -28.11
C TYR G 149 -14.30 35.14 -28.25
N PHE G 150 -14.86 36.20 -27.67
CA PHE G 150 -16.31 36.38 -27.63
C PHE G 150 -16.97 36.24 -28.99
N PRO G 151 -16.50 37.01 -30.00
CA PRO G 151 -17.09 36.93 -31.34
C PRO G 151 -16.90 35.54 -31.96
N TYR G 152 -15.80 34.88 -31.60
CA TYR G 152 -15.54 33.52 -32.05
C TYR G 152 -16.52 32.55 -31.41
N ILE G 153 -16.72 32.68 -30.10
CA ILE G 153 -17.63 31.82 -29.36
C ILE G 153 -19.05 32.01 -29.87
N ASP G 154 -19.43 33.25 -30.12
CA ASP G 154 -20.74 33.56 -30.67
C ASP G 154 -20.89 32.83 -32.01
N ASP G 155 -19.83 32.85 -32.82
CA ASP G 155 -19.80 32.14 -34.10
C ASP G 155 -19.99 30.64 -33.90
N CYS G 156 -19.45 30.12 -32.79
CA CYS G 156 -19.60 28.70 -32.45
C CYS G 156 -21.02 28.38 -32.00
N ILE G 157 -21.51 29.09 -30.99
CA ILE G 157 -22.84 28.87 -30.47
C ILE G 157 -23.88 28.89 -31.59
N GLU G 158 -23.75 29.87 -32.48
CA GLU G 158 -24.68 30.00 -33.61
C GLU G 158 -24.58 28.80 -34.55
N HIS G 159 -23.36 28.32 -34.77
CA HIS G 159 -23.11 27.27 -35.75
C HIS G 159 -23.74 25.94 -35.34
N GLY G 160 -23.90 25.73 -34.03
CA GLY G 160 -24.57 24.53 -33.51
C GLY G 160 -23.80 23.77 -32.43
N PHE G 161 -22.55 24.15 -32.19
CA PHE G 161 -21.74 23.49 -31.19
C PHE G 161 -22.38 23.59 -29.80
N THR G 162 -22.21 22.55 -28.99
CA THR G 162 -22.74 22.52 -27.63
C THR G 162 -21.62 22.48 -26.61
N ALA G 163 -20.38 22.50 -27.09
CA ALA G 163 -19.21 22.41 -26.24
C ALA G 163 -18.02 23.08 -26.91
N ILE G 164 -17.17 23.72 -26.10
CA ILE G 164 -16.04 24.49 -26.62
C ILE G 164 -14.79 24.32 -25.78
N LYS G 165 -13.71 23.88 -26.41
CA LYS G 165 -12.45 23.64 -25.71
C LYS G 165 -11.47 24.74 -26.08
N LEU G 166 -11.33 25.71 -25.18
CA LEU G 166 -10.49 26.86 -25.41
C LEU G 166 -9.01 26.51 -25.35
N HIS G 167 -8.28 26.86 -26.40
CA HIS G 167 -6.83 26.88 -26.32
C HIS G 167 -6.49 28.27 -25.81
N CYS G 168 -5.48 28.34 -24.95
CA CYS G 168 -5.24 29.56 -24.21
C CYS G 168 -3.77 29.87 -24.10
N TYR G 169 -3.45 30.86 -23.27
CA TYR G 169 -2.10 31.38 -23.17
C TYR G 169 -1.18 30.44 -22.39
N CYS G 170 -1.77 29.45 -21.71
CA CYS G 170 -0.99 28.52 -20.91
C CYS G 170 -0.04 29.27 -20.00
N VAL G 171 -0.53 30.39 -19.47
CA VAL G 171 0.19 31.17 -18.48
C VAL G 171 -0.89 31.54 -17.48
N TYR G 172 -0.81 30.95 -16.29
CA TYR G 172 -1.94 30.94 -15.35
C TYR G 172 -2.65 32.29 -15.22
N ASP G 173 -1.92 33.32 -14.83
CA ASP G 173 -2.54 34.61 -14.61
C ASP G 173 -3.46 34.98 -15.77
N LYS G 174 -2.89 35.14 -16.96
CA LYS G 174 -3.65 35.52 -18.15
C LYS G 174 -4.86 34.61 -18.40
N ASP G 175 -4.66 33.30 -18.21
CA ASP G 175 -5.74 32.33 -18.39
C ASP G 175 -6.91 32.54 -17.42
N VAL G 176 -6.64 33.14 -16.26
CA VAL G 176 -7.69 33.41 -15.27
C VAL G 176 -8.69 34.47 -15.76
N ALA G 177 -8.18 35.56 -16.34
CA ALA G 177 -9.05 36.58 -16.90
C ALA G 177 -9.89 35.97 -18.01
N LEU G 178 -9.21 35.17 -18.85
CA LEU G 178 -9.87 34.52 -19.99
C LEU G 178 -11.06 33.70 -19.55
N VAL G 179 -10.84 32.84 -18.56
CA VAL G 179 -11.87 31.94 -18.08
C VAL G 179 -12.97 32.67 -17.31
N GLU G 180 -12.55 33.56 -16.40
CA GLU G 180 -13.51 34.26 -15.56
C GLU G 180 -14.45 35.11 -16.40
N ALA G 181 -13.94 35.60 -17.53
CA ALA G 181 -14.71 36.40 -18.47
C ALA G 181 -15.71 35.54 -19.25
N VAL G 182 -15.33 34.30 -19.51
CA VAL G 182 -16.15 33.41 -20.31
C VAL G 182 -17.35 32.89 -19.54
N GLU G 183 -17.14 32.53 -18.26
CA GLU G 183 -18.23 32.03 -17.42
C GLU G 183 -19.15 33.19 -17.03
N ALA G 184 -18.60 34.39 -16.99
CA ALA G 184 -19.39 35.56 -16.66
C ALA G 184 -20.32 35.91 -17.82
N LYS G 185 -19.86 35.63 -19.04
CA LYS G 185 -20.57 36.04 -20.24
C LYS G 185 -21.39 34.91 -20.85
N TYR G 186 -20.93 33.67 -20.68
CA TYR G 186 -21.58 32.52 -21.30
C TYR G 186 -21.86 31.39 -20.31
N GLY G 187 -21.63 31.65 -19.03
CA GLY G 187 -21.77 30.61 -18.00
C GLY G 187 -23.20 30.21 -17.72
N THR G 188 -24.14 30.82 -18.43
CA THR G 188 -25.55 30.51 -18.27
C THR G 188 -26.14 30.09 -19.62
N SER G 189 -25.26 29.78 -20.57
CA SER G 189 -25.67 29.48 -21.94
C SER G 189 -26.01 28.01 -22.15
N GLY G 190 -25.48 27.14 -21.29
CA GLY G 190 -25.71 25.69 -21.43
C GLY G 190 -24.53 24.96 -22.08
N ILE G 191 -23.65 25.73 -22.71
CA ILE G 191 -22.50 25.19 -23.42
C ILE G 191 -21.44 24.61 -22.48
N ARG G 192 -20.95 23.42 -22.79
CA ARG G 192 -19.87 22.80 -22.03
C ARG G 192 -18.54 23.43 -22.42
N PHE G 193 -17.76 23.84 -21.43
CA PHE G 193 -16.46 24.46 -21.68
C PHE G 193 -15.31 23.61 -21.17
N LEU G 195 -10.78 23.45 -21.07
CA LEU G 195 -9.55 24.21 -21.21
C LEU G 195 -8.37 23.27 -21.46
N ASP G 196 -7.50 23.63 -22.38
CA ASP G 196 -6.27 22.88 -22.60
C ASP G 196 -5.09 23.80 -22.32
N THR G 197 -4.25 23.39 -21.37
CA THR G 197 -3.19 24.25 -20.88
C THR G 197 -1.80 23.76 -21.28
N ALA G 198 -1.76 22.75 -22.15
CA ALA G 198 -0.52 22.31 -22.79
C ALA G 198 0.58 21.92 -21.79
N GLY G 199 0.16 21.45 -20.62
CA GLY G 199 1.08 20.95 -19.60
C GLY G 199 2.15 21.93 -19.14
N PHE G 200 1.84 23.22 -19.14
CA PHE G 200 2.84 24.24 -18.81
C PHE G 200 2.62 24.90 -17.45
N TYR G 201 1.48 24.65 -16.83
CA TYR G 201 1.18 25.19 -15.51
C TYR G 201 2.12 24.59 -14.46
N THR G 202 2.23 25.29 -13.33
CA THR G 202 2.83 24.69 -12.13
C THR G 202 1.73 23.94 -11.39
N PRO G 203 2.10 22.91 -10.62
CA PRO G 203 1.11 22.13 -9.87
C PRO G 203 0.16 23.00 -9.05
N GLU G 204 0.70 24.02 -8.39
CA GLU G 204 -0.11 24.95 -7.59
C GLU G 204 -1.15 25.65 -8.45
N GLN G 205 -0.77 26.02 -9.65
CA GLN G 205 -1.70 26.68 -10.58
C GLN G 205 -2.71 25.67 -11.11
N ALA G 206 -2.21 24.52 -11.56
CA ALA G 206 -3.08 23.44 -12.01
C ALA G 206 -4.19 23.18 -10.99
N LYS G 208 -5.27 25.02 -8.57
CA LYS G 208 -6.11 26.18 -8.36
C LYS G 208 -7.15 26.29 -9.48
N ALA G 210 -8.10 23.97 -11.43
CA ALA G 210 -8.99 22.81 -11.39
C ALA G 210 -10.13 23.04 -10.41
N LYS G 211 -9.81 23.64 -9.27
CA LYS G 211 -10.80 23.91 -8.23
C LYS G 211 -11.87 24.86 -8.74
N TRP G 212 -11.46 25.90 -9.46
CA TRP G 212 -12.38 26.89 -9.98
C TRP G 212 -13.28 26.30 -11.07
N GLU G 214 -14.17 23.12 -11.44
CA GLU G 214 -15.12 22.25 -10.74
C GLU G 214 -16.25 23.10 -10.15
N ARG G 215 -15.87 24.25 -9.60
CA ARG G 215 -16.83 25.17 -8.99
C ARG G 215 -17.92 25.59 -9.96
N HIS G 216 -17.55 25.84 -11.21
CA HIS G 216 -18.49 26.35 -12.19
C HIS G 216 -18.84 25.29 -13.24
N ASN G 217 -18.72 24.03 -12.84
CA ASN G 217 -19.17 22.90 -13.65
C ASN G 217 -18.68 22.95 -15.09
N TRP G 218 -17.41 23.29 -15.28
CA TRP G 218 -16.76 23.15 -16.59
C TRP G 218 -16.52 21.66 -16.83
N GLU G 219 -16.23 21.30 -18.09
CA GLU G 219 -16.22 19.90 -18.53
C GLU G 219 -14.93 19.14 -18.19
N TRP G 220 -13.78 19.66 -18.64
CA TRP G 220 -12.50 19.03 -18.32
C TRP G 220 -11.28 19.93 -18.50
N LEU G 221 -10.23 19.60 -17.78
CA LEU G 221 -8.94 20.29 -17.89
C LEU G 221 -7.95 19.35 -18.56
N GLU G 222 -7.41 19.79 -19.70
CA GLU G 222 -6.51 18.94 -20.47
C GLU G 222 -5.07 19.38 -20.27
N ALA G 223 -4.20 18.42 -19.98
CA ALA G 223 -2.77 18.65 -19.83
C ALA G 223 -2.47 19.81 -18.87
N PRO G 224 -2.83 19.65 -17.59
CA PRO G 224 -2.45 20.64 -16.58
C PRO G 224 -0.94 20.79 -16.46
N VAL G 225 -0.23 19.67 -16.43
CA VAL G 225 1.21 19.64 -16.26
C VAL G 225 1.83 18.56 -17.15
N SER G 226 3.15 18.48 -17.16
CA SER G 226 3.84 17.45 -17.93
C SER G 226 3.19 16.09 -17.67
N ASP G 227 2.85 15.39 -18.75
CA ASP G 227 2.18 14.12 -18.63
C ASP G 227 2.99 13.13 -17.78
N TYR G 228 4.23 13.49 -17.48
CA TYR G 228 5.12 12.58 -16.74
C TYR G 228 5.18 12.88 -15.26
N ASP G 229 4.71 14.06 -14.86
CA ASP G 229 4.51 14.35 -13.45
C ASP G 229 3.32 13.53 -12.97
N PHE G 230 3.58 12.24 -12.76
CA PHE G 230 2.56 11.28 -12.39
C PHE G 230 1.74 11.74 -11.18
N LYS G 231 2.43 12.18 -10.12
CA LYS G 231 1.79 12.46 -8.85
C LYS G 231 0.86 13.67 -8.85
N THR G 232 1.26 14.73 -9.57
CA THR G 232 0.42 15.92 -9.66
C THR G 232 -0.92 15.55 -10.29
N TYR G 233 -0.88 14.69 -11.30
CA TYR G 233 -2.09 14.17 -11.92
C TYR G 233 -2.94 13.40 -10.90
N GLN G 234 -2.34 12.43 -10.22
CA GLN G 234 -3.06 11.67 -9.22
C GLN G 234 -3.74 12.59 -8.21
N ARG G 235 -3.01 13.60 -7.76
CA ARG G 235 -3.50 14.54 -6.75
C ARG G 235 -4.71 15.31 -7.27
N LEU G 236 -4.62 15.79 -8.51
CA LEU G 236 -5.72 16.48 -9.16
C LEU G 236 -6.98 15.63 -9.23
N VAL G 237 -6.79 14.37 -9.62
CA VAL G 237 -7.90 13.42 -9.70
C VAL G 237 -8.44 13.03 -8.32
N ALA G 238 -7.58 12.96 -7.32
CA ALA G 238 -8.02 12.53 -6.00
C ALA G 238 -8.75 13.62 -5.23
N ASN G 239 -8.53 14.87 -5.59
CA ASN G 239 -9.06 16.00 -4.82
C ASN G 239 -10.14 16.83 -5.51
N THR G 240 -10.58 16.43 -6.69
CA THR G 240 -11.63 17.14 -7.38
C THR G 240 -12.49 16.13 -8.10
N ASP G 241 -13.61 16.58 -8.64
CA ASP G 241 -14.47 15.73 -9.43
C ASP G 241 -14.43 16.21 -10.86
N LEU G 242 -13.37 16.94 -11.19
CA LEU G 242 -13.18 17.48 -12.52
C LEU G 242 -12.43 16.49 -13.40
N GLU G 243 -12.97 16.23 -14.58
CA GLU G 243 -12.30 15.37 -15.53
C GLU G 243 -10.91 15.93 -15.80
N ILE G 244 -9.89 15.15 -15.40
CA ILE G 244 -8.51 15.51 -15.69
C ILE G 244 -7.97 14.60 -16.78
N SER G 245 -7.52 15.20 -17.87
CA SER G 245 -7.09 14.45 -19.04
C SER G 245 -5.65 14.79 -19.38
N SER G 246 -5.02 13.95 -20.19
CA SER G 246 -3.61 14.10 -20.52
C SER G 246 -3.43 14.89 -21.81
N HIS G 247 -2.19 15.23 -22.12
CA HIS G 247 -1.88 15.92 -23.36
C HIS G 247 -2.30 15.06 -24.55
N GLY G 248 -2.37 13.75 -24.33
CA GLY G 248 -2.94 12.84 -25.31
C GLY G 248 -1.94 12.18 -26.23
N ASN G 249 -0.68 12.58 -26.14
CA ASN G 249 0.34 12.00 -27.00
C ASN G 249 1.73 12.04 -26.41
N CYS G 250 1.84 11.58 -25.16
CA CYS G 250 3.15 11.35 -24.56
C CYS G 250 3.22 9.93 -24.03
N LEU G 251 2.16 9.50 -23.35
CA LEU G 251 2.05 8.13 -22.84
C LEU G 251 1.22 7.30 -23.81
N LEU G 252 1.90 6.63 -24.75
CA LEU G 252 1.26 6.09 -25.94
C LEU G 252 0.98 4.58 -25.89
N THR G 253 1.68 3.85 -25.04
CA THR G 253 1.60 2.39 -25.09
C THR G 253 0.38 1.88 -24.33
N LEU G 254 -0.07 0.69 -24.70
CA LEU G 254 -1.19 0.05 -24.00
C LEU G 254 -0.82 -0.17 -22.53
N GLN G 255 0.46 -0.36 -22.25
CA GLN G 255 0.91 -0.61 -20.89
C GLN G 255 0.79 0.66 -20.05
N GLU G 256 1.20 1.78 -20.64
CA GLU G 256 1.19 3.05 -19.96
C GLU G 256 -0.24 3.48 -19.63
N VAL G 257 -1.12 3.40 -20.62
CA VAL G 257 -2.53 3.72 -20.41
C VAL G 257 -3.10 2.87 -19.29
N THR G 258 -2.79 1.58 -19.33
CA THR G 258 -3.23 0.64 -18.31
C THR G 258 -2.72 1.06 -16.95
N HIS G 259 -1.45 1.44 -16.91
CA HIS G 259 -0.82 1.89 -15.68
C HIS G 259 -1.45 3.20 -15.19
N ALA G 260 -1.69 4.13 -16.12
CA ALA G 260 -2.23 5.44 -15.77
C ALA G 260 -3.57 5.32 -15.07
N LEU G 261 -4.47 4.54 -15.65
CA LEU G 261 -5.81 4.36 -15.09
C LEU G 261 -5.80 3.58 -13.77
N SER G 262 -4.92 2.57 -13.68
CA SER G 262 -4.87 1.72 -12.49
C SER G 262 -4.39 2.45 -11.23
N THR G 263 -3.60 3.51 -11.42
CA THR G 263 -3.07 4.26 -10.29
C THR G 263 -3.77 5.61 -10.16
N GLY G 264 -4.84 5.79 -10.94
CA GLY G 264 -5.71 6.96 -10.80
C GLY G 264 -5.10 8.26 -11.27
N TRP G 266 -5.56 9.50 -14.55
CA TRP G 266 -6.46 10.18 -15.48
C TRP G 266 -7.94 9.95 -15.16
N SER G 267 -8.78 10.91 -15.54
CA SER G 267 -10.25 10.77 -15.41
C SER G 267 -10.81 10.18 -16.68
N ASP G 268 -9.99 10.15 -17.73
CA ASP G 268 -10.35 9.56 -18.99
C ASP G 268 -9.06 9.14 -19.67
N VAL G 269 -9.14 8.72 -20.92
CA VAL G 269 -7.92 8.48 -21.69
C VAL G 269 -8.00 9.29 -22.96
N ARG G 270 -6.99 10.13 -23.19
CA ARG G 270 -6.86 10.87 -24.44
C ARG G 270 -5.78 10.22 -25.29
N GLN G 271 -6.16 9.79 -26.48
CA GLN G 271 -5.23 9.13 -27.39
C GLN G 271 -5.60 9.42 -28.84
N ASP G 272 -4.58 9.51 -29.68
CA ASP G 272 -4.77 9.86 -31.09
C ASP G 272 -4.41 8.66 -31.99
N ALA G 273 -5.39 8.15 -32.72
CA ALA G 273 -5.18 6.99 -33.59
C ALA G 273 -3.95 7.17 -34.47
N THR G 274 -3.69 8.41 -34.85
CA THR G 274 -2.59 8.72 -35.74
C THR G 274 -1.24 8.81 -35.01
N VAL G 275 -1.26 8.74 -33.68
CA VAL G 275 -0.07 8.96 -32.88
C VAL G 275 0.36 7.73 -32.08
N CYS G 276 -0.61 7.00 -31.53
CA CYS G 276 -0.31 5.86 -30.67
C CYS G 276 -0.05 4.57 -31.46
N GLY G 277 -0.12 4.64 -32.78
CA GLY G 277 0.20 3.47 -33.61
C GLY G 277 -0.95 2.94 -34.46
N GLY G 278 -1.88 3.82 -34.82
CA GLY G 278 -2.94 3.45 -35.73
C GLY G 278 -4.21 2.95 -35.07
N ILE G 279 -5.19 2.61 -35.90
CA ILE G 279 -6.50 2.14 -35.47
C ILE G 279 -6.37 0.93 -34.53
N THR G 280 -5.50 -0.01 -34.90
CA THR G 280 -5.29 -1.23 -34.13
C THR G 280 -5.06 -0.94 -32.65
N GLN G 281 -4.19 0.02 -32.38
CA GLN G 281 -3.80 0.34 -31.01
C GLN G 281 -4.86 1.19 -30.32
N LEU G 282 -5.43 2.15 -31.02
CA LEU G 282 -6.47 3.00 -30.42
C LEU G 282 -7.71 2.19 -30.02
N ASN G 283 -8.16 1.33 -30.92
CA ASN G 283 -9.33 0.49 -30.68
C ASN G 283 -9.16 -0.31 -29.39
N LYS G 284 -7.94 -0.78 -29.16
CA LYS G 284 -7.62 -1.51 -27.94
C LYS G 284 -7.68 -0.60 -26.71
N CYS G 285 -7.40 0.69 -26.89
CA CYS G 285 -7.42 1.63 -25.78
C CYS G 285 -8.83 1.96 -25.33
N PHE G 286 -9.80 1.82 -26.24
CA PHE G 286 -11.19 2.01 -25.86
C PHE G 286 -11.62 0.89 -24.95
N ALA G 287 -11.20 -0.32 -25.29
CA ALA G 287 -11.48 -1.51 -24.48
C ALA G 287 -10.88 -1.36 -23.09
N ILE G 288 -9.63 -0.90 -23.03
CA ILE G 288 -8.91 -0.74 -21.77
C ILE G 288 -9.57 0.32 -20.90
N ALA G 289 -10.00 1.42 -21.51
CA ALA G 289 -10.76 2.44 -20.80
C ALA G 289 -12.05 1.84 -20.26
N ALA G 290 -12.76 1.11 -21.12
CA ALA G 290 -13.99 0.42 -20.72
C ALA G 290 -13.76 -0.48 -19.51
N GLY G 291 -12.55 -1.04 -19.42
CA GLY G 291 -12.19 -1.91 -18.32
C GLY G 291 -12.18 -1.19 -16.99
N HIS G 292 -11.73 0.06 -17.00
CA HIS G 292 -11.67 0.89 -15.80
C HIS G 292 -12.91 1.77 -15.66
N SER G 293 -13.93 1.53 -16.48
CA SER G 293 -15.15 2.32 -16.46
C SER G 293 -14.90 3.78 -16.86
N LYS G 294 -13.95 3.98 -17.75
CA LYS G 294 -13.63 5.33 -18.24
C LYS G 294 -13.88 5.44 -19.74
N ASN G 295 -13.96 6.68 -20.22
CA ASN G 295 -14.10 6.97 -21.65
C ASN G 295 -12.76 7.31 -22.27
N LEU G 296 -12.62 7.08 -23.56
CA LEU G 296 -11.48 7.59 -24.30
C LEU G 296 -11.96 8.75 -25.15
N GLU G 297 -11.57 9.95 -24.74
CA GLU G 297 -11.89 11.16 -25.50
C GLU G 297 -10.85 11.36 -26.58
N ILE G 298 -11.25 11.06 -27.81
CA ILE G 298 -10.35 11.12 -28.94
C ILE G 298 -9.69 12.48 -29.13
N GLN G 299 -8.42 12.47 -29.49
CA GLN G 299 -7.76 13.65 -30.00
C GLN G 299 -7.88 13.60 -31.50
N SER G 300 -8.84 14.33 -32.04
CA SER G 300 -9.17 14.25 -33.46
C SER G 300 -8.79 15.52 -34.22
N GLY G 302 -6.85 17.79 -36.48
CA GLY G 302 -5.98 17.48 -37.60
C GLY G 302 -6.72 17.53 -38.93
N TYR G 303 -6.05 17.05 -39.98
CA TYR G 303 -6.63 17.03 -41.31
C TYR G 303 -7.68 15.92 -41.38
N THR G 304 -8.54 15.98 -42.39
CA THR G 304 -9.69 15.09 -42.49
C THR G 304 -9.34 13.60 -42.37
N LEU G 305 -8.11 13.22 -42.74
CA LEU G 305 -7.66 11.84 -42.58
C LEU G 305 -7.40 11.49 -41.12
N THR G 306 -6.88 12.46 -40.37
CA THR G 306 -6.67 12.27 -38.95
C THR G 306 -8.01 12.31 -38.22
N GLN G 307 -8.90 13.20 -38.65
CA GLN G 307 -10.22 13.32 -38.05
C GLN G 307 -11.02 12.03 -38.21
N ALA G 308 -11.01 11.48 -39.42
CA ALA G 308 -11.84 10.32 -39.75
C ALA G 308 -11.37 9.04 -39.06
N ALA G 309 -10.06 8.81 -39.09
CA ALA G 309 -9.49 7.64 -38.40
C ALA G 309 -9.99 7.57 -36.97
N ASN G 310 -9.87 8.68 -36.24
CA ASN G 310 -10.32 8.76 -34.85
C ASN G 310 -11.84 8.70 -34.72
N LEU G 311 -12.52 9.40 -35.61
CA LEU G 311 -13.97 9.43 -35.60
C LEU G 311 -14.57 8.02 -35.63
N HIS G 312 -14.12 7.21 -36.58
CA HIS G 312 -14.69 5.89 -36.78
C HIS G 312 -14.55 5.00 -35.55
N VAL G 313 -13.34 4.96 -34.98
CA VAL G 313 -13.08 4.17 -33.79
C VAL G 313 -14.03 4.61 -32.68
N ALA G 314 -14.23 5.93 -32.56
CA ALA G 314 -15.12 6.47 -31.55
C ALA G 314 -16.57 6.03 -31.78
N LEU G 315 -17.05 6.18 -33.01
CA LEU G 315 -18.42 5.79 -33.35
C LEU G 315 -18.66 4.29 -33.16
N ALA G 316 -17.57 3.53 -33.11
CA ALA G 316 -17.65 2.08 -32.96
C ALA G 316 -17.81 1.65 -31.50
N HIS G 317 -17.57 2.57 -30.57
CA HIS G 317 -17.69 2.27 -29.14
C HIS G 317 -18.65 3.24 -28.43
N ASP G 318 -19.00 2.91 -27.19
CA ASP G 318 -19.94 3.71 -26.40
C ASP G 318 -19.24 4.78 -25.55
N ASN G 319 -18.02 4.48 -25.12
CA ASN G 319 -17.35 5.27 -24.09
C ASN G 319 -16.44 6.37 -24.64
N CYS G 320 -17.00 7.23 -25.48
CA CYS G 320 -16.38 8.49 -25.83
C CYS G 320 -17.50 9.50 -25.91
N ASN G 321 -17.32 10.66 -25.27
CA ASN G 321 -18.37 11.68 -25.23
C ASN G 321 -18.39 12.60 -26.45
N PHE G 322 -17.21 13.03 -26.91
CA PHE G 322 -17.11 14.03 -27.96
C PHE G 322 -16.16 13.66 -29.09
N PHE G 323 -16.30 14.41 -30.18
CA PHE G 323 -15.35 14.40 -31.29
C PHE G 323 -14.72 15.78 -31.32
N GLU G 324 -13.39 15.84 -31.32
CA GLU G 324 -12.69 17.13 -31.35
C GLU G 324 -12.69 17.71 -32.77
N GLN G 325 -13.39 18.82 -32.95
CA GLN G 325 -13.45 19.54 -34.22
C GLN G 325 -12.73 20.88 -34.14
N PHE G 326 -11.62 21.01 -34.84
CA PHE G 326 -10.97 22.31 -34.94
C PHE G 326 -11.84 23.21 -35.80
N TYR G 327 -12.15 24.39 -35.28
CA TYR G 327 -12.97 25.37 -36.00
C TYR G 327 -12.14 26.66 -36.08
N PRO G 328 -12.06 27.29 -37.27
CA PRO G 328 -12.74 26.98 -38.54
C PRO G 328 -12.16 25.80 -39.32
N TYR G 329 -12.99 25.21 -40.18
CA TYR G 329 -12.70 23.94 -40.85
C TYR G 329 -11.61 24.05 -41.90
N GLU G 330 -11.76 25.05 -42.77
CA GLU G 330 -11.07 25.10 -44.06
C GLU G 330 -9.62 24.59 -44.00
N ALA G 331 -8.82 25.16 -43.13
CA ALA G 331 -7.40 24.83 -43.06
C ALA G 331 -7.15 23.35 -43.27
N PHE G 332 -7.83 22.52 -42.47
CA PHE G 332 -7.55 21.08 -42.40
C PHE G 332 -8.30 20.26 -43.46
N GLU G 333 -8.94 20.93 -44.41
CA GLU G 333 -9.62 20.24 -45.51
C GLU G 333 -8.73 20.22 -46.75
N LEU G 334 -7.47 20.59 -46.57
CA LEU G 334 -6.50 20.70 -47.65
C LEU G 334 -6.43 19.41 -48.47
N ALA G 335 -6.76 19.54 -49.75
CA ALA G 335 -6.64 18.44 -50.73
C ALA G 335 -7.70 17.35 -50.57
N SER G 336 -8.64 17.56 -49.65
CA SER G 336 -9.71 16.59 -49.43
C SER G 336 -10.95 16.93 -50.23
N LYS G 337 -11.64 15.88 -50.70
CA LYS G 337 -12.94 16.05 -51.31
C LYS G 337 -14.00 16.02 -50.21
N THR G 338 -13.83 15.09 -49.28
CA THR G 338 -14.80 14.88 -48.21
C THR G 338 -14.62 15.91 -47.10
N GLN G 339 -15.75 16.36 -46.53
CA GLN G 339 -15.72 17.35 -45.46
C GLN G 339 -16.48 16.84 -44.24
N ILE G 340 -15.82 16.92 -43.10
CA ILE G 340 -16.44 16.53 -41.83
C ILE G 340 -16.77 17.78 -41.03
N ARG G 341 -18.07 17.99 -40.80
CA ARG G 341 -18.54 19.23 -40.21
C ARG G 341 -19.66 19.01 -39.22
N THR G 342 -19.84 19.98 -38.32
CA THR G 342 -20.86 19.89 -37.28
C THR G 342 -22.17 20.52 -37.75
N ASP G 343 -23.26 19.81 -37.53
CA ASP G 343 -24.56 20.24 -38.00
C ASP G 343 -25.22 21.16 -36.97
N LYS G 344 -26.44 21.60 -37.27
CA LYS G 344 -27.15 22.56 -36.42
C LYS G 344 -27.44 22.03 -35.02
N GLU G 345 -27.33 20.71 -34.83
CA GLU G 345 -27.64 20.09 -33.55
C GLU G 345 -26.38 19.68 -32.79
N GLY G 346 -25.23 20.04 -33.32
CA GLY G 346 -23.95 19.83 -32.62
C GLY G 346 -23.32 18.45 -32.82
N TYR G 347 -23.80 17.73 -33.82
CA TYR G 347 -23.32 16.37 -34.09
C TYR G 347 -22.42 16.33 -35.32
N VAL G 348 -21.35 15.54 -35.23
CA VAL G 348 -20.57 15.17 -36.40
C VAL G 348 -20.98 13.76 -36.85
N HIS G 349 -21.02 13.54 -38.15
CA HIS G 349 -21.54 12.28 -38.71
C HIS G 349 -20.44 11.46 -39.39
N ALA G 350 -20.63 10.15 -39.41
CA ALA G 350 -19.77 9.27 -40.22
C ALA G 350 -19.97 9.59 -41.69
N PRO G 351 -18.86 9.86 -42.41
CA PRO G 351 -18.95 10.09 -43.86
C PRO G 351 -19.50 8.88 -44.61
N ALA G 352 -19.98 9.10 -45.82
CA ALA G 352 -20.75 8.08 -46.56
C ALA G 352 -19.90 6.90 -47.04
N GLY G 353 -18.63 7.16 -47.34
CA GLY G 353 -17.78 6.14 -47.96
C GLY G 353 -17.57 4.89 -47.10
N ASN G 354 -16.87 3.92 -47.66
CA ASN G 354 -16.47 2.72 -46.93
C ASN G 354 -15.02 2.88 -46.49
N GLY G 355 -14.62 2.14 -45.46
CA GLY G 355 -13.34 2.38 -44.81
C GLY G 355 -13.41 3.69 -44.03
N LEU G 356 -12.41 4.55 -44.20
CA LEU G 356 -12.39 5.84 -43.54
C LEU G 356 -13.51 6.75 -44.06
N GLY G 357 -14.02 6.44 -45.25
CA GLY G 357 -15.06 7.24 -45.89
C GLY G 357 -14.52 8.55 -46.42
N VAL G 358 -13.23 8.57 -46.72
CA VAL G 358 -12.52 9.80 -47.06
C VAL G 358 -11.76 9.66 -48.37
N GLU G 359 -12.18 10.41 -49.38
CA GLU G 359 -11.46 10.45 -50.64
C GLU G 359 -10.71 11.77 -50.75
N ASP G 361 -8.32 14.56 -53.08
CA ASP G 361 -8.08 15.08 -54.44
C ASP G 361 -6.57 15.00 -54.69
N TRP G 362 -6.16 14.01 -55.47
CA TRP G 362 -4.75 13.64 -55.59
C TRP G 362 -3.88 14.63 -56.38
N ASP G 363 -4.51 15.55 -57.10
CA ASP G 363 -3.76 16.61 -57.76
C ASP G 363 -3.44 17.73 -56.77
N ALA G 364 -4.38 18.02 -55.88
CA ALA G 364 -4.22 19.10 -54.91
C ALA G 364 -3.17 18.76 -53.86
N VAL G 365 -3.01 17.47 -53.57
CA VAL G 365 -2.00 17.00 -52.62
C VAL G 365 -0.60 17.00 -53.23
N LYS G 366 -0.52 16.87 -54.55
CA LYS G 366 0.76 16.88 -55.24
C LYS G 366 1.35 18.28 -55.37
N GLU G 367 0.51 19.26 -55.72
CA GLU G 367 0.95 20.65 -55.75
C GLU G 367 1.26 21.14 -54.34
N ALA G 368 0.61 20.53 -53.35
CA ALA G 368 0.76 20.92 -51.95
C ALA G 368 1.96 20.23 -51.32
N SER G 369 2.36 19.10 -51.87
CA SER G 369 3.47 18.34 -51.32
C SER G 369 4.81 18.95 -51.72
N PHE G 370 5.58 19.34 -50.71
CA PHE G 370 6.92 19.89 -50.90
C PHE G 370 7.94 18.76 -50.80
N ALA G 371 7.45 17.56 -50.52
CA ALA G 371 8.29 16.37 -50.46
C ALA G 371 7.42 15.14 -50.69
N SER G 372 7.91 14.23 -51.52
CA SER G 372 7.18 13.02 -51.85
C SER G 372 8.14 11.91 -52.22
N TYR G 373 7.73 10.67 -51.95
CA TYR G 373 8.49 9.50 -52.36
C TYR G 373 7.55 8.47 -52.98
N VAL G 374 8.12 7.57 -53.77
CA VAL G 374 7.35 6.51 -54.38
C VAL G 374 8.18 5.22 -54.37
N PHE G 375 7.54 4.11 -54.00
CA PHE G 375 8.22 2.82 -53.97
C PHE G 375 7.39 1.78 -54.69
N GLU G 376 8.04 0.97 -55.51
CA GLU G 376 7.35 -0.04 -56.28
C GLU G 376 8.31 -1.18 -56.61
N GLU G 377 7.78 -2.39 -56.68
CA GLU G 377 8.56 -3.56 -57.10
C GLU G 377 9.02 -3.43 -58.54
N GLY G 378 9.61 -2.28 -58.88
CA GLY G 378 10.05 -2.00 -60.23
C GLY G 378 10.60 -0.59 -60.37
N GLU H 4 28.02 38.02 -20.39
CA GLU H 4 28.87 37.35 -21.42
C GLU H 4 28.28 37.55 -22.83
N ASP H 5 29.00 38.30 -23.66
CA ASP H 5 28.52 38.62 -25.00
C ASP H 5 28.80 37.48 -25.98
N CYS H 6 28.34 36.28 -25.65
CA CYS H 6 28.58 35.12 -26.49
C CYS H 6 27.32 34.69 -27.24
N ARG H 7 27.47 34.51 -28.55
CA ARG H 7 26.33 34.20 -29.42
C ARG H 7 26.67 33.08 -30.42
N ILE H 8 25.66 32.27 -30.74
CA ILE H 8 25.77 31.26 -31.79
C ILE H 8 25.79 31.97 -33.15
N SER H 9 26.86 31.79 -33.90
CA SER H 9 27.02 32.50 -35.18
C SER H 9 26.66 31.61 -36.36
N ARG H 10 26.91 30.31 -36.22
CA ARG H 10 26.73 29.37 -37.30
C ARG H 10 26.49 27.97 -36.73
N VAL H 11 25.63 27.22 -37.40
CA VAL H 11 25.44 25.82 -37.07
C VAL H 11 25.53 25.01 -38.36
N GLU H 12 26.06 23.79 -38.25
CA GLU H 12 26.14 22.90 -39.38
C GLU H 12 25.56 21.53 -39.02
N LEU H 13 24.69 21.03 -39.88
CA LEU H 13 24.11 19.70 -39.70
C LEU H 13 24.68 18.76 -40.74
N TYR H 14 25.13 17.59 -40.29
CA TYR H 14 25.61 16.55 -41.18
C TYR H 14 24.96 15.22 -40.83
N ALA H 15 24.92 14.33 -41.80
CA ALA H 15 24.45 12.97 -41.60
C ALA H 15 25.28 12.06 -42.50
N LEU H 16 26.24 11.38 -41.90
CA LEU H 16 27.21 10.59 -42.67
C LEU H 16 27.11 9.10 -42.40
N ALA H 17 27.72 8.30 -43.27
CA ALA H 17 27.74 6.85 -43.14
C ALA H 17 28.82 6.25 -44.03
N ASP H 18 29.07 4.96 -43.85
CA ASP H 18 30.02 4.23 -44.70
C ASP H 18 29.28 3.23 -45.58
N GLU H 19 29.36 3.44 -46.89
CA GLU H 19 28.70 2.57 -47.85
C GLU H 19 29.09 1.10 -47.66
N ASN H 20 30.16 0.84 -46.91
CA ASN H 20 30.71 -0.51 -46.80
C ASN H 20 30.74 -1.12 -45.40
N ALA H 21 30.54 -0.31 -44.38
CA ALA H 21 30.55 -0.82 -43.00
C ALA H 21 29.58 -2.00 -42.86
N PRO H 22 29.98 -3.02 -42.08
CA PRO H 22 29.10 -4.19 -41.90
C PRO H 22 27.81 -3.85 -41.16
N PRO H 23 26.65 -4.21 -41.74
CA PRO H 23 25.38 -3.98 -41.07
C PRO H 23 25.10 -5.04 -40.00
N ILE H 24 24.86 -4.61 -38.76
CA ILE H 24 24.64 -5.53 -37.66
C ILE H 24 23.26 -5.37 -37.03
N PRO H 25 22.40 -6.39 -37.16
CA PRO H 25 21.09 -6.42 -36.50
C PRO H 25 21.19 -6.88 -35.05
N TRP H 26 20.08 -6.80 -34.32
CA TRP H 26 20.02 -7.33 -32.95
C TRP H 26 19.10 -8.54 -32.87
N ALA H 27 18.03 -8.52 -33.66
CA ALA H 27 17.05 -9.60 -33.64
C ALA H 27 17.40 -10.69 -34.66
N ASP H 28 16.64 -11.77 -34.63
CA ASP H 28 16.97 -12.97 -35.38
C ASP H 28 17.14 -12.70 -36.88
N ASN H 29 16.08 -12.23 -37.52
CA ASN H 29 16.11 -11.96 -38.96
C ASN H 29 15.67 -10.54 -39.30
N GLN H 30 15.78 -9.63 -38.32
CA GLN H 30 15.49 -8.22 -38.55
C GLN H 30 16.51 -7.67 -39.53
N GLU H 31 16.02 -7.18 -40.66
CA GLU H 31 16.87 -6.79 -41.77
C GLU H 31 18.07 -5.96 -41.31
N PRO H 32 19.26 -6.27 -41.85
CA PRO H 32 20.52 -5.60 -41.51
C PRO H 32 20.37 -4.09 -41.34
N LEU H 33 20.70 -3.59 -40.15
CA LEU H 33 20.55 -2.17 -39.83
C LEU H 33 21.71 -1.34 -40.38
N LEU H 34 21.37 -0.19 -40.99
CA LEU H 34 22.37 0.74 -41.51
C LEU H 34 22.58 1.88 -40.52
N TYR H 35 23.80 2.00 -40.02
CA TYR H 35 24.11 2.97 -38.98
C TYR H 35 24.51 4.33 -39.53
N THR H 36 23.63 5.30 -39.36
CA THR H 36 23.91 6.68 -39.74
C THR H 36 24.38 7.46 -38.51
N ASN H 37 25.32 8.39 -38.72
CA ASN H 37 25.73 9.29 -37.65
C ASN H 37 25.25 10.70 -37.94
N ASN H 38 24.49 11.27 -37.02
CA ASN H 38 23.98 12.63 -37.18
C ASN H 38 24.76 13.58 -36.30
N ILE H 39 25.53 14.47 -36.94
CA ILE H 39 26.41 15.39 -36.24
C ILE H 39 25.86 16.81 -36.28
N VAL H 40 26.06 17.54 -35.19
CA VAL H 40 25.76 18.97 -35.14
C VAL H 40 27.01 19.71 -34.69
N ARG H 41 27.38 20.76 -35.43
CA ARG H 41 28.60 21.52 -35.16
C ARG H 41 28.31 23.00 -34.97
N LEU H 42 28.43 23.49 -33.73
CA LEU H 42 28.14 24.89 -33.44
C LEU H 42 29.35 25.80 -33.67
N PHE H 43 29.08 27.08 -33.86
CA PHE H 43 30.12 28.10 -34.04
C PHE H 43 29.85 29.30 -33.16
N THR H 44 30.86 29.76 -32.45
CA THR H 44 30.81 31.02 -31.73
C THR H 44 31.47 32.10 -32.56
N GLU H 45 31.29 33.36 -32.16
CA GLU H 45 31.82 34.50 -32.88
C GLU H 45 33.30 34.74 -32.57
N ASP H 46 33.89 33.84 -31.79
CA ASP H 46 35.31 33.93 -31.44
C ASP H 46 36.09 32.70 -31.90
N GLY H 47 35.55 32.02 -32.93
CA GLY H 47 36.20 30.85 -33.53
C GLY H 47 35.87 29.53 -32.85
N THR H 48 35.39 29.60 -31.61
CA THR H 48 35.17 28.39 -30.82
C THR H 48 34.10 27.50 -31.44
N GLU H 49 34.43 26.22 -31.60
CA GLU H 49 33.53 25.27 -32.24
C GLU H 49 32.95 24.29 -31.23
N GLY H 50 31.70 23.91 -31.44
CA GLY H 50 31.02 22.95 -30.57
C GLY H 50 30.58 21.71 -31.32
N LEU H 51 30.76 20.54 -30.70
CA LEU H 51 30.44 19.27 -31.33
C LEU H 51 29.44 18.44 -30.52
N GLY H 52 28.40 17.94 -31.20
CA GLY H 52 27.45 17.00 -30.62
C GLY H 52 27.02 16.01 -31.68
N ALA H 53 26.52 14.85 -31.27
CA ALA H 53 26.12 13.82 -32.23
C ALA H 53 25.24 12.74 -31.60
N THR H 54 24.47 12.07 -32.46
CA THR H 54 23.60 10.98 -32.05
C THR H 54 23.33 10.12 -33.28
N SER H 56 21.79 6.90 -35.73
CA SER H 56 20.52 6.27 -36.08
C SER H 56 20.76 4.85 -36.58
N TYR H 57 19.74 4.02 -36.45
CA TYR H 57 19.77 2.67 -37.01
C TYR H 57 18.52 2.43 -37.85
N THR H 58 18.71 2.17 -39.14
CA THR H 58 17.58 2.09 -40.06
C THR H 58 17.72 0.99 -41.09
N GLU H 59 16.58 0.53 -41.60
CA GLU H 59 16.55 -0.49 -42.64
C GLU H 59 16.40 0.15 -44.00
N ASN H 60 16.83 -0.57 -45.03
CA ASN H 60 16.65 -0.15 -46.41
C ASN H 60 17.55 1.01 -46.81
N PHE H 61 17.51 2.09 -46.03
CA PHE H 61 18.26 3.29 -46.36
C PHE H 61 18.94 3.89 -45.13
N PHE H 62 19.90 4.77 -45.38
CA PHE H 62 20.47 5.60 -44.32
C PHE H 62 19.44 6.64 -43.93
N ASP H 63 19.54 7.14 -42.69
CA ASP H 63 18.47 7.95 -42.11
C ASP H 63 18.68 9.46 -42.30
N ARG H 64 17.57 10.15 -42.59
CA ARG H 64 17.55 11.60 -42.52
C ARG H 64 16.41 12.07 -41.61
N CYS H 65 15.82 11.13 -40.89
CA CYS H 65 14.73 11.43 -39.96
C CYS H 65 15.22 12.37 -38.85
N ILE H 66 16.48 12.22 -38.49
CA ILE H 66 17.07 13.00 -37.40
C ILE H 66 17.58 14.35 -37.87
N ILE H 67 18.36 14.37 -38.93
CA ILE H 67 18.87 15.64 -39.46
C ILE H 67 17.72 16.55 -39.84
N GLU H 68 16.61 15.95 -40.27
CA GLU H 68 15.46 16.72 -40.71
C GLU H 68 14.75 17.39 -39.55
N SER H 69 14.63 16.66 -38.44
CA SER H 69 14.11 17.22 -37.19
C SER H 69 14.99 18.37 -36.74
N LEU H 70 16.31 18.18 -36.87
CA LEU H 70 17.28 19.21 -36.50
C LEU H 70 17.09 20.47 -37.35
N ARG H 71 16.62 20.29 -38.58
CA ARG H 71 16.42 21.41 -39.48
C ARG H 71 15.36 22.36 -38.94
N THR H 72 14.35 21.79 -38.29
CA THR H 72 13.23 22.57 -37.78
C THR H 72 13.51 23.09 -36.36
N ILE H 73 14.79 23.09 -35.96
CA ILE H 73 15.16 23.49 -34.62
C ILE H 73 16.33 24.48 -34.65
N VAL H 74 17.42 24.09 -35.30
CA VAL H 74 18.66 24.87 -35.25
C VAL H 74 18.50 26.36 -35.60
N PRO H 75 17.55 26.71 -36.47
CA PRO H 75 17.48 28.11 -36.87
C PRO H 75 17.35 29.07 -35.68
N GLY H 76 16.60 28.67 -34.66
CA GLY H 76 16.38 29.53 -33.49
C GLY H 76 17.59 29.70 -32.59
N LEU H 77 18.62 28.89 -32.80
CA LEU H 77 19.85 28.97 -32.00
C LEU H 77 20.57 30.30 -32.20
N ILE H 78 20.65 30.73 -33.46
CA ILE H 78 21.36 31.95 -33.82
C ILE H 78 21.10 33.06 -32.81
N GLY H 79 22.17 33.54 -32.18
CA GLY H 79 22.05 34.60 -31.18
C GLY H 79 22.11 34.08 -29.76
N LYS H 80 21.54 32.89 -29.53
CA LYS H 80 21.52 32.32 -28.19
C LYS H 80 22.92 32.04 -27.65
N ASN H 81 23.04 32.07 -26.32
CA ASN H 81 24.31 31.85 -25.65
C ASN H 81 24.50 30.38 -25.29
N PRO H 82 25.52 29.75 -25.87
CA PRO H 82 25.78 28.33 -25.69
C PRO H 82 26.47 27.99 -24.37
N LEU H 83 26.63 28.98 -23.50
CA LEU H 83 27.18 28.74 -22.17
C LEU H 83 26.07 28.56 -21.15
N THR H 85 23.71 26.60 -20.60
CA THR H 85 23.32 25.30 -21.11
C THR H 85 21.95 24.85 -20.65
N GLN H 86 21.47 25.42 -19.55
CA GLN H 86 20.19 25.02 -18.98
C GLN H 86 19.05 25.84 -19.59
N GLU H 87 19.24 27.15 -19.71
CA GLU H 87 18.25 27.98 -20.38
C GLU H 87 18.18 27.54 -21.85
N LEU H 88 19.25 26.94 -22.34
CA LEU H 88 19.28 26.36 -23.69
C LEU H 88 18.48 25.07 -23.74
N ASN H 89 18.78 24.16 -22.82
CA ASN H 89 18.11 22.86 -22.76
C ASN H 89 16.61 23.01 -22.57
N ASN H 90 16.20 24.04 -21.82
CA ASN H 90 14.79 24.33 -21.67
C ASN H 90 14.23 24.88 -22.97
N TRP H 91 14.97 25.77 -23.61
CA TRP H 91 14.60 26.28 -24.92
C TRP H 91 14.38 25.09 -25.85
N LEU H 92 15.37 24.20 -25.92
CA LEU H 92 15.27 23.00 -26.75
C LEU H 92 14.01 22.21 -26.42
N GLY H 93 13.63 22.19 -25.15
CA GLY H 93 12.44 21.47 -24.71
C GLY H 93 11.15 22.02 -25.29
N ALA H 94 11.11 23.31 -25.55
CA ALA H 94 9.91 23.96 -26.07
C ALA H 94 9.67 23.68 -27.55
N ARG H 95 10.75 23.34 -28.27
CA ARG H 95 10.69 23.16 -29.72
C ARG H 95 9.94 21.88 -30.12
N CYS H 96 8.82 22.05 -30.82
CA CYS H 96 7.97 20.91 -31.20
C CYS H 96 8.57 20.12 -32.36
N THR H 97 8.77 18.82 -32.14
CA THR H 97 9.27 17.93 -33.19
C THR H 97 9.05 16.47 -32.81
N TRP H 98 8.70 15.65 -33.80
CA TRP H 98 8.55 14.21 -33.60
C TRP H 98 9.90 13.51 -33.49
N GLY H 99 10.98 14.27 -33.66
CA GLY H 99 12.33 13.75 -33.46
C GLY H 99 12.60 13.56 -31.99
N GLY H 100 12.00 14.41 -31.16
CA GLY H 100 12.03 14.25 -29.71
C GLY H 100 13.37 14.59 -29.08
N LEU H 101 13.62 14.02 -27.92
CA LEU H 101 14.84 14.29 -27.15
C LEU H 101 16.12 13.79 -27.86
N PRO H 102 16.03 12.65 -28.57
CA PRO H 102 17.18 12.14 -29.29
C PRO H 102 17.71 13.15 -30.28
N ALA H 103 16.81 13.94 -30.86
CA ALA H 103 17.19 14.92 -31.88
C ALA H 103 17.88 16.13 -31.27
N LYS H 104 17.40 16.54 -30.10
CA LYS H 104 17.86 17.78 -29.47
C LYS H 104 19.21 17.61 -28.76
N SER H 105 19.44 16.42 -28.21
CA SER H 105 20.66 16.14 -27.45
C SER H 105 21.95 16.64 -28.10
N PRO H 106 22.12 16.41 -29.42
CA PRO H 106 23.36 16.87 -30.05
C PRO H 106 23.65 18.35 -29.80
N ILE H 107 22.60 19.16 -29.76
CA ILE H 107 22.74 20.59 -29.55
C ILE H 107 23.23 20.86 -28.13
N ASP H 108 22.56 20.25 -27.16
CA ASP H 108 22.95 20.39 -25.77
C ASP H 108 24.39 19.92 -25.58
N ILE H 109 24.74 18.83 -26.24
CA ILE H 109 26.10 18.28 -26.13
C ILE H 109 27.12 19.23 -26.72
N ALA H 110 26.83 19.78 -27.89
CA ALA H 110 27.76 20.68 -28.57
C ALA H 110 28.04 21.92 -27.74
N ALA H 111 27.05 22.35 -26.97
CA ALA H 111 27.17 23.55 -26.15
C ALA H 111 28.07 23.31 -24.95
N TRP H 112 28.05 22.09 -24.43
CA TRP H 112 28.93 21.72 -23.33
C TRP H 112 30.37 21.59 -23.82
N ASP H 113 30.52 21.11 -25.05
CA ASP H 113 31.83 21.02 -25.68
C ASP H 113 32.46 22.41 -25.77
N ILE H 114 31.63 23.40 -26.10
CA ILE H 114 32.08 24.78 -26.17
C ILE H 114 32.55 25.27 -24.81
N LYS H 115 31.76 25.00 -23.77
CA LYS H 115 32.12 25.40 -22.41
C LYS H 115 33.47 24.83 -22.01
N GLY H 116 33.62 23.52 -22.17
CA GLY H 116 34.87 22.86 -21.81
C GLY H 116 36.04 23.56 -22.47
N LYS H 117 35.86 23.92 -23.72
CA LYS H 117 36.91 24.56 -24.51
C LYS H 117 37.22 25.98 -24.03
N LYS H 118 36.20 26.76 -23.71
CA LYS H 118 36.40 28.12 -23.22
C LYS H 118 36.95 28.11 -21.80
N ALA H 119 36.49 27.13 -21.01
CA ALA H 119 36.96 26.96 -19.64
C ALA H 119 38.33 26.29 -19.63
N GLY H 120 38.70 25.69 -20.77
CA GLY H 120 40.03 25.14 -20.97
C GLY H 120 40.24 23.80 -20.26
N PRO H 122 38.69 19.47 -19.59
CA PRO H 122 37.85 18.34 -20.00
C PRO H 122 36.46 18.44 -19.38
N LEU H 123 35.46 17.97 -20.11
CA LEU H 123 34.07 18.08 -19.68
C LEU H 123 33.82 17.30 -18.38
N TYR H 124 34.63 16.28 -18.11
CA TYR H 124 34.46 15.45 -16.91
C TYR H 124 34.84 16.23 -15.65
N LEU H 126 34.56 19.62 -15.57
CA LEU H 126 33.53 20.65 -15.47
C LEU H 126 32.36 20.21 -14.62
N LEU H 127 31.95 18.95 -14.81
CA LEU H 127 30.77 18.42 -14.15
C LEU H 127 31.09 17.91 -12.74
N GLY H 128 32.36 17.58 -12.51
CA GLY H 128 32.81 17.03 -11.24
C GLY H 128 34.22 16.51 -11.34
N GLY H 129 34.35 15.20 -11.54
CA GLY H 129 35.66 14.57 -11.68
C GLY H 129 35.90 13.55 -10.58
N ALA H 130 35.71 12.28 -10.93
CA ALA H 130 35.89 11.20 -9.97
C ALA H 130 37.11 10.36 -10.35
N ARG H 131 37.26 10.11 -11.65
CA ARG H 131 38.37 9.32 -12.15
C ARG H 131 38.85 9.87 -13.48
N THR H 132 39.93 9.27 -13.97
CA THR H 132 40.49 9.63 -15.28
C THR H 132 40.24 8.51 -16.28
N LYS H 133 40.03 7.31 -15.74
CA LYS H 133 39.86 6.10 -16.55
C LYS H 133 38.73 5.28 -15.95
N ILE H 134 38.30 4.25 -16.66
CA ILE H 134 37.21 3.41 -16.19
C ILE H 134 37.12 2.09 -16.97
N LYS H 135 36.90 1.01 -16.25
CA LYS H 135 36.69 -0.32 -16.85
C LYS H 135 35.65 -0.26 -17.95
N SER H 136 35.93 -0.91 -19.07
CA SER H 136 35.01 -0.97 -20.18
C SER H 136 34.62 -2.40 -20.47
N TYR H 137 33.41 -2.59 -20.97
CA TYR H 137 33.00 -3.88 -21.51
C TYR H 137 32.81 -3.82 -23.01
N ALA H 138 33.12 -4.93 -23.68
CA ALA H 138 32.97 -5.04 -25.12
C ALA H 138 31.53 -5.38 -25.51
N SER H 139 30.91 -4.53 -26.32
CA SER H 139 29.61 -4.83 -26.90
C SER H 139 29.77 -5.66 -28.17
N THR H 140 29.30 -6.90 -28.12
CA THR H 140 29.52 -7.83 -29.22
C THR H 140 28.44 -7.70 -30.29
N PRO H 141 28.70 -8.27 -31.48
CA PRO H 141 27.69 -8.36 -32.51
C PRO H 141 26.88 -9.65 -32.40
N PHE H 143 26.14 -13.10 -34.07
CA PHE H 143 26.57 -14.08 -35.06
C PHE H 143 25.46 -15.09 -35.29
N ASP H 144 25.58 -15.86 -36.36
CA ASP H 144 24.52 -16.78 -36.77
C ASP H 144 24.59 -18.08 -35.98
N THR H 145 25.81 -18.55 -35.71
CA THR H 145 26.01 -19.78 -34.95
C THR H 145 26.74 -19.48 -33.65
N VAL H 146 26.62 -20.39 -32.69
CA VAL H 146 27.18 -20.18 -31.36
C VAL H 146 28.71 -20.10 -31.39
N GLU H 147 29.35 -21.06 -32.04
CA GLU H 147 30.81 -21.15 -32.02
C GLU H 147 31.50 -19.92 -32.61
N GLU H 148 30.81 -19.19 -33.48
CA GLU H 148 31.35 -17.94 -34.02
C GLU H 148 31.74 -16.97 -32.90
N TYR H 149 31.13 -17.14 -31.73
CA TYR H 149 31.38 -16.27 -30.59
C TYR H 149 32.71 -16.54 -29.86
N PHE H 150 33.27 -17.73 -30.06
CA PHE H 150 34.46 -18.12 -29.30
C PHE H 150 35.71 -17.35 -29.73
N PRO H 151 36.03 -17.36 -31.04
CA PRO H 151 37.19 -16.57 -31.48
C PRO H 151 37.05 -15.09 -31.10
N TYR H 152 35.88 -14.53 -31.30
CA TYR H 152 35.64 -13.11 -30.99
C TYR H 152 35.86 -12.82 -29.51
N ILE H 153 35.47 -13.77 -28.66
CA ILE H 153 35.65 -13.63 -27.21
C ILE H 153 37.10 -13.84 -26.83
N ASP H 154 37.71 -14.90 -27.34
CA ASP H 154 39.14 -15.12 -27.16
C ASP H 154 39.88 -13.82 -27.47
N ASP H 155 39.52 -13.21 -28.59
CA ASP H 155 40.15 -11.98 -29.06
C ASP H 155 39.87 -10.80 -28.13
N CYS H 156 38.75 -10.86 -27.40
CA CYS H 156 38.42 -9.84 -26.43
C CYS H 156 39.33 -9.93 -25.20
N ILE H 157 39.53 -11.14 -24.71
CA ILE H 157 40.40 -11.37 -23.55
C ILE H 157 41.85 -11.06 -23.91
N GLU H 158 42.24 -11.45 -25.12
CA GLU H 158 43.57 -11.13 -25.62
C GLU H 158 43.82 -9.64 -25.42
N HIS H 159 42.93 -8.83 -25.98
CA HIS H 159 43.09 -7.37 -25.95
C HIS H 159 43.31 -6.87 -24.54
N GLY H 160 42.50 -7.34 -23.59
CA GLY H 160 42.62 -6.94 -22.19
C GLY H 160 41.29 -6.74 -21.48
N PHE H 161 40.19 -6.93 -22.20
CA PHE H 161 38.86 -6.69 -21.66
C PHE H 161 38.58 -7.52 -20.41
N THR H 162 37.75 -6.98 -19.54
CA THR H 162 37.40 -7.60 -18.27
C THR H 162 35.93 -8.01 -18.21
N ALA H 163 35.13 -7.48 -19.13
CA ALA H 163 33.71 -7.76 -19.18
C ALA H 163 33.22 -7.70 -20.62
N ILE H 164 32.14 -8.43 -20.91
CA ILE H 164 31.63 -8.55 -22.28
C ILE H 164 30.12 -8.64 -22.31
N LYS H 165 29.48 -7.86 -23.17
CA LYS H 165 28.02 -7.90 -23.32
C LYS H 165 27.64 -8.53 -24.64
N LEU H 166 26.98 -9.68 -24.56
CA LEU H 166 26.58 -10.42 -25.75
C LEU H 166 25.23 -9.93 -26.28
N HIS H 167 25.24 -9.37 -27.49
CA HIS H 167 24.01 -9.17 -28.24
C HIS H 167 23.70 -10.50 -28.90
N CYS H 168 22.48 -11.00 -28.66
CA CYS H 168 22.13 -12.35 -29.06
C CYS H 168 21.04 -12.39 -30.13
N TYR H 169 20.47 -13.56 -30.33
CA TYR H 169 19.40 -13.75 -31.32
C TYR H 169 18.10 -13.17 -30.80
N CYS H 170 17.98 -13.09 -29.49
CA CYS H 170 16.77 -12.62 -28.83
C CYS H 170 15.63 -13.61 -29.02
N VAL H 171 15.99 -14.89 -29.04
CA VAL H 171 15.01 -15.97 -28.98
C VAL H 171 15.49 -16.94 -27.89
N TYR H 172 14.66 -17.12 -26.87
CA TYR H 172 15.07 -17.83 -25.63
C TYR H 172 15.83 -19.13 -25.90
N ASP H 173 15.23 -20.05 -26.65
CA ASP H 173 15.84 -21.36 -26.92
C ASP H 173 17.23 -21.24 -27.57
N LYS H 174 17.33 -20.38 -28.58
CA LYS H 174 18.59 -20.14 -29.27
C LYS H 174 19.62 -19.50 -28.33
N ASP H 175 19.17 -18.60 -27.47
CA ASP H 175 20.06 -17.90 -26.55
C ASP H 175 20.57 -18.83 -25.45
N VAL H 176 19.71 -19.74 -24.98
CA VAL H 176 20.12 -20.75 -24.01
C VAL H 176 21.32 -21.54 -24.53
N ALA H 177 21.26 -21.93 -25.80
CA ALA H 177 22.37 -22.64 -26.40
C ALA H 177 23.65 -21.82 -26.26
N LEU H 178 23.54 -20.52 -26.54
CA LEU H 178 24.68 -19.61 -26.53
C LEU H 178 25.23 -19.39 -25.13
N VAL H 179 24.37 -18.91 -24.26
CA VAL H 179 24.73 -18.62 -22.88
C VAL H 179 25.39 -19.82 -22.19
N GLU H 180 24.68 -20.95 -22.19
CA GLU H 180 25.15 -22.16 -21.52
C GLU H 180 26.48 -22.60 -22.09
N ALA H 181 26.65 -22.41 -23.40
CA ALA H 181 27.89 -22.75 -24.07
C ALA H 181 29.03 -21.80 -23.68
N VAL H 182 28.71 -20.52 -23.60
CA VAL H 182 29.69 -19.52 -23.19
C VAL H 182 30.18 -19.76 -21.76
N GLU H 183 29.24 -20.04 -20.85
CA GLU H 183 29.59 -20.34 -19.45
C GLU H 183 30.37 -21.65 -19.34
N ALA H 184 30.16 -22.55 -20.31
CA ALA H 184 30.86 -23.83 -20.33
C ALA H 184 32.36 -23.66 -20.56
N LYS H 185 32.74 -22.75 -21.45
CA LYS H 185 34.15 -22.60 -21.83
C LYS H 185 34.86 -21.50 -21.02
N TYR H 186 34.15 -20.44 -20.66
CA TYR H 186 34.77 -19.30 -20.00
C TYR H 186 34.21 -19.03 -18.61
N GLY H 187 33.53 -20.03 -18.04
CA GLY H 187 32.91 -19.87 -16.73
C GLY H 187 33.91 -19.67 -15.60
N THR H 188 35.17 -19.99 -15.86
CA THR H 188 36.23 -19.89 -14.84
C THR H 188 37.33 -18.92 -15.26
N SER H 189 37.01 -18.00 -16.16
CA SER H 189 38.02 -17.12 -16.75
C SER H 189 38.12 -15.74 -16.09
N GLY H 190 37.23 -15.48 -15.13
CA GLY H 190 37.23 -14.21 -14.40
C GLY H 190 36.52 -13.08 -15.15
N ILE H 191 36.11 -13.35 -16.38
CA ILE H 191 35.40 -12.38 -17.20
C ILE H 191 33.94 -12.26 -16.75
N ARG H 192 33.44 -11.03 -16.66
CA ARG H 192 32.04 -10.78 -16.32
C ARG H 192 31.20 -10.80 -17.59
N PHE H 193 30.06 -11.47 -17.56
CA PHE H 193 29.21 -11.58 -18.75
C PHE H 193 27.84 -10.94 -18.55
N LEU H 195 23.99 -9.75 -20.77
CA LEU H 195 23.12 -10.20 -21.86
C LEU H 195 22.09 -9.12 -22.21
N ASP H 196 21.95 -8.84 -23.49
CA ASP H 196 20.95 -7.89 -23.98
C ASP H 196 19.93 -8.59 -24.87
N THR H 197 18.68 -8.63 -24.44
CA THR H 197 17.64 -9.35 -25.18
C THR H 197 16.66 -8.40 -25.90
N ALA H 198 17.02 -7.12 -25.95
CA ALA H 198 16.23 -6.12 -26.68
C ALA H 198 14.73 -6.23 -26.42
N GLY H 199 14.37 -6.69 -25.23
CA GLY H 199 12.97 -6.72 -24.80
C GLY H 199 12.04 -7.58 -25.62
N PHE H 200 12.58 -8.59 -26.30
CA PHE H 200 11.75 -9.44 -27.16
C PHE H 200 11.25 -10.71 -26.47
N TYR H 201 11.83 -11.03 -25.31
CA TYR H 201 11.44 -12.21 -24.55
C TYR H 201 10.01 -12.14 -24.04
N THR H 202 9.51 -13.25 -23.54
CA THR H 202 8.28 -13.28 -22.75
C THR H 202 8.66 -13.30 -21.29
N PRO H 203 7.80 -12.76 -20.42
CA PRO H 203 8.04 -12.72 -18.97
C PRO H 203 8.51 -14.06 -18.38
N GLU H 204 7.88 -15.16 -18.79
CA GLU H 204 8.27 -16.48 -18.30
C GLU H 204 9.70 -16.81 -18.73
N GLN H 205 10.05 -16.44 -19.95
CA GLN H 205 11.39 -16.69 -20.47
C GLN H 205 12.40 -15.87 -19.69
N ALA H 206 12.15 -14.57 -19.59
CA ALA H 206 13.04 -13.65 -18.88
C ALA H 206 13.35 -14.14 -17.47
N LYS H 208 13.22 -17.02 -16.36
CA LYS H 208 14.02 -18.24 -16.49
C LYS H 208 15.47 -17.88 -16.76
N ALA H 210 16.88 -15.03 -16.33
CA ALA H 210 17.39 -14.25 -15.21
C ALA H 210 17.86 -15.16 -14.08
N LYS H 211 17.07 -16.19 -13.76
CA LYS H 211 17.38 -17.08 -12.65
C LYS H 211 18.61 -17.91 -12.94
N TRP H 212 18.72 -18.38 -14.18
CA TRP H 212 19.92 -19.08 -14.63
C TRP H 212 21.17 -18.19 -14.49
N GLU H 214 21.60 -15.45 -12.53
CA GLU H 214 21.92 -15.19 -11.13
C GLU H 214 22.71 -16.36 -10.55
N ARG H 215 22.23 -17.57 -10.87
CA ARG H 215 22.87 -18.79 -10.37
C ARG H 215 24.33 -18.85 -10.80
N HIS H 216 24.65 -18.30 -11.97
CA HIS H 216 26.02 -18.33 -12.50
C HIS H 216 26.71 -16.98 -12.39
N ASN H 217 26.20 -16.12 -11.52
CA ASN H 217 26.79 -14.81 -11.27
C ASN H 217 27.27 -14.05 -12.51
N TRP H 218 26.39 -13.94 -13.50
CA TRP H 218 26.61 -13.04 -14.64
C TRP H 218 26.32 -11.62 -14.17
N GLU H 219 26.86 -10.64 -14.89
CA GLU H 219 26.80 -9.25 -14.41
C GLU H 219 25.40 -8.64 -14.41
N TRP H 220 24.76 -8.56 -15.57
CA TRP H 220 23.42 -7.99 -15.65
C TRP H 220 22.62 -8.46 -16.87
N LEU H 221 21.30 -8.39 -16.74
CA LEU H 221 20.39 -8.70 -17.84
C LEU H 221 19.72 -7.43 -18.32
N GLU H 222 20.12 -6.96 -19.50
CA GLU H 222 19.63 -5.69 -20.02
C GLU H 222 18.48 -5.92 -21.00
N ALA H 223 17.38 -5.21 -20.77
CA ALA H 223 16.23 -5.23 -21.67
C ALA H 223 15.61 -6.62 -21.81
N PRO H 224 15.17 -7.21 -20.69
CA PRO H 224 14.47 -8.50 -20.70
C PRO H 224 13.18 -8.48 -21.51
N VAL H 225 12.34 -7.47 -21.27
CA VAL H 225 11.05 -7.35 -21.94
C VAL H 225 10.80 -5.89 -22.33
N SER H 226 9.58 -5.59 -22.76
CA SER H 226 9.24 -4.22 -23.10
C SER H 226 9.48 -3.32 -21.88
N ASP H 227 10.23 -2.25 -22.06
CA ASP H 227 10.52 -1.33 -20.94
C ASP H 227 9.24 -0.85 -20.27
N TYR H 228 8.11 -1.00 -20.96
CA TYR H 228 6.84 -0.52 -20.45
C TYR H 228 6.07 -1.57 -19.64
N ASP H 229 6.57 -2.81 -19.64
CA ASP H 229 6.04 -3.85 -18.77
C ASP H 229 6.63 -3.60 -17.38
N PHE H 230 6.01 -2.67 -16.65
CA PHE H 230 6.52 -2.24 -15.36
C PHE H 230 6.49 -3.37 -14.33
N LYS H 231 5.41 -4.14 -14.32
CA LYS H 231 5.25 -5.18 -13.31
C LYS H 231 6.26 -6.33 -13.49
N THR H 232 6.56 -6.71 -14.72
CA THR H 232 7.50 -7.81 -14.96
C THR H 232 8.89 -7.43 -14.46
N TYR H 233 9.34 -6.25 -14.87
CA TYR H 233 10.58 -5.69 -14.36
C TYR H 233 10.61 -5.69 -12.82
N GLN H 234 9.54 -5.21 -12.22
CA GLN H 234 9.39 -5.21 -10.76
C GLN H 234 9.55 -6.61 -10.20
N ARG H 235 9.01 -7.58 -10.92
CA ARG H 235 9.00 -8.97 -10.49
C ARG H 235 10.41 -9.54 -10.58
N LEU H 236 11.12 -9.20 -11.66
CA LEU H 236 12.46 -9.68 -11.86
C LEU H 236 13.37 -9.22 -10.72
N VAL H 237 13.19 -7.96 -10.36
CA VAL H 237 14.04 -7.31 -9.36
C VAL H 237 13.72 -7.81 -7.96
N ALA H 238 12.44 -8.11 -7.73
CA ALA H 238 11.99 -8.56 -6.42
C ALA H 238 12.42 -9.98 -6.13
N ASN H 239 12.53 -10.78 -7.18
CA ASN H 239 12.74 -12.21 -7.03
C ASN H 239 14.11 -12.73 -7.48
N THR H 240 15.02 -11.81 -7.80
CA THR H 240 16.40 -12.20 -8.08
C THR H 240 17.34 -11.12 -7.53
N ASP H 241 18.58 -11.51 -7.26
CA ASP H 241 19.61 -10.57 -6.80
C ASP H 241 20.48 -10.18 -7.99
N LEU H 242 19.92 -10.32 -9.18
CA LEU H 242 20.63 -10.04 -10.42
C LEU H 242 20.27 -8.64 -10.88
N GLU H 243 21.27 -7.92 -11.40
CA GLU H 243 21.08 -6.56 -11.88
C GLU H 243 20.19 -6.55 -13.12
N ILE H 244 19.02 -5.93 -13.03
CA ILE H 244 18.12 -5.82 -14.17
C ILE H 244 18.12 -4.39 -14.68
N SER H 245 18.40 -4.22 -15.96
CA SER H 245 18.50 -2.90 -16.57
C SER H 245 17.53 -2.75 -17.73
N SER H 246 17.16 -1.52 -18.04
CA SER H 246 16.25 -1.25 -19.15
C SER H 246 17.01 -1.18 -20.46
N HIS H 247 16.25 -1.13 -21.56
CA HIS H 247 16.80 -0.96 -22.89
C HIS H 247 17.55 0.37 -22.96
N GLY H 248 17.03 1.38 -22.27
CA GLY H 248 17.70 2.67 -22.11
C GLY H 248 17.24 3.76 -23.07
N ASN H 249 16.25 3.45 -23.91
CA ASN H 249 15.82 4.37 -24.95
C ASN H 249 14.32 4.58 -25.00
N CYS H 250 13.63 4.25 -23.92
CA CYS H 250 12.18 4.37 -23.88
C CYS H 250 11.71 5.27 -22.75
N LEU H 251 12.20 5.01 -21.54
CA LEU H 251 11.93 5.88 -20.40
C LEU H 251 13.06 6.88 -20.26
N LEU H 252 12.83 8.09 -20.76
CA LEU H 252 13.90 9.09 -20.93
C LEU H 252 13.79 10.27 -19.97
N THR H 253 12.57 10.64 -19.60
CA THR H 253 12.37 11.81 -18.75
C THR H 253 12.95 11.55 -17.36
N LEU H 254 13.40 12.61 -16.69
CA LEU H 254 13.84 12.50 -15.31
C LEU H 254 12.72 11.94 -14.43
N GLN H 255 11.47 12.33 -14.74
CA GLN H 255 10.32 11.89 -13.96
C GLN H 255 10.13 10.38 -14.08
N GLU H 256 10.33 9.85 -15.29
CA GLU H 256 10.17 8.42 -15.53
C GLU H 256 11.25 7.61 -14.82
N VAL H 257 12.46 8.16 -14.78
CA VAL H 257 13.55 7.49 -14.07
C VAL H 257 13.34 7.53 -12.56
N THR H 258 12.86 8.67 -12.07
CA THR H 258 12.52 8.81 -10.66
C THR H 258 11.41 7.81 -10.29
N HIS H 259 10.51 7.55 -11.25
CA HIS H 259 9.41 6.62 -11.04
C HIS H 259 9.86 5.16 -11.06
N ALA H 260 10.74 4.84 -11.99
CA ALA H 260 11.26 3.48 -12.11
C ALA H 260 12.00 3.07 -10.83
N LEU H 261 12.91 3.92 -10.37
CA LEU H 261 13.73 3.60 -9.21
C LEU H 261 12.88 3.59 -7.94
N SER H 262 11.84 4.41 -7.92
CA SER H 262 10.99 4.52 -6.73
C SER H 262 10.07 3.33 -6.57
N THR H 263 9.92 2.53 -7.62
CA THR H 263 9.01 1.40 -7.59
C THR H 263 9.74 0.09 -7.88
N GLY H 264 11.04 0.08 -7.66
CA GLY H 264 11.84 -1.12 -7.78
C GLY H 264 11.74 -1.80 -9.13
N TRP H 266 14.06 -1.12 -11.66
CA TRP H 266 15.42 -1.34 -12.14
C TRP H 266 16.40 -1.53 -10.99
N SER H 267 17.51 -2.18 -11.27
CA SER H 267 18.60 -2.30 -10.31
C SER H 267 19.59 -1.17 -10.57
N ASP H 268 19.51 -0.62 -11.77
CA ASP H 268 20.37 0.48 -12.19
C ASP H 268 19.55 1.43 -13.07
N VAL H 269 20.24 2.31 -13.76
CA VAL H 269 19.59 3.16 -14.74
C VAL H 269 20.45 3.19 -16.00
N ARG H 270 19.83 2.97 -17.15
CA ARG H 270 20.55 2.98 -18.42
C ARG H 270 20.08 4.13 -19.28
N GLN H 271 20.97 5.09 -19.49
CA GLN H 271 20.63 6.28 -20.24
C GLN H 271 21.80 6.67 -21.15
N ASP H 272 21.46 7.19 -22.32
CA ASP H 272 22.45 7.66 -23.27
C ASP H 272 22.34 9.17 -23.38
N ALA H 273 23.48 9.85 -23.29
CA ALA H 273 23.53 11.31 -23.30
C ALA H 273 22.98 11.85 -24.60
N THR H 274 23.19 11.09 -25.67
CA THR H 274 22.80 11.50 -27.02
C THR H 274 21.33 11.19 -27.29
N VAL H 275 20.61 10.77 -26.26
CA VAL H 275 19.24 10.32 -26.42
C VAL H 275 18.27 10.96 -25.43
N CYS H 276 18.68 11.09 -24.18
CA CYS H 276 17.78 11.60 -23.14
C CYS H 276 17.75 13.13 -23.08
N GLY H 277 18.31 13.79 -24.10
CA GLY H 277 18.25 15.25 -24.19
C GLY H 277 19.56 15.95 -23.91
N GLY H 278 20.66 15.21 -24.02
CA GLY H 278 22.00 15.79 -23.92
C GLY H 278 22.66 15.59 -22.57
N ILE H 279 23.86 16.15 -22.43
CA ILE H 279 24.64 16.06 -21.19
C ILE H 279 23.84 16.52 -19.99
N THR H 280 23.09 17.60 -20.14
CA THR H 280 22.37 18.20 -19.03
C THR H 280 21.45 17.18 -18.34
N GLN H 281 20.76 16.38 -19.15
CA GLN H 281 19.82 15.42 -18.63
C GLN H 281 20.52 14.18 -18.07
N LEU H 282 21.47 13.63 -18.81
CA LEU H 282 22.22 12.48 -18.35
C LEU H 282 22.90 12.81 -17.01
N ASN H 283 23.56 13.95 -16.98
CA ASN H 283 24.26 14.42 -15.78
C ASN H 283 23.37 14.49 -14.54
N LYS H 284 22.12 14.88 -14.74
CA LYS H 284 21.15 14.95 -13.66
C LYS H 284 20.71 13.56 -13.20
N CYS H 285 20.54 12.66 -14.16
CA CYS H 285 20.12 11.29 -13.88
C CYS H 285 21.14 10.56 -13.00
N PHE H 286 22.42 10.89 -13.17
CA PHE H 286 23.46 10.32 -12.32
C PHE H 286 23.19 10.61 -10.85
N ALA H 287 22.77 11.85 -10.56
CA ALA H 287 22.45 12.24 -9.20
C ALA H 287 21.17 11.57 -8.71
N ILE H 288 20.22 11.39 -9.63
CA ILE H 288 18.96 10.72 -9.29
C ILE H 288 19.25 9.27 -8.98
N ALA H 289 20.17 8.67 -9.72
CA ALA H 289 20.60 7.30 -9.43
C ALA H 289 21.23 7.23 -8.05
N ALA H 290 22.16 8.15 -7.76
CA ALA H 290 22.85 8.19 -6.48
C ALA H 290 21.86 8.28 -5.31
N GLY H 291 20.89 9.18 -5.44
CA GLY H 291 19.84 9.35 -4.43
C GLY H 291 19.08 8.06 -4.15
N HIS H 292 19.10 7.14 -5.10
CA HIS H 292 18.50 5.83 -4.90
C HIS H 292 19.55 4.75 -4.64
N SER H 293 20.75 5.17 -4.26
CA SER H 293 21.83 4.23 -3.97
C SER H 293 22.05 3.28 -5.15
N LYS H 294 21.86 3.78 -6.36
CA LYS H 294 22.05 2.98 -7.57
C LYS H 294 23.07 3.64 -8.47
N ASN H 295 23.58 2.86 -9.42
CA ASN H 295 24.47 3.37 -10.44
C ASN H 295 23.71 3.62 -11.73
N LEU H 296 24.30 4.44 -12.59
CA LEU H 296 23.77 4.66 -13.92
C LEU H 296 24.79 4.07 -14.87
N GLU H 297 24.45 2.94 -15.47
CA GLU H 297 25.32 2.29 -16.43
C GLU H 297 25.03 2.88 -17.79
N ILE H 298 25.99 3.67 -18.29
CA ILE H 298 25.83 4.42 -19.53
C ILE H 298 25.68 3.53 -20.76
N GLN H 299 24.87 3.99 -21.70
CA GLN H 299 24.81 3.39 -23.03
C GLN H 299 25.64 4.28 -23.94
N SER H 300 26.83 3.80 -24.30
CA SER H 300 27.78 4.60 -25.06
C SER H 300 28.09 3.96 -26.40
N GLY H 302 28.07 3.79 -30.16
CA GLY H 302 27.97 4.78 -31.24
C GLY H 302 29.33 5.30 -31.64
N TYR H 303 29.34 6.41 -32.36
CA TYR H 303 30.59 7.00 -32.84
C TYR H 303 31.30 7.77 -31.72
N THR H 304 32.53 8.20 -32.00
CA THR H 304 33.37 8.81 -30.97
C THR H 304 32.74 10.00 -30.27
N LEU H 305 31.82 10.70 -30.94
CA LEU H 305 31.14 11.85 -30.35
C LEU H 305 30.09 11.43 -29.32
N THR H 306 29.48 10.27 -29.55
CA THR H 306 28.58 9.68 -28.58
C THR H 306 29.40 9.04 -27.47
N GLN H 307 30.36 8.20 -27.86
CA GLN H 307 31.22 7.50 -26.89
C GLN H 307 31.78 8.47 -25.84
N ALA H 308 32.37 9.57 -26.31
CA ALA H 308 33.04 10.52 -25.44
C ALA H 308 32.08 11.32 -24.58
N ALA H 309 30.91 11.63 -25.14
CA ALA H 309 29.90 12.41 -24.43
C ALA H 309 29.33 11.65 -23.24
N ASN H 310 29.20 10.34 -23.37
CA ASN H 310 28.73 9.49 -22.27
C ASN H 310 29.88 9.14 -21.33
N LEU H 311 31.11 9.19 -21.84
CA LEU H 311 32.28 8.86 -21.05
C LEU H 311 32.61 9.97 -20.05
N HIS H 312 32.67 11.21 -20.55
CA HIS H 312 33.01 12.35 -19.71
C HIS H 312 32.08 12.48 -18.52
N VAL H 313 30.79 12.22 -18.73
CA VAL H 313 29.82 12.30 -17.64
C VAL H 313 30.07 11.18 -16.62
N ALA H 314 30.37 9.99 -17.12
CA ALA H 314 30.61 8.83 -16.26
C ALA H 314 31.88 8.96 -15.43
N LEU H 315 32.87 9.69 -15.96
CA LEU H 315 34.12 9.92 -15.24
C LEU H 315 33.94 11.00 -14.18
N ALA H 316 32.94 11.85 -14.39
CA ALA H 316 32.63 12.91 -13.43
C ALA H 316 32.06 12.34 -12.16
N HIS H 317 31.27 11.29 -12.29
CA HIS H 317 30.58 10.68 -11.15
C HIS H 317 31.16 9.33 -10.77
N ASP H 318 30.86 8.88 -9.55
CA ASP H 318 31.37 7.60 -9.06
C ASP H 318 30.47 6.44 -9.46
N ASN H 319 29.16 6.67 -9.39
CA ASN H 319 28.18 5.60 -9.54
C ASN H 319 28.00 5.11 -10.97
N CYS H 320 29.07 4.54 -11.53
CA CYS H 320 29.00 3.85 -12.82
C CYS H 320 30.17 2.88 -12.99
N ASN H 321 29.83 1.61 -13.26
CA ASN H 321 30.82 0.53 -13.30
C ASN H 321 31.61 0.45 -14.60
N PHE H 322 30.89 0.50 -15.71
CA PHE H 322 31.50 0.25 -17.01
C PHE H 322 31.19 1.32 -18.05
N PHE H 323 32.14 1.50 -18.96
CA PHE H 323 31.94 2.18 -20.22
C PHE H 323 31.66 1.12 -21.28
N GLU H 324 30.76 1.42 -22.21
CA GLU H 324 30.42 0.45 -23.27
C GLU H 324 31.30 0.66 -24.51
N GLN H 325 32.06 -0.37 -24.86
CA GLN H 325 32.97 -0.34 -25.99
C GLN H 325 32.52 -1.30 -27.08
N PHE H 326 31.91 -0.80 -28.15
CA PHE H 326 31.61 -1.69 -29.26
C PHE H 326 32.94 -2.13 -29.88
N TYR H 327 32.99 -3.37 -30.36
CA TYR H 327 34.23 -3.99 -30.79
C TYR H 327 33.97 -4.86 -32.02
N PRO H 328 34.80 -4.71 -33.08
CA PRO H 328 35.95 -3.81 -33.18
C PRO H 328 35.58 -2.32 -33.28
N TYR H 329 36.58 -1.46 -33.27
CA TYR H 329 36.37 0.00 -33.19
C TYR H 329 36.11 0.65 -34.55
N GLU H 330 36.70 0.10 -35.59
CA GLU H 330 36.85 0.77 -36.88
C GLU H 330 35.59 1.49 -37.43
N ALA H 331 34.48 0.78 -37.53
CA ALA H 331 33.27 1.32 -38.17
C ALA H 331 32.77 2.60 -37.49
N PHE H 332 33.00 2.72 -36.19
CA PHE H 332 32.46 3.83 -35.41
C PHE H 332 33.45 4.98 -35.22
N GLU H 333 34.70 4.78 -35.60
CA GLU H 333 35.70 5.85 -35.57
C GLU H 333 35.72 6.58 -36.91
N LEU H 334 34.54 6.69 -37.51
CA LEU H 334 34.39 7.21 -38.86
C LEU H 334 34.63 8.72 -38.92
N ALA H 335 35.66 9.12 -39.65
CA ALA H 335 35.95 10.54 -39.89
C ALA H 335 36.53 11.24 -38.65
N SER H 336 36.91 10.44 -37.66
CA SER H 336 37.41 10.97 -36.40
C SER H 336 38.94 10.89 -36.30
N LYS H 337 39.55 11.94 -35.76
CA LYS H 337 40.97 11.90 -35.45
C LYS H 337 41.18 11.22 -34.10
N THR H 338 40.49 11.72 -33.08
CA THR H 338 40.60 11.17 -31.73
C THR H 338 39.96 9.79 -31.66
N GLN H 339 40.70 8.82 -31.12
CA GLN H 339 40.18 7.48 -30.92
C GLN H 339 40.06 7.14 -29.43
N ILE H 340 39.08 6.32 -29.10
CA ILE H 340 38.93 5.83 -27.74
C ILE H 340 38.95 4.30 -27.75
N ARG H 341 39.96 3.73 -27.10
CA ARG H 341 40.13 2.28 -27.09
C ARG H 341 40.51 1.76 -25.71
N THR H 342 40.26 0.47 -25.50
CA THR H 342 40.56 -0.18 -24.24
C THR H 342 42.00 -0.70 -24.22
N ASP H 343 42.76 -0.29 -23.21
CA ASP H 343 44.16 -0.68 -23.09
C ASP H 343 44.30 -2.11 -22.55
N LYS H 344 45.54 -2.55 -22.34
CA LYS H 344 45.81 -3.92 -21.90
C LYS H 344 45.09 -4.26 -20.60
N GLU H 345 45.10 -3.35 -19.63
CA GLU H 345 44.48 -3.58 -18.33
C GLU H 345 42.94 -3.57 -18.35
N GLY H 346 42.36 -3.26 -19.52
CA GLY H 346 40.91 -3.25 -19.68
C GLY H 346 40.28 -1.91 -19.36
N TYR H 347 41.09 -0.85 -19.48
CA TYR H 347 40.63 0.50 -19.15
C TYR H 347 40.49 1.39 -20.38
N VAL H 348 39.46 2.22 -20.37
CA VAL H 348 39.29 3.29 -21.35
C VAL H 348 39.48 4.60 -20.61
N HIS H 349 40.39 5.42 -21.11
CA HIS H 349 40.73 6.68 -20.45
C HIS H 349 39.93 7.82 -21.05
N ALA H 350 40.04 8.99 -20.42
CA ALA H 350 39.44 10.19 -20.97
C ALA H 350 40.29 10.62 -22.13
N PRO H 351 39.68 11.26 -23.14
CA PRO H 351 40.42 11.75 -24.32
C PRO H 351 41.48 12.79 -23.98
N ALA H 352 42.29 13.16 -24.96
CA ALA H 352 43.42 14.06 -24.75
C ALA H 352 42.99 15.48 -24.41
N GLY H 353 42.20 16.09 -25.28
CA GLY H 353 41.92 17.53 -25.19
C GLY H 353 40.78 17.95 -24.27
N ASN H 354 40.44 19.23 -24.36
CA ASN H 354 39.36 19.82 -23.57
C ASN H 354 38.01 19.69 -24.27
N GLY H 355 36.94 19.98 -23.52
CA GLY H 355 35.59 19.73 -23.99
C GLY H 355 35.37 18.24 -24.02
N LEU H 356 35.01 17.70 -25.18
CA LEU H 356 34.93 16.26 -25.33
C LEU H 356 36.31 15.68 -25.64
N GLY H 357 37.25 16.55 -26.02
CA GLY H 357 38.59 16.12 -26.37
C GLY H 357 38.63 15.31 -27.66
N VAL H 358 37.58 15.47 -28.47
CA VAL H 358 37.46 14.76 -29.73
C VAL H 358 37.61 15.70 -30.91
N GLU H 359 38.43 15.28 -31.86
CA GLU H 359 38.63 16.01 -33.10
C GLU H 359 37.91 15.25 -34.22
N ASP H 361 37.82 14.85 -38.57
CA ASP H 361 38.42 15.19 -39.85
C ASP H 361 37.32 15.69 -40.78
N TRP H 362 37.26 17.01 -40.94
CA TRP H 362 36.11 17.64 -41.61
C TRP H 362 36.02 17.36 -43.11
N ASP H 363 37.08 16.82 -43.70
CA ASP H 363 37.04 16.39 -45.08
C ASP H 363 36.40 15.01 -45.17
N ALA H 364 36.77 14.13 -44.24
CA ALA H 364 36.20 12.80 -44.17
C ALA H 364 34.69 12.88 -43.96
N VAL H 365 34.26 13.73 -43.02
CA VAL H 365 32.84 13.91 -42.73
C VAL H 365 32.16 14.70 -43.86
N LYS H 366 32.90 15.58 -44.49
CA LYS H 366 32.38 16.29 -45.66
C LYS H 366 32.14 15.31 -46.81
N GLU H 367 33.05 14.36 -46.98
CA GLU H 367 33.00 13.44 -48.12
C GLU H 367 32.08 12.26 -47.84
N ALA H 368 31.92 11.92 -46.56
CA ALA H 368 31.14 10.74 -46.18
C ALA H 368 29.68 11.07 -45.94
N SER H 369 29.34 12.35 -45.89
CA SER H 369 27.96 12.77 -45.60
C SER H 369 27.14 12.90 -46.88
N PHE H 370 25.91 12.38 -46.82
CA PHE H 370 24.99 12.40 -47.95
C PHE H 370 23.90 13.43 -47.73
N ALA H 371 24.07 14.24 -46.69
CA ALA H 371 23.06 15.24 -46.32
C ALA H 371 23.69 16.28 -45.40
N SER H 372 23.34 17.54 -45.60
CA SER H 372 23.91 18.63 -44.79
C SER H 372 23.07 19.90 -44.86
N TYR H 373 23.36 20.82 -43.93
CA TYR H 373 22.72 22.13 -43.92
C TYR H 373 23.63 23.14 -43.24
N VAL H 374 23.57 24.38 -43.72
CA VAL H 374 24.29 25.48 -43.08
C VAL H 374 23.28 26.54 -42.59
N PHE H 375 23.65 27.25 -41.53
CA PHE H 375 22.78 28.29 -40.96
C PHE H 375 23.63 29.44 -40.45
N GLU H 376 23.55 30.60 -41.12
CA GLU H 376 24.40 31.74 -40.82
C GLU H 376 23.59 33.02 -40.66
N GLU H 377 24.22 34.06 -40.14
CA GLU H 377 23.60 35.37 -39.99
C GLU H 377 23.57 36.09 -41.34
#